data_5XB7
#
_entry.id   5XB7
#
_cell.length_a   177.954
_cell.length_b   177.954
_cell.length_c   375.697
_cell.angle_alpha   90.00
_cell.angle_beta   90.00
_cell.angle_gamma   90.00
#
_symmetry.space_group_name_H-M   'P 41 21 2'
#
loop_
_entity.id
_entity.type
_entity.pdbx_description
1 polymer Beta-galactosidase
2 non-polymer 'SULFATE ION'
3 non-polymer GLYCEROL
4 water water
#
_entity_poly.entity_id   1
_entity_poly.type   'polypeptide(L)'
_entity_poly.pdbx_seq_one_letter_code
;MARAYTDPILFGAAYYDEYIPRDLDRIDTDMEMMTRAGINVIRIGESTWSTCEPQPGHFDWTHIDRALDAATNAGINVIV
GTPTYAVPTWLVAMYPDVLATTPAGEPHYGARQIMNIVNPAYRLYGERVIRSLISHVAQQPCVIGYQVDNETKYYDSVSH
DMQVMFIKQLRHEFKNDLEALNEAYGLDYWSNRINAWEDFPDLTGSINESLRARFDRFRRDQVAEYLAWQASIIREYMRD
DQFITHNFDYEWRGHSYGLQPAVDHFRAARALDICGVDIYHPSEDALTGKEIAFGGDMARSAGGGNYLVLETQAQGQHGW
LPYPGQLRLQAYSHLASGADGIMYWHWHSIHNSFETYWRGLLSHDFESNPTYEEAGRFGREIGDPRIGDTLSHLSKRNAV
AILASNESLTALSWFHIETGFPMGGTLTYNDVLRSIYDALFELNVEVDFLPADASADQLAGYSLVIAPALYTTDQQTIDR
LARYVKNGGHLLATMRSFVADENVKVWHDKAPHHLVDIFGMTYNQFTRPMGVSLKCPDTLADLAGASANDFIEMLSPAPE
THVLAWYDHYAWDSYAAITRHAFGSGDAQWVGTQLQADAWRTVLAEALSNAGVHTPGMELAGTVCVRSGTNTAGDTVTYL
LNYSGSPITFRAPASGTFLLGHPTDDGEQAVTAETPVTVGDAVTLPRWGVDIIVGRQPTMNAAALEHHHHHH
;
_entity_poly.pdbx_strand_id   A,B,C,D,E,F
#
# COMPACT_ATOMS: atom_id res chain seq x y z
N PRO A 8 -24.41 -54.21 -2.09
CA PRO A 8 -24.93 -54.15 -3.46
C PRO A 8 -24.29 -52.97 -4.18
N ILE A 9 -24.52 -52.77 -5.47
CA ILE A 9 -23.98 -51.60 -6.18
C ILE A 9 -24.54 -50.28 -5.65
N LEU A 10 -23.69 -49.30 -5.28
CA LEU A 10 -24.16 -47.93 -4.89
C LEU A 10 -24.77 -47.22 -6.04
N PHE A 11 -25.95 -46.63 -5.82
CA PHE A 11 -26.65 -45.89 -6.87
C PHE A 11 -27.36 -44.76 -6.20
N GLY A 12 -27.12 -43.54 -6.69
CA GLY A 12 -27.63 -42.41 -5.98
C GLY A 12 -27.34 -41.07 -6.63
N ALA A 13 -27.36 -40.06 -5.75
CA ALA A 13 -27.28 -38.71 -6.17
C ALA A 13 -26.84 -37.83 -5.00
N ALA A 14 -26.13 -36.76 -5.38
CA ALA A 14 -25.87 -35.66 -4.44
C ALA A 14 -27.27 -34.99 -4.18
N TYR A 15 -27.51 -34.65 -2.92
CA TYR A 15 -28.73 -33.96 -2.53
C TYR A 15 -28.38 -32.72 -1.68
N TYR A 16 -28.98 -31.61 -2.08
CA TYR A 16 -28.81 -30.32 -1.44
C TYR A 16 -30.07 -29.79 -0.80
N ASP A 17 -30.35 -30.30 0.40
CA ASP A 17 -31.51 -29.75 1.14
C ASP A 17 -31.34 -28.25 1.30
N GLU A 18 -30.08 -27.82 1.39
CA GLU A 18 -29.74 -26.38 1.66
C GLU A 18 -30.13 -25.50 0.50
N TYR A 19 -30.27 -26.08 -0.65
CA TYR A 19 -30.61 -25.32 -1.81
C TYR A 19 -32.10 -25.29 -2.26
N ILE A 20 -32.88 -26.20 -1.71
CA ILE A 20 -34.30 -26.34 -2.09
C ILE A 20 -35.08 -25.14 -1.57
N PRO A 21 -35.85 -24.51 -2.44
CA PRO A 21 -36.58 -23.35 -1.94
C PRO A 21 -37.33 -23.56 -0.60
N ARG A 22 -37.19 -22.58 0.30
CA ARG A 22 -37.63 -22.72 1.64
C ARG A 22 -39.17 -22.78 1.78
N ASP A 23 -39.88 -22.25 0.81
CA ASP A 23 -41.35 -22.32 0.80
C ASP A 23 -41.85 -23.75 0.56
N LEU A 24 -41.00 -24.72 0.14
CA LEU A 24 -41.40 -26.12 -0.02
C LEU A 24 -41.17 -26.94 1.21
N ASP A 25 -41.91 -28.03 1.32
CA ASP A 25 -41.55 -29.03 2.30
C ASP A 25 -41.62 -30.38 1.60
N ARG A 26 -40.59 -30.74 0.85
CA ARG A 26 -40.66 -31.92 0.02
C ARG A 26 -39.57 -32.94 0.28
N ILE A 27 -38.79 -32.86 1.33
CA ILE A 27 -37.74 -33.81 1.54
C ILE A 27 -38.23 -35.27 1.45
N ASP A 28 -39.44 -35.52 1.97
CA ASP A 28 -39.89 -36.91 2.07
C ASP A 28 -40.39 -37.35 0.73
N THR A 29 -40.88 -36.43 -0.07
CA THR A 29 -41.19 -36.75 -1.41
C THR A 29 -39.95 -37.09 -2.25
N ASP A 30 -38.87 -36.32 -2.02
CA ASP A 30 -37.66 -36.59 -2.72
C ASP A 30 -37.17 -37.97 -2.34
N MET A 31 -37.17 -38.30 -1.07
CA MET A 31 -36.72 -39.63 -0.63
C MET A 31 -37.58 -40.77 -1.25
N GLU A 32 -38.85 -40.55 -1.42
CA GLU A 32 -39.72 -41.58 -1.97
C GLU A 32 -39.45 -41.72 -3.48
N MET A 33 -39.31 -40.62 -4.18
CA MET A 33 -38.90 -40.68 -5.57
C MET A 33 -37.55 -41.47 -5.76
N MET A 34 -36.62 -41.27 -4.85
CA MET A 34 -35.32 -41.96 -4.89
C MET A 34 -35.46 -43.44 -4.64
N THR A 35 -36.09 -43.86 -3.53
CA THR A 35 -36.24 -45.31 -3.31
C THR A 35 -37.03 -45.96 -4.49
N ARG A 36 -38.05 -45.28 -5.00
CA ARG A 36 -38.74 -45.82 -6.15
C ARG A 36 -37.81 -46.09 -7.34
N ALA A 37 -36.79 -45.24 -7.52
CA ALA A 37 -35.78 -45.34 -8.60
C ALA A 37 -34.63 -46.22 -8.29
N GLY A 38 -34.75 -47.00 -7.22
CA GLY A 38 -33.67 -47.92 -6.70
C GLY A 38 -32.42 -47.19 -6.11
N ILE A 39 -32.60 -45.91 -5.74
CA ILE A 39 -31.50 -45.12 -5.12
C ILE A 39 -31.27 -45.56 -3.70
N ASN A 40 -30.04 -45.87 -3.39
CA ASN A 40 -29.68 -46.32 -2.05
C ASN A 40 -28.67 -45.45 -1.31
N VAL A 41 -28.25 -44.34 -1.93
CA VAL A 41 -27.23 -43.49 -1.29
C VAL A 41 -27.38 -42.05 -1.77
N ILE A 42 -27.17 -41.09 -0.85
CA ILE A 42 -27.03 -39.71 -1.21
C ILE A 42 -25.72 -39.17 -0.64
N ARG A 43 -25.26 -38.11 -1.26
CA ARG A 43 -24.06 -37.30 -0.81
C ARG A 43 -24.54 -35.90 -0.37
N ILE A 44 -24.11 -35.50 0.80
CA ILE A 44 -24.49 -34.26 1.34
C ILE A 44 -23.31 -33.54 1.97
N GLY A 45 -23.48 -32.22 2.05
CA GLY A 45 -22.72 -31.43 3.06
C GLY A 45 -21.56 -30.58 2.58
N GLU A 46 -21.00 -30.95 1.42
CA GLU A 46 -19.72 -30.40 0.93
C GLU A 46 -19.70 -28.94 0.41
N SER A 47 -20.84 -28.40 -0.06
CA SER A 47 -20.88 -27.15 -0.69
C SER A 47 -21.48 -26.02 0.16
N THR A 48 -21.73 -26.26 1.42
CA THR A 48 -22.52 -25.33 2.21
C THR A 48 -21.91 -25.02 3.57
N TRP A 49 -20.60 -24.72 3.64
CA TRP A 49 -20.00 -24.32 4.91
C TRP A 49 -20.84 -23.15 5.59
N SER A 50 -21.19 -22.16 4.80
CA SER A 50 -21.86 -20.93 5.32
C SER A 50 -23.31 -21.15 5.86
N THR A 51 -23.85 -22.32 5.57
CA THR A 51 -25.12 -22.74 6.06
C THR A 51 -24.96 -23.47 7.34
N CYS A 52 -23.98 -24.37 7.43
CA CYS A 52 -23.76 -25.06 8.69
C CYS A 52 -22.91 -24.36 9.76
N GLU A 53 -22.12 -23.36 9.35
CA GLU A 53 -21.39 -22.55 10.28
C GLU A 53 -21.69 -21.10 9.81
N PRO A 54 -22.89 -20.58 10.16
CA PRO A 54 -23.30 -19.33 9.61
C PRO A 54 -22.59 -18.07 10.14
N GLN A 55 -22.02 -18.20 11.32
CA GLN A 55 -21.20 -17.20 11.96
C GLN A 55 -20.06 -17.96 12.57
N PRO A 56 -18.90 -17.28 12.78
CA PRO A 56 -17.77 -18.06 13.31
C PRO A 56 -18.05 -18.72 14.63
N GLY A 57 -17.83 -20.02 14.75
CA GLY A 57 -18.01 -20.73 16.02
C GLY A 57 -19.43 -21.11 16.33
N HIS A 58 -20.40 -20.80 15.46
CA HIS A 58 -21.81 -21.11 15.64
C HIS A 58 -22.29 -22.11 14.62
N PHE A 59 -22.49 -23.37 15.04
CA PHE A 59 -22.79 -24.43 14.07
C PHE A 59 -24.29 -24.65 14.02
N ASP A 60 -24.84 -24.84 12.85
CA ASP A 60 -26.23 -25.09 12.69
C ASP A 60 -26.40 -26.31 11.81
N TRP A 61 -26.68 -27.42 12.45
CA TRP A 61 -26.86 -28.69 11.74
C TRP A 61 -28.25 -28.98 11.24
N THR A 62 -29.10 -27.96 11.15
CA THR A 62 -30.47 -28.17 10.71
C THR A 62 -30.56 -28.94 9.38
N HIS A 63 -29.81 -28.52 8.39
CA HIS A 63 -29.96 -29.12 7.06
C HIS A 63 -29.32 -30.50 7.01
N ILE A 64 -28.17 -30.67 7.67
CA ILE A 64 -27.48 -31.94 7.67
C ILE A 64 -28.45 -32.96 8.37
N ASP A 65 -28.98 -32.57 9.52
CA ASP A 65 -29.86 -33.45 10.32
C ASP A 65 -31.13 -33.80 9.52
N ARG A 66 -31.67 -32.86 8.81
CA ARG A 66 -32.81 -33.14 8.02
C ARG A 66 -32.58 -34.21 6.99
N ALA A 67 -31.43 -34.16 6.32
CA ALA A 67 -31.09 -35.13 5.33
C ALA A 67 -30.83 -36.53 5.99
N LEU A 68 -30.13 -36.58 7.11
CA LEU A 68 -29.80 -37.80 7.77
C LEU A 68 -31.13 -38.47 8.25
N ASP A 69 -32.00 -37.66 8.85
CA ASP A 69 -33.32 -38.14 9.29
C ASP A 69 -34.22 -38.62 8.14
N ALA A 70 -34.34 -37.84 7.09
CA ALA A 70 -35.10 -38.26 5.96
C ALA A 70 -34.53 -39.53 5.25
N ALA A 71 -33.20 -39.62 5.12
CA ALA A 71 -32.56 -40.79 4.53
C ALA A 71 -32.81 -42.01 5.45
N THR A 72 -32.67 -41.81 6.74
CA THR A 72 -32.84 -42.87 7.68
C THR A 72 -34.26 -43.42 7.56
N ASN A 73 -35.21 -42.51 7.49
CA ASN A 73 -36.60 -42.90 7.39
C ASN A 73 -36.87 -43.65 6.06
N ALA A 74 -36.17 -43.30 4.98
CA ALA A 74 -36.35 -43.95 3.68
C ALA A 74 -35.49 -45.21 3.54
N GLY A 75 -34.65 -45.54 4.51
CA GLY A 75 -33.69 -46.61 4.29
C GLY A 75 -32.56 -46.33 3.28
N ILE A 76 -32.18 -45.04 3.14
CA ILE A 76 -31.14 -44.60 2.19
C ILE A 76 -29.88 -44.35 3.03
N ASN A 77 -28.72 -44.75 2.46
CA ASN A 77 -27.44 -44.42 3.08
C ASN A 77 -26.90 -43.02 2.72
N VAL A 78 -25.89 -42.54 3.42
CA VAL A 78 -25.37 -41.19 3.20
C VAL A 78 -23.86 -41.20 3.24
N ILE A 79 -23.29 -40.46 2.29
CA ILE A 79 -21.88 -40.12 2.31
C ILE A 79 -21.81 -38.63 2.63
N VAL A 80 -21.06 -38.30 3.66
CA VAL A 80 -20.97 -36.93 4.10
C VAL A 80 -19.66 -36.31 3.57
N GLY A 81 -19.74 -35.18 2.89
CA GLY A 81 -18.53 -34.46 2.42
C GLY A 81 -18.14 -33.28 3.29
N THR A 82 -16.85 -33.14 3.57
CA THR A 82 -16.41 -31.99 4.36
C THR A 82 -16.55 -30.72 3.47
N PRO A 83 -16.95 -29.58 4.07
CA PRO A 83 -17.37 -28.42 3.33
C PRO A 83 -16.27 -27.40 3.01
N THR A 84 -15.04 -27.87 2.95
CA THR A 84 -13.85 -26.97 2.90
C THR A 84 -13.52 -26.38 1.53
N TYR A 85 -14.23 -26.75 0.47
CA TYR A 85 -13.83 -26.27 -0.86
C TYR A 85 -14.37 -24.94 -1.28
N ALA A 86 -15.18 -24.38 -0.38
CA ALA A 86 -15.81 -23.09 -0.57
C ALA A 86 -16.02 -22.46 0.80
N VAL A 87 -15.56 -21.20 0.95
CA VAL A 87 -15.44 -20.59 2.30
C VAL A 87 -16.48 -19.50 2.52
N PRO A 88 -16.86 -19.30 3.76
CA PRO A 88 -17.83 -18.27 4.10
C PRO A 88 -17.32 -16.83 4.01
N THR A 89 -18.27 -15.95 3.74
CA THR A 89 -18.04 -14.50 3.71
C THR A 89 -17.38 -14.03 5.00
N TRP A 90 -17.77 -14.63 6.13
CA TRP A 90 -17.24 -14.16 7.44
C TRP A 90 -15.80 -14.56 7.64
N LEU A 91 -15.36 -15.62 6.96
CA LEU A 91 -13.99 -16.05 7.09
C LEU A 91 -13.04 -15.08 6.35
N VAL A 92 -13.34 -14.78 5.09
CA VAL A 92 -12.52 -13.86 4.32
C VAL A 92 -12.54 -12.43 4.81
N ALA A 93 -13.67 -11.99 5.42
CA ALA A 93 -13.77 -10.68 6.04
C ALA A 93 -12.75 -10.49 7.13
N MET A 94 -12.53 -11.50 7.91
CA MET A 94 -11.46 -11.47 8.93
C MET A 94 -10.13 -11.74 8.35
N TYR A 95 -10.05 -12.69 7.43
CA TYR A 95 -8.75 -13.13 6.80
C TYR A 95 -8.72 -13.19 5.26
N PRO A 96 -8.52 -12.06 4.60
CA PRO A 96 -8.47 -11.99 3.13
C PRO A 96 -7.44 -12.98 2.52
N ASP A 97 -6.38 -13.32 3.23
CA ASP A 97 -5.37 -14.22 2.66
C ASP A 97 -5.82 -15.66 2.57
N VAL A 98 -7.00 -15.96 3.08
CA VAL A 98 -7.58 -17.25 2.83
C VAL A 98 -7.69 -17.48 1.30
N LEU A 99 -7.95 -16.41 0.58
CA LEU A 99 -7.95 -16.38 -0.85
C LEU A 99 -6.55 -16.21 -1.44
N ALA A 100 -6.18 -17.13 -2.32
CA ALA A 100 -4.80 -17.14 -2.83
C ALA A 100 -4.50 -16.04 -3.80
N THR A 101 -3.30 -15.49 -3.75
CA THR A 101 -2.77 -14.74 -4.89
C THR A 101 -2.44 -15.76 -6.00
N THR A 102 -2.75 -15.42 -7.23
CA THR A 102 -2.42 -16.25 -8.39
C THR A 102 -1.59 -15.38 -9.34
N PRO A 103 -1.18 -15.94 -10.50
CA PRO A 103 -0.51 -15.06 -11.48
C PRO A 103 -1.41 -13.98 -12.01
N ALA A 104 -2.73 -14.12 -11.92
CA ALA A 104 -3.53 -13.02 -12.38
C ALA A 104 -3.70 -11.92 -11.32
N GLY A 105 -3.08 -12.05 -10.17
CA GLY A 105 -3.07 -11.00 -9.17
C GLY A 105 -4.04 -11.27 -8.01
N GLU A 106 -4.61 -10.21 -7.50
CA GLU A 106 -5.35 -10.28 -6.22
C GLU A 106 -6.69 -10.97 -6.44
N PRO A 107 -7.08 -11.84 -5.54
CA PRO A 107 -8.32 -12.59 -5.69
C PRO A 107 -9.54 -11.72 -5.28
N HIS A 108 -10.72 -12.16 -5.67
CA HIS A 108 -11.96 -11.46 -5.21
C HIS A 108 -12.96 -12.55 -4.81
N TYR A 109 -13.56 -12.40 -3.66
CA TYR A 109 -14.47 -13.36 -3.09
C TYR A 109 -15.64 -13.69 -4.02
N GLY A 110 -16.02 -14.96 -4.00
CA GLY A 110 -17.25 -15.42 -4.66
C GLY A 110 -17.17 -16.88 -5.08
N ALA A 111 -16.22 -17.16 -6.01
CA ALA A 111 -16.07 -18.49 -6.55
C ALA A 111 -15.55 -19.47 -5.55
N ARG A 112 -15.96 -20.72 -5.69
CA ARG A 112 -15.44 -21.74 -4.82
C ARG A 112 -13.96 -21.99 -5.29
N GLN A 113 -13.20 -22.69 -4.48
CA GLN A 113 -11.88 -23.22 -4.93
C GLN A 113 -10.96 -22.11 -5.46
N ILE A 114 -10.92 -20.96 -4.76
CA ILE A 114 -9.87 -19.97 -5.03
C ILE A 114 -9.09 -19.67 -3.74
N MET A 115 -9.13 -20.58 -2.80
CA MET A 115 -8.44 -20.40 -1.56
C MET A 115 -6.96 -20.83 -1.71
N ASN A 116 -6.17 -20.38 -0.77
CA ASN A 116 -4.76 -20.76 -0.61
C ASN A 116 -4.85 -21.93 0.34
N ILE A 117 -4.58 -23.17 -0.16
CA ILE A 117 -4.83 -24.32 0.68
C ILE A 117 -3.87 -24.52 1.86
N VAL A 118 -2.76 -23.79 1.86
CA VAL A 118 -1.85 -23.83 3.00
C VAL A 118 -2.03 -22.66 3.99
N ASN A 119 -2.95 -21.75 3.70
CA ASN A 119 -3.24 -20.60 4.58
C ASN A 119 -3.67 -21.07 5.97
N PRO A 120 -3.08 -20.47 7.01
CA PRO A 120 -3.38 -21.01 8.30
C PRO A 120 -4.85 -20.77 8.76
N ALA A 121 -5.47 -19.68 8.34
CA ALA A 121 -6.85 -19.45 8.72
C ALA A 121 -7.75 -20.48 8.06
N TYR A 122 -7.41 -20.76 6.81
CA TYR A 122 -8.09 -21.84 6.08
C TYR A 122 -7.96 -23.20 6.72
N ARG A 123 -6.75 -23.58 7.13
CA ARG A 123 -6.55 -24.86 7.80
C ARG A 123 -7.10 -24.93 9.20
N LEU A 124 -6.98 -23.85 9.95
CA LEU A 124 -7.49 -23.79 11.31
C LEU A 124 -9.01 -23.84 11.36
N TYR A 125 -9.64 -22.95 10.61
CA TYR A 125 -11.12 -23.01 10.60
C TYR A 125 -11.60 -24.27 9.89
N GLY A 126 -10.87 -24.69 8.84
CA GLY A 126 -11.19 -25.93 8.16
C GLY A 126 -11.18 -27.10 9.12
N GLU A 127 -10.12 -27.23 9.88
CA GLU A 127 -10.07 -28.29 10.86
C GLU A 127 -11.26 -28.23 11.82
N ARG A 128 -11.59 -27.04 12.31
CA ARG A 128 -12.78 -26.94 13.22
C ARG A 128 -14.12 -27.35 12.55
N VAL A 129 -14.38 -27.00 11.30
CA VAL A 129 -15.66 -27.38 10.77
C VAL A 129 -15.65 -28.91 10.44
N ILE A 130 -14.50 -29.42 10.04
CA ILE A 130 -14.34 -30.82 9.77
C ILE A 130 -14.62 -31.57 11.08
N ARG A 131 -13.92 -31.27 12.15
CA ARG A 131 -14.18 -31.89 13.43
C ARG A 131 -15.62 -31.81 13.87
N SER A 132 -16.23 -30.65 13.79
CA SER A 132 -17.61 -30.52 14.29
C SER A 132 -18.58 -31.36 13.45
N LEU A 133 -18.46 -31.29 12.14
CA LEU A 133 -19.31 -32.00 11.22
C LEU A 133 -19.15 -33.51 11.41
N ILE A 134 -17.91 -33.99 11.40
CA ILE A 134 -17.71 -35.46 11.43
C ILE A 134 -18.04 -36.05 12.81
N SER A 135 -17.69 -35.34 13.86
CA SER A 135 -18.12 -35.67 15.18
C SER A 135 -19.67 -35.78 15.26
N HIS A 136 -20.38 -34.82 14.70
CA HIS A 136 -21.78 -34.79 14.79
C HIS A 136 -22.43 -35.96 14.04
N VAL A 137 -21.87 -36.41 12.88
CA VAL A 137 -22.56 -37.37 12.04
C VAL A 137 -22.03 -38.84 12.17
N ALA A 138 -20.89 -39.04 12.77
CA ALA A 138 -20.15 -40.29 12.55
C ALA A 138 -20.92 -41.50 13.10
N GLN A 139 -21.59 -41.31 14.21
CA GLN A 139 -22.32 -42.45 14.84
C GLN A 139 -23.74 -42.69 14.24
N GLN A 140 -24.16 -41.88 13.29
CA GLN A 140 -25.43 -42.06 12.69
C GLN A 140 -25.40 -43.26 11.73
N PRO A 141 -26.33 -44.21 11.93
CA PRO A 141 -26.16 -45.45 11.20
C PRO A 141 -26.33 -45.30 9.73
N CYS A 142 -27.10 -44.34 9.25
CA CYS A 142 -27.19 -44.22 7.84
C CYS A 142 -25.88 -43.76 7.17
N VAL A 143 -24.94 -43.22 7.93
CA VAL A 143 -23.73 -42.67 7.28
C VAL A 143 -22.79 -43.81 7.05
N ILE A 144 -22.53 -44.06 5.78
CA ILE A 144 -21.62 -45.15 5.38
C ILE A 144 -20.20 -44.70 5.02
N GLY A 145 -19.99 -43.41 4.78
CA GLY A 145 -18.68 -42.96 4.38
C GLY A 145 -18.58 -41.46 4.24
N TYR A 146 -17.40 -41.05 3.81
CA TYR A 146 -17.08 -39.62 3.71
C TYR A 146 -16.36 -39.27 2.46
N GLN A 147 -16.63 -38.05 1.94
CA GLN A 147 -15.85 -37.43 0.92
C GLN A 147 -14.98 -36.34 1.49
N VAL A 148 -13.66 -36.42 1.27
CA VAL A 148 -12.76 -35.36 1.81
C VAL A 148 -12.70 -34.20 0.82
N ASP A 149 -13.25 -33.05 1.19
CA ASP A 149 -13.23 -31.83 0.41
C ASP A 149 -13.89 -32.13 -0.92
N ASN A 150 -13.39 -31.61 -2.04
CA ASN A 150 -14.12 -31.87 -3.31
C ASN A 150 -13.29 -31.48 -4.50
N GLU A 151 -12.92 -32.45 -5.36
CA GLU A 151 -12.13 -32.15 -6.60
C GLU A 151 -10.94 -31.19 -6.34
N THR A 152 -10.24 -31.45 -5.22
CA THR A 152 -9.27 -30.55 -4.63
C THR A 152 -8.06 -30.34 -5.53
N LYS A 153 -7.69 -29.09 -5.72
CA LYS A 153 -6.47 -28.72 -6.45
C LYS A 153 -5.70 -27.62 -5.66
N TYR A 154 -4.72 -26.96 -6.29
CA TYR A 154 -3.94 -25.96 -5.53
C TYR A 154 -4.25 -24.59 -6.02
N TYR A 155 -5.12 -24.56 -7.04
CA TYR A 155 -5.76 -23.38 -7.47
C TYR A 155 -4.80 -22.26 -7.90
N ASP A 156 -3.68 -22.66 -8.53
CA ASP A 156 -2.72 -21.65 -9.08
C ASP A 156 -2.15 -20.71 -8.02
N SER A 157 -2.11 -21.18 -6.78
CA SER A 157 -1.65 -20.33 -5.71
C SER A 157 -0.17 -20.00 -5.82
N VAL A 158 0.14 -18.72 -5.87
CA VAL A 158 1.52 -18.24 -5.68
C VAL A 158 1.66 -17.33 -4.46
N SER A 159 0.78 -17.52 -3.50
CA SER A 159 0.89 -16.87 -2.19
C SER A 159 2.28 -16.98 -1.56
N HIS A 160 2.64 -15.90 -0.88
CA HIS A 160 3.93 -15.81 -0.19
C HIS A 160 4.29 -17.06 0.57
N ASP A 161 3.39 -17.53 1.43
CA ASP A 161 3.68 -18.67 2.25
C ASP A 161 4.00 -19.94 1.47
N MET A 162 3.17 -20.26 0.48
CA MET A 162 3.38 -21.38 -0.39
C MET A 162 4.83 -21.27 -1.01
N GLN A 163 5.22 -20.05 -1.46
CA GLN A 163 6.56 -19.85 -2.02
C GLN A 163 7.71 -20.10 -1.01
N VAL A 164 7.62 -19.52 0.20
CA VAL A 164 8.61 -19.75 1.22
C VAL A 164 8.73 -21.21 1.54
N MET A 165 7.58 -21.85 1.73
CA MET A 165 7.59 -23.27 2.01
C MET A 165 8.31 -24.10 0.90
N PHE A 166 8.10 -23.70 -0.33
CA PHE A 166 8.81 -24.29 -1.48
C PHE A 166 10.33 -24.06 -1.37
N ILE A 167 10.74 -22.86 -1.05
CA ILE A 167 12.17 -22.57 -0.90
C ILE A 167 12.79 -23.45 0.17
N LYS A 168 12.10 -23.59 1.30
CA LYS A 168 12.58 -24.50 2.38
C LYS A 168 12.71 -25.97 1.89
N GLN A 169 11.77 -26.40 1.09
CA GLN A 169 11.87 -27.79 0.56
C GLN A 169 13.04 -27.89 -0.43
N LEU A 170 13.27 -26.85 -1.26
CA LEU A 170 14.47 -26.83 -2.10
C LEU A 170 15.79 -26.92 -1.34
N ARG A 171 15.88 -26.17 -0.26
CA ARG A 171 17.04 -26.34 0.65
C ARG A 171 17.24 -27.75 1.06
N HIS A 172 16.15 -28.39 1.45
CA HIS A 172 16.25 -29.76 1.94
C HIS A 172 16.68 -30.71 0.82
N GLU A 173 16.00 -30.59 -0.30
CA GLU A 173 16.30 -31.42 -1.47
C GLU A 173 17.74 -31.29 -2.01
N PHE A 174 18.23 -30.07 -2.07
CA PHE A 174 19.55 -29.80 -2.51
C PHE A 174 20.60 -29.70 -1.41
N LYS A 175 20.30 -30.07 -0.16
CA LYS A 175 21.18 -29.88 1.01
C LYS A 175 21.90 -28.58 0.98
N ASN A 176 21.11 -27.53 0.88
CA ASN A 176 21.59 -26.16 0.91
C ASN A 176 22.54 -25.76 -0.15
N ASP A 177 22.77 -26.60 -1.16
CA ASP A 177 23.76 -26.34 -2.18
C ASP A 177 23.21 -25.68 -3.42
N LEU A 178 23.37 -24.38 -3.52
CA LEU A 178 22.91 -23.64 -4.65
C LEU A 178 23.70 -23.81 -5.90
N GLU A 179 24.95 -24.23 -5.79
CA GLU A 179 25.70 -24.62 -6.99
C GLU A 179 24.99 -25.78 -7.69
N ALA A 180 24.64 -26.79 -6.95
CA ALA A 180 23.91 -27.95 -7.46
C ALA A 180 22.54 -27.56 -8.01
N LEU A 181 21.79 -26.67 -7.30
CA LEU A 181 20.48 -26.22 -7.80
C LEU A 181 20.61 -25.45 -9.06
N ASN A 182 21.56 -24.50 -9.16
CA ASN A 182 21.66 -23.71 -10.36
C ASN A 182 22.09 -24.55 -11.58
N GLU A 183 22.90 -25.55 -11.33
CA GLU A 183 23.32 -26.46 -12.38
C GLU A 183 22.18 -27.41 -12.84
N ALA A 184 21.47 -27.99 -11.90
CA ALA A 184 20.31 -28.84 -12.18
C ALA A 184 19.32 -28.14 -13.06
N TYR A 185 19.10 -26.85 -12.82
CA TYR A 185 18.10 -26.07 -13.53
C TYR A 185 18.60 -25.19 -14.55
N GLY A 186 19.91 -25.26 -14.82
CA GLY A 186 20.47 -24.39 -15.88
C GLY A 186 20.32 -22.91 -15.71
N LEU A 187 20.31 -22.43 -14.45
CA LEU A 187 19.91 -21.04 -14.16
C LEU A 187 20.90 -19.92 -14.55
N ASP A 188 22.08 -20.30 -15.05
CA ASP A 188 22.95 -19.32 -15.71
C ASP A 188 22.23 -18.58 -16.82
N TYR A 189 21.33 -19.30 -17.52
CA TYR A 189 20.69 -18.74 -18.64
C TYR A 189 19.87 -17.52 -18.29
N TRP A 190 20.06 -16.46 -19.09
CA TRP A 190 19.48 -15.16 -18.89
C TRP A 190 19.71 -14.65 -17.48
N SER A 191 20.91 -14.87 -16.94
CA SER A 191 21.35 -14.31 -15.66
C SER A 191 20.37 -14.54 -14.48
N ASN A 192 19.94 -15.78 -14.33
CA ASN A 192 18.90 -16.22 -13.38
C ASN A 192 19.43 -17.02 -12.26
N ARG A 193 20.74 -17.00 -12.05
CA ARG A 193 21.30 -17.74 -10.90
C ARG A 193 20.73 -17.24 -9.58
N ILE A 194 20.54 -18.19 -8.68
CA ILE A 194 20.23 -17.89 -7.30
C ILE A 194 21.44 -18.26 -6.51
N ASN A 195 22.27 -17.27 -6.14
CA ASN A 195 23.57 -17.61 -5.54
C ASN A 195 23.55 -17.51 -4.02
N ALA A 196 22.45 -17.00 -3.39
CA ALA A 196 22.29 -16.92 -1.96
C ALA A 196 20.81 -17.04 -1.74
N TRP A 197 20.43 -17.81 -0.73
CA TRP A 197 19.04 -18.12 -0.45
C TRP A 197 18.17 -16.86 -0.26
N GLU A 198 18.69 -15.82 0.32
CA GLU A 198 17.94 -14.66 0.46
C GLU A 198 17.74 -13.88 -0.85
N ASP A 199 18.34 -14.28 -1.96
CA ASP A 199 18.09 -13.59 -3.19
C ASP A 199 16.99 -14.29 -4.01
N PHE A 200 16.34 -15.30 -3.46
CA PHE A 200 15.43 -16.18 -4.24
C PHE A 200 14.28 -15.34 -4.70
N PRO A 201 14.12 -15.19 -6.03
CA PRO A 201 13.01 -14.38 -6.42
C PRO A 201 11.58 -15.02 -6.32
N ASP A 202 10.60 -14.17 -6.54
CA ASP A 202 9.17 -14.57 -6.72
C ASP A 202 9.14 -15.52 -7.93
N LEU A 203 8.47 -16.64 -7.78
CA LEU A 203 8.37 -17.64 -8.87
C LEU A 203 7.44 -17.27 -10.00
N THR A 204 6.57 -16.29 -9.76
CA THR A 204 5.50 -15.98 -10.67
C THR A 204 5.99 -15.60 -12.05
N GLY A 205 7.06 -14.79 -12.17
CA GLY A 205 7.54 -14.45 -13.43
C GLY A 205 8.61 -15.32 -14.08
N SER A 206 8.96 -16.43 -13.46
CA SER A 206 10.09 -17.31 -13.84
C SER A 206 9.85 -17.72 -15.26
N ILE A 207 10.92 -17.66 -16.08
CA ILE A 207 10.92 -18.18 -17.41
C ILE A 207 11.60 -19.54 -17.51
N ASN A 208 12.02 -20.09 -16.38
CA ASN A 208 12.74 -21.33 -16.30
C ASN A 208 11.90 -22.47 -15.89
N GLU A 209 11.64 -23.34 -16.87
CA GLU A 209 10.64 -24.42 -16.66
C GLU A 209 11.14 -25.49 -15.76
N SER A 210 12.46 -25.64 -15.62
CA SER A 210 12.94 -26.55 -14.59
C SER A 210 12.47 -26.14 -13.19
N LEU A 211 12.60 -24.86 -12.87
CA LEU A 211 12.18 -24.33 -11.61
C LEU A 211 10.60 -24.36 -11.51
N ARG A 212 9.94 -23.87 -12.55
CA ARG A 212 8.47 -23.75 -12.52
C ARG A 212 7.86 -25.17 -12.31
N ALA A 213 8.42 -26.17 -13.00
CA ALA A 213 7.92 -27.53 -12.90
C ALA A 213 8.03 -28.09 -11.54
N ARG A 214 9.14 -27.79 -10.89
CA ARG A 214 9.35 -28.32 -9.60
C ARG A 214 8.36 -27.67 -8.62
N PHE A 215 8.07 -26.40 -8.85
CA PHE A 215 7.07 -25.70 -8.04
C PHE A 215 5.67 -26.31 -8.29
N ASP A 216 5.38 -26.66 -9.56
CA ASP A 216 4.10 -27.32 -9.79
C ASP A 216 4.03 -28.61 -9.11
N ARG A 217 5.14 -29.36 -9.12
CA ARG A 217 5.14 -30.63 -8.43
C ARG A 217 4.95 -30.48 -6.92
N PHE A 218 5.64 -29.49 -6.34
CA PHE A 218 5.50 -29.18 -4.91
C PHE A 218 4.00 -28.93 -4.56
N ARG A 219 3.37 -28.11 -5.39
CA ARG A 219 2.01 -27.73 -5.06
C ARG A 219 1.02 -28.96 -5.27
N ARG A 220 1.25 -29.81 -6.27
CA ARG A 220 0.50 -31.07 -6.39
C ARG A 220 0.67 -31.90 -5.17
N ASP A 221 1.87 -31.89 -4.58
CA ASP A 221 2.11 -32.67 -3.41
C ASP A 221 1.41 -32.11 -2.22
N GLN A 222 1.29 -30.80 -2.17
CA GLN A 222 0.46 -30.16 -1.12
C GLN A 222 -1.03 -30.58 -1.21
N VAL A 223 -1.60 -30.73 -2.42
CA VAL A 223 -2.93 -31.27 -2.58
C VAL A 223 -3.04 -32.63 -1.96
N ALA A 224 -2.09 -33.52 -2.27
CA ALA A 224 -2.14 -34.82 -1.72
C ALA A 224 -2.04 -34.84 -0.20
N GLU A 225 -1.12 -34.04 0.36
CA GLU A 225 -0.96 -33.92 1.80
C GLU A 225 -2.25 -33.38 2.46
N TYR A 226 -2.90 -32.43 1.79
CA TYR A 226 -4.12 -31.83 2.35
C TYR A 226 -5.22 -32.94 2.45
N LEU A 227 -5.29 -33.80 1.43
CA LEU A 227 -6.26 -34.88 1.49
C LEU A 227 -5.95 -35.86 2.55
N ALA A 228 -4.67 -36.22 2.68
CA ALA A 228 -4.27 -37.14 3.70
C ALA A 228 -4.56 -36.58 5.09
N TRP A 229 -4.36 -35.28 5.23
CA TRP A 229 -4.54 -34.62 6.53
C TRP A 229 -6.04 -34.67 6.95
N GLN A 230 -6.90 -34.36 5.97
CA GLN A 230 -8.31 -34.50 6.21
C GLN A 230 -8.70 -35.95 6.54
N ALA A 231 -8.15 -36.90 5.79
CA ALA A 231 -8.49 -38.29 6.05
C ALA A 231 -8.09 -38.69 7.42
N SER A 232 -6.93 -38.20 7.87
CA SER A 232 -6.41 -38.53 9.17
C SER A 232 -7.33 -38.00 10.30
N ILE A 233 -7.91 -36.83 10.11
CA ILE A 233 -8.85 -36.27 11.08
C ILE A 233 -10.15 -37.16 11.13
N ILE A 234 -10.73 -37.48 9.98
CA ILE A 234 -11.95 -38.35 9.94
C ILE A 234 -11.65 -39.71 10.57
N ARG A 235 -10.45 -40.24 10.34
CA ARG A 235 -10.05 -41.47 11.01
C ARG A 235 -10.13 -41.39 12.52
N GLU A 236 -10.07 -40.23 13.13
CA GLU A 236 -10.16 -40.19 14.61
C GLU A 236 -11.58 -40.40 15.11
N TYR A 237 -12.56 -40.20 14.23
CA TYR A 237 -13.96 -40.32 14.61
C TYR A 237 -14.75 -41.48 14.01
N MET A 238 -14.37 -41.95 12.83
CA MET A 238 -15.23 -42.81 12.02
C MET A 238 -15.36 -44.20 12.67
N ARG A 239 -16.44 -44.86 12.31
CA ARG A 239 -16.65 -46.29 12.66
C ARG A 239 -15.83 -47.20 11.74
N ASP A 240 -15.57 -48.42 12.24
CA ASP A 240 -14.85 -49.40 11.43
C ASP A 240 -15.55 -49.79 10.15
N ASP A 241 -16.86 -49.64 10.06
CA ASP A 241 -17.58 -50.09 8.89
C ASP A 241 -17.77 -48.93 7.91
N GLN A 242 -17.09 -47.80 8.09
CA GLN A 242 -17.24 -46.69 7.14
C GLN A 242 -16.00 -46.57 6.30
N PHE A 243 -16.10 -45.84 5.21
CA PHE A 243 -14.97 -45.58 4.34
C PHE A 243 -14.71 -44.10 4.04
N ILE A 244 -13.50 -43.78 3.64
CA ILE A 244 -13.15 -42.44 3.18
C ILE A 244 -12.81 -42.51 1.69
N THR A 245 -13.41 -41.58 0.95
CA THR A 245 -13.18 -41.47 -0.44
C THR A 245 -12.99 -39.99 -0.83
N HIS A 246 -12.76 -39.74 -2.12
CA HIS A 246 -12.55 -38.41 -2.66
C HIS A 246 -12.98 -38.46 -4.08
N ASN A 247 -13.50 -37.37 -4.54
CA ASN A 247 -13.89 -37.26 -5.95
C ASN A 247 -12.89 -36.57 -6.91
N PHE A 248 -11.97 -37.37 -7.43
CA PHE A 248 -11.03 -36.87 -8.40
C PHE A 248 -11.71 -36.44 -9.63
N ASP A 249 -11.07 -35.54 -10.37
CA ASP A 249 -11.58 -35.10 -11.64
C ASP A 249 -10.47 -34.97 -12.69
N TYR A 250 -10.87 -34.79 -13.94
CA TYR A 250 -9.92 -34.81 -15.03
C TYR A 250 -9.72 -33.47 -15.69
N GLU A 251 -8.70 -33.35 -16.53
CA GLU A 251 -8.47 -32.11 -17.28
C GLU A 251 -9.77 -31.74 -17.88
N TRP A 252 -10.18 -30.46 -17.79
CA TRP A 252 -11.48 -30.03 -18.23
C TRP A 252 -11.44 -29.32 -19.54
N ARG A 253 -12.02 -29.91 -20.58
CA ARG A 253 -12.12 -29.21 -21.80
C ARG A 253 -13.57 -29.18 -22.23
N GLY A 254 -14.44 -28.54 -21.45
CA GLY A 254 -15.92 -28.67 -21.65
C GLY A 254 -16.50 -29.93 -21.04
N HIS A 255 -15.63 -30.86 -20.62
CA HIS A 255 -15.94 -32.16 -20.07
C HIS A 255 -14.66 -32.86 -19.76
N SER A 256 -14.74 -34.07 -19.15
CA SER A 256 -13.60 -34.81 -18.67
C SER A 256 -12.75 -35.29 -19.90
N TYR A 257 -11.48 -34.85 -19.99
CA TYR A 257 -10.71 -35.04 -21.23
C TYR A 257 -9.46 -35.91 -21.01
N GLY A 258 -8.67 -35.62 -19.99
CA GLY A 258 -7.31 -36.17 -19.87
C GLY A 258 -6.83 -36.23 -18.46
N LEU A 259 -5.57 -36.63 -18.34
CA LEU A 259 -4.89 -36.61 -17.04
C LEU A 259 -5.11 -35.22 -16.36
N GLN A 260 -5.42 -35.24 -15.08
CA GLN A 260 -5.64 -34.00 -14.31
C GLN A 260 -4.32 -33.22 -14.19
N PRO A 261 -4.25 -32.01 -14.68
CA PRO A 261 -2.92 -31.28 -14.52
C PRO A 261 -2.44 -30.93 -13.10
N ALA A 262 -3.40 -30.79 -12.17
CA ALA A 262 -3.16 -30.19 -10.82
C ALA A 262 -3.02 -31.12 -9.68
N VAL A 263 -3.15 -32.40 -9.96
CA VAL A 263 -3.14 -33.44 -8.95
C VAL A 263 -2.60 -34.74 -9.56
N ASP A 264 -1.77 -35.43 -8.80
CA ASP A 264 -1.25 -36.76 -9.17
C ASP A 264 -2.20 -37.80 -8.53
N HIS A 265 -3.15 -38.32 -9.32
CA HIS A 265 -4.15 -39.22 -8.73
C HIS A 265 -3.57 -40.48 -8.17
N PHE A 266 -2.49 -40.97 -8.79
CA PHE A 266 -1.86 -42.14 -8.22
C PHE A 266 -1.35 -41.89 -6.82
N ARG A 267 -0.66 -40.78 -6.59
CA ARG A 267 -0.13 -40.53 -5.25
C ARG A 267 -1.21 -40.10 -4.27
N ALA A 268 -2.10 -39.21 -4.70
CA ALA A 268 -3.12 -38.63 -3.84
C ALA A 268 -4.17 -39.67 -3.30
N ALA A 269 -4.37 -40.73 -4.11
CA ALA A 269 -5.30 -41.81 -3.77
C ALA A 269 -4.84 -42.68 -2.62
N ARG A 270 -3.58 -42.58 -2.22
CA ARG A 270 -3.07 -43.40 -1.12
C ARG A 270 -3.69 -43.10 0.20
N ALA A 271 -4.22 -41.92 0.43
CA ALA A 271 -4.88 -41.66 1.72
C ALA A 271 -6.33 -42.24 1.89
N LEU A 272 -6.86 -42.80 0.81
CA LEU A 272 -8.29 -43.14 0.73
C LEU A 272 -8.55 -44.62 0.90
N ASP A 273 -9.76 -44.95 1.27
CA ASP A 273 -10.19 -46.37 1.37
C ASP A 273 -10.64 -46.81 0.03
N ILE A 274 -11.22 -45.92 -0.76
CA ILE A 274 -11.60 -46.24 -2.09
C ILE A 274 -11.59 -45.00 -2.93
N CYS A 275 -11.10 -45.11 -4.16
CA CYS A 275 -11.12 -43.99 -5.11
C CYS A 275 -12.48 -43.59 -5.65
N GLY A 276 -12.67 -42.31 -5.80
CA GLY A 276 -13.86 -41.78 -6.41
C GLY A 276 -13.47 -40.91 -7.52
N VAL A 277 -14.43 -40.69 -8.37
CA VAL A 277 -14.17 -39.97 -9.54
C VAL A 277 -15.41 -39.34 -10.05
N ASP A 278 -15.23 -38.21 -10.72
CA ASP A 278 -16.32 -37.52 -11.41
C ASP A 278 -16.08 -37.56 -12.86
N ILE A 279 -17.10 -37.97 -13.65
CA ILE A 279 -16.93 -38.05 -15.10
C ILE A 279 -18.05 -37.42 -15.83
N TYR A 280 -17.72 -36.50 -16.75
CA TYR A 280 -18.62 -35.84 -17.55
C TYR A 280 -18.17 -35.88 -18.97
N HIS A 281 -19.12 -35.94 -19.93
CA HIS A 281 -18.79 -36.26 -21.35
C HIS A 281 -19.87 -35.85 -22.35
N PRO A 282 -19.50 -35.71 -23.62
CA PRO A 282 -20.49 -35.36 -24.67
C PRO A 282 -21.51 -36.48 -24.74
N SER A 283 -22.74 -36.11 -25.04
CA SER A 283 -23.79 -37.13 -25.22
C SER A 283 -24.51 -36.89 -26.53
N GLU A 284 -25.76 -37.35 -26.63
CA GLU A 284 -26.52 -37.13 -27.82
C GLU A 284 -25.76 -37.76 -29.03
N ASP A 285 -25.73 -37.11 -30.18
CA ASP A 285 -25.02 -37.66 -31.33
C ASP A 285 -23.52 -37.86 -31.02
N ALA A 286 -22.99 -37.20 -29.99
CA ALA A 286 -21.57 -37.24 -29.72
C ALA A 286 -21.23 -38.22 -28.61
N LEU A 287 -22.17 -39.04 -28.20
CA LEU A 287 -21.83 -40.03 -27.22
C LEU A 287 -20.95 -41.15 -27.83
N THR A 288 -19.72 -41.37 -27.32
CA THR A 288 -18.85 -42.38 -27.83
C THR A 288 -18.53 -43.36 -26.81
N GLY A 289 -18.70 -43.03 -25.54
CA GLY A 289 -18.24 -43.96 -24.49
C GLY A 289 -16.79 -43.78 -24.04
N LYS A 290 -16.06 -42.99 -24.80
CA LYS A 290 -14.55 -42.90 -24.62
C LYS A 290 -14.20 -42.29 -23.26
N GLU A 291 -14.95 -41.27 -22.86
CA GLU A 291 -14.63 -40.51 -21.56
C GLU A 291 -15.00 -41.30 -20.39
N ILE A 292 -16.09 -42.06 -20.50
CA ILE A 292 -16.46 -42.95 -19.40
C ILE A 292 -15.43 -44.08 -19.17
N ALA A 293 -15.02 -44.66 -20.29
CA ALA A 293 -13.98 -45.70 -20.25
C ALA A 293 -12.62 -45.11 -19.76
N PHE A 294 -12.26 -43.98 -20.32
CA PHE A 294 -10.93 -43.33 -19.90
C PHE A 294 -10.95 -42.99 -18.42
N GLY A 295 -12.06 -42.34 -18.04
CA GLY A 295 -12.25 -41.99 -16.65
C GLY A 295 -12.29 -43.13 -15.70
N GLY A 296 -12.99 -44.17 -16.11
CA GLY A 296 -12.99 -45.35 -15.32
C GLY A 296 -11.67 -46.09 -15.30
N ASP A 297 -11.02 -46.21 -16.47
CA ASP A 297 -9.72 -46.92 -16.42
C ASP A 297 -8.70 -46.17 -15.50
N MET A 298 -8.67 -44.85 -15.57
CA MET A 298 -7.70 -44.09 -14.68
C MET A 298 -8.06 -44.24 -13.22
N ALA A 299 -9.36 -44.21 -12.86
CA ALA A 299 -9.74 -44.42 -11.43
C ALA A 299 -9.49 -45.80 -10.97
N ARG A 300 -9.84 -46.79 -11.82
CA ARG A 300 -9.55 -48.17 -11.44
C ARG A 300 -8.04 -48.39 -11.29
N SER A 301 -7.26 -47.76 -12.17
CA SER A 301 -5.78 -47.95 -12.06
C SER A 301 -5.20 -47.21 -10.83
N ALA A 302 -5.67 -46.00 -10.56
CA ALA A 302 -5.14 -45.23 -9.44
C ALA A 302 -5.40 -45.92 -8.17
N GLY A 303 -6.59 -46.47 -8.02
CA GLY A 303 -6.92 -47.22 -6.82
C GLY A 303 -6.63 -48.72 -6.85
N GLY A 304 -6.16 -49.29 -7.94
CA GLY A 304 -5.79 -50.71 -7.87
C GLY A 304 -7.02 -51.57 -7.64
N GLY A 305 -8.15 -51.20 -8.26
CA GLY A 305 -9.37 -51.98 -8.09
C GLY A 305 -10.63 -51.17 -8.26
N ASN A 306 -11.76 -51.68 -7.79
CA ASN A 306 -13.04 -50.99 -8.07
C ASN A 306 -13.06 -49.58 -7.39
N TYR A 307 -13.74 -48.65 -8.04
CA TYR A 307 -13.82 -47.26 -7.64
C TYR A 307 -15.31 -46.88 -7.60
N LEU A 308 -15.61 -45.66 -7.13
CA LEU A 308 -16.99 -45.10 -7.13
C LEU A 308 -17.02 -44.00 -8.13
N VAL A 309 -18.08 -43.95 -8.92
CA VAL A 309 -18.33 -42.80 -9.69
C VAL A 309 -19.21 -41.90 -8.79
N LEU A 310 -18.58 -40.93 -8.11
CA LEU A 310 -19.29 -40.04 -7.13
C LEU A 310 -20.11 -38.99 -7.85
N GLU A 311 -19.73 -38.60 -9.06
CA GLU A 311 -20.54 -37.72 -9.84
C GLU A 311 -20.48 -38.11 -11.28
N THR A 312 -21.68 -38.18 -11.88
CA THR A 312 -21.78 -38.05 -13.31
C THR A 312 -23.07 -37.40 -13.71
N GLN A 313 -23.18 -37.08 -14.97
CA GLN A 313 -24.28 -36.30 -15.49
C GLN A 313 -25.67 -37.02 -15.57
N ALA A 314 -26.72 -36.27 -15.21
CA ALA A 314 -28.10 -36.70 -15.37
C ALA A 314 -28.66 -35.99 -16.58
N GLN A 315 -29.51 -34.97 -16.41
CA GLN A 315 -29.82 -34.14 -17.55
C GLN A 315 -28.64 -33.33 -18.06
N GLY A 316 -27.77 -32.93 -17.13
CA GLY A 316 -26.51 -32.29 -17.53
C GLY A 316 -26.59 -30.84 -17.90
N GLN A 317 -25.48 -30.35 -18.50
CA GLN A 317 -25.44 -29.05 -19.09
C GLN A 317 -26.26 -28.98 -20.33
N HIS A 318 -26.51 -27.77 -20.80
CA HIS A 318 -27.14 -27.59 -22.05
C HIS A 318 -26.38 -28.39 -23.16
N GLY A 319 -27.08 -29.24 -23.93
CA GLY A 319 -26.44 -30.10 -24.93
C GLY A 319 -26.21 -31.53 -24.50
N TRP A 320 -26.24 -31.77 -23.20
CA TRP A 320 -25.96 -33.07 -22.71
C TRP A 320 -27.18 -33.90 -22.55
N LEU A 321 -28.32 -33.26 -22.66
CA LEU A 321 -29.61 -33.99 -22.35
C LEU A 321 -29.64 -35.32 -23.16
N PRO A 322 -29.69 -36.47 -22.48
CA PRO A 322 -29.57 -37.73 -23.16
C PRO A 322 -30.81 -38.14 -23.97
N TYR A 323 -30.55 -38.67 -25.16
CA TYR A 323 -31.57 -39.21 -26.01
C TYR A 323 -32.11 -40.38 -25.21
N PRO A 324 -33.38 -40.75 -25.48
CA PRO A 324 -33.92 -41.90 -24.78
C PRO A 324 -33.01 -43.10 -24.97
N GLY A 325 -32.78 -43.86 -23.91
CA GLY A 325 -31.84 -44.96 -23.93
C GLY A 325 -30.40 -44.60 -23.52
N GLN A 326 -29.97 -43.41 -23.83
CA GLN A 326 -28.57 -42.98 -23.49
C GLN A 326 -28.19 -42.95 -22.04
N LEU A 327 -29.16 -42.57 -21.15
CA LEU A 327 -28.79 -42.54 -19.75
C LEU A 327 -28.50 -43.89 -19.27
N ARG A 328 -29.35 -44.85 -19.70
CA ARG A 328 -29.12 -46.23 -19.29
C ARG A 328 -27.79 -46.84 -19.84
N LEU A 329 -27.51 -46.53 -21.08
CA LEU A 329 -26.33 -47.00 -21.74
C LEU A 329 -25.08 -46.38 -21.05
N GLN A 330 -25.15 -45.08 -20.72
CA GLN A 330 -24.04 -44.38 -19.93
C GLN A 330 -23.85 -45.06 -18.61
N ALA A 331 -24.94 -45.43 -17.96
CA ALA A 331 -24.77 -46.06 -16.66
C ALA A 331 -24.12 -47.43 -16.70
N TYR A 332 -24.65 -48.28 -17.56
CA TYR A 332 -24.02 -49.58 -17.72
C TYR A 332 -22.51 -49.45 -18.15
N SER A 333 -22.18 -48.43 -18.92
CA SER A 333 -20.78 -48.16 -19.30
C SER A 333 -19.84 -48.01 -18.16
N HIS A 334 -20.32 -47.35 -17.08
CA HIS A 334 -19.51 -47.17 -15.92
C HIS A 334 -19.29 -48.50 -15.29
N LEU A 335 -20.38 -49.32 -15.21
CA LEU A 335 -20.18 -50.62 -14.57
C LEU A 335 -19.21 -51.50 -15.42
N ALA A 336 -19.22 -51.28 -16.69
CA ALA A 336 -18.34 -52.04 -17.59
C ALA A 336 -16.86 -51.67 -17.41
N SER A 337 -16.56 -50.50 -16.81
CA SER A 337 -15.16 -50.13 -16.47
C SER A 337 -14.73 -50.50 -15.11
N GLY A 338 -15.66 -51.09 -14.36
CA GLY A 338 -15.41 -51.56 -13.04
C GLY A 338 -15.84 -50.72 -11.87
N ALA A 339 -16.74 -49.81 -12.13
CA ALA A 339 -17.34 -49.03 -11.08
C ALA A 339 -18.18 -49.88 -10.13
N ASP A 340 -18.11 -49.56 -8.85
CA ASP A 340 -18.90 -50.20 -7.82
C ASP A 340 -19.94 -49.24 -7.24
N GLY A 341 -20.09 -48.10 -7.88
CA GLY A 341 -21.16 -47.17 -7.57
C GLY A 341 -21.29 -46.14 -8.65
N ILE A 342 -22.51 -45.64 -8.81
CA ILE A 342 -22.78 -44.55 -9.74
C ILE A 342 -23.66 -43.52 -9.03
N MET A 343 -23.23 -42.26 -8.92
CA MET A 343 -24.07 -41.18 -8.34
C MET A 343 -24.12 -40.02 -9.29
N TYR A 344 -25.32 -39.47 -9.47
CA TYR A 344 -25.54 -38.36 -10.25
C TYR A 344 -25.27 -37.03 -9.54
N TRP A 345 -24.77 -36.04 -10.31
CA TRP A 345 -24.67 -34.72 -9.76
C TRP A 345 -25.67 -33.96 -10.51
N HIS A 346 -26.83 -33.58 -9.91
CA HIS A 346 -27.28 -33.98 -8.58
C HIS A 346 -28.82 -34.28 -8.67
N TRP A 347 -29.49 -34.38 -7.55
CA TRP A 347 -30.91 -34.79 -7.51
C TRP A 347 -31.76 -33.81 -8.28
N HIS A 348 -31.53 -32.50 -8.10
CA HIS A 348 -32.36 -31.53 -8.74
C HIS A 348 -31.64 -30.57 -9.66
N SER A 349 -32.34 -29.45 -9.99
CA SER A 349 -31.80 -28.32 -10.74
C SER A 349 -31.92 -27.01 -9.93
N ILE A 350 -30.78 -26.34 -9.69
CA ILE A 350 -30.67 -25.25 -8.66
C ILE A 350 -31.24 -24.00 -9.27
N HIS A 351 -31.90 -23.19 -8.46
CA HIS A 351 -32.73 -22.11 -8.96
C HIS A 351 -32.04 -20.77 -9.08
N ASN A 352 -30.89 -20.66 -8.45
CA ASN A 352 -30.04 -19.49 -8.52
C ASN A 352 -28.58 -19.96 -8.80
N SER A 353 -27.84 -18.97 -9.28
CA SER A 353 -26.39 -18.89 -9.22
C SER A 353 -25.71 -19.80 -10.28
N PHE A 354 -24.43 -20.15 -10.07
CA PHE A 354 -23.58 -20.41 -11.22
C PHE A 354 -24.02 -21.66 -12.01
N GLU A 355 -24.46 -22.66 -11.28
CA GLU A 355 -24.79 -23.94 -11.89
C GLU A 355 -26.35 -24.16 -11.99
N THR A 356 -27.05 -23.07 -12.18
CA THR A 356 -28.48 -23.12 -12.43
C THR A 356 -28.81 -24.16 -13.55
N TYR A 357 -27.96 -24.21 -14.60
CA TYR A 357 -28.17 -25.02 -15.75
C TYR A 357 -27.23 -26.20 -15.93
N TRP A 358 -26.58 -26.60 -14.85
CA TRP A 358 -26.05 -27.96 -14.75
C TRP A 358 -27.09 -28.83 -13.99
N ARG A 359 -27.94 -29.48 -14.78
CA ARG A 359 -29.22 -29.98 -14.24
C ARG A 359 -29.09 -31.42 -13.87
N GLY A 360 -29.76 -31.76 -12.78
CA GLY A 360 -29.76 -33.00 -12.12
C GLY A 360 -30.87 -33.89 -12.74
N LEU A 361 -31.24 -34.89 -11.97
CA LEU A 361 -32.29 -35.85 -12.36
C LEU A 361 -33.62 -35.15 -12.57
N LEU A 362 -34.05 -34.36 -11.57
CA LEU A 362 -35.20 -33.47 -11.71
C LEU A 362 -34.88 -32.07 -12.22
N SER A 363 -35.85 -31.52 -12.95
CA SER A 363 -35.77 -30.19 -13.51
C SER A 363 -36.22 -29.15 -12.46
N HIS A 364 -36.25 -27.87 -12.84
CA HIS A 364 -36.56 -26.83 -11.91
C HIS A 364 -37.96 -26.87 -11.25
N ASP A 365 -38.88 -27.68 -11.85
CA ASP A 365 -40.24 -27.89 -11.33
C ASP A 365 -40.40 -29.05 -10.36
N PHE A 366 -39.33 -29.79 -10.17
CA PHE A 366 -39.31 -30.90 -9.23
C PHE A 366 -40.33 -31.97 -9.67
N GLU A 367 -40.77 -31.95 -10.89
CA GLU A 367 -41.67 -33.04 -11.33
C GLU A 367 -40.89 -34.24 -11.88
N SER A 368 -41.61 -35.31 -12.14
CA SER A 368 -41.03 -36.39 -12.91
C SER A 368 -40.71 -35.91 -14.31
N ASN A 369 -39.73 -36.57 -14.94
CA ASN A 369 -39.42 -36.24 -16.32
C ASN A 369 -38.83 -37.53 -16.93
N PRO A 370 -38.69 -37.59 -18.23
CA PRO A 370 -38.22 -38.88 -18.82
C PRO A 370 -36.82 -39.36 -18.43
N THR A 371 -35.95 -38.39 -18.07
CA THR A 371 -34.61 -38.71 -17.64
C THR A 371 -34.63 -39.35 -16.29
N TYR A 372 -35.35 -38.75 -15.31
CA TYR A 372 -35.51 -39.37 -14.03
C TYR A 372 -36.11 -40.79 -14.15
N GLU A 373 -37.13 -40.89 -14.98
CA GLU A 373 -37.80 -42.21 -15.15
C GLU A 373 -36.86 -43.28 -15.74
N GLU A 374 -36.01 -42.87 -16.69
CA GLU A 374 -34.99 -43.80 -17.29
C GLU A 374 -34.01 -44.20 -16.24
N ALA A 375 -33.62 -43.28 -15.33
CA ALA A 375 -32.75 -43.61 -14.27
C ALA A 375 -33.34 -44.60 -13.36
N GLY A 376 -34.60 -44.39 -13.06
CA GLY A 376 -35.25 -45.31 -12.12
C GLY A 376 -35.44 -46.71 -12.68
N ARG A 377 -35.66 -46.79 -13.98
CA ARG A 377 -35.68 -48.14 -14.61
C ARG A 377 -34.35 -48.80 -14.51
N PHE A 378 -33.26 -48.05 -14.73
CA PHE A 378 -31.91 -48.58 -14.44
C PHE A 378 -31.72 -48.98 -13.05
N GLY A 379 -32.10 -48.10 -12.09
CA GLY A 379 -31.86 -48.43 -10.70
C GLY A 379 -32.57 -49.68 -10.26
N ARG A 380 -33.81 -49.85 -10.77
CA ARG A 380 -34.56 -51.10 -10.45
C ARG A 380 -33.94 -52.34 -11.12
N GLU A 381 -33.44 -52.20 -12.34
CA GLU A 381 -32.63 -53.33 -12.91
C GLU A 381 -31.45 -53.76 -12.02
N ILE A 382 -30.50 -52.85 -11.71
CA ILE A 382 -29.35 -53.32 -10.94
C ILE A 382 -29.67 -53.66 -9.54
N GLY A 383 -30.76 -53.10 -9.01
CA GLY A 383 -31.18 -53.48 -7.63
C GLY A 383 -31.78 -54.89 -7.51
N ASP A 384 -32.20 -55.48 -8.62
CA ASP A 384 -32.51 -56.93 -8.68
C ASP A 384 -31.20 -57.75 -8.47
N PRO A 385 -31.11 -58.57 -7.43
CA PRO A 385 -29.77 -59.24 -7.25
C PRO A 385 -29.31 -60.10 -8.42
N ARG A 386 -30.24 -60.63 -9.20
CA ARG A 386 -29.85 -61.37 -10.38
C ARG A 386 -28.96 -60.53 -11.31
N ILE A 387 -29.26 -59.24 -11.45
CA ILE A 387 -28.38 -58.34 -12.25
C ILE A 387 -27.23 -57.82 -11.37
N GLY A 388 -27.58 -57.18 -10.26
CA GLY A 388 -26.59 -56.59 -9.37
C GLY A 388 -25.47 -57.49 -8.95
N ASP A 389 -25.76 -58.70 -8.49
CA ASP A 389 -24.69 -59.63 -8.03
C ASP A 389 -23.74 -60.11 -9.14
N THR A 390 -24.17 -59.98 -10.37
CA THR A 390 -23.51 -60.39 -11.56
C THR A 390 -22.56 -59.30 -12.04
N LEU A 391 -22.92 -58.01 -11.83
CA LEU A 391 -22.12 -56.88 -12.35
C LEU A 391 -21.16 -56.16 -11.37
N SER A 392 -21.32 -56.44 -10.11
CA SER A 392 -20.57 -55.70 -9.09
C SER A 392 -19.19 -56.29 -8.90
N HIS A 393 -18.27 -55.41 -8.44
CA HIS A 393 -16.94 -55.81 -8.12
C HIS A 393 -16.27 -56.47 -9.34
N LEU A 394 -16.52 -55.99 -10.54
CA LEU A 394 -15.98 -56.58 -11.76
C LEU A 394 -14.45 -56.49 -11.74
N SER A 395 -13.76 -57.60 -12.04
CA SER A 395 -12.25 -57.66 -12.13
C SER A 395 -11.85 -57.61 -13.53
N LYS A 396 -10.88 -56.79 -13.79
CA LYS A 396 -10.34 -56.67 -15.13
C LYS A 396 -8.90 -57.11 -15.19
N ARG A 397 -8.55 -57.94 -16.17
CA ARG A 397 -7.17 -58.34 -16.33
C ARG A 397 -6.75 -57.91 -17.70
N ASN A 398 -6.13 -56.73 -17.84
CA ASN A 398 -5.73 -56.21 -19.13
C ASN A 398 -4.26 -56.52 -19.47
N ALA A 399 -3.98 -56.67 -20.77
CA ALA A 399 -2.62 -57.05 -21.26
C ALA A 399 -1.82 -55.85 -21.72
N VAL A 400 -2.52 -54.71 -21.87
CA VAL A 400 -1.94 -53.50 -22.32
C VAL A 400 -1.99 -52.37 -21.25
N ALA A 401 -0.87 -51.66 -21.07
CA ALA A 401 -0.78 -50.55 -20.11
C ALA A 401 -0.29 -49.32 -20.78
N ILE A 402 -0.87 -48.17 -20.40
CA ILE A 402 -0.41 -46.89 -20.84
C ILE A 402 0.26 -46.15 -19.70
N LEU A 403 1.47 -45.61 -19.94
CA LEU A 403 2.19 -44.89 -18.92
C LEU A 403 1.74 -43.44 -18.87
N ALA A 404 1.27 -43.04 -17.72
CA ALA A 404 0.78 -41.64 -17.48
C ALA A 404 1.81 -40.89 -16.63
N SER A 405 2.01 -39.62 -16.91
CA SER A 405 3.07 -38.84 -16.22
C SER A 405 2.59 -37.40 -16.06
N ASN A 406 2.23 -37.07 -14.85
CA ASN A 406 2.01 -35.67 -14.51
C ASN A 406 3.24 -34.78 -14.78
N GLU A 407 4.46 -35.29 -14.57
CA GLU A 407 5.65 -34.45 -14.83
C GLU A 407 5.80 -34.13 -16.28
N SER A 408 5.43 -35.04 -17.17
CA SER A 408 5.52 -34.79 -18.56
C SER A 408 4.38 -33.87 -19.00
N LEU A 409 3.20 -34.04 -18.42
CA LEU A 409 2.09 -33.10 -18.81
C LEU A 409 2.55 -31.66 -18.47
N THR A 410 3.11 -31.52 -17.29
CA THR A 410 3.59 -30.23 -16.84
C THR A 410 4.66 -29.70 -17.74
N ALA A 411 5.68 -30.52 -18.00
CA ALA A 411 6.73 -30.05 -18.86
C ALA A 411 6.26 -29.58 -20.21
N LEU A 412 5.40 -30.37 -20.85
CA LEU A 412 4.92 -30.03 -22.22
C LEU A 412 3.90 -28.92 -22.23
N SER A 413 3.28 -28.60 -21.11
CA SER A 413 2.40 -27.41 -21.05
C SER A 413 3.22 -26.11 -21.23
N TRP A 414 4.53 -26.19 -20.98
CA TRP A 414 5.42 -25.10 -21.25
C TRP A 414 6.18 -25.28 -22.55
N PHE A 415 6.91 -26.39 -22.68
CA PHE A 415 7.57 -26.69 -23.97
C PHE A 415 6.54 -27.37 -24.91
N HIS A 416 5.70 -26.59 -25.56
CA HIS A 416 4.70 -27.18 -26.43
C HIS A 416 5.35 -28.08 -27.49
N ILE A 417 4.80 -29.25 -27.70
CA ILE A 417 5.44 -30.23 -28.58
C ILE A 417 5.84 -29.64 -29.89
N GLU A 418 4.94 -28.86 -30.49
CA GLU A 418 5.20 -28.33 -31.81
C GLU A 418 6.14 -27.13 -31.87
N THR A 419 6.26 -26.33 -30.78
CA THR A 419 6.94 -25.04 -30.86
C THR A 419 8.15 -24.93 -29.97
N GLY A 420 8.12 -25.69 -28.89
CA GLY A 420 9.07 -25.64 -27.77
C GLY A 420 8.96 -24.46 -26.85
N PHE A 421 7.85 -23.73 -26.97
CA PHE A 421 7.64 -22.49 -26.21
C PHE A 421 6.17 -22.58 -25.65
N PRO A 422 5.87 -21.79 -24.61
CA PRO A 422 4.53 -21.86 -23.98
C PRO A 422 3.55 -21.03 -24.76
N MET A 423 3.71 -20.97 -26.06
CA MET A 423 2.71 -20.44 -26.92
C MET A 423 2.80 -21.16 -28.27
N GLY A 424 1.69 -21.11 -28.98
CA GLY A 424 1.59 -21.74 -30.31
C GLY A 424 1.34 -23.25 -30.28
N GLY A 425 0.98 -23.78 -31.43
CA GLY A 425 0.74 -25.16 -31.58
C GLY A 425 -0.68 -25.47 -31.13
N THR A 426 -1.11 -26.69 -31.36
CA THR A 426 -2.38 -27.13 -30.81
C THR A 426 -2.24 -28.50 -30.09
N LEU A 427 -1.19 -29.27 -30.37
CA LEU A 427 -1.13 -30.64 -29.78
C LEU A 427 -0.63 -30.63 -28.39
N THR A 428 -1.34 -31.25 -27.44
CA THR A 428 -0.95 -31.24 -26.02
C THR A 428 -0.63 -32.63 -25.67
N TYR A 429 -0.08 -32.80 -24.48
CA TYR A 429 0.20 -34.07 -23.86
C TYR A 429 -1.03 -34.90 -23.80
N ASN A 430 -2.11 -34.36 -23.26
CA ASN A 430 -3.33 -35.14 -23.14
C ASN A 430 -3.92 -35.49 -24.56
N ASP A 431 -3.67 -34.69 -25.58
CA ASP A 431 -4.07 -35.02 -26.92
C ASP A 431 -3.33 -36.32 -27.41
N VAL A 432 -2.05 -36.46 -27.10
CA VAL A 432 -1.30 -37.56 -27.57
C VAL A 432 -1.81 -38.77 -26.80
N LEU A 433 -1.94 -38.61 -25.50
CA LEU A 433 -2.44 -39.68 -24.68
C LEU A 433 -3.83 -40.19 -25.23
N ARG A 434 -4.73 -39.26 -25.48
CA ARG A 434 -6.10 -39.58 -25.85
C ARG A 434 -6.11 -40.18 -27.29
N SER A 435 -5.19 -39.72 -28.14
CA SER A 435 -5.13 -40.19 -29.52
C SER A 435 -4.86 -41.68 -29.51
N ILE A 436 -4.00 -42.10 -28.62
CA ILE A 436 -3.67 -43.46 -28.44
C ILE A 436 -4.73 -44.25 -27.66
N TYR A 437 -5.17 -43.69 -26.54
CA TYR A 437 -6.23 -44.32 -25.74
C TYR A 437 -7.47 -44.56 -26.67
N ASP A 438 -7.79 -43.57 -27.46
CA ASP A 438 -9.01 -43.63 -28.23
C ASP A 438 -8.92 -44.63 -29.43
N ALA A 439 -7.72 -44.71 -30.05
CA ALA A 439 -7.47 -45.73 -31.01
C ALA A 439 -7.67 -47.10 -30.45
N LEU A 440 -7.13 -47.41 -29.26
CA LEU A 440 -7.34 -48.64 -28.67
C LEU A 440 -8.81 -48.95 -28.38
N PHE A 441 -9.49 -47.98 -27.82
CA PHE A 441 -10.91 -48.08 -27.56
C PHE A 441 -11.64 -48.43 -28.85
N GLU A 442 -11.30 -47.80 -29.96
CA GLU A 442 -11.93 -48.07 -31.23
C GLU A 442 -11.67 -49.48 -31.75
N LEU A 443 -10.57 -50.05 -31.29
CA LEU A 443 -10.21 -51.45 -31.62
C LEU A 443 -10.71 -52.49 -30.60
N ASN A 444 -11.47 -52.05 -29.57
CA ASN A 444 -11.94 -52.93 -28.55
C ASN A 444 -10.83 -53.54 -27.79
N VAL A 445 -9.78 -52.76 -27.56
CA VAL A 445 -8.71 -53.29 -26.68
C VAL A 445 -8.74 -52.45 -25.44
N GLU A 446 -8.72 -53.09 -24.28
CA GLU A 446 -8.85 -52.41 -22.99
C GLU A 446 -7.45 -52.27 -22.38
N VAL A 447 -7.27 -51.18 -21.64
CA VAL A 447 -5.98 -50.81 -21.03
C VAL A 447 -6.10 -50.52 -19.57
N ASP A 448 -5.04 -50.83 -18.82
CA ASP A 448 -4.75 -50.19 -17.55
C ASP A 448 -3.83 -48.95 -17.73
N PHE A 449 -3.87 -48.01 -16.77
CA PHE A 449 -2.87 -46.94 -16.70
C PHE A 449 -1.91 -47.33 -15.60
N LEU A 450 -0.64 -46.99 -15.84
CA LEU A 450 0.39 -47.13 -14.84
C LEU A 450 1.08 -45.75 -14.69
N PRO A 451 1.50 -45.42 -13.45
CA PRO A 451 2.40 -44.28 -13.35
C PRO A 451 3.71 -44.65 -14.06
N ALA A 452 4.41 -43.64 -14.59
CA ALA A 452 5.60 -43.88 -15.35
C ALA A 452 6.69 -44.45 -14.50
N ASP A 453 6.64 -44.25 -13.18
CA ASP A 453 7.60 -44.87 -12.28
C ASP A 453 7.09 -46.17 -11.72
N ALA A 454 6.26 -46.90 -12.49
CA ALA A 454 5.82 -48.21 -12.03
C ALA A 454 6.99 -49.20 -11.79
N SER A 455 6.82 -50.08 -10.83
CA SER A 455 7.86 -51.07 -10.47
C SER A 455 8.05 -52.06 -11.61
N ALA A 456 9.17 -52.76 -11.57
CA ALA A 456 9.49 -53.86 -12.48
C ALA A 456 8.40 -54.92 -12.45
N ASP A 457 7.89 -55.26 -11.26
CA ASP A 457 6.84 -56.29 -11.13
C ASP A 457 5.58 -55.77 -11.81
N GLN A 458 5.28 -54.49 -11.65
CA GLN A 458 4.06 -54.00 -12.29
C GLN A 458 4.24 -54.00 -13.76
N LEU A 459 5.38 -53.52 -14.24
CA LEU A 459 5.53 -53.50 -15.71
C LEU A 459 5.40 -54.89 -16.37
N ALA A 460 5.90 -55.87 -15.65
CA ALA A 460 6.11 -57.22 -16.12
C ALA A 460 4.80 -57.96 -16.41
N GLY A 461 3.72 -57.51 -15.76
CA GLY A 461 2.39 -58.02 -16.00
C GLY A 461 1.82 -57.73 -17.37
N TYR A 462 2.42 -56.83 -18.14
CA TYR A 462 1.77 -56.41 -19.33
C TYR A 462 2.53 -56.88 -20.56
N SER A 463 1.79 -57.19 -21.64
CA SER A 463 2.42 -57.64 -22.90
C SER A 463 2.82 -56.50 -23.81
N LEU A 464 2.07 -55.39 -23.79
CA LEU A 464 2.41 -54.20 -24.48
C LEU A 464 2.35 -53.03 -23.47
N VAL A 465 3.44 -52.24 -23.41
CA VAL A 465 3.50 -50.97 -22.57
C VAL A 465 3.72 -49.82 -23.52
N ILE A 466 2.82 -48.84 -23.46
CA ILE A 466 2.86 -47.70 -24.32
C ILE A 466 3.29 -46.45 -23.53
N ALA A 467 4.18 -45.65 -24.09
CA ALA A 467 4.72 -44.44 -23.43
C ALA A 467 4.41 -43.27 -24.34
N PRO A 468 3.27 -42.56 -24.09
CA PRO A 468 2.85 -41.44 -24.91
C PRO A 468 3.47 -40.13 -24.39
N ALA A 469 4.32 -39.54 -25.24
CA ALA A 469 5.02 -38.27 -25.02
C ALA A 469 5.50 -38.21 -23.56
N LEU A 470 6.26 -39.23 -23.18
CA LEU A 470 6.70 -39.44 -21.84
C LEU A 470 8.02 -38.58 -21.65
N TYR A 471 7.85 -37.29 -21.79
CA TYR A 471 8.92 -36.34 -22.02
C TYR A 471 10.02 -36.33 -20.93
N THR A 472 9.63 -36.43 -19.63
CA THR A 472 10.55 -36.34 -18.52
C THR A 472 10.35 -37.52 -17.64
N THR A 473 11.46 -38.18 -17.31
CA THR A 473 11.58 -39.20 -16.38
C THR A 473 12.94 -39.11 -15.66
N ASP A 474 13.06 -39.86 -14.58
CA ASP A 474 14.35 -40.16 -13.93
C ASP A 474 15.07 -41.31 -14.65
N GLN A 475 16.33 -41.49 -14.31
CA GLN A 475 17.17 -42.49 -14.97
C GLN A 475 16.68 -43.92 -14.60
N GLN A 476 16.18 -44.09 -13.40
CA GLN A 476 15.75 -45.36 -12.92
C GLN A 476 14.55 -45.86 -13.75
N THR A 477 13.72 -44.95 -14.17
CA THR A 477 12.58 -45.30 -14.95
C THR A 477 13.01 -45.83 -16.34
N ILE A 478 13.98 -45.16 -16.97
CA ILE A 478 14.54 -45.59 -18.19
C ILE A 478 15.09 -46.99 -18.03
N ASP A 479 15.85 -47.21 -16.98
CA ASP A 479 16.47 -48.51 -16.77
C ASP A 479 15.37 -49.63 -16.58
N ARG A 480 14.29 -49.31 -15.87
CA ARG A 480 13.24 -50.31 -15.69
C ARG A 480 12.61 -50.69 -17.00
N LEU A 481 12.42 -49.71 -17.86
CA LEU A 481 11.78 -49.97 -19.12
C LEU A 481 12.67 -50.80 -20.07
N ALA A 482 13.97 -50.52 -20.05
CA ALA A 482 14.96 -51.33 -20.79
C ALA A 482 14.92 -52.77 -20.34
N ARG A 483 14.92 -52.97 -19.03
CA ARG A 483 14.83 -54.25 -18.48
C ARG A 483 13.47 -54.98 -18.82
N TYR A 484 12.38 -54.22 -18.87
CA TYR A 484 11.08 -54.76 -19.21
C TYR A 484 11.19 -55.37 -20.63
N VAL A 485 11.77 -54.60 -21.55
CA VAL A 485 11.92 -55.03 -22.93
C VAL A 485 12.79 -56.27 -23.01
N LYS A 486 13.96 -56.20 -22.38
CA LYS A 486 14.89 -57.29 -22.36
C LYS A 486 14.25 -58.59 -21.95
N ASN A 487 13.38 -58.55 -20.95
CA ASN A 487 12.81 -59.74 -20.39
C ASN A 487 11.62 -60.25 -21.22
N GLY A 488 11.33 -59.61 -22.33
CA GLY A 488 10.28 -60.07 -23.20
C GLY A 488 9.12 -59.13 -23.40
N GLY A 489 9.16 -57.94 -22.81
CA GLY A 489 8.09 -56.98 -23.05
C GLY A 489 8.15 -56.36 -24.42
N HIS A 490 7.04 -55.72 -24.80
CA HIS A 490 6.97 -54.89 -25.94
C HIS A 490 6.67 -53.47 -25.52
N LEU A 491 7.59 -52.56 -25.83
CA LEU A 491 7.48 -51.13 -25.46
C LEU A 491 7.27 -50.37 -26.71
N LEU A 492 6.29 -49.48 -26.72
CA LEU A 492 6.03 -48.61 -27.79
C LEU A 492 6.02 -47.20 -27.27
N ALA A 493 6.83 -46.28 -27.84
CA ALA A 493 6.96 -44.91 -27.33
C ALA A 493 6.73 -44.06 -28.48
N THR A 494 6.24 -42.87 -28.19
CA THR A 494 6.04 -41.88 -29.21
C THR A 494 7.07 -40.77 -29.08
N MET A 495 7.10 -39.94 -30.11
CA MET A 495 7.92 -38.77 -30.14
C MET A 495 7.77 -37.94 -28.87
N ARG A 496 8.85 -37.26 -28.53
CA ARG A 496 8.95 -36.40 -27.35
C ARG A 496 8.93 -37.24 -26.09
N SER A 497 9.44 -38.45 -26.14
CA SER A 497 9.61 -39.22 -24.95
C SER A 497 11.10 -39.34 -24.55
N PHE A 498 11.36 -39.46 -23.23
CA PHE A 498 12.67 -39.66 -22.60
C PHE A 498 13.65 -38.54 -22.98
N VAL A 499 13.10 -37.40 -23.25
CA VAL A 499 13.91 -36.23 -23.65
C VAL A 499 14.68 -35.61 -22.51
N ALA A 500 14.05 -35.56 -21.35
CA ALA A 500 14.64 -34.81 -20.17
C ALA A 500 14.60 -35.61 -18.93
N ASP A 501 15.50 -35.25 -18.01
CA ASP A 501 15.59 -35.83 -16.71
C ASP A 501 14.48 -35.26 -15.79
N GLU A 502 14.44 -35.75 -14.55
CA GLU A 502 13.41 -35.35 -13.63
C GLU A 502 13.41 -33.87 -13.25
N ASN A 503 14.44 -33.12 -13.61
CA ASN A 503 14.43 -31.66 -13.40
C ASN A 503 14.10 -30.92 -14.66
N VAL A 504 13.58 -31.67 -15.66
CA VAL A 504 13.27 -31.14 -16.99
C VAL A 504 14.53 -30.55 -17.62
N LYS A 505 15.65 -31.19 -17.39
CA LYS A 505 16.88 -30.80 -18.09
C LYS A 505 17.08 -31.83 -19.24
N VAL A 506 17.13 -31.35 -20.45
CA VAL A 506 17.25 -32.27 -21.63
C VAL A 506 18.60 -33.00 -21.45
N TRP A 507 18.58 -34.32 -21.44
CA TRP A 507 19.82 -35.12 -21.40
C TRP A 507 20.87 -34.66 -22.42
N HIS A 508 22.14 -34.77 -22.04
CA HIS A 508 23.13 -34.24 -22.95
C HIS A 508 23.99 -35.33 -23.67
N ASP A 509 23.50 -36.55 -23.61
CA ASP A 509 24.03 -37.59 -24.50
C ASP A 509 23.09 -37.96 -25.65
N LYS A 510 23.33 -39.06 -26.32
CA LYS A 510 22.55 -39.38 -27.52
C LYS A 510 21.11 -39.79 -27.13
N ALA A 511 20.18 -39.19 -27.85
CA ALA A 511 18.75 -39.51 -27.63
C ALA A 511 18.28 -40.71 -28.51
N PRO A 512 17.41 -41.56 -27.99
CA PRO A 512 16.86 -41.48 -26.67
C PRO A 512 17.77 -41.94 -25.62
N HIS A 513 17.89 -41.10 -24.59
CA HIS A 513 18.84 -41.34 -23.46
C HIS A 513 18.88 -42.72 -22.91
N HIS A 514 20.04 -43.39 -23.05
CA HIS A 514 20.29 -44.74 -22.47
C HIS A 514 19.30 -45.80 -23.06
N LEU A 515 18.75 -45.49 -24.20
CA LEU A 515 17.83 -46.37 -24.88
C LEU A 515 18.14 -46.53 -26.38
N VAL A 516 19.28 -46.01 -26.83
CA VAL A 516 19.68 -46.04 -28.20
C VAL A 516 19.84 -47.49 -28.62
N ASP A 517 20.37 -48.29 -27.73
CA ASP A 517 20.52 -49.71 -28.02
C ASP A 517 19.22 -50.52 -27.90
N ILE A 518 18.26 -49.99 -27.14
CA ILE A 518 16.97 -50.68 -26.91
C ILE A 518 16.09 -50.42 -28.16
N PHE A 519 15.92 -49.18 -28.55
CA PHE A 519 15.18 -48.89 -29.73
C PHE A 519 15.94 -49.05 -31.07
N GLY A 520 17.26 -49.26 -31.02
CA GLY A 520 18.10 -49.40 -32.18
C GLY A 520 18.01 -48.22 -33.08
N MET A 521 17.97 -47.01 -32.46
CA MET A 521 18.04 -45.78 -33.19
C MET A 521 18.52 -44.59 -32.35
N THR A 522 18.80 -43.48 -33.04
CA THR A 522 19.08 -42.24 -32.37
C THR A 522 18.52 -41.17 -33.26
N TYR A 523 18.19 -40.05 -32.64
CA TYR A 523 17.90 -38.90 -33.34
C TYR A 523 18.47 -37.64 -32.64
N ASN A 524 18.65 -36.56 -33.42
CA ASN A 524 19.02 -35.27 -32.88
C ASN A 524 18.57 -34.13 -33.68
N GLN A 525 17.60 -34.40 -34.57
CA GLN A 525 17.02 -33.39 -35.36
C GLN A 525 15.47 -33.64 -35.50
N PHE A 526 14.74 -32.56 -35.70
CA PHE A 526 13.23 -32.61 -35.76
C PHE A 526 12.73 -31.36 -36.36
N THR A 527 11.48 -31.39 -36.84
CA THR A 527 10.86 -30.20 -37.39
C THR A 527 9.32 -30.37 -37.42
N ARG A 528 8.65 -29.33 -37.85
CA ARG A 528 7.22 -29.30 -38.06
C ARG A 528 7.04 -29.60 -39.53
N PRO A 529 6.36 -30.69 -39.82
CA PRO A 529 6.40 -31.25 -41.16
C PRO A 529 5.53 -30.43 -42.11
N MET A 530 6.00 -30.12 -43.32
CA MET A 530 5.15 -29.49 -44.34
C MET A 530 5.06 -30.52 -45.50
N GLY A 531 3.86 -31.02 -45.77
CA GLY A 531 3.66 -32.00 -46.84
C GLY A 531 4.56 -33.24 -46.76
N VAL A 532 4.61 -33.90 -45.61
CA VAL A 532 5.40 -35.09 -45.41
C VAL A 532 4.45 -36.22 -45.18
N SER A 533 4.62 -37.29 -45.97
CA SER A 533 3.83 -38.46 -45.77
C SER A 533 4.75 -39.60 -45.58
N LEU A 534 4.17 -40.77 -45.34
CA LEU A 534 4.92 -41.93 -44.91
C LEU A 534 5.00 -43.03 -46.04
N LYS A 535 6.15 -43.70 -46.14
CA LYS A 535 6.39 -44.85 -47.07
C LYS A 535 6.59 -45.99 -46.18
N CYS A 536 5.80 -47.02 -46.38
CA CYS A 536 5.86 -48.16 -45.53
C CYS A 536 6.07 -49.40 -46.37
N PRO A 537 7.11 -50.12 -46.07
CA PRO A 537 7.40 -51.12 -47.09
C PRO A 537 6.70 -52.45 -46.85
N ASP A 538 6.35 -52.80 -45.63
CA ASP A 538 5.93 -54.17 -45.44
C ASP A 538 4.86 -54.42 -44.37
N THR A 539 5.31 -54.51 -43.14
CA THR A 539 4.43 -54.81 -42.05
C THR A 539 3.35 -53.78 -41.94
N LEU A 540 3.60 -52.53 -42.35
CA LEU A 540 2.64 -51.39 -42.26
C LEU A 540 2.20 -50.96 -43.59
N ALA A 541 2.03 -51.90 -44.51
CA ALA A 541 1.72 -51.55 -45.88
C ALA A 541 0.43 -50.76 -45.91
N ASP A 542 -0.48 -51.06 -45.01
CA ASP A 542 -1.78 -50.36 -44.92
C ASP A 542 -1.65 -48.88 -44.54
N LEU A 543 -0.50 -48.51 -43.99
CA LEU A 543 -0.24 -47.13 -43.64
C LEU A 543 0.37 -46.32 -44.76
N ALA A 544 0.80 -46.96 -45.86
CA ALA A 544 1.48 -46.24 -46.94
C ALA A 544 0.69 -45.05 -47.32
N GLY A 545 1.33 -43.91 -47.47
CA GLY A 545 0.62 -42.68 -47.81
C GLY A 545 0.12 -41.80 -46.64
N ALA A 546 -0.01 -42.35 -45.47
CA ALA A 546 -0.54 -41.57 -44.31
C ALA A 546 0.35 -40.33 -44.09
N SER A 547 -0.25 -39.28 -43.56
CA SER A 547 0.46 -38.04 -43.30
C SER A 547 1.25 -38.16 -41.96
N ALA A 548 2.42 -37.49 -41.93
CA ALA A 548 3.11 -37.19 -40.70
C ALA A 548 2.58 -35.84 -40.23
N ASN A 549 2.21 -35.77 -38.94
CA ASN A 549 1.59 -34.51 -38.44
C ASN A 549 2.29 -33.93 -37.24
N ASP A 550 2.22 -32.58 -37.22
CA ASP A 550 2.53 -31.77 -36.09
C ASP A 550 4.06 -31.62 -35.86
N PHE A 551 4.72 -32.75 -35.73
CA PHE A 551 6.15 -32.77 -35.42
C PHE A 551 6.70 -34.10 -35.94
N ILE A 552 7.90 -34.03 -36.51
CA ILE A 552 8.67 -35.20 -36.95
C ILE A 552 10.11 -35.20 -36.36
N GLU A 553 10.46 -36.32 -35.75
CA GLU A 553 11.81 -36.62 -35.34
C GLU A 553 12.54 -37.41 -36.45
N MET A 554 13.75 -36.98 -36.76
CA MET A 554 14.58 -37.61 -37.81
C MET A 554 15.29 -38.81 -37.26
N LEU A 555 14.60 -39.95 -37.24
CA LEU A 555 15.13 -41.13 -36.60
C LEU A 555 16.21 -41.77 -37.50
N SER A 556 17.36 -42.06 -36.90
CA SER A 556 18.51 -42.70 -37.56
C SER A 556 18.56 -44.06 -37.10
N PRO A 557 18.04 -44.96 -37.89
CA PRO A 557 18.03 -46.32 -37.39
C PRO A 557 19.41 -46.99 -37.46
N ALA A 558 19.69 -47.86 -36.54
CA ALA A 558 20.86 -48.63 -36.57
C ALA A 558 20.72 -49.59 -37.80
N PRO A 559 21.85 -50.07 -38.32
CA PRO A 559 21.83 -51.06 -39.40
C PRO A 559 20.97 -52.33 -39.09
N GLU A 560 20.90 -52.76 -37.86
CA GLU A 560 20.16 -53.91 -37.45
C GLU A 560 18.63 -53.67 -37.25
N THR A 561 18.16 -52.45 -37.36
CA THR A 561 16.80 -52.15 -36.92
C THR A 561 15.83 -52.35 -38.11
N HIS A 562 14.66 -52.83 -37.79
CA HIS A 562 13.54 -52.85 -38.76
C HIS A 562 12.79 -51.52 -38.87
N VAL A 563 12.88 -50.88 -40.00
CA VAL A 563 12.15 -49.67 -40.28
C VAL A 563 10.75 -49.95 -40.80
N LEU A 564 9.74 -49.49 -40.05
CA LEU A 564 8.31 -49.71 -40.44
C LEU A 564 7.76 -48.60 -41.28
N ALA A 565 8.38 -47.44 -41.22
CA ALA A 565 7.98 -46.36 -42.05
C ALA A 565 9.06 -45.33 -42.21
N TRP A 566 9.18 -44.76 -43.41
CA TRP A 566 10.18 -43.76 -43.73
C TRP A 566 9.42 -42.52 -44.06
N TYR A 567 10.05 -41.37 -43.89
CA TYR A 567 9.48 -40.15 -44.43
C TYR A 567 9.60 -40.15 -45.92
N ASP A 568 8.51 -39.72 -46.55
CA ASP A 568 8.41 -39.61 -47.96
C ASP A 568 8.46 -38.16 -48.23
N HIS A 569 9.69 -37.67 -48.45
CA HIS A 569 9.96 -36.24 -48.64
C HIS A 569 11.45 -36.14 -49.02
N TYR A 570 11.74 -35.38 -50.06
CA TYR A 570 13.16 -35.30 -50.53
C TYR A 570 14.20 -34.79 -49.51
N ALA A 571 13.82 -33.92 -48.58
CA ALA A 571 14.78 -33.57 -47.49
C ALA A 571 14.97 -34.59 -46.44
N TRP A 572 13.98 -35.43 -46.18
CA TRP A 572 13.99 -36.24 -44.97
C TRP A 572 13.98 -37.68 -45.21
N ASP A 573 14.03 -38.12 -46.48
CA ASP A 573 13.84 -39.59 -46.76
C ASP A 573 14.99 -40.50 -46.37
N SER A 574 16.11 -39.96 -45.87
CA SER A 574 17.08 -40.79 -45.16
C SER A 574 16.67 -41.20 -43.82
N TYR A 575 15.59 -40.62 -43.31
CA TYR A 575 15.21 -40.90 -41.90
C TYR A 575 13.93 -41.73 -41.77
N ALA A 576 13.88 -42.56 -40.75
CA ALA A 576 12.69 -43.29 -40.42
C ALA A 576 11.68 -42.43 -39.56
N ALA A 577 10.40 -42.80 -39.70
CA ALA A 577 9.30 -42.29 -38.88
C ALA A 577 8.94 -43.30 -37.79
N ILE A 578 9.04 -44.57 -38.10
CA ILE A 578 8.65 -45.59 -37.17
C ILE A 578 9.66 -46.74 -37.27
N THR A 579 10.19 -47.18 -36.12
CA THR A 579 11.18 -48.24 -36.04
C THR A 579 10.74 -49.20 -35.03
N ARG A 580 11.20 -50.46 -35.13
CA ARG A 580 11.13 -51.41 -34.06
C ARG A 580 12.37 -52.24 -34.03
N HIS A 581 12.74 -52.65 -32.83
CA HIS A 581 14.04 -53.32 -32.72
C HIS A 581 13.96 -54.31 -31.63
N ALA A 582 14.41 -55.54 -31.90
CA ALA A 582 14.51 -56.53 -30.89
C ALA A 582 15.65 -56.28 -29.90
N PHE A 583 15.43 -56.66 -28.66
CA PHE A 583 16.41 -56.42 -27.61
C PHE A 583 16.12 -57.42 -26.53
N GLY A 584 17.05 -58.33 -26.22
CA GLY A 584 16.72 -59.44 -25.33
C GLY A 584 15.57 -60.24 -25.97
N SER A 585 14.63 -60.73 -25.17
CA SER A 585 13.39 -61.42 -25.68
C SER A 585 12.26 -60.54 -26.14
N GLY A 586 12.38 -59.21 -26.01
CA GLY A 586 11.27 -58.34 -26.37
C GLY A 586 11.63 -57.46 -27.49
N ASP A 587 10.84 -56.43 -27.67
CA ASP A 587 11.17 -55.45 -28.66
C ASP A 587 10.69 -54.03 -28.33
N ALA A 588 11.15 -53.04 -29.10
CA ALA A 588 10.93 -51.61 -28.78
C ALA A 588 10.69 -50.85 -30.00
N GLN A 589 9.52 -50.20 -30.01
CA GLN A 589 9.07 -49.46 -31.12
C GLN A 589 8.93 -47.98 -30.81
N TRP A 590 9.32 -47.17 -31.78
CA TRP A 590 9.24 -45.75 -31.67
C TRP A 590 8.38 -45.21 -32.78
N VAL A 591 7.49 -44.28 -32.44
CA VAL A 591 6.78 -43.54 -33.47
C VAL A 591 7.13 -42.08 -33.36
N GLY A 592 7.83 -41.60 -34.41
CA GLY A 592 8.40 -40.23 -34.46
C GLY A 592 7.59 -39.11 -34.94
N THR A 593 6.26 -39.32 -34.96
CA THR A 593 5.35 -38.28 -35.47
C THR A 593 3.98 -38.46 -34.81
N GLN A 594 3.11 -37.52 -35.07
CA GLN A 594 1.72 -37.70 -34.71
C GLN A 594 0.93 -38.16 -35.93
N LEU A 595 0.08 -39.14 -35.66
CA LEU A 595 -0.71 -39.78 -36.70
C LEU A 595 -2.20 -39.35 -36.58
N GLN A 596 -2.90 -39.38 -37.71
CA GLN A 596 -4.37 -39.33 -37.70
C GLN A 596 -4.97 -40.54 -37.05
N ALA A 597 -6.26 -40.45 -36.72
CA ALA A 597 -6.93 -41.51 -35.97
C ALA A 597 -6.88 -42.88 -36.71
N ASP A 598 -7.13 -42.85 -38.01
CA ASP A 598 -7.15 -44.12 -38.78
C ASP A 598 -5.76 -44.75 -38.83
N ALA A 599 -4.78 -43.90 -39.03
CA ALA A 599 -3.33 -44.38 -38.95
C ALA A 599 -2.96 -44.90 -37.63
N TRP A 600 -3.44 -44.27 -36.53
CA TRP A 600 -3.17 -44.85 -35.22
C TRP A 600 -3.75 -46.19 -35.01
N ARG A 601 -4.97 -46.36 -35.52
CA ARG A 601 -5.56 -47.72 -35.44
C ARG A 601 -4.73 -48.79 -36.21
N THR A 602 -4.25 -48.42 -37.34
CA THR A 602 -3.36 -49.36 -38.17
C THR A 602 -2.09 -49.73 -37.42
N VAL A 603 -1.40 -48.68 -36.94
CA VAL A 603 -0.16 -48.89 -36.16
C VAL A 603 -0.40 -49.67 -34.96
N LEU A 604 -1.41 -49.35 -34.20
CA LEU A 604 -1.58 -50.09 -32.96
C LEU A 604 -2.14 -51.50 -33.15
N ALA A 605 -3.01 -51.70 -34.13
CA ALA A 605 -3.49 -53.09 -34.40
C ALA A 605 -2.26 -54.03 -34.75
N GLU A 606 -1.33 -53.48 -35.54
CA GLU A 606 -0.06 -54.21 -35.90
C GLU A 606 0.76 -54.44 -34.70
N ALA A 607 0.88 -53.42 -33.84
CA ALA A 607 1.66 -53.64 -32.63
C ALA A 607 1.08 -54.66 -31.73
N LEU A 608 -0.25 -54.68 -31.59
CA LEU A 608 -0.82 -55.70 -30.71
C LEU A 608 -0.61 -57.12 -31.28
N SER A 609 -0.73 -57.18 -32.58
CA SER A 609 -0.48 -58.46 -33.30
C SER A 609 1.00 -58.94 -33.10
N ASN A 610 1.96 -58.03 -33.31
CA ASN A 610 3.36 -58.25 -32.96
C ASN A 610 3.57 -58.73 -31.56
N ALA A 611 2.75 -58.17 -30.62
CA ALA A 611 2.82 -58.57 -29.20
C ALA A 611 2.00 -59.74 -28.80
N GLY A 612 1.20 -60.24 -29.71
CA GLY A 612 0.47 -61.44 -29.42
C GLY A 612 -0.78 -61.20 -28.57
N VAL A 613 -1.33 -59.98 -28.65
CA VAL A 613 -2.45 -59.57 -27.75
C VAL A 613 -3.74 -59.72 -28.52
N HIS A 614 -4.59 -60.56 -28.03
CA HIS A 614 -5.89 -60.71 -28.62
C HIS A 614 -6.92 -60.69 -27.50
N THR A 615 -8.06 -60.08 -27.79
CA THR A 615 -9.21 -60.17 -26.89
C THR A 615 -10.48 -60.29 -27.71
N PRO A 616 -11.48 -61.07 -27.18
CA PRO A 616 -12.75 -61.20 -27.87
C PRO A 616 -13.38 -59.86 -28.06
N GLY A 617 -13.91 -59.60 -29.22
CA GLY A 617 -14.44 -58.25 -29.53
C GLY A 617 -13.59 -57.42 -30.45
N MET A 618 -12.29 -57.82 -30.52
CA MET A 618 -11.39 -57.20 -31.54
C MET A 618 -11.93 -57.30 -32.93
N GLU A 619 -12.59 -58.43 -33.18
CA GLU A 619 -13.24 -58.61 -34.49
C GLU A 619 -14.46 -57.71 -34.76
N LEU A 620 -14.97 -57.08 -33.71
CA LEU A 620 -16.14 -56.23 -33.82
C LEU A 620 -15.83 -54.76 -33.83
N ALA A 621 -14.54 -54.48 -33.98
CA ALA A 621 -14.05 -53.14 -33.94
C ALA A 621 -14.77 -52.30 -34.91
N GLY A 622 -15.23 -51.16 -34.48
CA GLY A 622 -15.98 -50.28 -35.38
C GLY A 622 -17.48 -50.63 -35.55
N THR A 623 -17.94 -51.75 -35.01
CA THR A 623 -19.37 -52.13 -35.04
C THR A 623 -20.08 -51.95 -33.73
N VAL A 624 -19.48 -52.46 -32.68
CA VAL A 624 -20.07 -52.31 -31.39
C VAL A 624 -18.95 -52.31 -30.36
N CYS A 625 -19.17 -51.60 -29.25
CA CYS A 625 -18.21 -51.59 -28.14
C CYS A 625 -18.32 -52.81 -27.29
N VAL A 626 -17.20 -53.48 -27.05
CA VAL A 626 -17.19 -54.64 -26.18
C VAL A 626 -16.16 -54.44 -25.07
N ARG A 627 -16.55 -54.60 -23.79
CA ARG A 627 -15.66 -54.43 -22.66
C ARG A 627 -16.07 -55.46 -21.70
N SER A 628 -15.14 -56.04 -20.96
CA SER A 628 -15.43 -57.24 -20.20
C SER A 628 -14.62 -57.37 -18.96
N GLY A 629 -15.02 -58.33 -18.16
CA GLY A 629 -14.30 -58.70 -17.00
C GLY A 629 -14.83 -60.01 -16.40
N THR A 630 -14.48 -60.28 -15.14
CA THR A 630 -14.83 -61.49 -14.40
C THR A 630 -15.49 -61.04 -13.13
N ASN A 631 -16.56 -61.72 -12.72
CA ASN A 631 -17.32 -61.26 -11.57
C ASN A 631 -16.96 -62.05 -10.37
N THR A 632 -17.67 -61.82 -9.27
CA THR A 632 -17.22 -62.47 -8.07
C THR A 632 -17.58 -63.97 -8.05
N ALA A 633 -18.44 -64.45 -8.95
CA ALA A 633 -18.58 -65.92 -9.07
C ALA A 633 -17.51 -66.50 -9.99
N GLY A 634 -16.67 -65.67 -10.60
CA GLY A 634 -15.67 -66.15 -11.50
C GLY A 634 -16.17 -66.33 -12.93
N ASP A 635 -17.37 -65.83 -13.25
CA ASP A 635 -17.84 -65.84 -14.60
C ASP A 635 -17.37 -64.62 -15.40
N THR A 636 -17.13 -64.82 -16.68
CA THR A 636 -16.91 -63.77 -17.64
C THR A 636 -18.15 -62.96 -17.86
N VAL A 637 -17.96 -61.66 -17.93
CA VAL A 637 -19.03 -60.69 -18.20
C VAL A 637 -18.60 -59.87 -19.40
N THR A 638 -19.38 -59.97 -20.46
CA THR A 638 -19.09 -59.21 -21.65
C THR A 638 -20.16 -58.24 -21.97
N TYR A 639 -19.82 -56.96 -21.87
CA TYR A 639 -20.77 -55.88 -22.26
C TYR A 639 -20.74 -55.64 -23.72
N LEU A 640 -21.94 -55.40 -24.29
CA LEU A 640 -22.10 -54.99 -25.64
C LEU A 640 -22.81 -53.71 -25.70
N LEU A 641 -22.12 -52.71 -26.18
CA LEU A 641 -22.54 -51.34 -25.98
C LEU A 641 -22.61 -50.67 -27.30
N ASN A 642 -23.81 -50.26 -27.77
CA ASN A 642 -23.93 -49.66 -29.06
C ASN A 642 -23.95 -48.15 -29.05
N TYR A 643 -22.77 -47.55 -29.21
CA TYR A 643 -22.62 -46.08 -29.19
C TYR A 643 -22.96 -45.51 -30.55
N SER A 644 -24.21 -45.71 -31.00
CA SER A 644 -24.64 -45.11 -32.28
C SER A 644 -26.15 -44.99 -32.31
N GLY A 645 -26.61 -44.13 -33.20
CA GLY A 645 -28.03 -43.87 -33.34
C GLY A 645 -28.77 -44.77 -34.32
N SER A 646 -28.13 -45.85 -34.74
CA SER A 646 -28.75 -46.91 -35.56
C SER A 646 -28.70 -48.28 -34.87
N PRO A 647 -29.67 -49.14 -35.20
CA PRO A 647 -29.66 -50.51 -34.75
C PRO A 647 -28.44 -51.18 -35.44
N ILE A 648 -27.86 -52.21 -34.84
CA ILE A 648 -26.70 -52.84 -35.45
C ILE A 648 -26.90 -54.36 -35.37
N THR A 649 -26.31 -55.08 -36.32
CA THR A 649 -26.28 -56.56 -36.20
C THR A 649 -24.84 -57.07 -36.22
N PHE A 650 -24.52 -58.09 -35.44
CA PHE A 650 -23.15 -58.55 -35.41
C PHE A 650 -23.18 -59.91 -34.77
N ARG A 651 -22.05 -60.59 -34.78
CA ARG A 651 -21.96 -61.89 -34.18
C ARG A 651 -21.48 -61.86 -32.75
N ALA A 652 -22.15 -62.62 -31.92
CA ALA A 652 -21.82 -62.65 -30.53
C ALA A 652 -20.37 -63.00 -30.31
N PRO A 653 -19.68 -62.20 -29.47
CA PRO A 653 -18.24 -62.48 -29.21
C PRO A 653 -17.95 -63.46 -28.10
N ALA A 654 -19.00 -63.92 -27.41
CA ALA A 654 -18.83 -64.87 -26.36
C ALA A 654 -20.13 -65.69 -26.23
N SER A 655 -20.07 -66.76 -25.45
CA SER A 655 -21.12 -67.73 -25.25
C SER A 655 -21.55 -67.61 -23.85
N GLY A 656 -22.85 -67.81 -23.61
CA GLY A 656 -23.33 -67.90 -22.25
C GLY A 656 -24.79 -67.44 -22.29
N THR A 657 -25.14 -66.45 -21.49
CA THR A 657 -26.51 -66.00 -21.39
C THR A 657 -26.65 -64.45 -21.39
N PHE A 658 -27.60 -63.95 -22.15
CA PHE A 658 -27.93 -62.56 -22.12
C PHE A 658 -28.58 -62.23 -20.75
N LEU A 659 -27.92 -61.35 -20.01
CA LEU A 659 -28.34 -60.98 -18.68
C LEU A 659 -29.56 -59.98 -18.71
N LEU A 660 -29.62 -59.05 -19.68
CA LEU A 660 -30.62 -58.04 -19.65
C LEU A 660 -31.82 -58.33 -20.55
N GLY A 661 -31.57 -58.89 -21.73
CA GLY A 661 -32.54 -58.82 -22.81
C GLY A 661 -32.57 -57.46 -23.44
N HIS A 662 -33.05 -57.41 -24.66
CA HIS A 662 -33.01 -56.23 -25.48
C HIS A 662 -34.02 -56.36 -26.59
N PRO A 663 -34.51 -55.27 -27.11
CA PRO A 663 -35.54 -55.34 -28.17
C PRO A 663 -35.18 -56.10 -29.44
N VAL A 671 -35.59 -60.23 -27.54
CA VAL A 671 -34.72 -61.21 -26.82
C VAL A 671 -34.86 -61.00 -25.36
N THR A 672 -35.24 -62.00 -24.59
CA THR A 672 -35.52 -61.72 -23.18
C THR A 672 -34.42 -62.04 -22.19
N ALA A 673 -34.52 -61.54 -20.97
CA ALA A 673 -33.48 -61.82 -20.03
C ALA A 673 -33.36 -63.35 -19.91
N GLU A 674 -32.13 -63.83 -19.71
CA GLU A 674 -31.80 -65.22 -19.48
C GLU A 674 -31.96 -66.13 -20.73
N THR A 675 -31.99 -65.54 -21.93
CA THR A 675 -31.88 -66.24 -23.19
C THR A 675 -30.40 -66.69 -23.50
N PRO A 676 -30.18 -67.98 -23.81
CA PRO A 676 -28.78 -68.43 -23.99
C PRO A 676 -28.30 -67.96 -25.34
N VAL A 677 -26.97 -67.80 -25.50
CA VAL A 677 -26.35 -67.37 -26.79
C VAL A 677 -24.99 -68.09 -26.92
N THR A 678 -24.64 -68.31 -28.16
CA THR A 678 -23.39 -68.95 -28.49
C THR A 678 -22.56 -68.00 -29.34
N VAL A 679 -21.26 -67.97 -29.01
CA VAL A 679 -20.30 -67.17 -29.81
C VAL A 679 -20.54 -67.42 -31.29
N GLY A 680 -20.58 -66.37 -32.11
CA GLY A 680 -20.96 -66.49 -33.50
C GLY A 680 -22.43 -66.25 -33.84
N ASP A 681 -23.36 -66.40 -32.87
CA ASP A 681 -24.81 -66.14 -33.17
C ASP A 681 -25.08 -64.72 -33.62
N ALA A 682 -26.02 -64.52 -34.53
CA ALA A 682 -26.46 -63.21 -34.98
C ALA A 682 -27.02 -62.45 -33.70
N VAL A 683 -26.72 -61.16 -33.58
CA VAL A 683 -27.20 -60.30 -32.43
C VAL A 683 -27.59 -59.00 -33.07
N THR A 684 -28.73 -58.48 -32.63
CA THR A 684 -29.19 -57.15 -33.06
C THR A 684 -29.37 -56.30 -31.80
N LEU A 685 -28.85 -55.07 -31.82
CA LEU A 685 -29.13 -54.11 -30.70
C LEU A 685 -29.77 -52.92 -31.36
N PRO A 686 -30.78 -52.35 -30.69
CA PRO A 686 -31.32 -51.10 -31.19
C PRO A 686 -30.31 -49.94 -31.00
N ARG A 687 -30.62 -48.78 -31.54
CA ARG A 687 -29.80 -47.57 -31.38
C ARG A 687 -29.59 -47.34 -29.86
N TRP A 688 -28.38 -47.00 -29.43
CA TRP A 688 -28.08 -46.78 -28.00
C TRP A 688 -28.35 -47.92 -27.12
N GLY A 689 -28.37 -49.16 -27.70
CA GLY A 689 -28.75 -50.40 -27.00
C GLY A 689 -27.61 -51.01 -26.25
N VAL A 690 -27.96 -51.96 -25.40
CA VAL A 690 -27.00 -52.65 -24.62
C VAL A 690 -27.52 -54.04 -24.19
N ASP A 691 -26.61 -55.01 -24.08
CA ASP A 691 -26.88 -56.21 -23.35
C ASP A 691 -25.53 -56.75 -22.98
N ILE A 692 -25.54 -57.77 -22.17
CA ILE A 692 -24.43 -58.25 -21.47
C ILE A 692 -24.50 -59.77 -21.57
N ILE A 693 -23.40 -60.41 -21.98
CA ILE A 693 -23.31 -61.87 -21.91
C ILE A 693 -22.55 -62.30 -20.75
N VAL A 694 -23.16 -63.16 -19.95
CA VAL A 694 -22.50 -63.77 -18.85
C VAL A 694 -22.23 -65.23 -19.14
N GLY A 695 -21.03 -65.70 -18.80
CA GLY A 695 -20.55 -67.05 -19.22
C GLY A 695 -21.01 -68.03 -18.20
N ARG A 696 -22.31 -68.23 -18.24
CA ARG A 696 -23.00 -69.31 -17.49
C ARG A 696 -24.29 -69.64 -18.26
N GLN A 697 -24.92 -70.74 -17.83
CA GLN A 697 -26.26 -71.11 -18.34
C GLN A 697 -27.36 -70.27 -17.66
N PRO A 698 -28.58 -70.16 -18.28
CA PRO A 698 -29.72 -69.45 -17.63
C PRO A 698 -30.01 -69.93 -16.20
N THR A 699 -30.60 -69.08 -15.38
CA THR A 699 -30.94 -69.45 -14.00
C THR A 699 -32.45 -69.63 -13.94
N PRO B 8 -33.75 42.07 25.04
CA PRO B 8 -33.17 41.89 26.33
C PRO B 8 -31.83 41.11 26.12
N ILE B 9 -30.97 41.12 27.14
CA ILE B 9 -29.72 40.37 27.18
C ILE B 9 -30.01 38.83 27.07
N LEU B 10 -29.37 38.12 26.14
CA LEU B 10 -29.46 36.64 26.06
C LEU B 10 -28.85 35.98 27.26
N PHE B 11 -29.57 35.02 27.85
CA PHE B 11 -29.03 34.31 28.98
C PHE B 11 -29.48 32.88 28.82
N GLY B 12 -28.54 31.94 28.74
CA GLY B 12 -28.95 30.55 28.60
C GLY B 12 -27.87 29.49 28.60
N ALA B 13 -28.15 28.42 27.85
CA ALA B 13 -27.35 27.24 27.85
C ALA B 13 -27.48 26.45 26.57
N ALA B 14 -26.40 25.73 26.22
CA ALA B 14 -26.50 24.71 25.18
C ALA B 14 -27.33 23.63 25.80
N TYR B 15 -28.22 23.05 25.00
CA TYR B 15 -29.02 21.91 25.50
C TYR B 15 -29.00 20.71 24.55
N TYR B 16 -28.71 19.53 25.09
CA TYR B 16 -28.56 18.29 24.37
C TYR B 16 -29.61 17.26 24.73
N ASP B 17 -30.79 17.43 24.13
CA ASP B 17 -31.86 16.43 24.25
C ASP B 17 -31.35 15.08 23.73
N GLU B 18 -30.49 15.13 22.73
CA GLU B 18 -29.83 13.92 22.21
C GLU B 18 -29.01 13.15 23.16
N TYR B 19 -28.51 13.81 24.22
CA TYR B 19 -27.62 13.13 25.17
C TYR B 19 -28.30 12.62 26.44
N ILE B 20 -29.53 13.06 26.67
CA ILE B 20 -30.24 12.82 27.95
C ILE B 20 -30.69 11.40 27.92
N PRO B 21 -30.41 10.62 28.98
CA PRO B 21 -30.80 9.25 29.00
C PRO B 21 -32.22 9.04 28.55
N ARG B 22 -32.37 8.07 27.67
CA ARG B 22 -33.64 7.85 26.99
C ARG B 22 -34.76 7.27 27.89
N ASP B 23 -34.40 6.64 29.01
CA ASP B 23 -35.42 6.22 29.95
C ASP B 23 -36.09 7.45 30.63
N LEU B 24 -35.55 8.64 30.53
CA LEU B 24 -36.16 9.78 31.18
C LEU B 24 -37.14 10.40 30.27
N ASP B 25 -38.06 11.16 30.83
CA ASP B 25 -38.87 12.10 30.06
C ASP B 25 -38.91 13.47 30.76
N ARG B 26 -37.91 14.32 30.63
CA ARG B 26 -37.77 15.44 31.54
C ARG B 26 -37.59 16.72 30.75
N ILE B 27 -37.78 16.71 29.42
CA ILE B 27 -37.49 17.91 28.67
C ILE B 27 -38.28 19.11 29.25
N ASP B 28 -39.54 18.90 29.64
CA ASP B 28 -40.31 20.04 30.14
C ASP B 28 -39.83 20.42 31.50
N THR B 29 -39.30 19.49 32.29
CA THR B 29 -38.77 19.83 33.55
C THR B 29 -37.53 20.71 33.38
N ASP B 30 -36.72 20.44 32.35
CA ASP B 30 -35.55 21.21 32.12
C ASP B 30 -35.97 22.58 31.73
N MET B 31 -36.97 22.69 30.85
CA MET B 31 -37.37 24.03 30.41
C MET B 31 -37.93 24.84 31.61
N GLU B 32 -38.65 24.18 32.51
CA GLU B 32 -39.15 24.85 33.74
C GLU B 32 -38.00 25.39 34.55
N MET B 33 -37.00 24.52 34.78
CA MET B 33 -35.86 24.90 35.58
C MET B 33 -35.12 26.07 34.96
N MET B 34 -35.06 26.06 33.63
CA MET B 34 -34.45 27.16 32.92
C MET B 34 -35.20 28.47 33.11
N THR B 35 -36.51 28.38 32.86
CA THR B 35 -37.36 29.56 33.02
C THR B 35 -37.25 30.17 34.44
N ARG B 36 -37.14 29.34 35.44
CA ARG B 36 -37.09 29.80 36.80
C ARG B 36 -35.80 30.57 37.06
N ALA B 37 -34.77 30.20 36.32
CA ALA B 37 -33.40 30.81 36.39
C ALA B 37 -33.26 31.98 35.52
N GLY B 38 -34.34 32.33 34.83
CA GLY B 38 -34.31 33.50 33.92
C GLY B 38 -33.64 33.23 32.55
N ILE B 39 -33.45 31.94 32.20
CA ILE B 39 -32.91 31.59 30.91
C ILE B 39 -33.92 31.88 29.81
N ASN B 40 -33.49 32.57 28.75
CA ASN B 40 -34.34 32.90 27.67
C ASN B 40 -33.91 32.32 26.34
N VAL B 41 -32.84 31.50 26.33
CA VAL B 41 -32.29 30.96 25.09
C VAL B 41 -31.55 29.63 25.35
N ILE B 42 -31.72 28.72 24.38
CA ILE B 42 -30.95 27.50 24.27
C ILE B 42 -30.27 27.39 22.89
N ARG B 43 -29.16 26.67 22.85
CA ARG B 43 -28.44 26.35 21.63
C ARG B 43 -28.51 24.87 21.45
N ILE B 44 -28.89 24.49 20.21
CA ILE B 44 -29.04 23.11 19.89
C ILE B 44 -28.46 22.75 18.52
N GLY B 45 -28.18 21.47 18.41
CA GLY B 45 -28.04 20.77 17.16
C GLY B 45 -26.61 20.49 16.61
N GLU B 46 -25.60 21.21 17.11
CA GLU B 46 -24.31 21.27 16.45
C GLU B 46 -23.46 19.98 16.58
N SER B 47 -23.71 19.13 17.59
CA SER B 47 -22.81 18.00 17.94
C SER B 47 -23.33 16.62 17.61
N THR B 48 -24.45 16.58 16.90
CA THR B 48 -25.22 15.38 16.72
C THR B 48 -25.64 15.10 15.27
N TRP B 49 -24.71 15.24 14.32
CA TRP B 49 -25.00 14.93 12.87
C TRP B 49 -25.58 13.49 12.79
N SER B 50 -24.96 12.56 13.47
CA SER B 50 -25.32 11.14 13.37
C SER B 50 -26.67 10.78 14.04
N THR B 51 -27.24 11.73 14.77
CA THR B 51 -28.57 11.61 15.36
C THR B 51 -29.60 12.07 14.37
N CYS B 52 -29.34 13.18 13.71
CA CYS B 52 -30.29 13.77 12.77
C CYS B 52 -30.22 13.31 11.37
N GLU B 53 -29.11 12.62 11.02
CA GLU B 53 -28.97 11.98 9.72
C GLU B 53 -28.38 10.64 10.02
N PRO B 54 -29.18 9.72 10.55
CA PRO B 54 -28.57 8.48 11.04
C PRO B 54 -28.04 7.54 9.96
N GLN B 55 -28.57 7.62 8.75
CA GLN B 55 -28.06 6.95 7.55
C GLN B 55 -28.03 7.95 6.42
N PRO B 56 -27.23 7.70 5.38
CA PRO B 56 -27.06 8.72 4.39
C PRO B 56 -28.39 9.07 3.70
N GLY B 57 -28.72 10.34 3.65
CA GLY B 57 -29.94 10.83 3.08
C GLY B 57 -31.20 10.56 3.90
N HIS B 58 -31.10 10.04 5.12
CA HIS B 58 -32.30 9.76 5.94
C HIS B 58 -32.23 10.70 7.13
N PHE B 59 -33.14 11.65 7.14
CA PHE B 59 -33.13 12.72 8.18
C PHE B 59 -34.10 12.40 9.24
N ASP B 60 -33.71 12.52 10.50
CA ASP B 60 -34.59 12.30 11.60
C ASP B 60 -34.52 13.53 12.55
N TRP B 61 -35.55 14.36 12.46
CA TRP B 61 -35.67 15.56 13.28
C TRP B 61 -36.33 15.35 14.65
N THR B 62 -36.44 14.14 15.16
CA THR B 62 -37.13 13.86 16.41
C THR B 62 -36.58 14.78 17.49
N HIS B 63 -35.28 14.78 17.61
CA HIS B 63 -34.66 15.56 18.70
C HIS B 63 -34.62 17.07 18.54
N ILE B 64 -34.35 17.54 17.34
CA ILE B 64 -34.45 18.94 17.02
C ILE B 64 -35.88 19.44 17.28
N ASP B 65 -36.87 18.67 16.86
CA ASP B 65 -38.25 19.07 17.05
C ASP B 65 -38.69 19.02 18.50
N ARG B 66 -38.25 18.01 19.23
CA ARG B 66 -38.56 17.98 20.68
C ARG B 66 -38.09 19.29 21.37
N ALA B 67 -36.88 19.70 21.06
CA ALA B 67 -36.28 20.86 21.68
C ALA B 67 -37.00 22.12 21.24
N LEU B 68 -37.31 22.24 19.95
CA LEU B 68 -38.07 23.36 19.45
C LEU B 68 -39.50 23.46 20.09
N ASP B 69 -40.19 22.35 20.17
CA ASP B 69 -41.50 22.34 20.77
C ASP B 69 -41.47 22.63 22.29
N ALA B 70 -40.52 22.04 23.02
CA ALA B 70 -40.38 22.31 24.42
C ALA B 70 -39.97 23.76 24.70
N ALA B 71 -39.03 24.31 23.92
CA ALA B 71 -38.70 25.71 24.07
C ALA B 71 -39.90 26.64 23.76
N THR B 72 -40.56 26.37 22.66
CA THR B 72 -41.71 27.17 22.22
C THR B 72 -42.77 27.18 23.35
N ASN B 73 -43.07 26.01 23.91
CA ASN B 73 -44.01 25.87 25.01
C ASN B 73 -43.57 26.67 26.22
N ALA B 74 -42.29 26.80 26.46
CA ALA B 74 -41.80 27.52 27.65
C ALA B 74 -41.60 28.97 27.38
N GLY B 75 -41.74 29.41 26.12
CA GLY B 75 -41.34 30.78 25.79
C GLY B 75 -39.83 31.02 25.67
N ILE B 76 -39.02 29.96 25.50
CA ILE B 76 -37.55 30.11 25.37
C ILE B 76 -37.20 30.13 23.87
N ASN B 77 -36.21 30.95 23.49
CA ASN B 77 -35.80 31.08 22.15
C ASN B 77 -34.68 30.07 21.85
N VAL B 78 -34.33 29.94 20.58
CA VAL B 78 -33.39 28.87 20.14
C VAL B 78 -32.40 29.39 19.12
N ILE B 79 -31.12 29.09 19.34
CA ILE B 79 -30.08 29.23 18.35
C ILE B 79 -29.72 27.80 17.91
N VAL B 80 -29.78 27.61 16.62
CA VAL B 80 -29.57 26.29 16.04
C VAL B 80 -28.17 26.34 15.42
N GLY B 81 -27.34 25.37 15.80
CA GLY B 81 -26.00 25.19 15.25
C GLY B 81 -25.93 24.14 14.12
N THR B 82 -25.28 24.48 13.06
CA THR B 82 -25.05 23.42 12.04
C THR B 82 -24.07 22.31 12.53
N PRO B 83 -24.36 21.07 12.21
CA PRO B 83 -23.66 19.98 12.92
C PRO B 83 -22.43 19.44 12.19
N THR B 84 -21.75 20.29 11.47
CA THR B 84 -20.67 19.83 10.57
C THR B 84 -19.30 19.59 11.25
N TYR B 85 -19.09 19.92 12.53
CA TYR B 85 -17.73 19.81 13.18
C TYR B 85 -17.38 18.42 13.64
N ALA B 86 -18.37 17.49 13.53
CA ALA B 86 -18.24 16.10 13.89
C ALA B 86 -19.08 15.26 12.92
N VAL B 87 -18.47 14.26 12.34
CA VAL B 87 -19.03 13.51 11.22
C VAL B 87 -19.45 12.09 11.59
N PRO B 88 -20.46 11.58 10.92
CA PRO B 88 -21.00 10.27 11.19
C PRO B 88 -20.09 9.13 10.69
N THR B 89 -20.13 8.04 11.42
CA THR B 89 -19.49 6.78 11.02
C THR B 89 -19.82 6.33 9.59
N TRP B 90 -21.05 6.53 9.11
CA TRP B 90 -21.41 6.12 7.73
C TRP B 90 -20.75 6.98 6.70
N LEU B 91 -20.40 8.24 7.01
CA LEU B 91 -19.75 9.11 6.07
C LEU B 91 -18.24 8.71 5.86
N VAL B 92 -17.51 8.46 6.93
CA VAL B 92 -16.17 8.03 6.79
C VAL B 92 -16.04 6.60 6.27
N ALA B 93 -17.03 5.76 6.51
CA ALA B 93 -16.99 4.40 5.98
C ALA B 93 -17.02 4.46 4.47
N MET B 94 -17.76 5.38 3.89
CA MET B 94 -17.73 5.58 2.43
C MET B 94 -16.54 6.31 1.93
N TYR B 95 -16.14 7.35 2.67
CA TYR B 95 -15.15 8.32 2.25
C TYR B 95 -14.10 8.60 3.37
N PRO B 96 -13.08 7.75 3.50
CA PRO B 96 -12.08 7.96 4.57
C PRO B 96 -11.34 9.26 4.47
N ASP B 97 -11.23 9.84 3.29
CA ASP B 97 -10.57 11.12 3.17
C ASP B 97 -11.29 12.36 3.69
N VAL B 98 -12.53 12.13 4.17
CA VAL B 98 -13.18 13.10 4.99
C VAL B 98 -12.30 13.45 6.20
N LEU B 99 -11.54 12.49 6.72
CA LEU B 99 -10.60 12.77 7.81
C LEU B 99 -9.27 13.21 7.26
N ALA B 100 -8.67 14.24 7.86
CA ALA B 100 -7.46 14.84 7.33
C ALA B 100 -6.21 14.02 7.63
N THR B 101 -5.31 13.93 6.67
CA THR B 101 -3.88 13.61 7.00
C THR B 101 -3.31 14.77 7.70
N THR B 102 -2.57 14.51 8.78
CA THR B 102 -1.87 15.53 9.50
C THR B 102 -0.35 15.18 9.53
N PRO B 103 0.49 16.08 10.13
CA PRO B 103 1.90 15.71 10.30
C PRO B 103 2.07 14.47 11.10
N ALA B 104 1.12 14.14 11.95
CA ALA B 104 1.20 12.89 12.70
C ALA B 104 0.85 11.67 11.90
N GLY B 105 0.31 11.81 10.70
CA GLY B 105 0.07 10.69 9.80
C GLY B 105 -1.41 10.41 9.57
N GLU B 106 -1.76 9.13 9.38
CA GLU B 106 -3.12 8.79 8.99
C GLU B 106 -4.04 9.00 10.20
N PRO B 107 -5.26 9.46 9.95
CA PRO B 107 -6.22 9.74 11.00
C PRO B 107 -7.02 8.47 11.33
N HIS B 108 -7.72 8.48 12.43
CA HIS B 108 -8.53 7.36 12.91
C HIS B 108 -9.79 8.00 13.45
N TYR B 109 -10.91 7.41 13.05
CA TYR B 109 -12.22 7.93 13.41
C TYR B 109 -12.46 7.98 14.90
N GLY B 110 -13.14 9.05 15.33
CA GLY B 110 -13.67 9.13 16.67
C GLY B 110 -13.83 10.55 17.13
N ALA B 111 -12.72 11.28 17.18
CA ALA B 111 -12.71 12.64 17.72
C ALA B 111 -13.43 13.57 16.79
N ARG B 112 -14.04 14.61 17.34
CA ARG B 112 -14.54 15.70 16.54
C ARG B 112 -13.38 16.47 15.94
N GLN B 113 -13.67 17.22 14.89
CA GLN B 113 -12.70 18.24 14.40
C GLN B 113 -11.35 17.65 13.97
N ILE B 114 -11.45 16.50 13.26
CA ILE B 114 -10.24 15.89 12.59
C ILE B 114 -10.48 15.73 11.12
N MET B 115 -11.55 16.40 10.61
CA MET B 115 -11.88 16.45 9.21
C MET B 115 -10.94 17.32 8.39
N ASN B 116 -10.86 16.97 7.15
CA ASN B 116 -10.29 17.84 6.11
C ASN B 116 -11.33 18.80 5.58
N ILE B 117 -11.25 20.10 5.91
CA ILE B 117 -12.41 21.00 5.72
C ILE B 117 -12.66 21.32 4.25
N VAL B 118 -11.70 21.00 3.37
CA VAL B 118 -11.81 21.15 1.94
C VAL B 118 -12.16 19.87 1.21
N ASN B 119 -12.35 18.77 1.90
CA ASN B 119 -12.68 17.49 1.26
C ASN B 119 -14.07 17.57 0.61
N PRO B 120 -14.18 17.12 -0.62
CA PRO B 120 -15.45 17.23 -1.30
C PRO B 120 -16.60 16.42 -0.69
N ALA B 121 -16.35 15.26 -0.14
CA ALA B 121 -17.41 14.50 0.51
C ALA B 121 -17.90 15.27 1.78
N TYR B 122 -16.95 15.82 2.54
CA TYR B 122 -17.27 16.60 3.71
C TYR B 122 -18.13 17.79 3.29
N ARG B 123 -17.68 18.51 2.25
CA ARG B 123 -18.39 19.66 1.83
C ARG B 123 -19.75 19.37 1.17
N LEU B 124 -19.87 18.34 0.34
CA LEU B 124 -21.18 17.95 -0.24
C LEU B 124 -22.18 17.46 0.77
N TYR B 125 -21.79 16.48 1.60
CA TYR B 125 -22.70 15.98 2.62
C TYR B 125 -22.95 17.08 3.65
N GLY B 126 -21.93 17.89 3.96
CA GLY B 126 -22.11 19.05 4.86
C GLY B 126 -23.21 19.98 4.27
N GLU B 127 -23.06 20.40 3.01
CA GLU B 127 -24.05 21.28 2.43
C GLU B 127 -25.44 20.65 2.55
N ARG B 128 -25.59 19.36 2.30
CA ARG B 128 -26.89 18.75 2.38
C ARG B 128 -27.54 18.78 3.77
N VAL B 129 -26.70 18.43 4.80
CA VAL B 129 -27.20 18.45 6.20
C VAL B 129 -27.58 19.91 6.62
N ILE B 130 -26.82 20.88 6.18
CA ILE B 130 -27.12 22.28 6.48
C ILE B 130 -28.43 22.66 5.85
N ARG B 131 -28.57 22.46 4.55
CA ARG B 131 -29.82 22.83 3.89
C ARG B 131 -31.03 22.12 4.47
N SER B 132 -30.91 20.82 4.77
CA SER B 132 -32.04 20.13 5.36
C SER B 132 -32.39 20.66 6.73
N LEU B 133 -31.38 20.82 7.60
CA LEU B 133 -31.65 21.32 8.93
C LEU B 133 -32.23 22.77 8.89
N ILE B 134 -31.58 23.67 8.16
CA ILE B 134 -31.90 25.05 8.19
C ILE B 134 -33.28 25.23 7.55
N SER B 135 -33.54 24.56 6.43
CA SER B 135 -34.83 24.56 5.82
C SER B 135 -35.86 24.11 6.83
N HIS B 136 -35.55 23.09 7.59
CA HIS B 136 -36.51 22.50 8.46
C HIS B 136 -36.87 23.47 9.59
N VAL B 137 -35.90 24.25 10.10
CA VAL B 137 -36.20 25.05 11.30
C VAL B 137 -36.49 26.51 11.02
N ALA B 138 -36.20 27.00 9.82
CA ALA B 138 -35.98 28.45 9.70
C ALA B 138 -37.25 29.26 10.02
N GLN B 139 -38.40 28.68 9.65
CA GLN B 139 -39.71 29.36 9.88
C GLN B 139 -40.27 29.16 11.29
N GLN B 140 -39.64 28.40 12.18
CA GLN B 140 -40.14 28.25 13.54
C GLN B 140 -39.90 29.54 14.35
N PRO B 141 -40.95 30.13 14.94
CA PRO B 141 -40.80 31.40 15.65
C PRO B 141 -39.82 31.37 16.80
N CYS B 142 -39.63 30.28 17.48
CA CYS B 142 -38.70 30.30 18.58
C CYS B 142 -37.20 30.45 18.14
N VAL B 143 -36.93 30.17 16.87
CA VAL B 143 -35.57 30.20 16.36
C VAL B 143 -35.18 31.63 16.06
N ILE B 144 -34.21 32.14 16.80
CA ILE B 144 -33.75 33.52 16.60
C ILE B 144 -32.43 33.66 15.85
N GLY B 145 -31.71 32.57 15.71
CA GLY B 145 -30.41 32.66 15.04
C GLY B 145 -29.75 31.28 14.91
N TYR B 146 -28.55 31.32 14.33
CA TYR B 146 -27.83 30.15 13.91
C TYR B 146 -26.35 30.32 14.29
N GLN B 147 -25.74 29.20 14.67
CA GLN B 147 -24.31 29.12 14.85
C GLN B 147 -23.77 28.27 13.69
N VAL B 148 -22.82 28.82 12.95
CA VAL B 148 -22.19 28.11 11.84
C VAL B 148 -21.04 27.24 12.36
N ASP B 149 -21.21 25.91 12.25
CA ASP B 149 -20.18 24.95 12.62
C ASP B 149 -19.90 25.21 14.12
N ASN B 150 -18.68 25.09 14.59
CA ASN B 150 -18.42 25.19 16.03
C ASN B 150 -16.89 25.28 16.24
N GLU B 151 -16.37 26.43 16.75
CA GLU B 151 -14.93 26.66 16.98
C GLU B 151 -14.07 26.12 15.86
N THR B 152 -14.46 26.43 14.64
CA THR B 152 -13.89 25.85 13.46
C THR B 152 -12.45 26.28 13.26
N LYS B 153 -11.65 25.29 12.88
CA LYS B 153 -10.22 25.47 12.55
C LYS B 153 -9.88 24.60 11.32
N TYR B 154 -8.60 24.50 11.00
CA TYR B 154 -8.17 23.66 9.85
C TYR B 154 -7.56 22.30 10.29
N TYR B 155 -7.36 22.14 11.61
CA TYR B 155 -7.12 20.81 12.22
C TYR B 155 -5.83 20.19 11.64
N ASP B 156 -4.85 21.06 11.38
CA ASP B 156 -3.52 20.63 11.00
C ASP B 156 -3.50 19.78 9.71
N SER B 157 -4.47 20.01 8.83
CA SER B 157 -4.57 19.20 7.62
C SER B 157 -3.42 19.48 6.63
N VAL B 158 -2.75 18.40 6.19
CA VAL B 158 -1.76 18.46 5.15
C VAL B 158 -2.24 17.55 4.03
N SER B 159 -3.54 17.31 3.97
CA SER B 159 -4.08 16.53 2.90
C SER B 159 -3.67 17.02 1.53
N HIS B 160 -3.53 16.07 0.61
CA HIS B 160 -3.04 16.36 -0.71
C HIS B 160 -3.83 17.49 -1.41
N ASP B 161 -5.17 17.44 -1.39
CA ASP B 161 -5.91 18.45 -2.03
C ASP B 161 -5.62 19.86 -1.48
N MET B 162 -5.52 19.97 -0.17
CA MET B 162 -5.22 21.27 0.49
C MET B 162 -3.87 21.74 -0.01
N GLN B 163 -2.89 20.82 -0.11
CA GLN B 163 -1.55 21.27 -0.62
C GLN B 163 -1.60 21.75 -2.10
N VAL B 164 -2.30 20.98 -2.95
CA VAL B 164 -2.46 21.39 -4.34
C VAL B 164 -3.12 22.72 -4.50
N MET B 165 -4.17 22.92 -3.73
CA MET B 165 -4.81 24.22 -3.76
C MET B 165 -3.86 25.36 -3.34
N PHE B 166 -3.04 25.10 -2.33
CA PHE B 166 -2.04 26.08 -1.90
C PHE B 166 -1.06 26.41 -3.03
N ILE B 167 -0.61 25.37 -3.73
CA ILE B 167 0.32 25.54 -4.79
C ILE B 167 -0.30 26.40 -5.87
N LYS B 168 -1.58 26.19 -6.22
CA LYS B 168 -2.22 27.02 -7.20
C LYS B 168 -2.32 28.48 -6.71
N GLN B 169 -2.53 28.66 -5.41
CA GLN B 169 -2.56 30.02 -4.86
C GLN B 169 -1.18 30.72 -4.94
N LEU B 170 -0.10 29.99 -4.63
CA LEU B 170 1.22 30.51 -4.82
C LEU B 170 1.49 30.89 -6.29
N ARG B 171 1.04 30.09 -7.25
CA ARG B 171 1.20 30.49 -8.66
C ARG B 171 0.53 31.85 -8.96
N HIS B 172 -0.70 32.00 -8.47
CA HIS B 172 -1.39 33.27 -8.61
C HIS B 172 -0.64 34.42 -7.93
N GLU B 173 -0.24 34.21 -6.71
CA GLU B 173 0.35 35.25 -5.95
C GLU B 173 1.70 35.65 -6.54
N PHE B 174 2.50 34.73 -7.07
CA PHE B 174 3.84 35.11 -7.59
C PHE B 174 3.82 35.23 -9.09
N LYS B 175 2.61 35.23 -9.68
CA LYS B 175 2.42 35.18 -11.13
C LYS B 175 3.30 34.19 -11.85
N ASN B 176 3.26 32.93 -11.41
CA ASN B 176 4.05 31.85 -12.01
C ASN B 176 5.54 32.00 -11.94
N ASP B 177 6.04 32.99 -11.16
CA ASP B 177 7.47 33.31 -11.15
C ASP B 177 8.16 32.64 -9.98
N LEU B 178 8.76 31.47 -10.22
CA LEU B 178 9.50 30.81 -9.17
C LEU B 178 10.80 31.48 -8.76
N GLU B 179 11.45 32.25 -9.65
CA GLU B 179 12.63 33.00 -9.18
C GLU B 179 12.23 33.91 -8.05
N ALA B 180 11.11 34.62 -8.27
CA ALA B 180 10.60 35.47 -7.23
C ALA B 180 10.22 34.72 -5.93
N LEU B 181 9.49 33.60 -6.06
CA LEU B 181 9.19 32.82 -4.89
C LEU B 181 10.38 32.34 -4.14
N ASN B 182 11.32 31.76 -4.87
CA ASN B 182 12.59 31.29 -4.20
C ASN B 182 13.32 32.42 -3.46
N GLU B 183 13.31 33.62 -4.06
CA GLU B 183 14.03 34.75 -3.46
C GLU B 183 13.25 35.23 -2.23
N ALA B 184 11.92 35.35 -2.40
CA ALA B 184 11.11 35.81 -1.29
C ALA B 184 11.29 34.93 -0.04
N TYR B 185 11.42 33.60 -0.23
CA TYR B 185 11.45 32.71 0.85
C TYR B 185 12.86 32.24 1.16
N GLY B 186 13.87 32.73 0.40
CA GLY B 186 15.29 32.33 0.66
C GLY B 186 15.51 30.81 0.52
N LEU B 187 14.84 30.18 -0.49
CA LEU B 187 14.86 28.72 -0.63
C LEU B 187 16.14 28.13 -1.16
N ASP B 188 17.08 28.96 -1.57
CA ASP B 188 18.47 28.48 -1.76
C ASP B 188 19.01 27.72 -0.58
N TYR B 189 18.63 28.14 0.61
CA TYR B 189 19.19 27.56 1.79
C TYR B 189 18.84 26.08 1.92
N TRP B 190 19.82 25.28 2.27
CA TRP B 190 19.74 23.80 2.35
C TRP B 190 19.20 23.19 1.07
N SER B 191 19.59 23.76 -0.06
CA SER B 191 19.21 23.24 -1.34
C SER B 191 17.71 23.01 -1.51
N ASN B 192 16.90 23.98 -1.08
CA ASN B 192 15.43 23.83 -1.08
C ASN B 192 14.73 24.56 -2.24
N ARG B 193 15.44 24.97 -3.32
CA ARG B 193 14.78 25.75 -4.32
C ARG B 193 13.71 24.88 -4.98
N ILE B 194 12.61 25.52 -5.39
CA ILE B 194 11.57 24.90 -6.22
C ILE B 194 11.67 25.51 -7.59
N ASN B 195 12.37 24.86 -8.50
CA ASN B 195 12.70 25.53 -9.78
C ASN B 195 11.76 25.19 -10.90
N ALA B 196 10.82 24.30 -10.66
CA ALA B 196 9.77 23.98 -11.60
C ALA B 196 8.55 23.57 -10.74
N TRP B 197 7.36 23.92 -11.21
CA TRP B 197 6.13 23.67 -10.38
C TRP B 197 5.87 22.21 -10.11
N GLU B 198 6.25 21.37 -11.03
CA GLU B 198 6.11 19.95 -10.78
C GLU B 198 7.10 19.33 -9.80
N ASP B 199 8.08 20.08 -9.33
CA ASP B 199 9.00 19.60 -8.34
C ASP B 199 8.53 19.97 -6.94
N PHE B 200 7.40 20.65 -6.81
CA PHE B 200 7.05 21.22 -5.48
C PHE B 200 6.91 20.10 -4.50
N PRO B 201 7.60 20.13 -3.37
CA PRO B 201 7.54 19.04 -2.42
C PRO B 201 6.32 19.10 -1.49
N ASP B 202 6.06 17.99 -0.85
CA ASP B 202 5.21 17.95 0.32
C ASP B 202 5.66 19.01 1.35
N LEU B 203 4.68 19.75 1.85
CA LEU B 203 4.95 20.77 2.89
C LEU B 203 5.23 20.22 4.26
N THR B 204 4.79 19.00 4.54
CA THR B 204 4.89 18.46 5.86
C THR B 204 6.29 18.58 6.47
N GLY B 205 7.29 18.21 5.72
CA GLY B 205 8.65 18.27 6.30
C GLY B 205 9.45 19.52 6.05
N SER B 206 8.80 20.58 5.52
CA SER B 206 9.56 21.81 5.24
C SER B 206 10.22 22.37 6.52
N ILE B 207 11.45 22.86 6.41
CA ILE B 207 12.16 23.49 7.53
C ILE B 207 12.28 25.00 7.23
N ASN B 208 11.60 25.47 6.21
CA ASN B 208 11.64 26.86 5.85
C ASN B 208 10.29 27.53 6.34
N GLU B 209 10.39 28.39 7.33
CA GLU B 209 9.27 29.04 7.95
C GLU B 209 8.62 30.03 7.07
N SER B 210 9.31 30.61 6.06
CA SER B 210 8.64 31.51 5.21
C SER B 210 7.51 30.79 4.44
N LEU B 211 7.86 29.64 3.94
CA LEU B 211 6.97 28.80 3.23
C LEU B 211 5.89 28.20 4.15
N ARG B 212 6.27 27.74 5.33
CA ARG B 212 5.33 27.15 6.28
C ARG B 212 4.31 28.19 6.73
N ALA B 213 4.81 29.39 7.04
CA ALA B 213 3.94 30.43 7.55
C ALA B 213 2.89 30.82 6.51
N ARG B 214 3.30 30.82 5.26
CA ARG B 214 2.34 31.10 4.20
C ARG B 214 1.27 30.03 4.06
N PHE B 215 1.68 28.78 4.25
CA PHE B 215 0.77 27.69 4.26
C PHE B 215 -0.21 27.75 5.44
N ASP B 216 0.28 28.12 6.62
CA ASP B 216 -0.64 28.36 7.73
C ASP B 216 -1.63 29.50 7.46
N ARG B 217 -1.20 30.59 6.86
CA ARG B 217 -2.04 31.66 6.54
C ARG B 217 -3.14 31.26 5.51
N PHE B 218 -2.73 30.44 4.55
CA PHE B 218 -3.64 29.90 3.56
C PHE B 218 -4.73 29.09 4.25
N ARG B 219 -4.35 28.23 5.20
CA ARG B 219 -5.29 27.34 5.86
C ARG B 219 -6.23 28.14 6.79
N ARG B 220 -5.69 29.18 7.49
CA ARG B 220 -6.55 30.11 8.22
C ARG B 220 -7.58 30.73 7.25
N ASP B 221 -7.17 31.17 6.06
CA ASP B 221 -8.13 31.76 5.12
C ASP B 221 -9.14 30.77 4.69
N GLN B 222 -8.75 29.51 4.60
CA GLN B 222 -9.77 28.50 4.28
C GLN B 222 -10.86 28.36 5.36
N VAL B 223 -10.49 28.47 6.62
CA VAL B 223 -11.50 28.47 7.67
C VAL B 223 -12.47 29.62 7.52
N ALA B 224 -11.94 30.83 7.29
CA ALA B 224 -12.74 32.01 7.10
C ALA B 224 -13.67 31.87 5.90
N GLU B 225 -13.16 31.27 4.83
CA GLU B 225 -13.98 30.97 3.66
C GLU B 225 -15.11 29.96 3.94
N TYR B 226 -14.81 28.96 4.73
CA TYR B 226 -15.72 27.91 5.10
C TYR B 226 -16.89 28.48 5.90
N LEU B 227 -16.58 29.34 6.83
CA LEU B 227 -17.63 30.04 7.60
C LEU B 227 -18.51 30.93 6.74
N ALA B 228 -17.91 31.62 5.80
CA ALA B 228 -18.64 32.50 4.88
C ALA B 228 -19.53 31.69 3.96
N TRP B 229 -19.02 30.52 3.54
CA TRP B 229 -19.77 29.62 2.69
C TRP B 229 -21.00 29.16 3.47
N GLN B 230 -20.82 28.72 4.70
CA GLN B 230 -21.97 28.26 5.46
C GLN B 230 -22.97 29.44 5.70
N ALA B 231 -22.47 30.63 5.99
CA ALA B 231 -23.32 31.78 6.27
C ALA B 231 -24.12 32.12 5.02
N SER B 232 -23.49 32.02 3.84
CA SER B 232 -24.20 32.22 2.59
C SER B 232 -25.36 31.19 2.36
N ILE B 233 -25.18 29.90 2.69
CA ILE B 233 -26.26 28.94 2.59
C ILE B 233 -27.43 29.35 3.51
N ILE B 234 -27.11 29.67 4.73
CA ILE B 234 -28.12 30.03 5.72
C ILE B 234 -28.89 31.27 5.31
N ARG B 235 -28.19 32.24 4.74
CA ARG B 235 -28.86 33.38 4.25
C ARG B 235 -29.95 33.09 3.21
N GLU B 236 -29.86 31.98 2.50
CA GLU B 236 -30.92 31.63 1.55
C GLU B 236 -32.26 31.27 2.21
N TYR B 237 -32.25 30.87 3.47
CA TYR B 237 -33.43 30.37 4.11
C TYR B 237 -33.91 31.24 5.26
N MET B 238 -33.03 32.02 5.89
CA MET B 238 -33.31 32.61 7.21
C MET B 238 -34.31 33.76 7.07
N ARG B 239 -34.93 34.11 8.17
CA ARG B 239 -35.87 35.24 8.19
C ARG B 239 -35.07 36.50 8.40
N ASP B 240 -35.58 37.65 7.97
CA ASP B 240 -34.93 38.93 8.18
C ASP B 240 -34.71 39.23 9.64
N ASP B 241 -35.51 38.67 10.53
CA ASP B 241 -35.33 38.95 11.95
C ASP B 241 -34.37 38.00 12.68
N GLN B 242 -33.70 37.10 11.98
CA GLN B 242 -32.74 36.16 12.63
C GLN B 242 -31.31 36.62 12.44
N PHE B 243 -30.35 36.07 13.20
CA PHE B 243 -28.95 36.45 12.99
C PHE B 243 -28.10 35.18 12.83
N ILE B 244 -26.96 35.37 12.17
CA ILE B 244 -25.89 34.35 12.06
C ILE B 244 -24.69 34.74 12.92
N THR B 245 -24.29 33.81 13.76
CA THR B 245 -23.13 33.94 14.58
C THR B 245 -22.18 32.69 14.50
N HIS B 246 -21.09 32.74 15.27
CA HIS B 246 -20.06 31.72 15.34
C HIS B 246 -19.38 31.87 16.68
N ASN B 247 -19.08 30.73 17.28
CA ASN B 247 -18.36 30.65 18.54
C ASN B 247 -16.87 30.51 18.31
N PHE B 248 -16.23 31.67 18.18
CA PHE B 248 -14.76 31.78 18.19
C PHE B 248 -14.17 31.33 19.55
N ASP B 249 -12.95 30.80 19.49
CA ASP B 249 -12.20 30.38 20.63
C ASP B 249 -10.75 30.80 20.60
N TYR B 250 -10.08 30.71 21.73
CA TYR B 250 -8.76 31.21 21.92
C TYR B 250 -7.72 30.12 22.08
N GLU B 251 -6.45 30.49 22.07
CA GLU B 251 -5.39 29.52 22.35
C GLU B 251 -5.64 28.83 23.64
N TRP B 252 -5.56 27.50 23.63
CA TRP B 252 -5.95 26.70 24.81
C TRP B 252 -4.75 26.29 25.60
N ARG B 253 -4.70 26.84 26.77
CA ARG B 253 -3.69 26.35 27.63
C ARG B 253 -4.33 25.87 28.92
N GLY B 254 -5.09 24.78 28.77
CA GLY B 254 -5.99 24.30 29.79
C GLY B 254 -7.18 25.24 30.07
N HIS B 255 -7.19 26.38 29.39
CA HIS B 255 -8.28 27.35 29.38
C HIS B 255 -7.97 28.38 28.31
N SER B 256 -8.87 29.35 28.12
CA SER B 256 -8.67 30.40 27.19
C SER B 256 -7.47 31.31 27.56
N TYR B 257 -6.44 31.33 26.69
CA TYR B 257 -5.20 32.05 27.03
C TYR B 257 -4.87 33.27 26.17
N GLY B 258 -4.96 33.15 24.86
CA GLY B 258 -4.46 34.17 23.98
C GLY B 258 -5.02 34.12 22.59
N LEU B 259 -4.40 34.87 21.70
CA LEU B 259 -4.90 34.92 20.31
C LEU B 259 -4.95 33.48 19.76
N GLN B 260 -6.01 33.19 19.02
CA GLN B 260 -6.23 31.89 18.42
C GLN B 260 -5.19 31.59 17.31
N PRO B 261 -4.42 30.52 17.44
CA PRO B 261 -3.38 30.29 16.39
C PRO B 261 -3.92 29.94 15.00
N ALA B 262 -5.07 29.24 14.93
CA ALA B 262 -5.49 28.57 13.70
C ALA B 262 -6.56 29.32 12.93
N VAL B 263 -6.97 30.50 13.45
CA VAL B 263 -7.98 31.34 12.82
C VAL B 263 -7.68 32.84 13.08
N ASP B 264 -7.91 33.67 12.04
CA ASP B 264 -7.79 35.12 12.14
C ASP B 264 -9.21 35.63 12.45
N HIS B 265 -9.48 35.90 13.72
CA HIS B 265 -10.84 36.29 14.14
C HIS B 265 -11.31 37.57 13.50
N PHE B 266 -10.39 38.54 13.25
CA PHE B 266 -10.79 39.77 12.59
C PHE B 266 -11.30 39.52 11.20
N ARG B 267 -10.60 38.67 10.45
CA ARG B 267 -11.05 38.43 9.10
C ARG B 267 -12.24 37.49 9.10
N ALA B 268 -12.21 36.43 9.93
CA ALA B 268 -13.28 35.41 9.92
C ALA B 268 -14.61 35.96 10.36
N ALA B 269 -14.61 36.93 11.27
CA ALA B 269 -15.83 37.57 11.68
C ALA B 269 -16.65 38.26 10.62
N ARG B 270 -16.04 38.61 9.48
CA ARG B 270 -16.71 39.41 8.49
C ARG B 270 -17.95 38.76 7.92
N ALA B 271 -18.06 37.46 8.01
CA ALA B 271 -19.23 36.80 7.43
C ALA B 271 -20.45 36.82 8.35
N LEU B 272 -20.30 37.26 9.60
CA LEU B 272 -21.30 37.06 10.58
C LEU B 272 -22.12 38.31 10.83
N ASP B 273 -23.30 38.15 11.43
CA ASP B 273 -24.13 39.31 11.90
C ASP B 273 -23.67 39.75 13.26
N ILE B 274 -23.14 38.83 14.05
CA ILE B 274 -22.64 39.18 15.36
C ILE B 274 -21.60 38.14 15.77
N CYS B 275 -20.51 38.61 16.33
CA CYS B 275 -19.50 37.69 16.89
C CYS B 275 -19.96 36.97 18.12
N GLY B 276 -19.61 35.69 18.20
CA GLY B 276 -19.82 34.90 19.39
C GLY B 276 -18.42 34.42 19.85
N VAL B 277 -18.34 33.94 21.08
CA VAL B 277 -17.08 33.57 21.64
C VAL B 277 -17.29 32.63 22.79
N ASP B 278 -16.30 31.75 22.96
CA ASP B 278 -16.23 30.81 24.05
C ASP B 278 -15.06 31.21 24.91
N ILE B 279 -15.33 31.32 26.21
CA ILE B 279 -14.32 31.74 27.19
C ILE B 279 -14.37 30.86 28.41
N TYR B 280 -13.23 30.30 28.78
CA TYR B 280 -13.09 29.42 29.90
C TYR B 280 -11.83 29.83 30.63
N HIS B 281 -11.85 29.70 31.95
CA HIS B 281 -10.81 30.34 32.75
C HIS B 281 -10.67 29.73 34.14
N PRO B 282 -9.50 29.96 34.77
CA PRO B 282 -9.29 29.54 36.16
C PRO B 282 -10.37 30.22 37.04
N SER B 283 -10.78 29.49 38.07
CA SER B 283 -11.77 29.99 39.02
C SER B 283 -11.27 29.68 40.45
N GLU B 284 -12.18 29.69 41.43
CA GLU B 284 -11.81 29.44 42.82
C GLU B 284 -10.71 30.45 43.23
N ASP B 285 -9.61 30.06 43.90
CA ASP B 285 -8.60 31.06 44.34
C ASP B 285 -7.94 31.77 43.16
N ALA B 286 -7.94 31.12 41.98
CA ALA B 286 -7.25 31.68 40.80
C ALA B 286 -8.16 32.52 39.89
N LEU B 287 -9.39 32.81 40.33
CA LEU B 287 -10.18 33.75 39.57
C LEU B 287 -9.63 35.18 39.60
N THR B 288 -9.31 35.75 38.41
CA THR B 288 -8.75 37.08 38.32
C THR B 288 -9.55 38.01 37.49
N GLY B 289 -10.43 37.45 36.67
CA GLY B 289 -11.16 38.24 35.70
C GLY B 289 -10.39 38.50 34.43
N LYS B 290 -9.12 38.08 34.36
CA LYS B 290 -8.25 38.51 33.21
C LYS B 290 -8.69 37.87 31.88
N GLU B 291 -9.05 36.61 31.94
CA GLU B 291 -9.40 35.86 30.69
C GLU B 291 -10.76 36.25 30.21
N ILE B 292 -11.66 36.61 31.14
CA ILE B 292 -12.97 37.11 30.70
C ILE B 292 -12.84 38.44 29.97
N ALA B 293 -12.01 39.33 30.49
CA ALA B 293 -11.81 40.63 29.91
C ALA B 293 -11.04 40.50 28.59
N PHE B 294 -10.04 39.62 28.59
CA PHE B 294 -9.23 39.43 27.39
C PHE B 294 -10.13 38.91 26.29
N GLY B 295 -10.92 37.87 26.64
CA GLY B 295 -11.75 37.22 25.69
C GLY B 295 -12.80 38.18 25.18
N GLY B 296 -13.35 38.95 26.11
CA GLY B 296 -14.35 39.97 25.71
C GLY B 296 -13.83 41.10 24.87
N ASP B 297 -12.69 41.64 25.29
CA ASP B 297 -12.03 42.69 24.50
C ASP B 297 -11.73 42.20 23.07
N MET B 298 -11.19 41.00 22.89
CA MET B 298 -10.90 40.56 21.52
C MET B 298 -12.18 40.35 20.71
N ALA B 299 -13.19 39.78 21.34
CA ALA B 299 -14.46 39.58 20.60
C ALA B 299 -15.19 40.86 20.22
N ARG B 300 -15.23 41.79 21.16
CA ARG B 300 -15.76 43.10 20.90
C ARG B 300 -15.02 43.84 19.81
N SER B 301 -13.70 43.70 19.78
CA SER B 301 -12.91 44.35 18.79
C SER B 301 -13.09 43.67 17.43
N ALA B 302 -13.11 42.35 17.38
CA ALA B 302 -13.22 41.61 16.11
C ALA B 302 -14.57 41.92 15.47
N GLY B 303 -15.58 42.14 16.27
CA GLY B 303 -16.92 42.40 15.73
C GLY B 303 -17.29 43.87 15.71
N GLY B 304 -16.40 44.73 16.12
CA GLY B 304 -16.71 46.09 16.05
C GLY B 304 -17.90 46.43 16.93
N GLY B 305 -18.13 45.72 18.00
CA GLY B 305 -19.27 46.07 18.87
C GLY B 305 -19.66 44.92 19.76
N ASN B 306 -20.88 44.94 20.24
CA ASN B 306 -21.30 43.92 21.21
C ASN B 306 -21.25 42.50 20.62
N TYR B 307 -21.02 41.49 21.42
CA TYR B 307 -20.76 40.14 20.98
C TYR B 307 -21.56 39.27 21.89
N LEU B 308 -21.65 37.98 21.56
CA LEU B 308 -22.29 37.01 22.45
C LEU B 308 -21.29 36.08 23.06
N VAL B 309 -21.43 35.79 24.31
CA VAL B 309 -20.65 34.73 24.92
C VAL B 309 -21.52 33.50 24.72
N LEU B 310 -21.16 32.71 23.68
CA LEU B 310 -21.93 31.53 23.32
C LEU B 310 -21.64 30.37 24.24
N GLU B 311 -20.49 30.36 24.86
CA GLU B 311 -20.17 29.37 25.84
C GLU B 311 -19.28 29.92 26.95
N THR B 312 -19.63 29.58 28.19
CA THR B 312 -18.70 29.72 29.28
C THR B 312 -19.01 28.70 30.31
N GLN B 313 -18.15 28.58 31.28
CA GLN B 313 -18.31 27.56 32.26
C GLN B 313 -19.41 27.73 33.31
N ALA B 314 -19.96 26.58 33.71
CA ALA B 314 -20.87 26.50 34.84
C ALA B 314 -20.20 25.82 35.99
N GLN B 315 -20.52 24.57 36.29
CA GLN B 315 -19.70 23.87 37.26
C GLN B 315 -18.28 23.59 36.69
N GLY B 316 -18.19 23.33 35.38
CA GLY B 316 -16.88 23.27 34.74
C GLY B 316 -16.16 21.96 34.88
N GLN B 317 -14.90 21.95 34.42
CA GLN B 317 -14.02 20.84 34.67
C GLN B 317 -13.67 20.72 36.16
N HIS B 318 -13.05 19.60 36.53
CA HIS B 318 -12.57 19.39 37.91
C HIS B 318 -11.63 20.52 38.28
N GLY B 319 -11.93 21.20 39.40
CA GLY B 319 -11.15 22.33 39.82
C GLY B 319 -11.73 23.65 39.50
N TRP B 320 -12.68 23.67 38.57
CA TRP B 320 -13.34 24.89 38.19
C TRP B 320 -14.57 25.24 39.04
N LEU B 321 -15.03 24.34 39.87
CA LEU B 321 -16.33 24.54 40.58
C LEU B 321 -16.26 25.88 41.35
N PRO B 322 -17.13 26.77 41.03
CA PRO B 322 -16.94 28.15 41.53
C PRO B 322 -17.29 28.23 42.97
N TYR B 323 -16.53 29.02 43.72
CA TYR B 323 -16.94 29.26 45.10
C TYR B 323 -18.22 30.07 45.11
N PRO B 324 -19.00 30.01 46.21
CA PRO B 324 -20.19 30.89 46.29
C PRO B 324 -19.89 32.37 45.98
N GLY B 325 -20.73 32.93 45.09
CA GLY B 325 -20.63 34.27 44.49
C GLY B 325 -19.81 34.37 43.18
N GLN B 326 -18.90 33.42 42.93
CA GLN B 326 -18.02 33.47 41.77
C GLN B 326 -18.79 33.31 40.46
N LEU B 327 -19.85 32.53 40.46
CA LEU B 327 -20.56 32.39 39.16
C LEU B 327 -21.18 33.69 38.75
N ARG B 328 -21.83 34.31 39.72
CA ARG B 328 -22.40 35.66 39.56
C ARG B 328 -21.42 36.74 39.19
N LEU B 329 -20.30 36.75 39.88
CA LEU B 329 -19.20 37.70 39.54
C LEU B 329 -18.69 37.47 38.11
N GLN B 330 -18.52 36.20 37.76
CA GLN B 330 -18.06 35.85 36.39
C GLN B 330 -19.05 36.35 35.38
N ALA B 331 -20.34 36.14 35.65
CA ALA B 331 -21.34 36.59 34.72
C ALA B 331 -21.34 38.09 34.50
N TYR B 332 -21.35 38.87 35.60
CA TYR B 332 -21.31 40.32 35.42
C TYR B 332 -20.01 40.73 34.72
N SER B 333 -18.95 39.99 34.93
CA SER B 333 -17.67 40.34 34.26
C SER B 333 -17.78 40.31 32.73
N HIS B 334 -18.62 39.44 32.20
CA HIS B 334 -18.84 39.39 30.74
C HIS B 334 -19.58 40.57 30.29
N LEU B 335 -20.64 40.94 31.04
CA LEU B 335 -21.37 42.10 30.66
C LEU B 335 -20.52 43.36 30.73
N ALA B 336 -19.60 43.38 31.68
CA ALA B 336 -18.72 44.52 31.85
C ALA B 336 -17.78 44.69 30.66
N SER B 337 -17.59 43.64 29.86
CA SER B 337 -16.70 43.76 28.66
C SER B 337 -17.48 44.03 27.41
N GLY B 338 -18.80 44.08 27.57
CA GLY B 338 -19.66 44.39 26.48
C GLY B 338 -20.46 43.28 25.86
N ALA B 339 -20.52 42.15 26.54
CA ALA B 339 -21.31 41.04 26.11
C ALA B 339 -22.82 41.43 26.11
N ASP B 340 -23.51 41.04 25.06
CA ASP B 340 -24.93 41.09 24.99
C ASP B 340 -25.64 39.76 25.18
N GLY B 341 -24.88 38.74 25.60
CA GLY B 341 -25.44 37.43 25.80
C GLY B 341 -24.43 36.60 26.52
N ILE B 342 -24.93 35.74 27.37
CA ILE B 342 -24.15 34.82 28.13
C ILE B 342 -24.87 33.45 28.11
N MET B 343 -24.15 32.41 27.61
CA MET B 343 -24.69 31.07 27.64
C MET B 343 -23.67 30.12 28.21
N TYR B 344 -24.14 29.23 29.05
CA TYR B 344 -23.32 28.15 29.62
C TYR B 344 -23.17 26.97 28.70
N TRP B 345 -21.97 26.41 28.63
CA TRP B 345 -21.80 25.09 28.09
C TRP B 345 -21.64 24.14 29.24
N HIS B 346 -22.64 23.33 29.55
CA HIS B 346 -23.99 23.32 29.00
C HIS B 346 -24.99 23.11 30.14
N TRP B 347 -26.22 22.71 29.76
CA TRP B 347 -27.28 22.57 30.76
C TRP B 347 -26.98 21.50 31.79
N HIS B 348 -26.56 20.31 31.35
CA HIS B 348 -26.37 19.20 32.24
C HIS B 348 -24.93 18.64 32.26
N SER B 349 -24.78 17.42 32.74
CA SER B 349 -23.48 16.75 32.77
C SER B 349 -23.65 15.42 32.04
N ILE B 350 -22.82 15.18 31.01
CA ILE B 350 -23.05 14.07 30.09
C ILE B 350 -22.65 12.82 30.75
N HIS B 351 -23.39 11.70 30.50
CA HIS B 351 -23.17 10.48 31.28
C HIS B 351 -22.15 9.51 30.64
N ASN B 352 -21.88 9.71 29.37
CA ASN B 352 -20.81 8.92 28.66
C ASN B 352 -19.82 9.81 27.97
N SER B 353 -18.61 9.27 27.72
CA SER B 353 -17.73 9.76 26.68
C SER B 353 -16.91 10.93 27.15
N PHE B 354 -16.28 11.64 26.20
CA PHE B 354 -15.06 12.41 26.51
C PHE B 354 -15.23 13.55 27.53
N GLU B 355 -16.41 14.16 27.50
CA GLU B 355 -16.71 15.30 28.34
C GLU B 355 -17.75 15.02 29.47
N THR B 356 -17.72 13.81 29.97
CA THR B 356 -18.53 13.36 31.06
C THR B 356 -18.24 14.36 32.22
N TYR B 357 -16.99 14.87 32.33
CA TYR B 357 -16.62 15.69 33.51
C TYR B 357 -16.33 17.13 33.18
N TRP B 358 -16.75 17.58 31.99
CA TRP B 358 -16.87 19.03 31.73
C TRP B 358 -18.35 19.39 32.09
N ARG B 359 -18.63 19.72 33.36
CA ARG B 359 -20.01 19.72 33.86
C ARG B 359 -20.70 21.06 33.73
N GLY B 360 -21.98 20.88 33.49
CA GLY B 360 -22.83 21.99 33.11
C GLY B 360 -23.48 22.59 34.40
N LEU B 361 -24.65 23.20 34.21
CA LEU B 361 -25.39 23.76 35.40
C LEU B 361 -25.83 22.72 36.34
N LEU B 362 -26.49 21.68 35.77
CA LEU B 362 -26.84 20.50 36.52
C LEU B 362 -25.75 19.41 36.54
N SER B 363 -25.70 18.66 37.63
CA SER B 363 -24.87 17.49 37.79
C SER B 363 -25.50 16.28 37.14
N HIS B 364 -24.82 15.15 37.26
CA HIS B 364 -25.27 13.93 36.57
C HIS B 364 -26.61 13.41 37.11
N ASP B 365 -27.00 13.88 38.29
CA ASP B 365 -28.35 13.52 38.85
C ASP B 365 -29.52 14.41 38.40
N PHE B 366 -29.24 15.47 37.65
CA PHE B 366 -30.23 16.39 37.20
C PHE B 366 -30.95 17.14 38.33
N GLU B 367 -30.39 17.14 39.52
CA GLU B 367 -31.05 17.85 40.62
C GLU B 367 -30.68 19.34 40.62
N SER B 368 -31.37 20.13 41.43
CA SER B 368 -30.85 21.46 41.71
C SER B 368 -29.55 21.31 42.50
N ASN B 369 -28.67 22.36 42.44
CA ASN B 369 -27.45 22.36 43.16
C ASN B 369 -27.09 23.84 43.32
N PRO B 370 -26.09 24.13 44.13
CA PRO B 370 -25.90 25.58 44.35
C PRO B 370 -25.41 26.39 43.20
N THR B 371 -24.66 25.78 42.26
CA THR B 371 -24.26 26.50 41.09
C THR B 371 -25.47 26.90 40.21
N TYR B 372 -26.32 25.95 39.88
CA TYR B 372 -27.56 26.23 39.18
C TYR B 372 -28.32 27.35 39.92
N GLU B 373 -28.43 27.23 41.23
CA GLU B 373 -29.27 28.24 41.94
C GLU B 373 -28.65 29.61 41.81
N GLU B 374 -27.33 29.70 41.85
CA GLU B 374 -26.64 30.99 41.69
C GLU B 374 -26.81 31.56 40.28
N ALA B 375 -26.77 30.71 39.26
CA ALA B 375 -27.08 31.15 37.91
C ALA B 375 -28.48 31.81 37.82
N GLY B 376 -29.43 31.17 38.50
CA GLY B 376 -30.77 31.68 38.57
C GLY B 376 -30.97 33.01 39.28
N ARG B 377 -30.18 33.27 40.29
CA ARG B 377 -30.13 34.60 40.88
C ARG B 377 -29.66 35.63 39.91
N PHE B 378 -28.55 35.34 39.21
CA PHE B 378 -28.09 36.23 38.12
C PHE B 378 -29.15 36.42 37.06
N GLY B 379 -29.75 35.35 36.56
CA GLY B 379 -30.66 35.55 35.43
C GLY B 379 -31.93 36.32 35.86
N ARG B 380 -32.40 36.11 37.08
CA ARG B 380 -33.54 36.87 37.58
C ARG B 380 -33.16 38.37 37.78
N GLU B 381 -31.92 38.67 38.18
CA GLU B 381 -31.46 40.03 38.24
C GLU B 381 -31.47 40.68 36.92
N ILE B 382 -30.73 40.14 35.94
CA ILE B 382 -30.69 40.84 34.71
C ILE B 382 -31.98 40.77 33.94
N GLY B 383 -32.88 39.87 34.31
CA GLY B 383 -34.14 39.68 33.59
C GLY B 383 -35.14 40.71 34.09
N ASP B 384 -34.84 41.39 35.19
CA ASP B 384 -35.56 42.65 35.54
C ASP B 384 -35.19 43.73 34.55
N PRO B 385 -36.15 44.19 33.75
CA PRO B 385 -35.79 45.21 32.79
C PRO B 385 -35.19 46.52 33.36
N ARG B 386 -35.50 46.91 34.58
CA ARG B 386 -34.78 47.99 35.26
C ARG B 386 -33.25 47.75 35.17
N ILE B 387 -32.81 46.50 35.37
CA ILE B 387 -31.37 46.15 35.39
C ILE B 387 -30.91 45.86 33.97
N GLY B 388 -31.56 44.93 33.30
CA GLY B 388 -31.13 44.52 32.00
C GLY B 388 -31.07 45.64 30.99
N ASP B 389 -32.09 46.47 30.94
CA ASP B 389 -32.05 47.62 30.04
C ASP B 389 -30.90 48.61 30.34
N THR B 390 -30.42 48.59 31.54
CA THR B 390 -29.30 49.46 31.92
C THR B 390 -27.94 48.95 31.42
N LEU B 391 -27.82 47.62 31.36
CA LEU B 391 -26.57 46.90 31.14
C LEU B 391 -26.38 46.42 29.70
N SER B 392 -27.45 46.39 28.89
CA SER B 392 -27.30 45.85 27.54
C SER B 392 -26.72 46.87 26.57
N HIS B 393 -26.07 46.37 25.52
CA HIS B 393 -25.49 47.16 24.48
C HIS B 393 -24.49 48.19 25.03
N LEU B 394 -23.64 47.79 25.97
CA LEU B 394 -22.71 48.67 26.59
C LEU B 394 -21.76 49.14 25.47
N SER B 395 -21.54 50.47 25.37
CA SER B 395 -20.53 51.03 24.47
C SER B 395 -19.31 51.39 25.23
N LYS B 396 -18.17 51.00 24.70
CA LYS B 396 -16.90 51.27 25.32
C LYS B 396 -16.10 52.18 24.47
N ARG B 397 -15.45 53.20 25.03
CA ARG B 397 -14.57 54.06 24.21
C ARG B 397 -13.25 54.10 24.92
N ASN B 398 -12.29 53.35 24.40
CA ASN B 398 -11.05 53.16 25.04
C ASN B 398 -9.99 53.99 24.34
N ALA B 399 -8.97 54.36 25.09
CA ALA B 399 -7.94 55.28 24.55
C ALA B 399 -6.62 54.52 24.18
N VAL B 400 -6.58 53.22 24.56
CA VAL B 400 -5.44 52.35 24.34
C VAL B 400 -5.81 51.20 23.43
N ALA B 401 -4.95 50.92 22.44
CA ALA B 401 -5.08 49.73 21.62
C ALA B 401 -3.85 48.86 21.62
N ILE B 402 -4.09 47.55 21.59
CA ILE B 402 -3.02 46.60 21.42
C ILE B 402 -3.14 46.00 20.00
N LEU B 403 -2.04 45.97 19.25
CA LEU B 403 -2.05 45.43 17.89
C LEU B 403 -1.87 43.92 17.99
N ALA B 404 -2.84 43.21 17.44
CA ALA B 404 -2.75 41.74 17.39
C ALA B 404 -2.30 41.25 16.03
N SER B 405 -1.52 40.15 15.99
CA SER B 405 -0.96 39.65 14.69
C SER B 405 -0.85 38.15 14.61
N ASN B 406 -1.80 37.52 13.90
CA ASN B 406 -1.70 36.10 13.65
C ASN B 406 -0.42 35.71 12.89
N GLU B 407 -0.01 36.55 11.97
CA GLU B 407 1.20 36.30 11.29
C GLU B 407 2.41 36.27 12.23
N SER B 408 2.46 37.13 13.21
CA SER B 408 3.58 37.17 14.17
C SER B 408 3.48 36.03 15.11
N LEU B 409 2.26 35.63 15.53
CA LEU B 409 2.11 34.42 16.36
C LEU B 409 2.70 33.23 15.60
N THR B 410 2.30 33.10 14.35
CA THR B 410 2.77 31.98 13.54
C THR B 410 4.30 32.00 13.39
N ALA B 411 4.88 33.15 13.02
CA ALA B 411 6.35 33.26 12.86
C ALA B 411 7.11 32.90 14.12
N LEU B 412 6.62 33.34 15.27
CA LEU B 412 7.30 33.08 16.52
C LEU B 412 7.07 31.70 17.07
N SER B 413 5.99 31.02 16.61
CA SER B 413 5.83 29.62 17.01
C SER B 413 6.96 28.75 16.44
N TRP B 414 7.60 29.23 15.38
CA TRP B 414 8.78 28.58 14.81
C TRP B 414 10.10 29.17 15.32
N PHE B 415 10.25 30.48 15.13
CA PHE B 415 11.43 31.24 15.55
C PHE B 415 11.18 31.68 16.99
N HIS B 416 11.27 30.76 17.95
CA HIS B 416 10.96 31.08 19.34
C HIS B 416 11.79 32.30 19.75
N ILE B 417 11.15 33.20 20.46
CA ILE B 417 11.82 34.45 20.87
C ILE B 417 13.22 34.17 21.47
N GLU B 418 13.29 33.29 22.44
CA GLU B 418 14.53 33.07 23.16
C GLU B 418 15.62 32.28 22.43
N THR B 419 15.24 31.43 21.48
CA THR B 419 16.20 30.49 20.86
C THR B 419 16.40 30.69 19.34
N GLY B 420 15.41 31.25 18.72
CA GLY B 420 15.34 31.38 17.26
C GLY B 420 15.10 30.07 16.48
N PHE B 421 14.72 29.06 17.21
CA PHE B 421 14.39 27.73 16.65
C PHE B 421 13.08 27.23 17.22
N PRO B 422 12.54 26.19 16.60
CA PRO B 422 11.20 25.72 17.03
C PRO B 422 11.33 24.72 18.18
N MET B 423 12.41 24.76 18.94
CA MET B 423 12.54 24.06 20.22
C MET B 423 13.22 25.05 21.25
N GLY B 424 12.98 24.82 22.54
CA GLY B 424 13.64 25.58 23.59
C GLY B 424 12.92 26.86 23.95
N GLY B 425 13.26 27.35 25.11
CA GLY B 425 12.72 28.61 25.58
C GLY B 425 11.36 28.36 26.21
N THR B 426 10.79 29.39 26.81
CA THR B 426 9.41 29.28 27.37
C THR B 426 8.53 30.43 26.90
N LEU B 427 9.10 31.57 26.49
CA LEU B 427 8.32 32.73 26.20
C LEU B 427 7.70 32.69 24.78
N THR B 428 6.37 32.79 24.71
CA THR B 428 5.65 32.73 23.43
C THR B 428 5.14 34.08 23.06
N TYR B 429 4.68 34.21 21.83
CA TYR B 429 3.99 35.40 21.38
C TYR B 429 2.80 35.77 22.29
N ASN B 430 1.96 34.76 22.66
CA ASN B 430 0.80 35.04 23.49
C ASN B 430 1.25 35.39 24.90
N ASP B 431 2.40 34.89 25.35
CA ASP B 431 2.87 35.25 26.68
C ASP B 431 3.23 36.74 26.69
N VAL B 432 3.86 37.25 25.65
CA VAL B 432 4.23 38.67 25.69
C VAL B 432 2.94 39.48 25.62
N LEU B 433 2.01 39.07 24.75
CA LEU B 433 0.75 39.75 24.60
C LEU B 433 0.01 39.80 25.94
N ARG B 434 -0.04 38.68 26.64
CA ARG B 434 -0.74 38.59 27.89
C ARG B 434 0.01 39.32 29.01
N SER B 435 1.33 39.33 28.95
CA SER B 435 2.07 40.06 30.02
C SER B 435 1.66 41.57 29.94
N ILE B 436 1.49 42.08 28.75
CA ILE B 436 1.13 43.49 28.59
C ILE B 436 -0.37 43.74 28.93
N TYR B 437 -1.22 42.94 28.32
CA TYR B 437 -2.67 42.88 28.68
C TYR B 437 -2.94 42.86 30.15
N ASP B 438 -2.28 41.93 30.84
CA ASP B 438 -2.55 41.67 32.20
C ASP B 438 -2.06 42.84 33.07
N ALA B 439 -0.89 43.38 32.70
CA ALA B 439 -0.40 44.58 33.35
C ALA B 439 -1.41 45.70 33.26
N LEU B 440 -1.96 45.94 32.09
CA LEU B 440 -2.96 46.99 31.91
C LEU B 440 -4.27 46.74 32.69
N PHE B 441 -4.78 45.52 32.62
CA PHE B 441 -5.86 45.08 33.47
C PHE B 441 -5.58 45.38 34.96
N GLU B 442 -4.38 45.05 35.43
CA GLU B 442 -4.06 45.26 36.83
C GLU B 442 -4.04 46.79 37.17
N LEU B 443 -3.79 47.61 36.16
CA LEU B 443 -3.75 49.08 36.35
C LEU B 443 -5.10 49.70 36.10
N ASN B 444 -6.16 48.86 35.94
CA ASN B 444 -7.49 49.34 35.53
C ASN B 444 -7.50 50.19 34.34
N VAL B 445 -6.73 49.82 33.32
CA VAL B 445 -6.76 50.49 32.02
C VAL B 445 -7.50 49.59 31.03
N GLU B 446 -8.51 50.13 30.35
CA GLU B 446 -9.20 49.28 29.40
C GLU B 446 -8.63 49.41 28.01
N VAL B 447 -8.71 48.35 27.22
CA VAL B 447 -8.17 48.41 25.86
C VAL B 447 -9.06 47.81 24.81
N ASP B 448 -8.86 48.25 23.55
CA ASP B 448 -9.35 47.55 22.37
C ASP B 448 -8.18 46.80 21.70
N PHE B 449 -8.53 45.80 20.86
CA PHE B 449 -7.50 45.14 20.03
C PHE B 449 -7.72 45.67 18.65
N LEU B 450 -6.63 45.84 17.95
CA LEU B 450 -6.72 46.09 16.55
C LEU B 450 -5.91 45.06 15.78
N PRO B 451 -6.28 44.79 14.54
CA PRO B 451 -5.34 44.06 13.73
C PRO B 451 -4.13 44.89 13.35
N ALA B 452 -3.01 44.22 13.16
CA ALA B 452 -1.75 44.96 12.88
C ALA B 452 -1.86 45.85 11.63
N ASP B 453 -2.66 45.42 10.68
CA ASP B 453 -2.87 46.21 9.51
C ASP B 453 -4.05 47.18 9.57
N ALA B 454 -4.35 47.65 10.78
CA ALA B 454 -5.40 48.62 11.00
C ALA B 454 -5.20 49.91 10.18
N SER B 455 -6.29 50.54 9.76
CA SER B 455 -6.16 51.72 8.89
C SER B 455 -5.64 52.95 9.71
N ALA B 456 -5.19 53.96 8.98
CA ALA B 456 -4.70 55.22 9.63
C ALA B 456 -5.81 55.82 10.53
N ASP B 457 -7.00 55.77 9.97
CA ASP B 457 -8.17 56.22 10.69
C ASP B 457 -8.43 55.46 11.97
N GLN B 458 -8.41 54.14 11.94
CA GLN B 458 -8.58 53.39 13.17
C GLN B 458 -7.48 53.69 14.17
N LEU B 459 -6.21 53.76 13.71
CA LEU B 459 -5.09 53.99 14.63
C LEU B 459 -5.24 55.34 15.31
N ALA B 460 -5.64 56.33 14.52
CA ALA B 460 -5.64 57.72 14.98
C ALA B 460 -6.59 57.99 16.13
N GLY B 461 -7.57 57.12 16.32
CA GLY B 461 -8.42 57.26 17.47
C GLY B 461 -7.81 56.93 18.81
N TYR B 462 -6.61 56.35 18.89
CA TYR B 462 -6.11 55.95 20.18
C TYR B 462 -4.94 56.85 20.60
N SER B 463 -4.85 57.09 21.91
CA SER B 463 -3.74 57.82 22.50
C SER B 463 -2.51 57.04 22.60
N LEU B 464 -2.63 55.73 22.89
CA LEU B 464 -1.50 54.84 23.05
C LEU B 464 -1.79 53.54 22.26
N VAL B 465 -0.87 53.19 21.36
CA VAL B 465 -0.91 51.96 20.58
C VAL B 465 0.29 51.12 20.90
N ILE B 466 0.06 49.87 21.33
CA ILE B 466 1.08 48.99 21.82
C ILE B 466 1.21 47.86 20.75
N ALA B 467 2.44 47.53 20.39
CA ALA B 467 2.85 46.54 19.43
C ALA B 467 3.69 45.48 20.16
N PRO B 468 3.05 44.44 20.69
CA PRO B 468 3.72 43.36 21.42
C PRO B 468 4.25 42.30 20.47
N ALA B 469 5.56 42.20 20.41
CA ALA B 469 6.26 41.20 19.62
C ALA B 469 5.66 41.07 18.22
N LEU B 470 5.56 42.21 17.57
CA LEU B 470 4.91 42.33 16.28
C LEU B 470 5.94 42.04 15.18
N TYR B 471 6.36 40.79 15.17
CA TYR B 471 7.53 40.33 14.45
C TYR B 471 7.56 40.56 12.97
N THR B 472 6.43 40.29 12.33
CA THR B 472 6.31 40.28 10.87
C THR B 472 5.12 41.20 10.50
N THR B 473 5.45 42.18 9.65
CA THR B 473 4.50 43.01 8.99
C THR B 473 4.94 43.32 7.60
N ASP B 474 4.04 43.90 6.84
CA ASP B 474 4.43 44.44 5.55
C ASP B 474 4.90 45.87 5.76
N GLN B 475 5.42 46.40 4.70
CA GLN B 475 5.98 47.75 4.69
C GLN B 475 4.95 48.83 4.96
N GLN B 476 3.74 48.63 4.38
CA GLN B 476 2.61 49.58 4.47
C GLN B 476 2.20 49.78 5.96
N THR B 477 2.21 48.69 6.72
CA THR B 477 1.95 48.71 8.21
C THR B 477 3.00 49.57 8.96
N ILE B 478 4.28 49.36 8.67
CA ILE B 478 5.36 50.19 9.23
C ILE B 478 5.08 51.70 8.91
N ASP B 479 4.79 52.00 7.65
CA ASP B 479 4.58 53.37 7.23
C ASP B 479 3.34 53.98 7.95
N ARG B 480 2.22 53.24 8.20
CA ARG B 480 1.05 53.78 8.90
C ARG B 480 1.39 54.11 10.33
N LEU B 481 2.23 53.19 10.89
CA LEU B 481 2.53 53.37 12.32
C LEU B 481 3.47 54.62 12.47
N ALA B 482 4.36 54.85 11.51
CA ALA B 482 5.23 56.03 11.53
C ALA B 482 4.39 57.30 11.44
N ARG B 483 3.39 57.27 10.56
CA ARG B 483 2.54 58.41 10.35
C ARG B 483 1.65 58.64 11.56
N TYR B 484 1.14 57.54 12.16
CA TYR B 484 0.38 57.64 13.41
C TYR B 484 1.19 58.43 14.45
N VAL B 485 2.46 58.05 14.66
CA VAL B 485 3.31 58.74 15.60
C VAL B 485 3.54 60.24 15.18
N LYS B 486 3.83 60.44 13.93
CA LYS B 486 4.10 61.77 13.39
C LYS B 486 2.98 62.71 13.73
N ASN B 487 1.76 62.20 13.62
CA ASN B 487 0.59 63.03 13.76
C ASN B 487 0.18 63.22 15.20
N GLY B 488 0.95 62.71 16.16
CA GLY B 488 0.64 62.93 17.52
C GLY B 488 0.39 61.71 18.36
N GLY B 489 0.40 60.52 17.74
CA GLY B 489 0.25 59.29 18.54
C GLY B 489 1.42 58.97 19.42
N HIS B 490 1.17 58.01 20.33
CA HIS B 490 2.22 57.39 21.15
C HIS B 490 2.21 55.91 20.87
N LEU B 491 3.30 55.45 20.24
CA LEU B 491 3.56 54.06 19.96
C LEU B 491 4.58 53.44 20.91
N LEU B 492 4.20 52.32 21.50
CA LEU B 492 5.08 51.57 22.35
C LEU B 492 5.24 50.18 21.68
N ALA B 493 6.46 49.80 21.29
CA ALA B 493 6.77 48.50 20.76
C ALA B 493 7.69 47.70 21.71
N THR B 494 7.51 46.35 21.71
CA THR B 494 8.41 45.50 22.40
C THR B 494 9.47 44.95 21.46
N MET B 495 10.43 44.29 22.10
CA MET B 495 11.46 43.54 21.44
C MET B 495 10.82 42.52 20.46
N ARG B 496 11.54 42.25 19.39
CA ARG B 496 11.12 41.24 18.38
C ARG B 496 10.02 41.77 17.58
N SER B 497 9.94 43.10 17.46
CA SER B 497 8.99 43.75 16.59
C SER B 497 9.59 44.27 15.28
N PHE B 498 8.78 44.27 14.23
CA PHE B 498 9.16 44.76 12.91
C PHE B 498 10.46 44.13 12.37
N VAL B 499 10.68 42.87 12.71
CA VAL B 499 11.92 42.17 12.37
C VAL B 499 11.93 41.71 10.91
N ALA B 500 10.76 41.26 10.45
CA ALA B 500 10.62 40.60 9.16
C ALA B 500 9.50 41.10 8.36
N ASP B 501 9.62 41.00 7.06
CA ASP B 501 8.59 41.34 6.14
C ASP B 501 7.42 40.34 6.15
N GLU B 502 6.41 40.62 5.29
CA GLU B 502 5.25 39.76 5.27
C GLU B 502 5.50 38.28 4.80
N ASN B 503 6.68 37.98 4.29
CA ASN B 503 7.04 36.64 3.95
C ASN B 503 7.91 36.00 5.01
N VAL B 504 8.00 36.65 6.20
CA VAL B 504 8.87 36.24 7.27
C VAL B 504 10.33 36.20 6.79
N LYS B 505 10.70 37.18 5.95
CA LYS B 505 12.11 37.38 5.56
C LYS B 505 12.66 38.54 6.42
N VAL B 506 13.68 38.30 7.24
CA VAL B 506 14.28 39.36 8.03
C VAL B 506 14.68 40.50 7.09
N TRP B 507 14.26 41.72 7.39
CA TRP B 507 14.68 42.90 6.62
C TRP B 507 16.23 42.97 6.66
N HIS B 508 16.82 43.45 5.57
CA HIS B 508 18.24 43.51 5.49
C HIS B 508 18.86 44.93 5.54
N ASP B 509 18.11 45.93 5.97
CA ASP B 509 18.66 47.25 6.31
C ASP B 509 18.68 47.42 7.86
N LYS B 510 18.91 48.63 8.36
CA LYS B 510 19.11 48.77 9.83
C LYS B 510 17.77 48.60 10.57
N ALA B 511 17.83 47.92 11.68
CA ALA B 511 16.62 47.63 12.49
C ALA B 511 16.46 48.70 13.59
N PRO B 512 15.23 49.09 13.93
CA PRO B 512 13.98 48.61 13.28
C PRO B 512 13.72 49.17 11.94
N HIS B 513 13.47 48.27 10.99
CA HIS B 513 13.25 48.61 9.61
C HIS B 513 12.38 49.82 9.35
N HIS B 514 12.98 50.80 8.68
CA HIS B 514 12.32 52.06 8.36
C HIS B 514 11.72 52.80 9.58
N LEU B 515 12.20 52.50 10.77
CA LEU B 515 11.69 53.10 11.96
C LEU B 515 12.82 53.58 12.85
N VAL B 516 14.06 53.56 12.35
CA VAL B 516 15.21 54.04 13.13
C VAL B 516 15.07 55.49 13.53
N ASP B 517 14.50 56.32 12.63
CA ASP B 517 14.34 57.74 12.89
C ASP B 517 13.06 57.95 13.71
N ILE B 518 12.16 57.00 13.67
CA ILE B 518 10.96 57.09 14.48
C ILE B 518 11.27 56.80 15.98
N PHE B 519 11.90 55.66 16.27
CA PHE B 519 12.25 55.30 17.61
C PHE B 519 13.57 55.98 18.08
N GLY B 520 14.29 56.62 17.15
CA GLY B 520 15.61 57.22 17.43
C GLY B 520 16.59 56.28 18.07
N MET B 521 16.69 55.05 17.52
CA MET B 521 17.63 54.06 17.96
C MET B 521 17.79 52.98 16.86
N THR B 522 18.84 52.17 16.95
CA THR B 522 18.99 51.05 16.01
C THR B 522 19.64 49.96 16.85
N TYR B 523 19.50 48.70 16.45
CA TYR B 523 20.17 47.57 17.17
C TYR B 523 20.53 46.55 16.12
N ASN B 524 21.58 45.81 16.32
CA ASN B 524 21.83 44.64 15.48
C ASN B 524 22.45 43.47 16.20
N GLN B 525 22.29 43.47 17.51
CA GLN B 525 22.80 42.46 18.41
C GLN B 525 21.83 42.25 19.56
N PHE B 526 21.84 41.03 20.08
CA PHE B 526 20.93 40.56 21.10
C PHE B 526 21.45 39.27 21.70
N THR B 527 20.95 38.95 22.87
CA THR B 527 21.31 37.72 23.58
C THR B 527 20.27 37.33 24.66
N ARG B 528 20.49 36.20 25.26
CA ARG B 528 19.71 35.71 26.37
C ARG B 528 20.46 36.18 27.62
N PRO B 529 19.83 37.10 28.39
CA PRO B 529 20.53 37.77 29.50
C PRO B 529 20.85 36.92 30.64
N MET B 530 22.09 37.02 31.11
CA MET B 530 22.48 36.31 32.32
C MET B 530 22.82 37.41 33.39
N GLY B 531 22.07 37.49 34.46
CA GLY B 531 22.28 38.51 35.53
C GLY B 531 22.35 39.94 35.01
N VAL B 532 21.37 40.36 34.20
CA VAL B 532 21.36 41.68 33.64
C VAL B 532 20.21 42.38 34.35
N SER B 533 20.48 43.58 34.91
CA SER B 533 19.48 44.45 35.49
C SER B 533 19.32 45.71 34.72
N LEU B 534 18.43 46.56 35.25
CA LEU B 534 18.15 47.86 34.65
C LEU B 534 18.56 49.04 35.53
N LYS B 535 19.17 50.08 34.93
CA LYS B 535 19.44 51.33 35.61
C LYS B 535 18.51 52.34 35.02
N CYS B 536 17.79 53.05 35.88
CA CYS B 536 16.71 53.96 35.48
C CYS B 536 16.86 55.34 36.14
N PRO B 537 17.37 56.28 35.38
CA PRO B 537 17.86 57.59 35.90
C PRO B 537 16.77 58.65 36.12
N ASP B 538 15.57 58.44 35.56
CA ASP B 538 14.54 59.45 35.68
C ASP B 538 13.12 58.90 35.90
N THR B 539 12.24 58.99 34.90
CA THR B 539 10.83 58.75 35.12
C THR B 539 10.54 57.27 35.45
N LEU B 540 11.51 56.38 35.20
CA LEU B 540 11.38 54.95 35.59
C LEU B 540 12.23 54.65 36.81
N ALA B 541 12.47 55.65 37.64
CA ALA B 541 13.26 55.37 38.86
C ALA B 541 12.75 54.22 39.70
N ASP B 542 11.46 54.00 39.74
CA ASP B 542 10.94 52.88 40.49
C ASP B 542 11.34 51.52 39.96
N LEU B 543 11.79 51.48 38.73
CA LEU B 543 12.16 50.25 38.06
C LEU B 543 13.63 49.95 38.25
N ALA B 544 14.39 50.88 38.86
CA ALA B 544 15.80 50.62 39.15
C ALA B 544 16.05 49.27 39.79
N GLY B 545 17.02 48.54 39.24
CA GLY B 545 17.37 47.23 39.72
C GLY B 545 16.52 46.09 39.20
N ALA B 546 15.44 46.38 38.49
CA ALA B 546 14.66 45.34 37.86
C ALA B 546 15.49 44.47 36.87
N SER B 547 15.06 43.20 36.76
CA SER B 547 15.75 42.21 35.91
C SER B 547 15.34 42.44 34.49
N ALA B 548 16.31 42.31 33.57
CA ALA B 548 16.00 42.08 32.18
C ALA B 548 15.84 40.56 32.04
N ASN B 549 14.81 40.13 31.32
CA ASN B 549 14.51 38.68 31.25
C ASN B 549 14.39 38.17 29.81
N ASP B 550 14.78 36.90 29.61
CA ASP B 550 14.52 36.08 28.42
C ASP B 550 15.30 36.45 27.16
N PHE B 551 15.29 37.71 26.83
CA PHE B 551 15.95 38.21 25.66
C PHE B 551 16.26 39.69 25.87
N ILE B 552 17.43 40.13 25.42
CA ILE B 552 17.73 41.60 25.33
C ILE B 552 18.26 42.03 24.01
N GLU B 553 17.70 43.11 23.49
CA GLU B 553 18.18 43.72 22.30
C GLU B 553 19.17 44.94 22.64
N MET B 554 20.34 45.03 22.00
CA MET B 554 21.34 46.04 22.40
C MET B 554 21.03 47.33 21.64
N LEU B 555 20.17 48.18 22.21
CA LEU B 555 19.71 49.35 21.49
C LEU B 555 20.77 50.49 21.60
N SER B 556 21.01 51.18 20.49
CA SER B 556 21.97 52.29 20.41
C SER B 556 21.14 53.49 20.16
N PRO B 557 20.91 54.27 21.19
CA PRO B 557 20.07 55.45 21.07
C PRO B 557 20.74 56.60 20.35
N ALA B 558 19.95 57.33 19.57
CA ALA B 558 20.37 58.61 18.95
C ALA B 558 20.50 59.67 20.04
N PRO B 559 21.28 60.75 19.79
CA PRO B 559 21.54 61.65 20.90
C PRO B 559 20.29 62.37 21.42
N GLU B 560 19.31 62.66 20.60
CA GLU B 560 18.11 63.28 21.09
C GLU B 560 17.11 62.29 21.76
N THR B 561 17.47 61.01 21.84
CA THR B 561 16.57 60.03 22.42
C THR B 561 16.54 59.97 23.93
N HIS B 562 15.35 59.95 24.55
CA HIS B 562 15.25 59.69 26.00
C HIS B 562 15.52 58.21 26.33
N VAL B 563 16.57 57.90 27.09
CA VAL B 563 16.83 56.56 27.54
C VAL B 563 16.21 56.44 28.88
N LEU B 564 15.09 55.74 28.95
CA LEU B 564 14.44 55.49 30.27
C LEU B 564 15.07 54.41 31.08
N ALA B 565 15.82 53.48 30.42
CA ALA B 565 16.51 52.40 31.15
C ALA B 565 17.72 51.97 30.37
N TRP B 566 18.85 51.80 31.05
CA TRP B 566 20.06 51.27 30.47
C TRP B 566 20.26 49.89 31.04
N TYR B 567 21.00 49.03 30.33
CA TYR B 567 21.35 47.78 30.89
C TYR B 567 22.46 48.01 31.91
N ASP B 568 22.36 47.28 32.99
CA ASP B 568 23.33 47.20 34.07
C ASP B 568 24.02 45.84 34.06
N HIS B 569 25.18 45.80 33.38
CA HIS B 569 25.99 44.60 33.25
C HIS B 569 27.25 45.07 32.55
N TYR B 570 28.41 44.59 32.96
CA TYR B 570 29.68 45.09 32.41
C TYR B 570 29.81 44.95 30.93
N ALA B 571 29.17 43.99 30.30
CA ALA B 571 29.34 43.82 28.86
C ALA B 571 28.38 44.60 28.01
N TRP B 572 27.22 44.90 28.56
CA TRP B 572 26.15 45.50 27.80
C TRP B 572 25.82 46.90 28.24
N ASP B 573 26.58 47.47 29.20
CA ASP B 573 26.16 48.76 29.77
C ASP B 573 26.29 49.96 28.86
N SER B 574 26.87 49.87 27.68
CA SER B 574 26.73 51.00 26.79
C SER B 574 25.43 51.01 25.97
N TYR B 575 24.59 49.99 26.15
CA TYR B 575 23.31 49.97 25.40
C TYR B 575 22.06 50.27 26.23
N ALA B 576 21.08 50.86 25.60
CA ALA B 576 19.78 51.14 26.20
C ALA B 576 18.87 49.89 26.16
N ALA B 577 17.97 49.82 27.13
CA ALA B 577 16.97 48.80 27.27
C ALA B 577 15.58 49.37 26.95
N ILE B 578 15.33 50.62 27.33
CA ILE B 578 14.05 51.24 27.08
C ILE B 578 14.32 52.67 26.66
N THR B 579 13.76 53.01 25.49
CA THR B 579 13.96 54.28 24.80
C THR B 579 12.64 54.90 24.40
N ARG B 580 12.64 56.20 24.32
CA ARG B 580 11.50 56.92 23.74
C ARG B 580 12.00 58.17 23.01
N HIS B 581 11.37 58.46 21.85
CA HIS B 581 11.86 59.45 20.94
C HIS B 581 10.77 60.21 20.34
N ALA B 582 10.85 61.55 20.37
CA ALA B 582 9.80 62.37 19.78
C ALA B 582 9.89 62.36 18.30
N PHE B 583 8.76 62.32 17.65
CA PHE B 583 8.78 62.31 16.19
C PHE B 583 7.57 63.02 15.70
N GLY B 584 7.73 64.07 14.90
CA GLY B 584 6.61 64.96 14.65
C GLY B 584 5.98 65.37 15.99
N SER B 585 4.67 65.30 16.08
CA SER B 585 3.95 65.64 17.34
C SER B 585 3.83 64.51 18.36
N GLY B 586 4.34 63.31 18.05
CA GLY B 586 4.12 62.21 18.98
C GLY B 586 5.37 61.65 19.44
N ASP B 587 5.30 60.41 19.94
CA ASP B 587 6.51 59.74 20.30
C ASP B 587 6.42 58.19 20.16
N ALA B 588 7.58 57.55 20.18
CA ALA B 588 7.76 56.10 19.98
C ALA B 588 8.72 55.51 20.97
N GLN B 589 8.25 54.50 21.69
CA GLN B 589 8.99 53.93 22.82
C GLN B 589 9.27 52.45 22.46
N TRP B 590 10.46 51.95 22.78
CA TRP B 590 10.86 50.55 22.58
C TRP B 590 11.27 50.00 23.87
N VAL B 591 10.74 48.80 24.15
CA VAL B 591 11.18 48.03 25.32
C VAL B 591 11.91 46.80 24.87
N GLY B 592 13.23 46.76 25.06
CA GLY B 592 14.16 45.82 24.41
C GLY B 592 14.35 44.48 25.13
N THR B 593 13.42 44.18 26.05
CA THR B 593 13.55 42.99 26.91
C THR B 593 12.16 42.57 27.42
N GLN B 594 12.11 41.47 28.15
CA GLN B 594 10.86 41.11 28.81
C GLN B 594 11.00 41.43 30.28
N LEU B 595 9.90 41.92 30.80
CA LEU B 595 9.86 42.37 32.19
C LEU B 595 8.96 41.51 32.97
N GLN B 596 9.16 41.47 34.25
CA GLN B 596 8.28 40.82 35.19
C GLN B 596 7.02 41.67 35.35
N ALA B 597 6.02 41.14 36.02
CA ALA B 597 4.69 41.74 36.09
C ALA B 597 4.74 43.12 36.79
N ASP B 598 5.43 43.24 37.92
CA ASP B 598 5.55 44.51 38.59
C ASP B 598 6.25 45.58 37.72
N ALA B 599 7.30 45.18 37.04
CA ALA B 599 8.04 46.10 36.19
C ALA B 599 7.21 46.50 34.99
N TRP B 600 6.42 45.57 34.39
CA TRP B 600 5.48 45.99 33.34
C TRP B 600 4.48 47.06 33.81
N ARG B 601 3.98 46.89 35.00
CA ARG B 601 3.03 47.87 35.54
C ARG B 601 3.68 49.26 35.62
N THR B 602 4.89 49.28 36.14
CA THR B 602 5.65 50.51 36.22
C THR B 602 5.86 51.13 34.87
N VAL B 603 6.29 50.35 33.88
CA VAL B 603 6.61 50.91 32.62
C VAL B 603 5.40 51.42 31.95
N LEU B 604 4.32 50.63 32.03
CA LEU B 604 3.10 51.03 31.38
C LEU B 604 2.43 52.21 32.08
N ALA B 605 2.48 52.26 33.39
CA ALA B 605 1.89 53.43 34.07
C ALA B 605 2.56 54.71 33.60
N GLU B 606 3.91 54.70 33.49
CA GLU B 606 4.65 55.90 33.02
C GLU B 606 4.33 56.24 31.56
N ALA B 607 4.20 55.21 30.67
CA ALA B 607 3.82 55.49 29.28
C ALA B 607 2.42 56.05 29.16
N LEU B 608 1.54 55.50 29.97
CA LEU B 608 0.18 56.04 29.95
C LEU B 608 0.18 57.54 30.42
N SER B 609 0.96 57.83 31.44
CA SER B 609 1.04 59.20 31.89
C SER B 609 1.57 60.08 30.78
N ASN B 610 2.62 59.65 30.09
CA ASN B 610 3.16 60.36 28.97
C ASN B 610 2.14 60.60 27.85
N ALA B 611 1.28 59.63 27.61
CA ALA B 611 0.30 59.69 26.58
C ALA B 611 -0.95 60.42 27.08
N GLY B 612 -0.97 60.83 28.35
CA GLY B 612 -2.09 61.64 28.88
C GLY B 612 -3.34 60.79 29.13
N VAL B 613 -3.15 59.54 29.49
CA VAL B 613 -4.28 58.68 29.78
C VAL B 613 -4.40 58.48 31.26
N HIS B 614 -5.57 58.90 31.73
CA HIS B 614 -5.84 58.86 33.15
C HIS B 614 -7.32 58.84 33.41
N THR B 615 -7.74 58.05 34.38
CA THR B 615 -9.17 57.93 34.71
C THR B 615 -9.22 57.68 36.16
N PRO B 616 -10.40 57.89 36.78
CA PRO B 616 -10.47 57.63 38.22
C PRO B 616 -10.27 56.20 38.56
N GLY B 617 -10.74 55.27 37.68
CA GLY B 617 -10.50 53.85 38.00
C GLY B 617 -9.04 53.50 38.21
N MET B 618 -8.17 54.22 37.54
CA MET B 618 -6.74 53.92 37.60
C MET B 618 -6.19 54.16 38.99
N GLU B 619 -6.90 54.98 39.77
CA GLU B 619 -6.48 55.24 41.15
C GLU B 619 -6.80 54.12 42.01
N LEU B 620 -7.66 53.19 41.58
CA LEU B 620 -7.96 52.01 42.41
C LEU B 620 -7.20 50.73 41.98
N ALA B 621 -6.25 50.92 41.08
CA ALA B 621 -5.44 49.82 40.60
C ALA B 621 -4.91 49.00 41.77
N GLY B 622 -5.14 47.69 41.75
CA GLY B 622 -4.65 46.80 42.80
C GLY B 622 -5.66 46.61 43.94
N THR B 623 -6.68 47.45 44.01
CA THR B 623 -7.71 47.28 45.04
C THR B 623 -9.01 46.69 44.51
N VAL B 624 -9.48 47.17 43.35
CA VAL B 624 -10.68 46.63 42.80
C VAL B 624 -10.63 46.85 41.30
N CYS B 625 -11.30 45.93 40.60
CA CYS B 625 -11.37 46.03 39.17
C CYS B 625 -12.50 46.93 38.80
N VAL B 626 -12.20 47.92 37.95
CA VAL B 626 -13.18 48.88 37.53
C VAL B 626 -13.24 48.85 36.01
N ARG B 627 -14.42 48.58 35.48
CA ARG B 627 -14.59 48.54 34.02
C ARG B 627 -15.87 49.24 33.72
N SER B 628 -15.90 49.96 32.63
CA SER B 628 -17.06 50.79 32.37
C SER B 628 -17.43 50.99 30.92
N GLY B 629 -18.55 51.66 30.74
CA GLY B 629 -19.04 52.07 29.45
C GLY B 629 -20.32 52.90 29.50
N THR B 630 -20.93 53.12 28.36
CA THR B 630 -22.12 53.96 28.33
C THR B 630 -23.26 53.16 27.76
N ASN B 631 -24.45 53.34 28.30
CA ASN B 631 -25.60 52.49 27.86
C ASN B 631 -26.46 53.22 26.89
N THR B 632 -27.50 52.57 26.44
CA THR B 632 -28.20 53.10 25.34
C THR B 632 -28.98 54.36 25.70
N ALA B 633 -29.30 54.53 26.97
CA ALA B 633 -29.80 55.85 27.45
C ALA B 633 -28.71 56.95 27.55
N GLY B 634 -27.44 56.70 27.22
CA GLY B 634 -26.37 57.65 27.43
C GLY B 634 -25.86 57.72 28.85
N ASP B 635 -26.30 56.89 29.76
CA ASP B 635 -25.66 56.89 31.09
C ASP B 635 -24.33 56.15 31.15
N THR B 636 -23.48 56.55 32.11
CA THR B 636 -22.24 55.90 32.48
C THR B 636 -22.52 54.78 33.42
N VAL B 637 -22.01 53.60 33.04
CA VAL B 637 -22.15 52.38 33.83
C VAL B 637 -20.77 51.97 34.26
N THR B 638 -20.55 51.96 35.56
CA THR B 638 -19.26 51.62 36.11
C THR B 638 -19.31 50.40 37.02
N TYR B 639 -18.74 49.27 36.56
CA TYR B 639 -18.66 48.05 37.33
C TYR B 639 -17.55 48.09 38.34
N LEU B 640 -17.83 47.56 39.50
CA LEU B 640 -16.88 47.39 40.56
C LEU B 640 -16.85 45.90 40.84
N LEU B 641 -15.70 45.30 40.57
CA LEU B 641 -15.57 43.83 40.61
C LEU B 641 -14.46 43.40 41.51
N ASN B 642 -14.79 42.71 42.58
CA ASN B 642 -13.80 42.30 43.56
C ASN B 642 -13.34 40.86 43.36
N TYR B 643 -12.22 40.70 42.62
CA TYR B 643 -11.68 39.38 42.38
C TYR B 643 -10.76 38.92 43.52
N SER B 644 -11.29 38.77 44.71
CA SER B 644 -10.52 38.32 45.83
C SER B 644 -11.47 37.66 46.81
N GLY B 645 -10.90 36.84 47.70
CA GLY B 645 -11.60 36.11 48.71
C GLY B 645 -11.87 36.86 50.02
N SER B 646 -11.64 38.17 50.05
CA SER B 646 -11.89 39.00 51.26
C SER B 646 -12.68 40.23 50.91
N PRO B 647 -13.35 40.83 51.91
CA PRO B 647 -14.04 42.10 51.68
C PRO B 647 -13.05 43.16 51.42
N ILE B 648 -13.39 44.17 50.65
CA ILE B 648 -12.48 45.27 50.38
C ILE B 648 -13.22 46.58 50.65
N THR B 649 -12.49 47.63 50.98
CA THR B 649 -13.06 48.98 51.08
C THR B 649 -12.27 49.94 50.26
N PHE B 650 -12.91 50.83 49.57
CA PHE B 650 -12.23 51.77 48.78
C PHE B 650 -13.11 52.94 48.49
N ARG B 651 -12.59 53.90 47.77
CA ARG B 651 -13.34 55.10 47.44
C ARG B 651 -14.01 55.01 46.07
N ALA B 652 -15.25 55.47 45.96
CA ALA B 652 -16.00 55.32 44.75
C ALA B 652 -15.36 56.09 43.61
N PRO B 653 -15.26 55.48 42.42
CA PRO B 653 -14.64 56.13 41.24
C PRO B 653 -15.59 56.84 40.37
N ALA B 654 -16.89 56.79 40.73
CA ALA B 654 -17.92 57.45 39.95
C ALA B 654 -19.11 57.86 40.83
N SER B 655 -19.94 58.78 40.34
CA SER B 655 -21.10 59.23 41.07
C SER B 655 -22.33 58.68 40.34
N GLY B 656 -23.31 58.28 41.10
CA GLY B 656 -24.64 58.05 40.55
C GLY B 656 -25.42 57.23 41.59
N THR B 657 -26.06 56.12 41.16
CA THR B 657 -26.64 55.21 42.11
C THR B 657 -26.18 53.75 41.91
N PHE B 658 -26.14 52.96 42.96
CA PHE B 658 -25.78 51.52 42.86
C PHE B 658 -26.96 50.74 42.24
N LEU B 659 -26.70 49.97 41.19
CA LEU B 659 -27.78 49.35 40.43
C LEU B 659 -28.24 48.10 41.13
N LEU B 660 -27.34 47.40 41.80
CA LEU B 660 -27.71 46.15 42.33
C LEU B 660 -27.91 46.17 43.81
N GLY B 661 -27.20 47.00 44.52
CA GLY B 661 -27.05 46.79 45.95
C GLY B 661 -26.07 45.72 46.31
N HIS B 662 -25.54 45.73 47.52
CA HIS B 662 -24.54 44.76 47.91
C HIS B 662 -24.48 44.58 49.38
N PRO B 663 -24.13 43.37 49.85
CA PRO B 663 -23.68 43.16 51.27
C PRO B 663 -22.42 43.95 51.54
N THR B 664 -22.11 44.24 52.79
CA THR B 664 -20.84 44.97 53.05
C THR B 664 -19.95 44.07 53.87
N ASP B 665 -19.90 44.23 55.19
CA ASP B 665 -18.94 43.45 55.99
C ASP B 665 -19.16 43.70 57.50
N GLN B 669 -24.43 46.64 57.81
CA GLN B 669 -25.68 46.82 57.06
C GLN B 669 -25.42 46.88 55.55
N ALA B 670 -26.25 46.18 54.79
CA ALA B 670 -26.18 46.09 53.37
C ALA B 670 -26.48 47.45 52.69
N VAL B 671 -25.97 47.65 51.50
CA VAL B 671 -26.39 48.75 50.65
C VAL B 671 -27.52 48.31 49.70
N THR B 672 -28.64 48.99 49.76
CA THR B 672 -29.76 48.60 49.01
C THR B 672 -29.71 49.16 47.60
N ALA B 673 -30.49 48.59 46.70
CA ALA B 673 -30.45 49.05 45.32
C ALA B 673 -30.90 50.48 45.18
N GLU B 674 -30.25 51.17 44.25
CA GLU B 674 -30.44 52.59 43.94
C GLU B 674 -30.01 53.57 45.10
N THR B 675 -29.25 53.09 46.05
CA THR B 675 -28.54 53.95 47.02
C THR B 675 -27.60 54.89 46.22
N PRO B 676 -27.67 56.23 46.49
CA PRO B 676 -26.82 57.19 45.76
C PRO B 676 -25.44 57.13 46.26
N VAL B 677 -24.50 57.46 45.37
CA VAL B 677 -23.10 57.47 45.78
C VAL B 677 -22.44 58.57 45.02
N THR B 678 -21.45 59.19 45.68
CA THR B 678 -20.66 60.24 45.05
C THR B 678 -19.21 59.82 44.95
N VAL B 679 -18.60 60.15 43.84
CA VAL B 679 -17.15 59.92 43.68
C VAL B 679 -16.42 60.30 44.97
N GLY B 680 -15.56 59.42 45.47
CA GLY B 680 -14.93 59.62 46.76
C GLY B 680 -15.49 58.98 48.00
N ASP B 681 -16.79 58.67 48.04
CA ASP B 681 -17.42 58.00 49.19
C ASP B 681 -16.84 56.64 49.40
N ALA B 682 -16.83 56.16 50.63
CA ALA B 682 -16.40 54.84 50.94
C ALA B 682 -17.36 53.81 50.37
N VAL B 683 -16.79 52.73 49.84
CA VAL B 683 -17.57 51.61 49.31
C VAL B 683 -16.92 50.36 49.89
N THR B 684 -17.73 49.44 50.39
CA THR B 684 -17.25 48.14 50.83
C THR B 684 -17.95 47.08 49.97
N LEU B 685 -17.17 46.15 49.38
CA LEU B 685 -17.70 44.94 48.74
C LEU B 685 -17.30 43.70 49.47
N PRO B 686 -18.17 42.68 49.46
CA PRO B 686 -17.86 41.42 50.11
C PRO B 686 -16.90 40.62 49.20
N ARG B 687 -16.37 39.51 49.69
CA ARG B 687 -15.50 38.66 48.90
C ARG B 687 -16.24 38.27 47.59
N TRP B 688 -15.56 38.28 46.48
CA TRP B 688 -16.13 38.00 45.18
C TRP B 688 -17.37 38.83 44.88
N GLY B 689 -17.44 40.06 45.43
CA GLY B 689 -18.57 40.94 45.22
C GLY B 689 -18.57 41.83 44.02
N VAL B 690 -19.74 42.37 43.77
CA VAL B 690 -19.93 43.24 42.61
C VAL B 690 -21.05 44.25 42.88
N ASP B 691 -20.84 45.48 42.45
CA ASP B 691 -21.94 46.34 42.23
C ASP B 691 -21.57 47.28 41.10
N ILE B 692 -22.54 48.05 40.68
CA ILE B 692 -22.45 48.83 39.51
C ILE B 692 -23.00 50.27 39.79
N ILE B 693 -22.22 51.31 39.47
CA ILE B 693 -22.65 52.68 39.61
C ILE B 693 -23.12 53.15 38.30
N VAL B 694 -24.35 53.65 38.25
CA VAL B 694 -24.90 54.19 37.07
C VAL B 694 -25.18 55.69 37.28
N GLY B 695 -24.68 56.55 36.41
CA GLY B 695 -24.88 58.01 36.60
C GLY B 695 -25.30 58.67 35.32
N PRO C 8 -39.54 24.46 -37.19
CA PRO C 8 -39.49 23.52 -38.30
C PRO C 8 -38.76 22.24 -37.84
N ILE C 9 -38.54 21.27 -38.71
CA ILE C 9 -37.58 20.19 -38.41
C ILE C 9 -36.14 20.70 -38.11
N LEU C 10 -35.59 20.26 -36.98
CA LEU C 10 -34.23 20.61 -36.65
C LEU C 10 -33.29 19.90 -37.58
N PHE C 11 -32.28 20.60 -38.05
CA PHE C 11 -31.32 20.01 -38.93
C PHE C 11 -29.98 20.64 -38.62
N GLY C 12 -28.98 19.80 -38.32
CA GLY C 12 -27.77 20.37 -37.86
C GLY C 12 -26.56 19.51 -37.68
N ALA C 13 -25.70 20.01 -36.81
CA ALA C 13 -24.47 19.36 -36.47
C ALA C 13 -23.92 19.79 -35.12
N ALA C 14 -23.18 18.89 -34.46
CA ALA C 14 -22.34 19.27 -33.35
C ALA C 14 -21.17 20.14 -33.91
N TYR C 15 -20.83 21.20 -33.20
CA TYR C 15 -19.75 22.08 -33.58
C TYR C 15 -18.75 22.26 -32.42
N TYR C 16 -17.45 22.07 -32.72
CA TYR C 16 -16.39 22.29 -31.79
C TYR C 16 -15.38 23.40 -32.23
N ASP C 17 -15.74 24.61 -31.93
CA ASP C 17 -14.83 25.72 -32.04
C ASP C 17 -13.58 25.46 -31.19
N GLU C 18 -13.73 24.73 -30.07
CA GLU C 18 -12.57 24.36 -29.21
C GLU C 18 -11.50 23.51 -29.88
N TYR C 19 -11.88 22.75 -30.91
CA TYR C 19 -10.98 21.83 -31.56
C TYR C 19 -10.37 22.36 -32.91
N ILE C 20 -10.98 23.41 -33.47
CA ILE C 20 -10.53 23.99 -34.75
C ILE C 20 -9.11 24.57 -34.61
N PRO C 21 -8.17 24.23 -35.52
CA PRO C 21 -6.80 24.81 -35.38
C PRO C 21 -6.80 26.28 -35.17
N ARG C 22 -5.98 26.66 -34.21
CA ARG C 22 -6.02 27.97 -33.70
C ARG C 22 -5.45 28.96 -34.73
N ASP C 23 -4.67 28.53 -35.69
CA ASP C 23 -4.18 29.52 -36.70
C ASP C 23 -5.35 29.93 -37.65
N LEU C 24 -6.50 29.23 -37.64
CA LEU C 24 -7.61 29.60 -38.45
C LEU C 24 -8.55 30.57 -37.76
N ASP C 25 -9.33 31.32 -38.54
CA ASP C 25 -10.40 32.14 -38.05
C ASP C 25 -11.56 31.96 -38.96
N ARG C 26 -12.23 30.82 -38.87
CA ARG C 26 -13.17 30.44 -39.90
C ARG C 26 -14.62 30.24 -39.44
N ILE C 27 -14.88 30.62 -38.20
CA ILE C 27 -16.17 30.28 -37.58
C ILE C 27 -17.35 30.88 -38.38
N ASP C 28 -17.18 32.10 -38.87
CA ASP C 28 -18.25 32.71 -39.69
C ASP C 28 -18.36 32.04 -41.06
N THR C 29 -17.25 31.54 -41.64
CA THR C 29 -17.32 30.70 -42.82
C THR C 29 -18.09 29.37 -42.61
N ASP C 30 -17.74 28.66 -41.54
CA ASP C 30 -18.50 27.49 -41.08
C ASP C 30 -19.98 27.87 -40.96
N MET C 31 -20.30 28.95 -40.26
CA MET C 31 -21.69 29.26 -40.01
C MET C 31 -22.40 29.50 -41.38
N GLU C 32 -21.68 30.12 -42.31
CA GLU C 32 -22.27 30.43 -43.60
C GLU C 32 -22.42 29.18 -44.39
N MET C 33 -21.46 28.27 -44.32
CA MET C 33 -21.63 27.01 -45.03
C MET C 33 -22.80 26.21 -44.48
N MET C 34 -23.07 26.41 -43.19
CA MET C 34 -24.20 25.73 -42.54
C MET C 34 -25.55 26.29 -43.04
N THR C 35 -25.70 27.59 -43.03
CA THR C 35 -27.00 28.20 -43.45
C THR C 35 -27.23 27.86 -44.91
N ARG C 36 -26.15 27.85 -45.70
CA ARG C 36 -26.29 27.46 -47.09
C ARG C 36 -26.90 26.06 -47.23
N ALA C 37 -26.58 25.18 -46.31
CA ALA C 37 -27.00 23.80 -46.34
C ALA C 37 -28.35 23.57 -45.60
N GLY C 38 -29.02 24.65 -45.24
CA GLY C 38 -30.29 24.54 -44.48
C GLY C 38 -30.13 24.16 -42.99
N ILE C 39 -28.91 24.22 -42.47
CA ILE C 39 -28.67 23.88 -41.07
C ILE C 39 -29.20 24.97 -40.24
N ASN C 40 -30.05 24.62 -39.27
CA ASN C 40 -30.63 25.64 -38.34
C ASN C 40 -30.29 25.45 -36.83
N VAL C 41 -29.44 24.47 -36.50
CA VAL C 41 -29.03 24.29 -35.10
C VAL C 41 -27.64 23.67 -34.99
N ILE C 42 -26.87 24.09 -33.99
CA ILE C 42 -25.64 23.38 -33.66
C ILE C 42 -25.70 22.96 -32.16
N ARG C 43 -24.90 21.97 -31.82
CA ARG C 43 -24.72 21.52 -30.40
C ARG C 43 -23.27 21.79 -29.97
N ILE C 44 -23.07 22.41 -28.82
CA ILE C 44 -21.74 22.82 -28.34
C ILE C 44 -21.59 22.49 -26.85
N GLY C 45 -20.32 22.41 -26.43
CA GLY C 45 -19.87 22.51 -25.06
C GLY C 45 -19.59 21.25 -24.30
N GLU C 46 -20.09 20.09 -24.73
CA GLU C 46 -20.08 18.94 -23.81
C GLU C 46 -18.74 18.18 -23.63
N SER C 47 -17.83 18.36 -24.57
CA SER C 47 -16.59 17.57 -24.61
C SER C 47 -15.38 18.36 -24.13
N THR C 48 -15.61 19.56 -23.61
CA THR C 48 -14.44 20.44 -23.38
C THR C 48 -14.42 21.14 -22.02
N TRP C 49 -14.62 20.37 -20.97
CA TRP C 49 -14.55 20.92 -19.61
C TRP C 49 -13.20 21.65 -19.41
N SER C 50 -12.12 21.01 -19.83
CA SER C 50 -10.80 21.61 -19.50
C SER C 50 -10.50 22.89 -20.27
N THR C 51 -11.31 23.15 -21.31
CA THR C 51 -11.19 24.39 -22.06
C THR C 51 -11.96 25.47 -21.40
N CYS C 52 -13.17 25.18 -20.92
CA CYS C 52 -14.02 26.21 -20.23
C CYS C 52 -13.76 26.40 -18.74
N GLU C 53 -13.10 25.44 -18.09
CA GLU C 53 -12.62 25.63 -16.73
C GLU C 53 -11.16 25.12 -16.72
N PRO C 54 -10.25 25.95 -17.20
CA PRO C 54 -8.87 25.49 -17.41
C PRO C 54 -8.09 25.22 -16.11
N GLN C 55 -8.46 25.87 -15.01
CA GLN C 55 -7.88 25.63 -13.67
C GLN C 55 -9.08 25.74 -12.72
N PRO C 56 -9.00 25.10 -11.54
CA PRO C 56 -10.14 24.97 -10.65
C PRO C 56 -10.69 26.33 -10.29
N GLY C 57 -11.98 26.51 -10.54
CA GLY C 57 -12.66 27.74 -10.25
C GLY C 57 -12.42 28.89 -11.21
N HIS C 58 -11.63 28.70 -12.28
CA HIS C 58 -11.38 29.75 -13.23
C HIS C 58 -12.10 29.40 -14.53
N PHE C 59 -13.17 30.11 -14.85
CA PHE C 59 -14.00 29.81 -16.00
C PHE C 59 -13.61 30.69 -17.16
N ASP C 60 -13.54 30.13 -18.37
CA ASP C 60 -13.20 30.83 -19.56
C ASP C 60 -14.20 30.54 -20.67
N TRP C 61 -15.14 31.47 -20.89
CA TRP C 61 -16.20 31.20 -21.79
C TRP C 61 -15.91 31.70 -23.18
N THR C 62 -14.65 31.89 -23.54
CA THR C 62 -14.31 32.39 -24.87
C THR C 62 -14.89 31.57 -25.98
N HIS C 63 -14.72 30.26 -25.94
CA HIS C 63 -15.20 29.38 -26.99
C HIS C 63 -16.68 29.21 -27.08
N ILE C 64 -17.29 29.16 -25.90
CA ILE C 64 -18.71 29.08 -25.79
C ILE C 64 -19.26 30.39 -26.39
N ASP C 65 -18.74 31.52 -25.96
CA ASP C 65 -19.21 32.81 -26.48
C ASP C 65 -19.04 32.95 -28.00
N ARG C 66 -17.91 32.51 -28.53
CA ARG C 66 -17.66 32.60 -29.92
C ARG C 66 -18.73 31.86 -30.66
N ALA C 67 -19.06 30.62 -30.25
CA ALA C 67 -20.08 29.87 -30.93
C ALA C 67 -21.44 30.52 -30.79
N LEU C 68 -21.79 31.00 -29.59
CA LEU C 68 -23.11 31.64 -29.46
C LEU C 68 -23.20 32.94 -30.36
N ASP C 69 -22.19 33.76 -30.33
CA ASP C 69 -22.16 34.98 -31.18
C ASP C 69 -22.24 34.68 -32.69
N ALA C 70 -21.47 33.69 -33.16
CA ALA C 70 -21.48 33.31 -34.56
C ALA C 70 -22.80 32.68 -34.95
N ALA C 71 -23.36 31.84 -34.07
CA ALA C 71 -24.68 31.30 -34.36
C ALA C 71 -25.81 32.37 -34.45
N THR C 72 -25.83 33.23 -33.45
CA THR C 72 -26.73 34.35 -33.35
C THR C 72 -26.57 35.17 -34.62
N ASN C 73 -25.37 35.50 -35.02
CA ASN C 73 -25.17 36.31 -36.20
C ASN C 73 -25.66 35.61 -37.48
N ALA C 74 -25.62 34.29 -37.54
CA ALA C 74 -26.08 33.55 -38.71
C ALA C 74 -27.54 33.17 -38.64
N GLY C 75 -28.22 33.51 -37.57
CA GLY C 75 -29.56 33.02 -37.33
C GLY C 75 -29.65 31.52 -37.01
N ILE C 76 -28.59 30.92 -36.44
CA ILE C 76 -28.63 29.49 -36.16
C ILE C 76 -28.93 29.25 -34.68
N ASN C 77 -29.74 28.25 -34.34
CA ASN C 77 -30.05 27.98 -32.89
C ASN C 77 -28.96 27.11 -32.26
N VAL C 78 -28.92 27.06 -30.94
CA VAL C 78 -27.85 26.30 -30.25
C VAL C 78 -28.44 25.45 -29.17
N ILE C 79 -27.98 24.21 -29.11
CA ILE C 79 -28.16 23.33 -27.96
C ILE C 79 -26.85 23.23 -27.19
N VAL C 80 -26.91 23.51 -25.88
CA VAL C 80 -25.72 23.51 -25.04
C VAL C 80 -25.66 22.23 -24.24
N GLY C 81 -24.55 21.51 -24.35
CA GLY C 81 -24.35 20.30 -23.59
C GLY C 81 -23.54 20.58 -22.31
N THR C 82 -23.91 19.94 -21.21
CA THR C 82 -23.07 20.05 -20.01
C THR C 82 -21.79 19.20 -20.18
N PRO C 83 -20.64 19.68 -19.68
CA PRO C 83 -19.37 19.05 -20.10
C PRO C 83 -18.86 17.97 -19.13
N THR C 84 -19.79 17.33 -18.43
CA THR C 84 -19.39 16.44 -17.33
C THR C 84 -18.95 14.99 -17.71
N TYR C 85 -19.05 14.57 -18.99
CA TYR C 85 -18.67 13.18 -19.32
C TYR C 85 -17.20 12.97 -19.62
N ALA C 86 -16.41 14.04 -19.53
CA ALA C 86 -14.95 13.93 -19.52
C ALA C 86 -14.38 14.99 -18.61
N VAL C 87 -13.42 14.62 -17.79
CA VAL C 87 -12.93 15.47 -16.70
C VAL C 87 -11.55 16.02 -16.89
N PRO C 88 -11.30 17.18 -16.31
CA PRO C 88 -9.97 17.77 -16.46
C PRO C 88 -8.83 17.11 -15.70
N THR C 89 -7.60 17.25 -16.24
CA THR C 89 -6.43 16.77 -15.55
C THR C 89 -6.30 17.32 -14.14
N TRP C 90 -6.61 18.57 -13.96
CA TRP C 90 -6.50 19.20 -12.63
C TRP C 90 -7.44 18.61 -11.59
N LEU C 91 -8.55 18.07 -12.05
CA LEU C 91 -9.52 17.49 -11.11
C LEU C 91 -9.04 16.17 -10.60
N VAL C 92 -8.56 15.29 -11.49
CA VAL C 92 -8.03 14.01 -11.06
C VAL C 92 -6.71 14.12 -10.32
N ALA C 93 -5.93 15.17 -10.60
CA ALA C 93 -4.67 15.37 -9.86
C ALA C 93 -4.97 15.58 -8.36
N MET C 94 -6.03 16.33 -8.05
CA MET C 94 -6.50 16.43 -6.66
C MET C 94 -7.21 15.19 -6.17
N TYR C 95 -8.11 14.66 -7.00
CA TYR C 95 -9.05 13.63 -6.57
C TYR C 95 -8.97 12.44 -7.52
N PRO C 96 -7.99 11.56 -7.31
CA PRO C 96 -7.94 10.39 -8.22
C PRO C 96 -9.19 9.47 -8.20
N ASP C 97 -9.98 9.46 -7.11
CA ASP C 97 -11.17 8.61 -7.07
C ASP C 97 -12.34 9.13 -7.90
N VAL C 98 -12.16 10.30 -8.47
CA VAL C 98 -13.01 10.69 -9.55
C VAL C 98 -13.10 9.60 -10.61
N LEU C 99 -11.97 8.91 -10.89
CA LEU C 99 -11.97 7.80 -11.83
C LEU C 99 -12.36 6.53 -11.11
N ALA C 100 -13.29 5.79 -11.70
CA ALA C 100 -13.81 4.58 -11.07
C ALA C 100 -12.88 3.40 -11.06
N THR C 101 -12.96 2.63 -10.00
CA THR C 101 -12.38 1.32 -10.00
C THR C 101 -13.35 0.50 -10.84
N THR C 102 -12.80 -0.38 -11.69
CA THR C 102 -13.60 -1.36 -12.42
C THR C 102 -13.10 -2.76 -12.14
N PRO C 103 -13.80 -3.80 -12.64
CA PRO C 103 -13.26 -5.15 -12.46
C PRO C 103 -11.87 -5.33 -13.15
N ALA C 104 -11.50 -4.44 -14.09
CA ALA C 104 -10.12 -4.48 -14.67
C ALA C 104 -9.11 -3.92 -13.71
N GLY C 105 -9.54 -3.26 -12.63
CA GLY C 105 -8.68 -2.73 -11.61
C GLY C 105 -8.55 -1.19 -11.61
N GLU C 106 -7.37 -0.69 -11.35
CA GLU C 106 -7.24 0.72 -11.12
C GLU C 106 -7.36 1.43 -12.45
N PRO C 107 -8.01 2.62 -12.48
CA PRO C 107 -8.04 3.36 -13.74
C PRO C 107 -6.84 4.25 -14.03
N HIS C 108 -6.72 4.72 -15.26
CA HIS C 108 -5.65 5.65 -15.66
C HIS C 108 -6.27 6.70 -16.46
N TYR C 109 -5.87 7.94 -16.21
CA TYR C 109 -6.47 9.14 -16.81
C TYR C 109 -6.26 9.16 -18.32
N GLY C 110 -7.30 9.57 -19.03
CA GLY C 110 -7.20 9.96 -20.42
C GLY C 110 -8.52 9.84 -21.16
N ALA C 111 -9.08 8.63 -21.14
CA ALA C 111 -10.35 8.41 -21.80
C ALA C 111 -11.53 9.15 -21.16
N ARG C 112 -12.51 9.53 -21.99
CA ARG C 112 -13.77 9.98 -21.47
C ARG C 112 -14.54 8.84 -20.82
N GLN C 113 -15.47 9.19 -19.92
CA GLN C 113 -16.45 8.20 -19.40
C GLN C 113 -15.79 7.03 -18.72
N ILE C 114 -14.81 7.32 -17.90
CA ILE C 114 -14.28 6.37 -16.97
C ILE C 114 -14.41 6.89 -15.51
N MET C 115 -15.27 7.88 -15.27
CA MET C 115 -15.50 8.40 -13.95
C MET C 115 -16.41 7.49 -13.14
N ASN C 116 -16.33 7.64 -11.83
CA ASN C 116 -17.29 7.10 -10.88
C ASN C 116 -18.36 8.15 -10.71
N ILE C 117 -19.54 7.89 -11.32
CA ILE C 117 -20.53 8.91 -11.39
C ILE C 117 -21.19 9.33 -10.05
N VAL C 118 -20.98 8.59 -8.98
CA VAL C 118 -21.38 8.97 -7.67
C VAL C 118 -20.26 9.56 -6.79
N ASN C 119 -19.07 9.70 -7.36
CA ASN C 119 -17.97 10.28 -6.58
C ASN C 119 -18.29 11.73 -6.17
N PRO C 120 -18.03 12.11 -4.92
CA PRO C 120 -18.42 13.45 -4.49
C PRO C 120 -17.65 14.56 -5.20
N ALA C 121 -16.36 14.37 -5.48
CA ALA C 121 -15.60 15.41 -6.18
C ALA C 121 -16.16 15.60 -7.57
N TYR C 122 -16.45 14.50 -8.21
CA TYR C 122 -17.08 14.56 -9.54
C TYR C 122 -18.46 15.30 -9.51
N ARG C 123 -19.32 14.95 -8.58
CA ARG C 123 -20.61 15.58 -8.47
C ARG C 123 -20.53 17.06 -7.97
N LEU C 124 -19.64 17.38 -7.03
CA LEU C 124 -19.38 18.73 -6.61
C LEU C 124 -18.85 19.67 -7.69
N TYR C 125 -17.75 19.29 -8.32
CA TYR C 125 -17.16 20.13 -9.36
C TYR C 125 -18.06 20.09 -10.60
N GLY C 126 -18.74 18.97 -10.79
CA GLY C 126 -19.70 18.86 -11.88
C GLY C 126 -20.87 19.84 -11.69
N GLU C 127 -21.46 19.82 -10.53
CA GLU C 127 -22.54 20.84 -10.23
C GLU C 127 -22.04 22.26 -10.46
N ARG C 128 -20.85 22.59 -9.96
CA ARG C 128 -20.27 23.85 -10.24
C ARG C 128 -20.12 24.22 -11.72
N VAL C 129 -19.53 23.38 -12.56
CA VAL C 129 -19.43 23.71 -13.95
C VAL C 129 -20.79 23.80 -14.63
N ILE C 130 -21.70 22.93 -14.26
CA ILE C 130 -23.03 23.01 -14.80
C ILE C 130 -23.66 24.34 -14.46
N ARG C 131 -23.68 24.71 -13.18
CA ARG C 131 -24.30 25.96 -12.75
C ARG C 131 -23.66 27.20 -13.47
N SER C 132 -22.32 27.23 -13.59
CA SER C 132 -21.66 28.36 -14.21
C SER C 132 -21.97 28.42 -15.69
N LEU C 133 -21.87 27.29 -16.39
CA LEU C 133 -22.16 27.29 -17.80
C LEU C 133 -23.62 27.65 -18.07
N ILE C 134 -24.55 26.99 -17.39
CA ILE C 134 -26.00 27.17 -17.73
C ILE C 134 -26.49 28.59 -17.45
N SER C 135 -26.09 29.06 -16.28
CA SER C 135 -26.26 30.40 -15.85
C SER C 135 -25.74 31.38 -16.89
N HIS C 136 -24.56 31.09 -17.46
CA HIS C 136 -23.94 31.98 -18.43
C HIS C 136 -24.72 32.00 -19.74
N VAL C 137 -25.33 30.89 -20.17
CA VAL C 137 -25.89 30.87 -21.49
C VAL C 137 -27.41 30.98 -21.50
N ALA C 138 -28.04 30.85 -20.35
CA ALA C 138 -29.46 30.51 -20.37
C ALA C 138 -30.33 31.58 -21.09
N GLN C 139 -29.97 32.83 -20.93
CA GLN C 139 -30.77 33.96 -21.41
C GLN C 139 -30.34 34.38 -22.82
N GLN C 140 -29.44 33.65 -23.47
CA GLN C 140 -29.01 34.00 -24.80
C GLN C 140 -30.08 33.54 -25.75
N PRO C 141 -30.65 34.47 -26.54
CA PRO C 141 -31.76 34.06 -27.40
C PRO C 141 -31.47 32.87 -28.31
N CYS C 142 -30.25 32.66 -28.80
CA CYS C 142 -30.05 31.53 -29.74
C CYS C 142 -30.17 30.16 -29.06
N VAL C 143 -30.01 30.14 -27.73
CA VAL C 143 -30.04 28.86 -27.04
C VAL C 143 -31.46 28.33 -26.91
N ILE C 144 -31.77 27.22 -27.57
CA ILE C 144 -33.09 26.65 -27.53
C ILE C 144 -33.23 25.45 -26.59
N GLY C 145 -32.11 24.90 -26.10
CA GLY C 145 -32.22 23.80 -25.17
C GLY C 145 -30.84 23.28 -24.81
N TYR C 146 -30.89 22.13 -24.09
CA TYR C 146 -29.76 21.60 -23.39
C TYR C 146 -29.68 20.13 -23.48
N GLN C 147 -28.43 19.63 -23.58
CA GLN C 147 -28.19 18.22 -23.52
C GLN C 147 -27.54 17.95 -22.16
N VAL C 148 -28.11 17.04 -21.39
CA VAL C 148 -27.57 16.69 -20.11
C VAL C 148 -26.47 15.62 -20.25
N ASP C 149 -25.24 15.97 -19.90
CA ASP C 149 -24.09 15.06 -20.05
C ASP C 149 -24.03 14.49 -21.49
N ASN C 150 -23.69 13.22 -21.66
CA ASN C 150 -23.57 12.71 -23.02
C ASN C 150 -23.53 11.19 -23.01
N GLU C 151 -24.53 10.55 -23.64
CA GLU C 151 -24.55 9.04 -23.67
C GLU C 151 -24.13 8.42 -22.32
N THR C 152 -24.70 8.92 -21.22
CA THR C 152 -24.26 8.58 -19.88
C THR C 152 -24.52 7.17 -19.50
N LYS C 153 -23.52 6.54 -18.87
CA LYS C 153 -23.64 5.19 -18.34
C LYS C 153 -22.95 5.18 -16.97
N TYR C 154 -22.80 4.01 -16.36
CA TYR C 154 -22.10 3.88 -15.08
C TYR C 154 -20.69 3.32 -15.19
N TYR C 155 -20.27 3.00 -16.43
CA TYR C 155 -18.86 2.75 -16.72
C TYR C 155 -18.25 1.63 -15.90
N ASP C 156 -19.02 0.58 -15.67
CA ASP C 156 -18.58 -0.57 -14.89
C ASP C 156 -17.96 -0.23 -13.52
N SER C 157 -18.38 0.86 -12.90
CA SER C 157 -17.84 1.22 -11.57
C SER C 157 -18.17 0.17 -10.50
N VAL C 158 -17.12 -0.31 -9.84
CA VAL C 158 -17.23 -1.06 -8.63
C VAL C 158 -16.53 -0.37 -7.44
N SER C 159 -16.39 0.94 -7.54
CA SER C 159 -15.85 1.72 -6.47
C SER C 159 -16.56 1.46 -5.19
N HIS C 160 -15.82 1.64 -4.10
CA HIS C 160 -16.24 1.32 -2.78
C HIS C 160 -17.56 2.02 -2.43
N ASP C 161 -17.66 3.30 -2.78
CA ASP C 161 -18.85 4.06 -2.41
C ASP C 161 -20.12 3.51 -3.07
N MET C 162 -20.02 3.13 -4.35
CA MET C 162 -21.15 2.63 -5.07
C MET C 162 -21.56 1.31 -4.49
N GLN C 163 -20.62 0.52 -4.01
CA GLN C 163 -20.96 -0.75 -3.40
C GLN C 163 -21.67 -0.52 -2.03
N VAL C 164 -21.13 0.36 -1.19
CA VAL C 164 -21.73 0.64 0.13
C VAL C 164 -23.18 1.16 -0.05
N MET C 165 -23.35 2.02 -1.02
CA MET C 165 -24.67 2.57 -1.32
C MET C 165 -25.64 1.45 -1.72
N PHE C 166 -25.15 0.52 -2.51
CA PHE C 166 -25.94 -0.63 -2.88
C PHE C 166 -26.32 -1.50 -1.74
N ILE C 167 -25.38 -1.72 -0.82
CA ILE C 167 -25.68 -2.50 0.37
C ILE C 167 -26.83 -1.83 1.15
N LYS C 168 -26.78 -0.53 1.32
CA LYS C 168 -27.85 0.19 2.06
C LYS C 168 -29.18 0.08 1.31
N GLN C 169 -29.13 0.13 0.01
CA GLN C 169 -30.36 -0.11 -0.80
C GLN C 169 -30.91 -1.52 -0.60
N LEU C 170 -30.05 -2.53 -0.53
CA LEU C 170 -30.49 -3.88 -0.20
C LEU C 170 -31.14 -3.98 1.21
N ARG C 171 -30.58 -3.33 2.20
CA ARG C 171 -31.11 -3.34 3.56
C ARG C 171 -32.57 -2.81 3.44
N HIS C 172 -32.72 -1.77 2.66
CA HIS C 172 -34.04 -1.15 2.56
C HIS C 172 -35.04 -2.12 1.87
N GLU C 173 -34.61 -2.75 0.78
CA GLU C 173 -35.47 -3.61 0.02
C GLU C 173 -35.88 -4.87 0.74
N PHE C 174 -34.99 -5.46 1.54
CA PHE C 174 -35.29 -6.64 2.30
C PHE C 174 -35.63 -6.37 3.70
N LYS C 175 -35.82 -5.09 4.03
CA LYS C 175 -36.11 -4.63 5.38
C LYS C 175 -35.22 -5.23 6.41
N ASN C 176 -33.94 -5.15 6.15
CA ASN C 176 -32.91 -5.70 6.96
C ASN C 176 -32.90 -7.20 7.17
N ASP C 177 -33.63 -7.94 6.37
CA ASP C 177 -33.76 -9.36 6.64
C ASP C 177 -32.81 -10.17 5.74
N LEU C 178 -31.64 -10.54 6.25
CA LEU C 178 -30.70 -11.34 5.50
C LEU C 178 -31.17 -12.74 5.29
N GLU C 179 -32.00 -13.29 6.17
CA GLU C 179 -32.61 -14.56 5.80
C GLU C 179 -33.42 -14.50 4.48
N ALA C 180 -34.14 -13.43 4.28
CA ALA C 180 -34.91 -13.27 3.09
C ALA C 180 -33.97 -13.04 1.88
N LEU C 181 -32.93 -12.24 2.09
CA LEU C 181 -32.01 -11.94 0.98
C LEU C 181 -31.30 -13.22 0.53
N ASN C 182 -30.81 -14.02 1.46
CA ASN C 182 -30.12 -15.25 1.11
C ASN C 182 -30.98 -16.31 0.37
N GLU C 183 -32.25 -16.32 0.74
CA GLU C 183 -33.21 -17.17 0.08
C GLU C 183 -33.58 -16.64 -1.28
N ALA C 184 -33.86 -15.35 -1.41
CA ALA C 184 -34.23 -14.81 -2.68
C ALA C 184 -33.15 -15.06 -3.72
N TYR C 185 -31.89 -14.99 -3.27
CA TYR C 185 -30.74 -15.09 -4.21
C TYR C 185 -30.06 -16.46 -4.20
N GLY C 186 -30.54 -17.39 -3.40
CA GLY C 186 -29.98 -18.71 -3.26
C GLY C 186 -28.51 -18.80 -2.84
N LEU C 187 -28.10 -17.93 -1.91
CA LEU C 187 -26.72 -17.74 -1.60
C LEU C 187 -26.18 -18.86 -0.81
N ASP C 188 -27.03 -19.83 -0.40
CA ASP C 188 -26.47 -21.03 0.17
C ASP C 188 -25.48 -21.66 -0.80
N TYR C 189 -25.73 -21.49 -2.07
CA TYR C 189 -24.90 -22.20 -3.07
C TYR C 189 -23.43 -21.73 -3.03
N TRP C 190 -22.50 -22.69 -3.04
CA TRP C 190 -21.07 -22.40 -2.93
C TRP C 190 -20.73 -21.57 -1.70
N SER C 191 -21.41 -21.85 -0.59
CA SER C 191 -21.10 -21.22 0.68
C SER C 191 -21.02 -19.68 0.62
N ASN C 192 -21.96 -19.10 -0.09
CA ASN C 192 -21.97 -17.68 -0.37
C ASN C 192 -22.98 -16.90 0.50
N ARG C 193 -23.51 -17.48 1.59
CA ARG C 193 -24.45 -16.69 2.44
C ARG C 193 -23.83 -15.44 3.05
N ILE C 194 -24.67 -14.39 3.13
CA ILE C 194 -24.29 -13.19 3.83
C ILE C 194 -25.12 -13.19 5.10
N ASN C 195 -24.54 -13.59 6.21
CA ASN C 195 -25.32 -13.83 7.42
C ASN C 195 -25.25 -12.65 8.41
N ALA C 196 -24.44 -11.65 8.11
CA ALA C 196 -24.36 -10.44 8.92
C ALA C 196 -23.94 -9.39 7.95
N TRP C 197 -24.47 -8.20 8.13
CA TRP C 197 -24.19 -7.09 7.21
C TRP C 197 -22.76 -6.74 7.08
N GLU C 198 -22.00 -6.85 8.13
CA GLU C 198 -20.61 -6.48 8.09
C GLU C 198 -19.74 -7.50 7.30
N ASP C 199 -20.32 -8.67 6.96
CA ASP C 199 -19.59 -9.70 6.24
C ASP C 199 -19.77 -9.49 4.75
N PHE C 200 -20.55 -8.50 4.36
CA PHE C 200 -20.96 -8.38 2.95
C PHE C 200 -19.67 -8.28 2.10
N PRO C 201 -19.49 -9.16 1.08
CA PRO C 201 -18.26 -9.10 0.32
C PRO C 201 -18.26 -8.08 -0.81
N ASP C 202 -17.05 -7.79 -1.33
CA ASP C 202 -16.88 -7.12 -2.63
C ASP C 202 -17.75 -7.87 -3.67
N LEU C 203 -18.49 -7.13 -4.48
CA LEU C 203 -19.36 -7.71 -5.52
C LEU C 203 -18.58 -8.11 -6.78
N THR C 204 -17.36 -7.58 -6.96
CA THR C 204 -16.55 -7.79 -8.16
C THR C 204 -16.44 -9.28 -8.56
N GLY C 205 -16.13 -10.13 -7.63
CA GLY C 205 -15.87 -11.46 -7.94
C GLY C 205 -17.10 -12.40 -7.73
N SER C 206 -18.27 -11.85 -7.46
CA SER C 206 -19.45 -12.64 -7.23
C SER C 206 -19.70 -13.55 -8.36
N ILE C 207 -20.11 -14.78 -8.06
CA ILE C 207 -20.56 -15.70 -9.13
C ILE C 207 -22.07 -15.97 -9.14
N ASN C 208 -22.78 -15.11 -8.40
CA ASN C 208 -24.20 -15.30 -8.22
C ASN C 208 -24.91 -14.23 -8.95
N GLU C 209 -25.55 -14.61 -10.06
CA GLU C 209 -26.12 -13.66 -10.93
C GLU C 209 -27.40 -12.95 -10.41
N SER C 210 -28.06 -13.55 -9.41
CA SER C 210 -29.19 -12.82 -8.76
C SER C 210 -28.58 -11.53 -8.10
N LEU C 211 -27.50 -11.70 -7.33
CA LEU C 211 -26.86 -10.55 -6.72
C LEU C 211 -26.26 -9.59 -7.76
N ARG C 212 -25.52 -10.12 -8.76
CA ARG C 212 -24.88 -9.25 -9.75
C ARG C 212 -25.89 -8.45 -10.56
N ALA C 213 -26.96 -9.13 -10.95
CA ALA C 213 -28.02 -8.51 -11.77
C ALA C 213 -28.67 -7.38 -10.96
N ARG C 214 -28.82 -7.58 -9.67
CA ARG C 214 -29.40 -6.50 -8.88
C ARG C 214 -28.49 -5.29 -8.76
N PHE C 215 -27.18 -5.57 -8.68
CA PHE C 215 -26.20 -4.50 -8.70
C PHE C 215 -26.17 -3.76 -10.00
N ASP C 216 -26.34 -4.48 -11.10
CA ASP C 216 -26.43 -3.86 -12.37
C ASP C 216 -27.67 -2.94 -12.43
N ARG C 217 -28.77 -3.44 -11.92
CA ARG C 217 -30.00 -2.65 -11.97
C ARG C 217 -29.86 -1.38 -11.13
N PHE C 218 -29.23 -1.56 -9.97
CA PHE C 218 -28.92 -0.37 -9.13
C PHE C 218 -28.13 0.71 -9.85
N ARG C 219 -27.07 0.29 -10.54
CA ARG C 219 -26.20 1.22 -11.24
C ARG C 219 -26.90 1.85 -12.43
N ARG C 220 -27.69 1.08 -13.17
CA ARG C 220 -28.57 1.67 -14.17
C ARG C 220 -29.43 2.73 -13.54
N ASP C 221 -30.03 2.44 -12.38
CA ASP C 221 -30.90 3.47 -11.75
C ASP C 221 -30.08 4.71 -11.31
N GLN C 222 -28.79 4.50 -10.93
CA GLN C 222 -27.92 5.64 -10.60
C GLN C 222 -27.69 6.56 -11.83
N VAL C 223 -27.63 5.98 -13.04
CA VAL C 223 -27.51 6.77 -14.30
C VAL C 223 -28.78 7.64 -14.45
N ALA C 224 -29.94 7.01 -14.30
CA ALA C 224 -31.22 7.73 -14.45
C ALA C 224 -31.29 8.84 -13.43
N GLU C 225 -30.93 8.56 -12.19
CA GLU C 225 -30.90 9.62 -11.18
C GLU C 225 -29.93 10.78 -11.49
N TYR C 226 -28.75 10.48 -11.99
CA TYR C 226 -27.75 11.48 -12.34
C TYR C 226 -28.29 12.44 -13.36
N LEU C 227 -28.97 11.89 -14.38
CA LEU C 227 -29.64 12.65 -15.47
C LEU C 227 -30.75 13.51 -14.92
N ALA C 228 -31.57 12.91 -14.06
CA ALA C 228 -32.63 13.72 -13.41
C ALA C 228 -32.07 14.86 -12.53
N TRP C 229 -30.96 14.58 -11.82
CA TRP C 229 -30.27 15.58 -11.01
C TRP C 229 -29.76 16.76 -11.85
N GLN C 230 -29.10 16.45 -12.95
CA GLN C 230 -28.67 17.54 -13.82
C GLN C 230 -29.91 18.34 -14.41
N ALA C 231 -30.96 17.61 -14.77
CA ALA C 231 -32.12 18.24 -15.39
C ALA C 231 -32.74 19.19 -14.39
N SER C 232 -32.81 18.75 -13.14
CA SER C 232 -33.31 19.57 -12.09
C SER C 232 -32.46 20.81 -11.84
N ILE C 233 -31.12 20.72 -11.95
CA ILE C 233 -30.30 21.95 -11.91
C ILE C 233 -30.62 22.91 -13.07
N ILE C 234 -30.63 22.38 -14.27
CA ILE C 234 -30.91 23.16 -15.46
C ILE C 234 -32.28 23.87 -15.38
N ARG C 235 -33.29 23.20 -14.83
CA ARG C 235 -34.56 23.80 -14.60
C ARG C 235 -34.53 25.02 -13.71
N GLU C 236 -33.55 25.17 -12.82
CA GLU C 236 -33.48 26.37 -12.01
C GLU C 236 -33.16 27.59 -12.86
N TYR C 237 -32.51 27.45 -14.01
CA TYR C 237 -32.12 28.62 -14.80
C TYR C 237 -32.83 28.80 -16.12
N MET C 238 -33.40 27.76 -16.68
CA MET C 238 -33.73 27.76 -18.09
C MET C 238 -34.99 28.64 -18.32
N ARG C 239 -35.19 29.10 -19.55
CA ARG C 239 -36.43 29.79 -19.93
C ARG C 239 -37.53 28.81 -20.22
N ASP C 240 -38.74 29.31 -20.17
CA ASP C 240 -39.91 28.48 -20.40
C ASP C 240 -39.95 28.02 -21.83
N ASP C 241 -39.30 28.74 -22.71
CA ASP C 241 -39.33 28.33 -24.15
C ASP C 241 -38.21 27.32 -24.52
N GLN C 242 -37.42 26.90 -23.55
CA GLN C 242 -36.32 25.97 -23.80
C GLN C 242 -36.67 24.52 -23.45
N PHE C 243 -35.91 23.53 -23.98
CA PHE C 243 -36.11 22.11 -23.65
C PHE C 243 -34.84 21.42 -23.10
N ILE C 244 -35.04 20.39 -22.29
CA ILE C 244 -33.96 19.53 -21.87
C ILE C 244 -34.08 18.20 -22.61
N THR C 245 -32.93 17.73 -23.10
CA THR C 245 -32.83 16.46 -23.77
C THR C 245 -31.51 15.75 -23.37
N HIS C 246 -31.32 14.57 -23.95
CA HIS C 246 -30.20 13.70 -23.72
C HIS C 246 -30.05 12.81 -24.89
N ASN C 247 -28.79 12.50 -25.24
CA ASN C 247 -28.49 11.60 -26.36
C ASN C 247 -28.26 10.19 -25.91
N PHE C 248 -29.34 9.38 -25.91
CA PHE C 248 -29.22 7.99 -25.61
C PHE C 248 -28.52 7.26 -26.74
N ASP C 249 -27.91 6.13 -26.43
CA ASP C 249 -27.23 5.30 -27.39
C ASP C 249 -27.52 3.84 -27.14
N TYR C 250 -27.16 3.01 -28.15
CA TYR C 250 -27.50 1.59 -28.16
C TYR C 250 -26.35 0.70 -27.95
N GLU C 251 -26.60 -0.58 -27.71
CA GLU C 251 -25.48 -1.56 -27.59
C GLU C 251 -24.63 -1.40 -28.82
N TRP C 252 -23.33 -1.32 -28.63
CA TRP C 252 -22.42 -0.98 -29.73
C TRP C 252 -21.74 -2.27 -30.19
N ARG C 253 -22.04 -2.64 -31.38
CA ARG C 253 -21.32 -3.71 -31.96
C ARG C 253 -20.68 -3.23 -33.25
N GLY C 254 -19.76 -2.26 -33.24
CA GLY C 254 -19.21 -1.57 -34.39
C GLY C 254 -20.15 -0.46 -34.82
N HIS C 255 -21.38 -0.49 -34.31
CA HIS C 255 -22.41 0.46 -34.67
C HIS C 255 -23.63 0.19 -33.77
N SER C 256 -24.68 1.01 -33.91
CA SER C 256 -25.88 0.84 -33.04
C SER C 256 -26.61 -0.49 -33.33
N TYR C 257 -26.62 -1.40 -32.37
CA TYR C 257 -27.10 -2.75 -32.63
C TYR C 257 -28.41 -3.11 -31.90
N GLY C 258 -28.52 -2.76 -30.62
CA GLY C 258 -29.60 -3.24 -29.75
C GLY C 258 -29.90 -2.48 -28.51
N LEU C 259 -30.79 -3.04 -27.68
CA LEU C 259 -31.11 -2.41 -26.39
C LEU C 259 -29.77 -2.10 -25.62
N GLN C 260 -29.70 -0.88 -25.06
CA GLN C 260 -28.55 -0.41 -24.30
C GLN C 260 -28.35 -1.20 -23.05
N PRO C 261 -27.20 -1.86 -22.90
CA PRO C 261 -27.08 -2.64 -21.71
C PRO C 261 -27.01 -1.88 -20.36
N ALA C 262 -26.53 -0.66 -20.35
CA ALA C 262 -26.09 -0.01 -19.09
C ALA C 262 -27.10 1.02 -18.64
N VAL C 263 -28.20 1.20 -19.42
CA VAL C 263 -29.14 2.25 -19.12
C VAL C 263 -30.53 1.76 -19.51
N ASP C 264 -31.53 2.07 -18.68
CA ASP C 264 -32.94 1.76 -19.03
C ASP C 264 -33.56 3.03 -19.66
N HIS C 265 -33.58 3.07 -20.97
CA HIS C 265 -34.04 4.27 -21.68
C HIS C 265 -35.49 4.64 -21.31
N PHE C 266 -36.33 3.64 -21.02
CA PHE C 266 -37.75 3.98 -20.69
C PHE C 266 -37.80 4.73 -19.38
N ARG C 267 -37.04 4.26 -18.39
CA ARG C 267 -37.00 4.99 -17.09
C ARG C 267 -36.21 6.28 -17.13
N ALA C 268 -35.04 6.24 -17.72
CA ALA C 268 -34.10 7.40 -17.71
C ALA C 268 -34.72 8.57 -18.46
N ALA C 269 -35.54 8.28 -19.47
CA ALA C 269 -36.17 9.30 -20.29
C ALA C 269 -37.18 10.20 -19.55
N ARG C 270 -37.64 9.77 -18.39
CA ARG C 270 -38.62 10.52 -17.61
C ARG C 270 -38.18 11.90 -17.18
N ALA C 271 -36.90 12.13 -17.02
CA ALA C 271 -36.46 13.44 -16.60
C ALA C 271 -36.43 14.48 -17.73
N LEU C 272 -36.64 14.06 -18.94
CA LEU C 272 -36.38 14.91 -20.10
C LEU C 272 -37.70 15.56 -20.68
N ASP C 273 -37.55 16.63 -21.43
CA ASP C 273 -38.63 17.18 -22.18
C ASP C 273 -38.79 16.45 -23.49
N ILE C 274 -37.72 15.94 -24.07
CA ILE C 274 -37.83 15.20 -25.30
C ILE C 274 -36.62 14.30 -25.39
N CYS C 275 -36.84 13.10 -25.80
CA CYS C 275 -35.80 12.16 -25.94
C CYS C 275 -34.91 12.48 -27.15
N GLY C 276 -33.64 12.16 -27.01
CA GLY C 276 -32.67 12.28 -28.09
C GLY C 276 -31.93 10.96 -28.24
N VAL C 277 -31.33 10.75 -29.37
CA VAL C 277 -30.74 9.52 -29.66
C VAL C 277 -29.58 9.67 -30.66
N ASP C 278 -28.63 8.74 -30.54
CA ASP C 278 -27.51 8.66 -31.42
C ASP C 278 -27.61 7.33 -32.13
N ILE C 279 -27.58 7.41 -33.44
CA ILE C 279 -27.71 6.21 -34.24
C ILE C 279 -26.63 6.19 -35.30
N TYR C 280 -25.86 5.10 -35.29
CA TYR C 280 -24.87 4.82 -36.33
C TYR C 280 -25.02 3.43 -36.88
N HIS C 281 -24.67 3.26 -38.16
CA HIS C 281 -25.01 2.01 -38.83
C HIS C 281 -24.15 1.73 -40.10
N PRO C 282 -24.13 0.48 -40.54
CA PRO C 282 -23.49 0.20 -41.78
C PRO C 282 -24.14 0.95 -42.93
N SER C 283 -23.29 1.38 -43.85
CA SER C 283 -23.72 2.04 -45.05
C SER C 283 -23.12 1.34 -46.33
N GLU C 284 -23.02 2.07 -47.42
CA GLU C 284 -22.50 1.48 -48.66
C GLU C 284 -23.34 0.24 -49.10
N ASP C 285 -22.75 -0.84 -49.50
CA ASP C 285 -23.52 -2.01 -49.87
C ASP C 285 -24.30 -2.57 -48.70
N ALA C 286 -23.92 -2.25 -47.47
CA ALA C 286 -24.59 -2.86 -46.32
C ALA C 286 -25.68 -1.97 -45.70
N LEU C 287 -25.96 -0.83 -46.30
CA LEU C 287 -27.10 -0.02 -45.88
C LEU C 287 -28.42 -0.82 -45.99
N THR C 288 -29.10 -1.00 -44.86
CA THR C 288 -30.39 -1.71 -44.87
C THR C 288 -31.54 -0.86 -44.37
N GLY C 289 -31.25 0.23 -43.68
CA GLY C 289 -32.20 0.95 -42.88
C GLY C 289 -32.71 0.31 -41.60
N LYS C 290 -32.27 -0.89 -41.24
CA LYS C 290 -32.76 -1.57 -40.04
C LYS C 290 -32.41 -0.83 -38.77
N GLU C 291 -31.19 -0.30 -38.70
CA GLU C 291 -30.69 0.29 -37.44
C GLU C 291 -31.30 1.66 -37.26
N ILE C 292 -31.50 2.38 -38.37
CA ILE C 292 -32.14 3.68 -38.30
C ILE C 292 -33.60 3.48 -37.75
N ALA C 293 -34.21 2.44 -38.21
CA ALA C 293 -35.62 2.19 -37.82
C ALA C 293 -35.72 1.62 -36.44
N PHE C 294 -34.81 0.74 -36.11
CA PHE C 294 -34.79 0.20 -34.74
C PHE C 294 -34.56 1.35 -33.76
N GLY C 295 -33.56 2.18 -34.04
CA GLY C 295 -33.20 3.15 -33.07
C GLY C 295 -34.27 4.21 -32.93
N GLY C 296 -34.93 4.48 -34.05
CA GLY C 296 -36.00 5.44 -34.09
C GLY C 296 -37.23 4.86 -33.38
N ASP C 297 -37.57 3.60 -33.66
CA ASP C 297 -38.68 2.98 -32.96
C ASP C 297 -38.43 2.98 -31.44
N MET C 298 -37.21 2.61 -31.02
CA MET C 298 -36.93 2.66 -29.60
C MET C 298 -37.02 4.05 -29.00
N ALA C 299 -36.48 5.05 -29.67
CA ALA C 299 -36.43 6.37 -29.08
C ALA C 299 -37.86 6.95 -29.04
N ARG C 300 -38.57 6.67 -30.13
CA ARG C 300 -40.00 7.08 -30.22
C ARG C 300 -40.81 6.44 -29.10
N SER C 301 -40.56 5.16 -28.85
CA SER C 301 -41.23 4.46 -27.80
C SER C 301 -40.85 4.92 -26.42
N ALA C 302 -39.55 5.13 -26.18
CA ALA C 302 -39.14 5.58 -24.85
C ALA C 302 -39.74 6.89 -24.45
N GLY C 303 -39.87 7.81 -25.37
CA GLY C 303 -40.36 9.12 -25.00
C GLY C 303 -41.81 9.38 -25.35
N GLY C 304 -42.52 8.36 -25.73
CA GLY C 304 -43.90 8.53 -26.13
C GLY C 304 -44.22 9.49 -27.26
N GLY C 305 -43.36 9.64 -28.23
CA GLY C 305 -43.65 10.53 -29.36
C GLY C 305 -42.38 10.91 -30.07
N ASN C 306 -42.42 12.00 -30.77
CA ASN C 306 -41.32 12.41 -31.56
C ASN C 306 -40.03 12.68 -30.70
N TYR C 307 -38.90 12.44 -31.33
CA TYR C 307 -37.61 12.35 -30.65
C TYR C 307 -36.66 13.11 -31.59
N LEU C 308 -35.48 13.47 -31.08
CA LEU C 308 -34.46 14.14 -31.89
C LEU C 308 -33.34 13.15 -32.09
N VAL C 309 -32.84 13.04 -33.32
CA VAL C 309 -31.56 12.31 -33.60
C VAL C 309 -30.50 13.38 -33.36
N LEU C 310 -29.85 13.29 -32.20
CA LEU C 310 -28.89 14.25 -31.83
C LEU C 310 -27.51 13.91 -32.47
N GLU C 311 -27.32 12.68 -32.88
CA GLU C 311 -26.12 12.35 -33.62
C GLU C 311 -26.43 11.26 -34.60
N THR C 312 -25.96 11.47 -35.83
CA THR C 312 -25.78 10.38 -36.77
C THR C 312 -24.56 10.69 -37.71
N GLN C 313 -24.17 9.67 -38.45
CA GLN C 313 -22.97 9.75 -39.29
C GLN C 313 -23.11 10.66 -40.52
N ALA C 314 -22.04 11.40 -40.78
CA ALA C 314 -21.94 12.20 -42.00
C ALA C 314 -21.01 11.37 -42.91
N GLN C 315 -19.74 11.79 -43.06
CA GLN C 315 -18.76 10.87 -43.73
C GLN C 315 -18.50 9.67 -42.89
N GLY C 316 -18.47 9.85 -41.59
CA GLY C 316 -18.34 8.69 -40.71
C GLY C 316 -16.99 8.08 -40.50
N GLN C 317 -17.01 6.91 -39.90
CA GLN C 317 -15.77 6.11 -39.73
C GLN C 317 -15.34 5.51 -41.08
N HIS C 318 -14.13 5.00 -41.11
CA HIS C 318 -13.64 4.38 -42.32
C HIS C 318 -14.61 3.27 -42.69
N GLY C 319 -15.17 3.35 -43.90
CA GLY C 319 -16.09 2.32 -44.39
C GLY C 319 -17.53 2.73 -44.45
N TRP C 320 -17.84 3.83 -43.79
CA TRP C 320 -19.19 4.40 -43.78
C TRP C 320 -19.41 5.46 -44.80
N LEU C 321 -18.35 5.89 -45.49
CA LEU C 321 -18.55 6.94 -46.45
C LEU C 321 -19.75 6.53 -47.39
N PRO C 322 -20.82 7.35 -47.42
CA PRO C 322 -22.04 6.92 -48.13
C PRO C 322 -21.89 7.04 -49.66
N TYR C 323 -22.47 6.12 -50.36
CA TYR C 323 -22.53 6.22 -51.81
C TYR C 323 -23.39 7.38 -52.19
N PRO C 324 -23.21 7.89 -53.43
CA PRO C 324 -24.05 9.03 -53.77
C PRO C 324 -25.56 8.64 -53.60
N GLY C 325 -26.37 9.51 -53.05
CA GLY C 325 -27.76 9.17 -52.76
C GLY C 325 -27.98 8.68 -51.34
N GLN C 326 -26.97 8.02 -50.74
CA GLN C 326 -27.18 7.36 -49.43
C GLN C 326 -27.34 8.24 -48.24
N LEU C 327 -26.68 9.40 -48.22
CA LEU C 327 -26.83 10.32 -47.09
C LEU C 327 -28.30 10.84 -47.06
N ARG C 328 -28.76 11.25 -48.23
CA ARG C 328 -30.16 11.63 -48.43
C ARG C 328 -31.13 10.51 -48.02
N LEU C 329 -30.89 9.31 -48.52
CA LEU C 329 -31.79 8.22 -48.18
C LEU C 329 -31.81 8.00 -46.60
N GLN C 330 -30.63 8.08 -45.98
CA GLN C 330 -30.47 7.91 -44.56
C GLN C 330 -31.20 8.96 -43.85
N ALA C 331 -31.11 10.19 -44.32
CA ALA C 331 -31.76 11.26 -43.62
C ALA C 331 -33.28 11.08 -43.62
N TYR C 332 -33.85 10.83 -44.81
CA TYR C 332 -35.29 10.71 -44.89
C TYR C 332 -35.73 9.52 -44.03
N SER C 333 -34.86 8.51 -43.96
CA SER C 333 -35.13 7.32 -43.16
C SER C 333 -35.44 7.67 -41.71
N HIS C 334 -34.75 8.66 -41.19
CA HIS C 334 -34.94 9.05 -39.80
C HIS C 334 -36.33 9.71 -39.60
N LEU C 335 -36.68 10.60 -40.51
CA LEU C 335 -37.99 11.26 -40.45
C LEU C 335 -39.11 10.24 -40.66
N ALA C 336 -38.85 9.16 -41.36
CA ALA C 336 -39.87 8.16 -41.56
C ALA C 336 -40.16 7.37 -40.30
N SER C 337 -39.21 7.36 -39.35
CA SER C 337 -39.39 6.76 -38.04
C SER C 337 -39.95 7.70 -36.99
N GLY C 338 -40.12 8.97 -37.34
CA GLY C 338 -40.70 9.90 -36.39
C GLY C 338 -39.79 10.94 -35.79
N ALA C 339 -38.56 11.01 -36.30
CA ALA C 339 -37.67 12.09 -35.91
C ALA C 339 -38.20 13.45 -36.29
N ASP C 340 -38.01 14.36 -35.36
CA ASP C 340 -38.27 15.77 -35.46
C ASP C 340 -36.99 16.60 -35.57
N GLY C 341 -35.86 15.89 -35.71
CA GLY C 341 -34.57 16.58 -35.86
C GLY C 341 -33.48 15.61 -36.21
N ILE C 342 -32.49 16.11 -36.93
CA ILE C 342 -31.39 15.30 -37.42
C ILE C 342 -30.17 16.18 -37.27
N MET C 343 -29.22 15.73 -36.43
CA MET C 343 -27.97 16.41 -36.31
C MET C 343 -26.80 15.44 -36.57
N TYR C 344 -25.80 15.92 -37.33
CA TYR C 344 -24.63 15.12 -37.65
C TYR C 344 -23.61 15.25 -36.53
N TRP C 345 -22.92 14.15 -36.20
CA TRP C 345 -21.72 14.21 -35.44
C TRP C 345 -20.52 13.99 -36.38
N HIS C 346 -19.80 15.03 -36.74
CA HIS C 346 -20.03 16.37 -36.42
C HIS C 346 -19.72 17.25 -37.62
N TRP C 347 -19.51 18.53 -37.41
CA TRP C 347 -19.32 19.45 -38.51
C TRP C 347 -18.08 19.17 -39.31
N HIS C 348 -16.98 18.96 -38.61
CA HIS C 348 -15.71 18.78 -39.27
C HIS C 348 -15.06 17.44 -38.98
N SER C 349 -13.72 17.40 -39.12
CA SER C 349 -12.93 16.17 -38.89
C SER C 349 -11.71 16.60 -38.06
N ILE C 350 -11.53 15.95 -36.89
CA ILE C 350 -10.66 16.50 -35.85
C ILE C 350 -9.24 16.10 -36.21
N HIS C 351 -8.28 16.95 -35.88
CA HIS C 351 -6.92 16.78 -36.41
C HIS C 351 -5.99 16.03 -35.52
N ASN C 352 -6.35 15.91 -34.26
CA ASN C 352 -5.65 15.09 -33.29
C ASN C 352 -6.58 14.11 -32.59
N SER C 353 -5.99 13.03 -32.09
CA SER C 353 -6.53 12.26 -31.00
C SER C 353 -7.57 11.21 -31.45
N PHE C 354 -8.32 10.65 -30.51
CA PHE C 354 -8.89 9.35 -30.73
C PHE C 354 -9.87 9.24 -31.92
N GLU C 355 -10.59 10.30 -32.18
CA GLU C 355 -11.63 10.32 -33.24
C GLU C 355 -11.22 11.21 -34.42
N THR C 356 -9.90 11.28 -34.68
CA THR C 356 -9.35 11.87 -35.88
C THR C 356 -10.13 11.36 -37.11
N TYR C 357 -10.44 10.07 -37.14
CA TYR C 357 -11.11 9.48 -38.28
C TYR C 357 -12.59 9.07 -38.09
N TRP C 358 -13.24 9.71 -37.14
CA TRP C 358 -14.70 9.67 -37.08
C TRP C 358 -15.20 10.98 -37.68
N ARG C 359 -15.39 10.99 -39.03
CA ARG C 359 -15.32 12.25 -39.78
C ARG C 359 -16.73 12.80 -39.96
N GLY C 360 -16.78 14.11 -39.93
CA GLY C 360 -17.99 14.90 -40.03
C GLY C 360 -18.36 15.21 -41.48
N LEU C 361 -19.19 16.20 -41.61
CA LEU C 361 -19.59 16.78 -42.87
C LEU C 361 -18.36 17.30 -43.69
N LEU C 362 -17.48 18.04 -43.03
CA LEU C 362 -16.25 18.48 -43.71
C LEU C 362 -15.10 17.54 -43.38
N SER C 363 -14.20 17.40 -44.35
CA SER C 363 -12.99 16.69 -44.24
C SER C 363 -11.95 17.51 -43.49
N HIS C 364 -10.73 16.94 -43.35
CA HIS C 364 -9.64 17.58 -42.62
C HIS C 364 -9.20 18.90 -43.22
N ASP C 365 -9.55 19.13 -44.49
CA ASP C 365 -9.14 20.37 -45.17
C ASP C 365 -10.18 21.43 -45.05
N PHE C 366 -11.37 21.11 -44.51
CA PHE C 366 -12.41 22.14 -44.32
C PHE C 366 -13.01 22.63 -45.66
N GLU C 367 -12.83 21.88 -46.72
CA GLU C 367 -13.35 22.33 -48.01
C GLU C 367 -14.73 21.73 -48.19
N SER C 368 -15.38 22.14 -49.26
CA SER C 368 -16.56 21.46 -49.72
C SER C 368 -16.19 20.08 -50.15
N ASN C 369 -17.15 19.14 -50.08
CA ASN C 369 -16.97 17.78 -50.57
C ASN C 369 -18.36 17.26 -50.91
N PRO C 370 -18.43 16.13 -51.63
CA PRO C 370 -19.76 15.71 -52.11
C PRO C 370 -20.71 15.37 -50.98
N THR C 371 -20.18 14.93 -49.81
CA THR C 371 -21.05 14.50 -48.69
C THR C 371 -21.72 15.72 -48.07
N TYR C 372 -20.95 16.75 -47.75
CA TYR C 372 -21.49 18.01 -47.35
C TYR C 372 -22.49 18.58 -48.38
N GLU C 373 -22.13 18.48 -49.66
CA GLU C 373 -23.01 19.05 -50.70
C GLU C 373 -24.34 18.24 -50.72
N GLU C 374 -24.26 16.92 -50.60
CA GLU C 374 -25.52 16.13 -50.52
C GLU C 374 -26.39 16.48 -49.31
N ALA C 375 -25.73 16.63 -48.13
CA ALA C 375 -26.41 17.09 -46.94
C ALA C 375 -27.11 18.43 -47.14
N GLY C 376 -26.47 19.36 -47.81
CA GLY C 376 -27.08 20.62 -48.08
C GLY C 376 -28.27 20.56 -49.08
N ARG C 377 -28.21 19.66 -50.03
CA ARG C 377 -29.35 19.54 -50.91
C ARG C 377 -30.54 19.04 -50.07
N PHE C 378 -30.26 18.09 -49.19
CA PHE C 378 -31.31 17.60 -48.27
C PHE C 378 -31.84 18.67 -47.34
N GLY C 379 -30.96 19.46 -46.74
CA GLY C 379 -31.42 20.54 -45.83
C GLY C 379 -32.25 21.62 -46.46
N ARG C 380 -31.94 21.92 -47.72
CA ARG C 380 -32.75 22.90 -48.49
C ARG C 380 -34.09 22.27 -48.88
N GLU C 381 -34.12 20.97 -49.17
CA GLU C 381 -35.36 20.22 -49.31
C GLU C 381 -36.33 20.38 -48.09
N ILE C 382 -35.96 19.79 -46.93
CA ILE C 382 -36.82 19.91 -45.78
C ILE C 382 -37.00 21.36 -45.36
N GLY C 383 -36.04 22.22 -45.71
CA GLY C 383 -36.14 23.60 -45.31
C GLY C 383 -37.25 24.29 -46.12
N ASP C 384 -37.68 23.69 -47.22
CA ASP C 384 -38.86 24.20 -47.96
C ASP C 384 -40.15 23.73 -47.23
N PRO C 385 -40.95 24.70 -46.78
CA PRO C 385 -42.10 24.36 -45.93
C PRO C 385 -43.09 23.42 -46.60
N ARG C 386 -43.20 23.44 -47.93
CA ARG C 386 -43.98 22.42 -48.61
C ARG C 386 -43.59 21.01 -48.12
N ILE C 387 -42.29 20.82 -47.88
CA ILE C 387 -41.84 19.47 -47.53
C ILE C 387 -41.75 19.37 -46.00
N GLY C 388 -41.04 20.35 -45.40
CA GLY C 388 -40.84 20.47 -43.94
C GLY C 388 -42.14 20.31 -43.14
N ASP C 389 -43.11 21.13 -43.49
CA ASP C 389 -44.45 21.04 -42.94
C ASP C 389 -45.13 19.72 -43.14
N THR C 390 -44.89 19.03 -44.23
CA THR C 390 -45.55 17.80 -44.47
C THR C 390 -44.99 16.66 -43.66
N LEU C 391 -43.73 16.78 -43.24
CA LEU C 391 -42.99 15.63 -42.75
C LEU C 391 -42.75 15.64 -41.28
N SER C 392 -42.91 16.78 -40.62
CA SER C 392 -42.60 16.88 -39.23
C SER C 392 -43.70 16.40 -38.30
N HIS C 393 -43.30 16.07 -37.08
CA HIS C 393 -44.20 15.64 -36.05
C HIS C 393 -45.02 14.47 -36.53
N LEU C 394 -44.39 13.57 -37.24
CA LEU C 394 -45.09 12.45 -37.76
C LEU C 394 -45.62 11.56 -36.62
N SER C 395 -46.81 11.02 -36.84
CA SER C 395 -47.47 10.31 -35.81
C SER C 395 -47.71 8.90 -36.26
N LYS C 396 -47.32 7.90 -35.48
CA LYS C 396 -47.39 6.55 -35.92
C LYS C 396 -48.31 5.75 -35.06
N ARG C 397 -49.12 4.91 -35.68
CA ARG C 397 -50.06 4.10 -34.90
C ARG C 397 -49.84 2.70 -35.34
N ASN C 398 -49.15 1.91 -34.54
CA ASN C 398 -48.78 0.60 -34.92
C ASN C 398 -49.62 -0.37 -34.14
N ALA C 399 -49.74 -1.55 -34.71
CA ALA C 399 -50.60 -2.60 -34.22
C ALA C 399 -49.82 -3.72 -33.51
N VAL C 400 -48.50 -3.65 -33.64
CA VAL C 400 -47.62 -4.69 -33.09
C VAL C 400 -46.65 -4.06 -32.10
N ALA C 401 -46.46 -4.73 -30.96
CA ALA C 401 -45.50 -4.26 -29.98
C ALA C 401 -44.48 -5.33 -29.65
N ILE C 402 -43.26 -4.90 -29.48
CA ILE C 402 -42.23 -5.82 -28.98
C ILE C 402 -41.86 -5.41 -27.53
N LEU C 403 -41.88 -6.34 -26.59
CA LEU C 403 -41.56 -6.04 -25.19
C LEU C 403 -40.00 -6.05 -24.98
N ALA C 404 -39.44 -4.96 -24.45
CA ALA C 404 -37.96 -4.85 -24.24
C ALA C 404 -37.76 -4.98 -22.74
N SER C 405 -36.68 -5.65 -22.33
CA SER C 405 -36.38 -5.87 -20.93
C SER C 405 -34.85 -5.81 -20.65
N ASN C 406 -34.42 -4.75 -20.05
CA ASN C 406 -33.05 -4.60 -19.57
C ASN C 406 -32.77 -5.67 -18.61
N GLU C 407 -33.72 -6.00 -17.73
CA GLU C 407 -33.47 -7.08 -16.76
C GLU C 407 -33.15 -8.41 -17.44
N SER C 408 -33.85 -8.72 -18.52
CA SER C 408 -33.58 -9.95 -19.30
C SER C 408 -32.25 -9.87 -20.11
N LEU C 409 -31.95 -8.75 -20.74
CA LEU C 409 -30.64 -8.52 -21.29
C LEU C 409 -29.52 -8.88 -20.29
N THR C 410 -29.64 -8.34 -19.08
CA THR C 410 -28.65 -8.52 -18.03
C THR C 410 -28.59 -9.96 -17.65
N ALA C 411 -29.73 -10.56 -17.43
CA ALA C 411 -29.70 -11.93 -16.96
C ALA C 411 -29.07 -12.90 -17.96
N LEU C 412 -29.39 -12.72 -19.22
CA LEU C 412 -28.81 -13.60 -20.25
C LEU C 412 -27.34 -13.23 -20.68
N SER C 413 -26.88 -12.01 -20.39
CA SER C 413 -25.47 -11.68 -20.50
C SER C 413 -24.62 -12.60 -19.61
N TRP C 414 -25.17 -13.12 -18.53
CA TRP C 414 -24.54 -14.12 -17.74
C TRP C 414 -25.00 -15.56 -18.06
N PHE C 415 -26.32 -15.81 -17.96
CA PHE C 415 -26.81 -17.12 -18.33
C PHE C 415 -26.99 -17.23 -19.83
N HIS C 416 -25.91 -17.46 -20.58
CA HIS C 416 -26.03 -17.41 -22.07
C HIS C 416 -27.12 -18.40 -22.53
N ILE C 417 -27.97 -17.95 -23.45
CA ILE C 417 -29.05 -18.83 -23.94
C ILE C 417 -28.56 -20.24 -24.19
N GLU C 418 -27.51 -20.38 -25.02
CA GLU C 418 -27.01 -21.70 -25.44
C GLU C 418 -26.31 -22.52 -24.44
N THR C 419 -25.66 -21.90 -23.41
CA THR C 419 -24.77 -22.62 -22.51
C THR C 419 -25.14 -22.58 -21.08
N GLY C 420 -25.87 -21.56 -20.63
CA GLY C 420 -26.21 -21.46 -19.20
C GLY C 420 -25.15 -20.80 -18.33
N PHE C 421 -24.10 -20.33 -18.99
CA PHE C 421 -22.85 -19.84 -18.31
C PHE C 421 -22.35 -18.61 -19.01
N PRO C 422 -21.53 -17.81 -18.35
CA PRO C 422 -21.14 -16.56 -18.98
C PRO C 422 -19.98 -16.81 -20.00
N MET C 423 -19.79 -18.01 -20.47
CA MET C 423 -18.84 -18.27 -21.57
C MET C 423 -19.57 -19.14 -22.62
N GLY C 424 -19.18 -19.05 -23.85
CA GLY C 424 -19.65 -20.00 -24.90
C GLY C 424 -20.91 -19.49 -25.60
N GLY C 425 -21.24 -20.08 -26.75
CA GLY C 425 -22.41 -19.65 -27.52
C GLY C 425 -22.20 -18.38 -28.29
N THR C 426 -23.09 -18.05 -29.17
CA THR C 426 -23.04 -16.81 -29.90
C THR C 426 -24.37 -16.05 -29.74
N LEU C 427 -25.47 -16.74 -29.40
CA LEU C 427 -26.77 -16.05 -29.45
C LEU C 427 -27.01 -15.21 -28.17
N THR C 428 -27.15 -13.91 -28.33
CA THR C 428 -27.40 -12.94 -27.22
C THR C 428 -28.90 -12.55 -27.15
N TYR C 429 -29.29 -11.96 -26.03
CA TYR C 429 -30.60 -11.30 -25.95
C TYR C 429 -30.87 -10.36 -27.13
N ASN C 430 -29.98 -9.44 -27.41
CA ASN C 430 -30.21 -8.54 -28.50
C ASN C 430 -30.26 -9.21 -29.88
N ASP C 431 -29.58 -10.34 -30.03
CA ASP C 431 -29.63 -11.03 -31.31
C ASP C 431 -31.09 -11.56 -31.52
N VAL C 432 -31.68 -12.11 -30.47
CA VAL C 432 -33.08 -12.57 -30.57
C VAL C 432 -34.01 -11.45 -30.85
N LEU C 433 -33.86 -10.36 -30.12
CA LEU C 433 -34.66 -9.17 -30.34
C LEU C 433 -34.50 -8.68 -31.76
N ARG C 434 -33.26 -8.53 -32.21
CA ARG C 434 -33.03 -8.12 -33.57
C ARG C 434 -33.49 -9.16 -34.61
N SER C 435 -33.39 -10.46 -34.35
CA SER C 435 -33.89 -11.42 -35.28
C SER C 435 -35.42 -11.23 -35.56
N ILE C 436 -36.19 -10.92 -34.53
CA ILE C 436 -37.60 -10.67 -34.67
C ILE C 436 -37.84 -9.31 -35.32
N TYR C 437 -37.21 -8.28 -34.78
CA TYR C 437 -37.32 -6.94 -35.33
C TYR C 437 -37.02 -6.92 -36.86
N ASP C 438 -35.95 -7.61 -37.25
CA ASP C 438 -35.49 -7.53 -38.58
C ASP C 438 -36.44 -8.26 -39.55
N ALA C 439 -37.02 -9.33 -39.07
CA ALA C 439 -37.98 -10.12 -39.87
C ALA C 439 -39.19 -9.25 -40.13
N LEU C 440 -39.67 -8.58 -39.05
CA LEU C 440 -40.77 -7.61 -39.19
C LEU C 440 -40.48 -6.49 -40.17
N PHE C 441 -39.37 -5.80 -40.00
CA PHE C 441 -38.94 -4.80 -40.93
C PHE C 441 -38.91 -5.41 -42.37
N GLU C 442 -38.49 -6.65 -42.52
CA GLU C 442 -38.37 -7.21 -43.83
C GLU C 442 -39.79 -7.50 -44.41
N LEU C 443 -40.77 -7.67 -43.51
CA LEU C 443 -42.17 -7.85 -43.86
C LEU C 443 -42.94 -6.56 -44.10
N ASN C 444 -42.25 -5.42 -44.00
CA ASN C 444 -42.85 -4.13 -43.94
C ASN C 444 -43.91 -4.00 -42.82
N VAL C 445 -43.64 -4.54 -41.64
CA VAL C 445 -44.53 -4.34 -40.50
C VAL C 445 -43.84 -3.43 -39.52
N GLU C 446 -44.54 -2.38 -39.12
CA GLU C 446 -43.98 -1.44 -38.19
C GLU C 446 -44.33 -1.75 -36.75
N VAL C 447 -43.41 -1.49 -35.83
CA VAL C 447 -43.64 -1.85 -34.45
C VAL C 447 -43.34 -0.69 -33.51
N ASP C 448 -43.93 -0.75 -32.30
CA ASP C 448 -43.47 0.05 -31.18
C ASP C 448 -42.74 -0.91 -30.18
N PHE C 449 -41.99 -0.35 -29.26
CA PHE C 449 -41.46 -1.13 -28.17
C PHE C 449 -42.23 -0.71 -26.96
N LEU C 450 -42.50 -1.69 -26.09
CA LEU C 450 -43.00 -1.41 -24.74
C LEU C 450 -42.04 -2.02 -23.71
N PRO C 451 -41.95 -1.39 -22.54
CA PRO C 451 -41.20 -2.07 -21.47
C PRO C 451 -41.98 -3.28 -21.01
N ALA C 452 -41.29 -4.30 -20.53
CA ALA C 452 -41.95 -5.52 -20.16
C ALA C 452 -43.05 -5.34 -19.09
N ASP C 453 -42.87 -4.39 -18.19
CA ASP C 453 -43.84 -4.03 -17.21
C ASP C 453 -44.94 -3.04 -17.70
N ALA C 454 -45.15 -2.97 -19.00
CA ALA C 454 -46.19 -2.08 -19.58
C ALA C 454 -47.59 -2.32 -18.94
N SER C 455 -48.38 -1.27 -18.82
CA SER C 455 -49.71 -1.36 -18.13
C SER C 455 -50.71 -2.16 -18.97
N ALA C 456 -51.77 -2.65 -18.30
CA ALA C 456 -52.87 -3.31 -19.04
C ALA C 456 -53.37 -2.45 -20.19
N ASP C 457 -53.52 -1.16 -19.94
CA ASP C 457 -54.01 -0.29 -20.97
C ASP C 457 -53.09 -0.16 -22.15
N GLN C 458 -51.79 -0.04 -21.92
CA GLN C 458 -50.76 -0.01 -23.02
C GLN C 458 -50.77 -1.28 -23.82
N LEU C 459 -50.84 -2.42 -23.12
CA LEU C 459 -50.88 -3.72 -23.85
C LEU C 459 -52.09 -3.84 -24.74
N ALA C 460 -53.20 -3.39 -24.19
CA ALA C 460 -54.51 -3.52 -24.84
C ALA C 460 -54.58 -2.88 -26.18
N GLY C 461 -53.77 -1.85 -26.41
CA GLY C 461 -53.74 -1.17 -27.67
C GLY C 461 -53.16 -1.95 -28.84
N TYR C 462 -52.56 -3.10 -28.60
CA TYR C 462 -51.87 -3.83 -29.68
C TYR C 462 -52.56 -5.11 -30.06
N SER C 463 -52.61 -5.38 -31.34
CA SER C 463 -53.11 -6.67 -31.80
C SER C 463 -52.19 -7.83 -31.65
N LEU C 464 -50.87 -7.56 -31.72
CA LEU C 464 -49.90 -8.61 -31.48
C LEU C 464 -48.81 -8.04 -30.57
N VAL C 465 -48.51 -8.78 -29.52
CA VAL C 465 -47.44 -8.45 -28.59
C VAL C 465 -46.46 -9.63 -28.59
N ILE C 466 -45.16 -9.32 -28.76
CA ILE C 466 -44.10 -10.27 -28.88
C ILE C 466 -43.13 -10.09 -27.70
N ALA C 467 -42.84 -11.23 -27.06
CA ALA C 467 -41.98 -11.34 -25.89
C ALA C 467 -40.73 -12.12 -26.36
N PRO C 468 -39.72 -11.38 -26.85
CA PRO C 468 -38.41 -11.98 -27.28
C PRO C 468 -37.50 -12.25 -26.08
N ALA C 469 -37.29 -13.52 -25.79
CA ALA C 469 -36.42 -13.97 -24.68
C ALA C 469 -36.60 -13.14 -23.40
N LEU C 470 -37.84 -13.04 -22.95
CA LEU C 470 -38.23 -12.23 -21.81
C LEU C 470 -37.99 -13.02 -20.57
N TYR C 471 -36.70 -13.24 -20.32
CA TYR C 471 -36.23 -14.25 -19.42
C TYR C 471 -36.69 -14.06 -17.98
N THR C 472 -36.66 -12.82 -17.48
CA THR C 472 -36.95 -12.49 -16.10
C THR C 472 -38.01 -11.39 -16.07
N THR C 473 -39.03 -11.65 -15.26
CA THR C 473 -40.10 -10.73 -15.01
C THR C 473 -40.59 -10.92 -13.63
N ASP C 474 -41.36 -9.93 -13.13
CA ASP C 474 -42.15 -10.20 -11.90
C ASP C 474 -43.44 -10.97 -12.21
N GLN C 475 -44.11 -11.39 -11.16
CA GLN C 475 -45.38 -12.12 -11.27
C GLN C 475 -46.49 -11.21 -11.81
N GLN C 476 -46.47 -9.95 -11.45
CA GLN C 476 -47.45 -9.01 -11.96
C GLN C 476 -47.43 -8.89 -13.46
N THR C 477 -46.23 -8.89 -14.06
CA THR C 477 -46.07 -8.76 -15.52
C THR C 477 -46.71 -10.01 -16.21
N ILE C 478 -46.44 -11.17 -15.65
CA ILE C 478 -47.01 -12.42 -16.13
C ILE C 478 -48.58 -12.41 -16.09
N ASP C 479 -49.14 -11.99 -14.97
CA ASP C 479 -50.61 -11.87 -14.82
C ASP C 479 -51.18 -10.86 -15.79
N ARG C 480 -50.49 -9.71 -16.16
CA ARG C 480 -51.00 -8.74 -17.14
C ARG C 480 -51.05 -9.34 -18.53
N LEU C 481 -49.99 -10.12 -18.74
CA LEU C 481 -49.91 -10.67 -20.02
C LEU C 481 -50.99 -11.75 -20.26
N ALA C 482 -51.20 -12.59 -19.27
CA ALA C 482 -52.29 -13.57 -19.29
C ALA C 482 -53.69 -12.89 -19.50
N ARG C 483 -53.88 -11.77 -18.82
CA ARG C 483 -55.13 -10.98 -18.99
C ARG C 483 -55.24 -10.38 -20.34
N TYR C 484 -54.11 -9.86 -20.88
CA TYR C 484 -54.04 -9.39 -22.21
C TYR C 484 -54.52 -10.46 -23.25
N VAL C 485 -54.05 -11.66 -23.11
CA VAL C 485 -54.48 -12.71 -24.00
C VAL C 485 -56.01 -13.07 -23.76
N LYS C 486 -56.37 -13.28 -22.50
CA LYS C 486 -57.76 -13.65 -22.16
C LYS C 486 -58.78 -12.66 -22.77
N ASN C 487 -58.41 -11.38 -22.79
CA ASN C 487 -59.27 -10.35 -23.31
C ASN C 487 -59.24 -10.18 -24.77
N GLY C 488 -58.57 -11.01 -25.55
CA GLY C 488 -58.57 -10.84 -26.95
C GLY C 488 -57.21 -10.63 -27.60
N GLY C 489 -56.15 -10.50 -26.82
CA GLY C 489 -54.85 -10.21 -27.46
C GLY C 489 -54.25 -11.46 -28.08
N HIS C 490 -53.23 -11.23 -28.89
CA HIS C 490 -52.42 -12.29 -29.41
C HIS C 490 -50.96 -12.09 -28.93
N LEU C 491 -50.50 -13.00 -28.09
CA LEU C 491 -49.20 -12.94 -27.48
C LEU C 491 -48.35 -14.00 -28.16
N LEU C 492 -47.15 -13.61 -28.56
CA LEU C 492 -46.17 -14.55 -29.11
C LEU C 492 -44.85 -14.41 -28.28
N ALA C 493 -44.40 -15.51 -27.67
CA ALA C 493 -43.23 -15.50 -26.75
C ALA C 493 -42.21 -16.47 -27.41
N THR C 494 -40.91 -16.18 -27.28
CA THR C 494 -39.88 -17.10 -27.80
C THR C 494 -39.37 -17.84 -26.64
N MET C 495 -38.58 -18.85 -26.97
CA MET C 495 -37.86 -19.59 -25.98
C MET C 495 -37.07 -18.70 -24.96
N ARG C 496 -36.90 -19.23 -23.76
CA ARG C 496 -36.17 -18.55 -22.67
C ARG C 496 -36.94 -17.31 -22.16
N SER C 497 -38.27 -17.38 -22.26
CA SER C 497 -39.13 -16.35 -21.69
C SER C 497 -39.78 -16.85 -20.40
N PHE C 498 -39.98 -15.95 -19.42
CA PHE C 498 -40.72 -16.19 -18.17
C PHE C 498 -40.10 -17.22 -17.32
N VAL C 499 -38.78 -17.42 -17.50
CA VAL C 499 -38.07 -18.50 -16.80
C VAL C 499 -37.88 -18.23 -15.32
N ALA C 500 -37.59 -16.96 -15.05
CA ALA C 500 -37.13 -16.55 -13.71
C ALA C 500 -37.93 -15.34 -13.20
N ASP C 501 -37.96 -15.23 -11.87
CA ASP C 501 -38.53 -14.05 -11.22
C ASP C 501 -37.63 -12.84 -11.27
N GLU C 502 -38.08 -11.77 -10.64
CA GLU C 502 -37.37 -10.51 -10.85
C GLU C 502 -36.01 -10.48 -10.11
N ASN C 503 -35.76 -11.49 -9.30
CA ASN C 503 -34.46 -11.68 -8.66
C ASN C 503 -33.56 -12.69 -9.41
N VAL C 504 -33.97 -13.04 -10.66
CA VAL C 504 -33.33 -13.98 -11.51
C VAL C 504 -33.26 -15.36 -10.83
N LYS C 505 -34.29 -15.67 -10.06
CA LYS C 505 -34.41 -16.99 -9.44
C LYS C 505 -35.36 -17.80 -10.32
N VAL C 506 -34.90 -18.93 -10.84
CA VAL C 506 -35.77 -19.68 -11.73
C VAL C 506 -37.01 -20.06 -10.86
N TRP C 507 -38.17 -19.86 -11.43
CA TRP C 507 -39.41 -20.34 -10.81
C TRP C 507 -39.36 -21.85 -10.55
N HIS C 508 -39.99 -22.30 -9.47
CA HIS C 508 -39.92 -23.69 -9.15
C HIS C 508 -41.20 -24.51 -9.32
N ASP C 509 -42.13 -23.99 -10.12
CA ASP C 509 -43.35 -24.77 -10.49
C ASP C 509 -43.27 -25.04 -11.96
N LYS C 510 -44.37 -25.47 -12.59
CA LYS C 510 -44.28 -25.80 -14.01
C LYS C 510 -44.12 -24.59 -14.85
N ALA C 511 -43.24 -24.73 -15.85
CA ALA C 511 -42.96 -23.73 -16.83
C ALA C 511 -43.82 -23.92 -18.04
N PRO C 512 -44.21 -22.83 -18.64
CA PRO C 512 -43.85 -21.46 -18.25
C PRO C 512 -44.71 -21.01 -17.07
N HIS C 513 -44.05 -20.44 -16.06
CA HIS C 513 -44.60 -20.08 -14.80
C HIS C 513 -45.96 -19.31 -14.91
N HIS C 514 -46.99 -19.96 -14.38
CA HIS C 514 -48.36 -19.39 -14.36
C HIS C 514 -48.89 -19.09 -15.72
N LEU C 515 -48.36 -19.78 -16.72
CA LEU C 515 -48.75 -19.56 -18.08
C LEU C 515 -48.99 -20.87 -18.84
N VAL C 516 -48.95 -21.96 -18.15
CA VAL C 516 -49.11 -23.27 -18.76
C VAL C 516 -50.55 -23.34 -19.34
N ASP C 517 -51.51 -22.81 -18.58
CA ASP C 517 -52.89 -22.73 -19.04
C ASP C 517 -53.03 -21.79 -20.20
N ILE C 518 -52.24 -20.70 -20.22
CA ILE C 518 -52.39 -19.71 -21.30
C ILE C 518 -51.84 -20.25 -22.58
N PHE C 519 -50.60 -20.76 -22.52
CA PHE C 519 -49.99 -21.29 -23.72
C PHE C 519 -50.43 -22.68 -24.07
N GLY C 520 -51.04 -23.36 -23.12
CA GLY C 520 -51.59 -24.70 -23.35
C GLY C 520 -50.46 -25.69 -23.54
N MET C 521 -49.46 -25.56 -22.70
CA MET C 521 -48.20 -26.37 -22.88
C MET C 521 -47.36 -26.15 -21.68
N THR C 522 -46.54 -27.15 -21.37
CA THR C 522 -45.50 -27.07 -20.33
C THR C 522 -44.21 -27.66 -20.96
N TYR C 523 -43.06 -27.24 -20.48
CA TYR C 523 -41.76 -27.89 -20.83
C TYR C 523 -40.89 -27.90 -19.59
N ASN C 524 -40.04 -28.92 -19.45
CA ASN C 524 -39.02 -28.94 -18.41
C ASN C 524 -37.66 -29.57 -18.87
N GLN C 525 -37.44 -29.57 -20.17
CA GLN C 525 -36.27 -30.17 -20.82
C GLN C 525 -35.93 -29.35 -22.04
N PHE C 526 -34.61 -29.30 -22.36
CA PHE C 526 -34.13 -28.48 -23.48
C PHE C 526 -32.66 -28.92 -23.82
N THR C 527 -32.17 -28.54 -24.98
CA THR C 527 -30.84 -28.87 -25.39
C THR C 527 -30.39 -28.03 -26.49
N ARG C 528 -29.10 -28.25 -26.87
CA ARG C 528 -28.53 -27.57 -28.02
C ARG C 528 -28.80 -28.58 -29.19
N PRO C 529 -29.52 -28.15 -30.24
CA PRO C 529 -29.99 -29.11 -31.22
C PRO C 529 -28.87 -29.57 -32.15
N MET C 530 -28.80 -30.86 -32.43
CA MET C 530 -27.89 -31.35 -33.47
C MET C 530 -28.74 -31.95 -34.59
N GLY C 531 -28.72 -31.34 -35.76
CA GLY C 531 -29.49 -31.87 -36.92
C GLY C 531 -30.99 -32.02 -36.68
N VAL C 532 -31.58 -31.04 -35.98
CA VAL C 532 -33.03 -30.99 -35.71
C VAL C 532 -33.64 -30.06 -36.68
N SER C 533 -34.66 -30.59 -37.38
CA SER C 533 -35.53 -29.88 -38.28
C SER C 533 -36.95 -29.86 -37.72
N LEU C 534 -37.77 -29.05 -38.37
CA LEU C 534 -39.22 -28.93 -38.05
C LEU C 534 -40.13 -29.63 -39.10
N LYS C 535 -41.15 -30.30 -38.59
CA LYS C 535 -42.29 -30.94 -39.32
C LYS C 535 -43.53 -30.06 -39.06
N CYS C 536 -44.10 -29.50 -40.13
CA CYS C 536 -45.18 -28.50 -40.01
C CYS C 536 -46.41 -28.99 -40.78
N PRO C 537 -47.43 -29.49 -40.06
CA PRO C 537 -48.45 -30.21 -40.80
C PRO C 537 -49.43 -29.32 -41.59
N ASP C 538 -49.66 -28.06 -41.24
CA ASP C 538 -50.81 -27.34 -41.84
C ASP C 538 -50.59 -25.85 -42.10
N THR C 539 -50.91 -25.09 -41.06
CA THR C 539 -50.82 -23.66 -41.06
C THR C 539 -49.43 -23.16 -41.42
N LEU C 540 -48.39 -23.88 -41.03
CA LEU C 540 -47.01 -23.50 -41.33
C LEU C 540 -46.31 -24.50 -42.31
N ALA C 541 -47.08 -25.03 -43.27
CA ALA C 541 -46.49 -25.93 -44.29
C ALA C 541 -45.24 -25.39 -45.07
N ASP C 542 -45.25 -24.11 -45.44
CA ASP C 542 -44.02 -23.45 -45.92
C ASP C 542 -42.73 -23.52 -45.05
N LEU C 543 -42.89 -23.77 -43.75
CA LEU C 543 -41.75 -23.87 -42.81
C LEU C 543 -41.23 -25.29 -42.76
N ALA C 544 -41.99 -26.23 -43.32
CA ALA C 544 -41.58 -27.61 -43.30
C ALA C 544 -40.11 -27.77 -43.74
N GLY C 545 -39.35 -28.58 -42.98
CA GLY C 545 -37.92 -28.75 -43.21
C GLY C 545 -37.01 -27.66 -42.67
N ALA C 546 -37.53 -26.55 -42.16
CA ALA C 546 -36.64 -25.54 -41.54
C ALA C 546 -35.85 -26.10 -40.37
N SER C 547 -34.68 -25.51 -40.17
CA SER C 547 -33.80 -25.92 -39.11
C SER C 547 -34.33 -25.33 -37.76
N ALA C 548 -34.16 -26.10 -36.70
CA ALA C 548 -34.21 -25.61 -35.33
C ALA C 548 -32.75 -25.27 -34.96
N ASN C 549 -32.50 -24.10 -34.38
CA ASN C 549 -31.12 -23.65 -34.20
C ASN C 549 -30.89 -23.23 -32.74
N ASP C 550 -29.66 -23.45 -32.25
CA ASP C 550 -29.11 -22.75 -31.02
C ASP C 550 -29.63 -23.37 -29.79
N PHE C 551 -30.96 -23.52 -29.70
CA PHE C 551 -31.50 -24.11 -28.45
C PHE C 551 -32.94 -24.60 -28.79
N ILE C 552 -33.34 -25.70 -28.19
CA ILE C 552 -34.68 -26.24 -28.36
C ILE C 552 -35.30 -26.58 -27.00
N GLU C 553 -36.52 -26.07 -26.79
CA GLU C 553 -37.28 -26.47 -25.59
C GLU C 553 -38.30 -27.54 -26.00
N MET C 554 -38.43 -28.58 -25.18
CA MET C 554 -39.23 -29.77 -25.48
C MET C 554 -40.69 -29.52 -25.06
N LEU C 555 -41.44 -28.83 -25.90
CA LEU C 555 -42.79 -28.38 -25.45
C LEU C 555 -43.80 -29.58 -25.43
N SER C 556 -44.48 -29.80 -24.32
CA SER C 556 -45.55 -30.81 -24.21
C SER C 556 -46.91 -30.13 -24.32
N PRO C 557 -47.53 -30.16 -25.50
CA PRO C 557 -48.81 -29.47 -25.72
C PRO C 557 -49.99 -30.17 -25.07
N ALA C 558 -50.90 -29.37 -24.49
CA ALA C 558 -52.20 -29.88 -24.05
C ALA C 558 -52.99 -30.43 -25.28
N PRO C 559 -54.04 -31.22 -25.02
CA PRO C 559 -54.74 -31.83 -26.18
C PRO C 559 -55.42 -30.84 -27.10
N GLU C 560 -55.83 -29.69 -26.60
CA GLU C 560 -56.56 -28.75 -27.43
C GLU C 560 -55.66 -27.74 -28.07
N THR C 561 -54.34 -27.85 -27.86
CA THR C 561 -53.43 -26.84 -28.35
C THR C 561 -53.08 -27.10 -29.78
N HIS C 562 -52.99 -26.06 -30.58
CA HIS C 562 -52.59 -26.21 -31.97
C HIS C 562 -51.06 -26.33 -32.13
N VAL C 563 -50.60 -27.44 -32.68
CA VAL C 563 -49.14 -27.63 -32.87
C VAL C 563 -48.78 -27.19 -34.25
N LEU C 564 -48.11 -26.05 -34.36
CA LEU C 564 -47.79 -25.54 -35.66
C LEU C 564 -46.54 -26.22 -36.20
N ALA C 565 -45.69 -26.71 -35.30
CA ALA C 565 -44.42 -27.33 -35.77
C ALA C 565 -43.98 -28.30 -34.71
N TRP C 566 -43.62 -29.51 -35.16
CA TRP C 566 -43.00 -30.53 -34.32
C TRP C 566 -41.50 -30.65 -34.62
N TYR C 567 -40.72 -31.15 -33.65
CA TYR C 567 -39.30 -31.53 -33.89
C TYR C 567 -39.27 -32.79 -34.79
N ASP C 568 -38.46 -32.74 -35.82
CA ASP C 568 -38.25 -33.86 -36.70
C ASP C 568 -36.88 -34.39 -36.34
N HIS C 569 -36.91 -35.39 -35.46
CA HIS C 569 -35.78 -36.05 -34.92
C HIS C 569 -36.25 -37.19 -34.07
N TYR C 570 -35.64 -38.36 -34.25
CA TYR C 570 -36.04 -39.48 -33.51
C TYR C 570 -36.02 -39.36 -32.01
N ALA C 571 -35.19 -38.50 -31.41
CA ALA C 571 -35.19 -38.40 -29.94
C ALA C 571 -36.31 -37.45 -29.41
N TRP C 572 -36.61 -36.44 -30.20
CA TRP C 572 -37.44 -35.35 -29.73
C TRP C 572 -38.79 -35.22 -30.46
N ASP C 573 -39.15 -36.15 -31.34
CA ASP C 573 -40.41 -35.94 -32.14
C ASP C 573 -41.77 -36.12 -31.40
N SER C 574 -41.78 -36.53 -30.12
CA SER C 574 -42.89 -36.38 -29.27
C SER C 574 -43.14 -34.92 -28.90
N TYR C 575 -42.24 -34.00 -29.21
CA TYR C 575 -42.35 -32.67 -28.67
C TYR C 575 -42.59 -31.67 -29.73
N ALA C 576 -43.34 -30.62 -29.34
CA ALA C 576 -43.60 -29.53 -30.26
C ALA C 576 -42.49 -28.51 -30.18
N ALA C 577 -42.33 -27.77 -31.28
CA ALA C 577 -41.45 -26.65 -31.35
C ALA C 577 -42.17 -25.35 -31.39
N ILE C 578 -43.36 -25.33 -32.00
CA ILE C 578 -44.16 -24.12 -32.03
C ILE C 578 -45.62 -24.43 -31.78
N THR C 579 -46.25 -23.68 -30.91
CA THR C 579 -47.56 -24.06 -30.36
C THR C 579 -48.33 -22.78 -30.39
N ARG C 580 -49.67 -22.91 -30.50
CA ARG C 580 -50.58 -21.76 -30.30
C ARG C 580 -51.88 -22.28 -29.67
N HIS C 581 -52.30 -21.56 -28.62
CA HIS C 581 -53.36 -22.01 -27.72
C HIS C 581 -54.38 -20.90 -27.50
N ALA C 582 -55.66 -21.22 -27.75
CA ALA C 582 -56.76 -20.25 -27.51
C ALA C 582 -56.97 -20.10 -26.00
N PHE C 583 -57.10 -18.88 -25.53
CA PHE C 583 -57.37 -18.61 -24.10
C PHE C 583 -58.23 -17.35 -24.01
N GLY C 584 -59.41 -17.51 -23.41
CA GLY C 584 -60.37 -16.40 -23.47
C GLY C 584 -60.70 -16.10 -24.91
N SER C 585 -60.73 -14.82 -25.27
CA SER C 585 -60.97 -14.51 -26.68
C SER C 585 -59.71 -14.31 -27.48
N GLY C 586 -58.53 -14.48 -26.86
CA GLY C 586 -57.29 -14.34 -27.68
C GLY C 586 -56.55 -15.62 -27.87
N ASP C 587 -55.22 -15.51 -28.09
CA ASP C 587 -54.41 -16.70 -28.13
C ASP C 587 -52.91 -16.39 -27.83
N ALA C 588 -52.19 -17.46 -27.54
CA ALA C 588 -50.81 -17.40 -27.06
C ALA C 588 -49.98 -18.49 -27.77
N GLN C 589 -48.93 -18.01 -28.42
CA GLN C 589 -48.04 -18.75 -29.26
C GLN C 589 -46.58 -18.73 -28.69
N TRP C 590 -45.94 -19.89 -28.66
CA TRP C 590 -44.58 -20.09 -28.15
C TRP C 590 -43.70 -20.71 -29.29
N VAL C 591 -42.56 -20.07 -29.54
CA VAL C 591 -41.55 -20.55 -30.53
C VAL C 591 -40.39 -21.03 -29.71
N GLY C 592 -40.29 -22.33 -29.59
CA GLY C 592 -39.39 -23.02 -28.65
C GLY C 592 -37.92 -23.20 -29.15
N THR C 593 -37.52 -22.42 -30.14
CA THR C 593 -36.20 -22.54 -30.74
C THR C 593 -35.84 -21.24 -31.41
N GLN C 594 -34.64 -21.11 -32.00
CA GLN C 594 -34.32 -19.93 -32.84
C GLN C 594 -34.40 -20.36 -34.31
N LEU C 595 -34.91 -19.44 -35.11
CA LEU C 595 -35.12 -19.67 -36.50
C LEU C 595 -34.17 -18.83 -37.30
N GLN C 596 -33.81 -19.34 -38.47
CA GLN C 596 -33.13 -18.55 -39.51
C GLN C 596 -34.04 -17.48 -40.02
N ALA C 597 -33.46 -16.51 -40.70
CA ALA C 597 -34.20 -15.31 -41.08
C ALA C 597 -35.46 -15.60 -41.92
N ASP C 598 -35.36 -16.55 -42.84
CA ASP C 598 -36.51 -16.78 -43.74
C ASP C 598 -37.61 -17.54 -42.99
N ALA C 599 -37.23 -18.45 -42.11
CA ALA C 599 -38.16 -19.09 -41.22
C ALA C 599 -38.87 -18.12 -40.29
N TRP C 600 -38.15 -17.11 -39.73
CA TRP C 600 -38.81 -16.07 -38.94
C TRP C 600 -39.85 -15.29 -39.76
N ARG C 601 -39.57 -14.97 -41.01
CA ARG C 601 -40.58 -14.26 -41.81
C ARG C 601 -41.84 -15.14 -42.02
N THR C 602 -41.64 -16.42 -42.25
CA THR C 602 -42.75 -17.33 -42.46
C THR C 602 -43.60 -17.43 -41.19
N VAL C 603 -42.94 -17.55 -40.04
CA VAL C 603 -43.64 -17.64 -38.79
C VAL C 603 -44.36 -16.37 -38.43
N LEU C 604 -43.68 -15.26 -38.51
CA LEU C 604 -44.32 -14.00 -38.19
C LEU C 604 -45.41 -13.65 -39.18
N ALA C 605 -45.24 -13.90 -40.45
CA ALA C 605 -46.32 -13.53 -41.44
C ALA C 605 -47.64 -14.26 -41.11
N GLU C 606 -47.51 -15.51 -40.64
CA GLU C 606 -48.67 -16.31 -40.22
C GLU C 606 -49.33 -15.86 -38.89
N ALA C 607 -48.50 -15.44 -37.95
CA ALA C 607 -48.96 -14.90 -36.72
C ALA C 607 -49.69 -13.60 -36.97
N LEU C 608 -49.13 -12.75 -37.78
CA LEU C 608 -49.72 -11.49 -38.10
C LEU C 608 -51.13 -11.63 -38.83
N SER C 609 -51.20 -12.60 -39.70
CA SER C 609 -52.43 -12.94 -40.37
C SER C 609 -53.41 -13.48 -39.32
N ASN C 610 -52.98 -14.38 -38.44
CA ASN C 610 -53.79 -14.81 -37.32
C ASN C 610 -54.31 -13.67 -36.48
N ALA C 611 -53.52 -12.61 -36.35
CA ALA C 611 -53.86 -11.52 -35.46
C ALA C 611 -54.64 -10.43 -36.19
N GLY C 612 -54.94 -10.63 -37.48
CA GLY C 612 -55.67 -9.60 -38.20
C GLY C 612 -54.85 -8.40 -38.63
N VAL C 613 -53.54 -8.52 -38.71
CA VAL C 613 -52.71 -7.38 -39.14
C VAL C 613 -52.31 -7.60 -40.60
N HIS C 614 -52.73 -6.62 -41.38
CA HIS C 614 -52.42 -6.48 -42.79
C HIS C 614 -52.52 -5.03 -43.25
N THR C 615 -51.55 -4.62 -44.07
CA THR C 615 -51.55 -3.32 -44.72
C THR C 615 -51.05 -3.45 -46.12
N PRO C 616 -51.23 -2.37 -46.91
CA PRO C 616 -50.84 -2.44 -48.33
C PRO C 616 -49.33 -2.58 -48.46
N GLY C 617 -48.57 -1.92 -47.59
CA GLY C 617 -47.07 -2.06 -47.63
C GLY C 617 -46.59 -3.48 -47.43
N MET C 618 -47.32 -4.27 -46.67
CA MET C 618 -46.91 -5.65 -46.48
C MET C 618 -46.88 -6.42 -47.78
N GLU C 619 -47.67 -5.98 -48.75
CA GLU C 619 -47.59 -6.62 -50.09
C GLU C 619 -46.28 -6.39 -50.80
N LEU C 620 -45.53 -5.36 -50.40
CA LEU C 620 -44.28 -5.01 -51.06
C LEU C 620 -43.00 -5.53 -50.35
N ALA C 621 -43.19 -6.42 -49.35
CA ALA C 621 -42.10 -6.97 -48.55
C ALA C 621 -41.06 -7.58 -49.47
N GLY C 622 -39.79 -7.24 -49.28
CA GLY C 622 -38.74 -7.83 -50.06
C GLY C 622 -38.44 -6.96 -51.27
N THR C 623 -39.30 -6.00 -51.60
CA THR C 623 -39.15 -5.22 -52.84
C THR C 623 -38.76 -3.82 -52.53
N VAL C 624 -39.51 -3.17 -51.64
CA VAL C 624 -39.24 -1.80 -51.24
C VAL C 624 -39.63 -1.60 -49.79
N CYS C 625 -38.91 -0.71 -49.09
CA CYS C 625 -39.23 -0.41 -47.68
C CYS C 625 -40.33 0.63 -47.67
N VAL C 626 -41.42 0.30 -46.96
CA VAL C 626 -42.56 1.26 -46.82
C VAL C 626 -42.78 1.60 -45.38
N ARG C 627 -42.70 2.87 -45.00
CA ARG C 627 -42.94 3.22 -43.63
C ARG C 627 -43.83 4.41 -43.64
N SER C 628 -44.76 4.49 -42.68
CA SER C 628 -45.68 5.61 -42.69
C SER C 628 -46.16 6.16 -41.39
N GLY C 629 -46.95 7.22 -41.54
CA GLY C 629 -47.64 7.79 -40.45
C GLY C 629 -48.61 8.87 -40.90
N THR C 630 -49.04 9.67 -39.95
CA THR C 630 -49.95 10.77 -40.18
C THR C 630 -49.32 12.08 -39.77
N ASN C 631 -49.41 13.09 -40.63
CA ASN C 631 -48.79 14.37 -40.34
C ASN C 631 -49.75 15.27 -39.62
N THR C 632 -49.37 16.49 -39.33
CA THR C 632 -50.22 17.29 -38.43
C THR C 632 -51.47 17.89 -39.13
N ALA C 633 -51.57 17.81 -40.46
CA ALA C 633 -52.78 18.20 -41.22
C ALA C 633 -53.69 17.02 -41.37
N GLY C 634 -53.27 15.87 -40.87
CA GLY C 634 -54.05 14.70 -40.86
C GLY C 634 -53.84 13.85 -42.06
N ASP C 635 -52.90 14.19 -42.92
CA ASP C 635 -52.65 13.39 -44.11
C ASP C 635 -51.78 12.19 -43.82
N THR C 636 -52.03 11.11 -44.54
CA THR C 636 -51.18 9.96 -44.52
C THR C 636 -49.93 10.25 -45.30
N VAL C 637 -48.79 9.90 -44.69
CA VAL C 637 -47.45 10.08 -45.29
C VAL C 637 -46.81 8.71 -45.45
N THR C 638 -46.51 8.34 -46.71
CA THR C 638 -46.03 7.00 -46.94
C THR C 638 -44.66 7.03 -47.61
N TYR C 639 -43.61 6.66 -46.85
CA TYR C 639 -42.28 6.62 -47.41
C TYR C 639 -42.06 5.39 -48.26
N LEU C 640 -41.39 5.59 -49.41
CA LEU C 640 -40.94 4.51 -50.24
C LEU C 640 -39.40 4.57 -50.30
N LEU C 641 -38.75 3.58 -49.72
CA LEU C 641 -37.31 3.64 -49.52
C LEU C 641 -36.64 2.44 -50.18
N ASN C 642 -35.72 2.74 -51.12
CA ASN C 642 -35.02 1.67 -51.78
C ASN C 642 -33.61 1.43 -51.21
N TYR C 643 -33.50 0.41 -50.36
CA TYR C 643 -32.22 0.06 -49.70
C TYR C 643 -31.53 -1.00 -50.57
N SER C 644 -31.29 -0.66 -51.84
CA SER C 644 -30.53 -1.52 -52.74
C SER C 644 -29.82 -0.68 -53.76
N GLY C 645 -28.79 -1.32 -54.33
CA GLY C 645 -27.91 -0.68 -55.29
C GLY C 645 -28.42 -0.79 -56.75
N SER C 646 -29.63 -1.27 -56.97
CA SER C 646 -30.29 -1.22 -58.31
C SER C 646 -31.61 -0.45 -58.32
N PRO C 647 -32.11 -0.13 -59.54
CA PRO C 647 -33.44 0.48 -59.59
C PRO C 647 -34.51 -0.55 -59.24
N ILE C 648 -35.68 -0.12 -58.82
CA ILE C 648 -36.74 -1.10 -58.57
C ILE C 648 -38.06 -0.62 -59.21
N THR C 649 -38.92 -1.57 -59.54
CA THR C 649 -40.27 -1.25 -60.00
C THR C 649 -41.32 -1.97 -59.15
N PHE C 650 -42.34 -1.23 -58.76
CA PHE C 650 -43.36 -1.80 -57.93
C PHE C 650 -44.67 -1.01 -58.05
N ARG C 651 -45.72 -1.60 -57.50
CA ARG C 651 -47.04 -1.00 -57.47
C ARG C 651 -47.21 -0.09 -56.27
N ALA C 652 -47.63 1.15 -56.51
CA ALA C 652 -47.87 2.11 -55.44
C ALA C 652 -48.77 1.55 -54.34
N PRO C 653 -48.34 1.71 -53.07
CA PRO C 653 -49.16 1.10 -52.02
C PRO C 653 -50.13 2.10 -51.44
N ALA C 654 -50.24 3.28 -52.00
CA ALA C 654 -51.19 4.27 -51.53
C ALA C 654 -51.44 5.29 -52.63
N SER C 655 -52.56 6.01 -52.49
CA SER C 655 -52.92 7.07 -53.38
C SER C 655 -52.65 8.42 -52.81
N GLY C 656 -52.36 9.38 -53.69
CA GLY C 656 -52.23 10.75 -53.28
C GLY C 656 -51.33 11.39 -54.27
N THR C 657 -50.29 12.04 -53.77
CA THR C 657 -49.38 12.87 -54.50
C THR C 657 -47.93 12.54 -54.11
N PHE C 658 -47.05 12.38 -55.11
CA PHE C 658 -45.59 12.29 -54.85
C PHE C 658 -45.00 13.60 -54.39
N LEU C 659 -44.41 13.60 -53.18
CA LEU C 659 -43.96 14.85 -52.53
C LEU C 659 -42.64 15.39 -53.09
N LEU C 660 -41.76 14.47 -53.38
CA LEU C 660 -40.40 14.88 -53.70
C LEU C 660 -40.18 14.96 -55.21
N GLY C 661 -40.71 13.96 -55.92
CA GLY C 661 -40.29 13.64 -57.28
C GLY C 661 -39.06 12.77 -57.27
N HIS C 662 -38.82 12.04 -58.36
CA HIS C 662 -37.70 11.13 -58.46
C HIS C 662 -37.43 10.66 -59.91
N PRO C 663 -36.20 10.21 -60.21
CA PRO C 663 -35.80 9.85 -61.60
C PRO C 663 -36.41 8.60 -62.24
N VAL C 671 -40.38 11.87 -62.96
CA VAL C 671 -41.57 12.19 -62.13
C VAL C 671 -41.35 13.37 -61.23
N THR C 672 -42.15 14.39 -61.40
CA THR C 672 -41.90 15.66 -60.74
C THR C 672 -42.63 15.74 -59.43
N ALA C 673 -42.15 16.63 -58.56
CA ALA C 673 -42.80 16.94 -57.33
C ALA C 673 -44.26 17.30 -57.61
N GLU C 674 -45.17 16.72 -56.82
CA GLU C 674 -46.59 16.97 -56.87
C GLU C 674 -47.35 16.19 -57.97
N THR C 675 -46.73 15.19 -58.58
CA THR C 675 -47.43 14.32 -59.49
C THR C 675 -48.41 13.40 -58.71
N PRO C 676 -49.66 13.23 -59.20
CA PRO C 676 -50.63 12.34 -58.55
C PRO C 676 -50.31 10.91 -58.79
N VAL C 677 -50.79 10.05 -57.91
CA VAL C 677 -50.58 8.62 -58.04
C VAL C 677 -51.73 7.96 -57.32
N THR C 678 -52.06 6.74 -57.73
CA THR C 678 -53.13 5.96 -57.20
C THR C 678 -52.57 4.62 -56.81
N VAL C 679 -53.01 4.12 -55.67
CA VAL C 679 -52.65 2.79 -55.28
C VAL C 679 -52.72 1.88 -56.49
N GLY C 680 -51.77 0.96 -56.62
CA GLY C 680 -51.63 0.11 -57.80
C GLY C 680 -50.85 0.71 -58.96
N ASP C 681 -50.70 2.02 -59.07
CA ASP C 681 -49.90 2.56 -60.18
C ASP C 681 -48.48 2.06 -60.17
N ALA C 682 -47.91 1.86 -61.34
CA ALA C 682 -46.52 1.43 -61.42
C ALA C 682 -45.62 2.52 -60.88
N VAL C 683 -44.63 2.14 -60.06
CA VAL C 683 -43.61 3.08 -59.62
C VAL C 683 -42.19 2.48 -59.83
N THR C 684 -41.29 3.38 -60.21
CA THR C 684 -39.89 3.01 -60.38
C THR C 684 -39.06 3.91 -59.46
N LEU C 685 -38.11 3.30 -58.76
CA LEU C 685 -37.08 4.13 -58.03
C LEU C 685 -35.68 3.77 -58.47
N PRO C 686 -34.83 4.80 -58.62
CA PRO C 686 -33.44 4.48 -58.86
C PRO C 686 -32.76 3.79 -57.61
N ARG C 687 -31.54 3.29 -57.81
CA ARG C 687 -30.69 2.79 -56.75
C ARG C 687 -30.65 3.81 -55.58
N TRP C 688 -30.75 3.32 -54.35
CA TRP C 688 -30.75 4.19 -53.16
C TRP C 688 -31.82 5.27 -53.16
N GLY C 689 -32.91 5.05 -53.92
CA GLY C 689 -33.88 6.11 -54.12
C GLY C 689 -34.92 6.23 -53.07
N VAL C 690 -35.63 7.34 -53.17
CA VAL C 690 -36.69 7.71 -52.27
C VAL C 690 -37.79 8.66 -52.86
N ASP C 691 -39.04 8.32 -52.60
CA ASP C 691 -40.13 9.35 -52.63
C ASP C 691 -41.15 9.02 -51.56
N ILE C 692 -42.11 9.92 -51.43
CA ILE C 692 -43.06 9.94 -50.37
C ILE C 692 -44.43 10.23 -50.96
N ILE C 693 -45.38 9.33 -50.77
CA ILE C 693 -46.77 9.62 -51.20
C ILE C 693 -47.52 10.19 -50.01
N VAL C 694 -48.08 11.38 -50.22
CA VAL C 694 -48.92 12.06 -49.24
C VAL C 694 -50.39 12.03 -49.69
N GLY C 695 -51.24 11.45 -48.85
CA GLY C 695 -52.62 11.05 -49.17
C GLY C 695 -53.49 12.29 -49.09
N ARG C 696 -53.36 13.10 -50.15
CA ARG C 696 -54.23 14.28 -50.45
C ARG C 696 -54.48 14.41 -51.97
N PRO D 8 39.47 -11.59 -43.05
CA PRO D 8 38.80 -11.93 -44.30
C PRO D 8 37.20 -11.81 -44.22
N ILE D 9 36.48 -12.89 -44.02
CA ILE D 9 35.05 -12.83 -43.67
C ILE D 9 34.93 -13.47 -42.28
N LEU D 10 34.28 -12.78 -41.33
CA LEU D 10 34.03 -13.38 -40.01
C LEU D 10 33.01 -14.46 -40.14
N PHE D 11 33.23 -15.58 -39.47
CA PHE D 11 32.36 -16.68 -39.59
C PHE D 11 32.43 -17.39 -38.29
N GLY D 12 31.30 -17.50 -37.59
CA GLY D 12 31.34 -18.18 -36.32
C GLY D 12 30.04 -18.26 -35.63
N ALA D 13 30.09 -18.21 -34.31
CA ALA D 13 28.92 -18.50 -33.47
C ALA D 13 29.03 -17.85 -32.07
N ALA D 14 27.87 -17.52 -31.46
CA ALA D 14 27.84 -17.30 -29.97
C ALA D 14 28.18 -18.56 -29.27
N TYR D 15 28.95 -18.46 -28.21
CA TYR D 15 29.36 -19.62 -27.44
C TYR D 15 29.13 -19.31 -25.98
N TYR D 16 28.52 -20.27 -25.31
CA TYR D 16 28.14 -20.19 -23.88
C TYR D 16 28.72 -21.22 -23.03
N ASP D 17 30.03 -21.05 -22.72
CA ASP D 17 30.67 -21.98 -21.74
C ASP D 17 29.84 -22.08 -20.43
N GLU D 18 29.25 -20.94 -20.05
CA GLU D 18 28.45 -20.86 -18.80
C GLU D 18 27.17 -21.78 -18.80
N TYR D 19 26.70 -22.12 -20.01
CA TYR D 19 25.52 -23.01 -20.15
C TYR D 19 25.85 -24.49 -20.31
N ILE D 20 27.11 -24.82 -20.66
CA ILE D 20 27.44 -26.21 -20.95
C ILE D 20 27.46 -26.98 -19.69
N PRO D 21 26.82 -28.16 -19.67
CA PRO D 21 26.73 -28.92 -18.48
C PRO D 21 28.09 -29.14 -17.77
N ARG D 22 28.12 -28.98 -16.48
CA ARG D 22 29.40 -28.86 -15.76
C ARG D 22 30.07 -30.18 -15.60
N ASP D 23 29.36 -31.28 -15.81
CA ASP D 23 30.01 -32.57 -15.76
C ASP D 23 30.89 -32.78 -17.05
N LEU D 24 30.77 -31.96 -18.08
CA LEU D 24 31.53 -32.16 -19.26
C LEU D 24 32.83 -31.37 -19.20
N ASP D 25 33.80 -31.79 -20.01
CA ASP D 25 35.00 -30.99 -20.19
C ASP D 25 35.37 -30.92 -21.67
N ARG D 26 34.66 -30.10 -22.43
CA ARG D 26 34.71 -30.20 -23.90
C ARG D 26 35.04 -28.96 -24.61
N ILE D 27 35.44 -27.90 -23.90
CA ILE D 27 35.68 -26.64 -24.60
C ILE D 27 36.69 -26.77 -25.74
N ASP D 28 37.76 -27.52 -25.51
CA ASP D 28 38.77 -27.68 -26.56
C ASP D 28 38.21 -28.54 -27.72
N THR D 29 37.38 -29.54 -27.43
CA THR D 29 36.71 -30.25 -28.49
C THR D 29 35.84 -29.31 -29.30
N ASP D 30 35.12 -28.42 -28.63
CA ASP D 30 34.30 -27.44 -29.34
C ASP D 30 35.12 -26.52 -30.21
N MET D 31 36.17 -25.94 -29.65
CA MET D 31 37.06 -25.12 -30.47
C MET D 31 37.59 -25.94 -31.74
N GLU D 32 37.92 -27.20 -31.56
CA GLU D 32 38.44 -28.06 -32.67
C GLU D 32 37.39 -28.23 -33.78
N MET D 33 36.15 -28.47 -33.36
CA MET D 33 35.05 -28.52 -34.34
C MET D 33 34.84 -27.24 -34.97
N MET D 34 35.06 -26.13 -34.26
CA MET D 34 34.93 -24.84 -34.92
C MET D 34 35.99 -24.60 -36.00
N THR D 35 37.21 -24.82 -35.62
CA THR D 35 38.31 -24.54 -36.61
C THR D 35 38.13 -25.45 -37.84
N ARG D 36 37.75 -26.68 -37.65
CA ARG D 36 37.53 -27.59 -38.73
C ARG D 36 36.43 -26.99 -39.66
N ALA D 37 35.47 -26.25 -39.09
CA ALA D 37 34.35 -25.70 -39.85
C ALA D 37 34.68 -24.35 -40.41
N GLY D 38 35.92 -23.92 -40.22
CA GLY D 38 36.34 -22.64 -40.76
C GLY D 38 35.81 -21.49 -39.90
N ILE D 39 35.37 -21.79 -38.70
CA ILE D 39 34.96 -20.72 -37.75
C ILE D 39 36.20 -19.99 -37.22
N ASN D 40 36.20 -18.66 -37.37
CA ASN D 40 37.28 -17.80 -36.86
C ASN D 40 36.87 -16.76 -35.75
N VAL D 41 35.60 -16.80 -35.31
CA VAL D 41 35.07 -15.86 -34.26
C VAL D 41 34.02 -16.50 -33.42
N ILE D 42 34.08 -16.21 -32.10
CA ILE D 42 32.95 -16.52 -31.19
C ILE D 42 32.52 -15.22 -30.49
N ARG D 43 31.26 -15.17 -30.03
CA ARG D 43 30.69 -14.04 -29.29
C ARG D 43 30.39 -14.56 -27.91
N ILE D 44 30.89 -13.89 -26.86
CA ILE D 44 30.70 -14.45 -25.47
C ILE D 44 30.22 -13.33 -24.47
N GLY D 45 29.60 -13.73 -23.39
CA GLY D 45 29.49 -12.89 -22.18
C GLY D 45 28.20 -12.13 -21.93
N GLU D 46 27.41 -11.93 -22.95
CA GLU D 46 26.30 -10.98 -22.79
C GLU D 46 25.03 -11.42 -21.97
N SER D 47 24.88 -12.72 -21.70
CA SER D 47 23.66 -13.25 -21.07
C SER D 47 23.85 -13.78 -19.70
N THR D 48 25.03 -13.60 -19.11
CA THR D 48 25.37 -14.22 -17.90
C THR D 48 25.94 -13.26 -16.83
N TRP D 49 25.24 -12.14 -16.60
CA TRP D 49 25.60 -11.24 -15.53
C TRP D 49 25.72 -12.01 -14.19
N SER D 50 24.77 -12.87 -13.89
CA SER D 50 24.75 -13.56 -12.60
C SER D 50 25.78 -14.64 -12.42
N THR D 51 26.40 -15.07 -13.51
CA THR D 51 27.51 -16.00 -13.40
C THR D 51 28.85 -15.22 -13.09
N CYS D 52 29.06 -14.12 -13.77
CA CYS D 52 30.31 -13.38 -13.62
C CYS D 52 30.33 -12.38 -12.47
N GLU D 53 29.15 -11.99 -11.96
CA GLU D 53 29.03 -11.26 -10.69
C GLU D 53 28.03 -11.94 -9.83
N PRO D 54 28.40 -13.02 -9.19
CA PRO D 54 27.44 -13.88 -8.54
C PRO D 54 26.87 -13.23 -7.29
N GLN D 55 27.62 -12.31 -6.67
CA GLN D 55 27.14 -11.50 -5.54
C GLN D 55 27.64 -10.11 -5.79
N PRO D 56 26.97 -9.08 -5.18
CA PRO D 56 27.31 -7.73 -5.43
C PRO D 56 28.78 -7.45 -5.15
N GLY D 57 29.48 -6.97 -6.18
CA GLY D 57 30.89 -6.59 -6.08
C GLY D 57 31.85 -7.77 -6.03
N HIS D 58 31.40 -9.00 -6.27
CA HIS D 58 32.28 -10.17 -6.33
C HIS D 58 32.30 -10.68 -7.76
N PHE D 59 33.41 -10.47 -8.47
CA PHE D 59 33.50 -10.79 -9.89
C PHE D 59 34.14 -12.17 -10.00
N ASP D 60 33.60 -13.00 -10.92
CA ASP D 60 34.17 -14.34 -11.18
C ASP D 60 34.34 -14.53 -12.67
N TRP D 61 35.58 -14.38 -13.17
CA TRP D 61 35.81 -14.38 -14.58
C TRP D 61 36.12 -15.76 -15.14
N THR D 62 35.88 -16.79 -14.37
CA THR D 62 36.29 -18.17 -14.74
C THR D 62 35.81 -18.56 -16.12
N HIS D 63 34.49 -18.36 -16.37
CA HIS D 63 33.95 -18.72 -17.70
C HIS D 63 34.37 -17.86 -18.85
N ILE D 64 34.45 -16.56 -18.64
CA ILE D 64 34.90 -15.66 -19.61
C ILE D 64 36.39 -16.03 -20.02
N ASP D 65 37.22 -16.28 -19.03
CA ASP D 65 38.65 -16.52 -19.27
C ASP D 65 38.86 -17.91 -19.88
N ARG D 66 38.07 -18.90 -19.45
CA ARG D 66 38.03 -20.20 -20.13
C ARG D 66 37.82 -20.06 -21.63
N ALA D 67 36.83 -19.27 -22.04
CA ALA D 67 36.56 -19.15 -23.44
C ALA D 67 37.65 -18.33 -24.17
N LEU D 68 38.14 -17.31 -23.51
CA LEU D 68 39.21 -16.51 -24.10
C LEU D 68 40.47 -17.38 -24.30
N ASP D 69 40.79 -18.20 -23.31
CA ASP D 69 41.98 -19.04 -23.40
C ASP D 69 41.82 -20.15 -24.47
N ALA D 70 40.62 -20.77 -24.47
CA ALA D 70 40.31 -21.77 -25.47
C ALA D 70 40.34 -21.22 -26.87
N ALA D 71 39.79 -20.04 -27.06
CA ALA D 71 39.81 -19.46 -28.35
C ALA D 71 41.24 -19.11 -28.77
N THR D 72 42.02 -18.56 -27.84
CA THR D 72 43.36 -18.10 -28.17
C THR D 72 44.17 -19.35 -28.64
N ASN D 73 44.10 -20.40 -27.86
CA ASN D 73 44.71 -21.64 -28.10
C ASN D 73 44.36 -22.16 -29.46
N ALA D 74 43.15 -21.95 -29.90
CA ALA D 74 42.75 -22.45 -31.22
C ALA D 74 42.94 -21.50 -32.33
N GLY D 75 43.30 -20.28 -32.01
CA GLY D 75 43.43 -19.32 -33.10
C GLY D 75 42.13 -18.66 -33.50
N ILE D 76 41.16 -18.64 -32.59
CA ILE D 76 39.85 -17.99 -32.87
C ILE D 76 39.75 -16.60 -32.18
N ASN D 77 39.14 -15.64 -32.88
CA ASN D 77 38.91 -14.31 -32.40
C ASN D 77 37.62 -14.27 -31.55
N VAL D 78 37.47 -13.20 -30.77
CA VAL D 78 36.36 -13.12 -29.80
C VAL D 78 35.74 -11.77 -29.81
N ILE D 79 34.41 -11.73 -29.91
CA ILE D 79 33.67 -10.51 -29.65
C ILE D 79 33.00 -10.66 -28.26
N VAL D 80 33.19 -9.68 -27.38
CA VAL D 80 32.70 -9.76 -26.02
C VAL D 80 31.49 -8.80 -25.93
N GLY D 81 30.38 -9.34 -25.45
CA GLY D 81 29.17 -8.58 -25.23
C GLY D 81 28.96 -8.17 -23.78
N THR D 82 28.52 -6.93 -23.55
CA THR D 82 28.32 -6.52 -22.12
C THR D 82 27.01 -7.16 -21.68
N PRO D 83 26.93 -7.52 -20.42
CA PRO D 83 25.87 -8.47 -20.01
C PRO D 83 24.66 -7.78 -19.32
N THR D 84 24.43 -6.55 -19.70
CA THR D 84 23.46 -5.70 -19.08
C THR D 84 21.95 -5.92 -19.47
N TYR D 85 21.67 -6.77 -20.45
CA TYR D 85 20.28 -7.00 -20.85
C TYR D 85 19.44 -7.92 -20.01
N ALA D 86 20.06 -8.56 -19.00
CA ALA D 86 19.42 -9.44 -18.09
C ALA D 86 20.15 -9.29 -16.75
N VAL D 87 19.39 -9.12 -15.66
CA VAL D 87 19.94 -8.69 -14.36
C VAL D 87 19.89 -9.76 -13.33
N PRO D 88 20.84 -9.75 -12.39
CA PRO D 88 20.80 -10.74 -11.37
C PRO D 88 19.69 -10.60 -10.32
N THR D 89 19.35 -11.78 -9.73
CA THR D 89 18.48 -11.86 -8.58
C THR D 89 18.88 -10.94 -7.41
N TRP D 90 20.19 -10.85 -7.14
CA TRP D 90 20.65 -10.01 -6.00
C TRP D 90 20.43 -8.54 -6.28
N LEU D 91 20.42 -8.14 -7.54
CA LEU D 91 20.26 -6.75 -7.83
C LEU D 91 18.80 -6.33 -7.61
N VAL D 92 17.86 -7.13 -8.14
CA VAL D 92 16.43 -6.76 -7.94
C VAL D 92 15.96 -6.97 -6.52
N ALA D 93 16.62 -7.87 -5.77
CA ALA D 93 16.36 -8.03 -4.35
C ALA D 93 16.61 -6.76 -3.55
N MET D 94 17.64 -5.99 -3.89
CA MET D 94 17.87 -4.67 -3.30
C MET D 94 17.06 -3.62 -3.86
N TYR D 95 16.90 -3.63 -5.21
CA TYR D 95 16.33 -2.55 -5.97
C TYR D 95 15.26 -3.02 -6.96
N PRO D 96 14.02 -3.20 -6.46
CA PRO D 96 12.97 -3.75 -7.34
C PRO D 96 12.67 -2.84 -8.45
N ASP D 97 12.95 -1.54 -8.34
CA ASP D 97 12.64 -0.66 -9.46
C ASP D 97 13.60 -0.78 -10.64
N VAL D 98 14.63 -1.57 -10.48
CA VAL D 98 15.41 -1.96 -11.68
C VAL D 98 14.43 -2.51 -12.75
N LEU D 99 13.39 -3.26 -12.35
CA LEU D 99 12.36 -3.73 -13.32
C LEU D 99 11.35 -2.65 -13.55
N ALA D 100 11.03 -2.41 -14.81
CA ALA D 100 10.14 -1.33 -15.19
C ALA D 100 8.67 -1.61 -14.92
N THR D 101 7.93 -0.57 -14.53
CA THR D 101 6.48 -0.66 -14.62
C THR D 101 6.14 -0.53 -16.07
N THR D 102 5.15 -1.29 -16.51
CA THR D 102 4.67 -1.21 -17.86
C THR D 102 3.11 -0.99 -17.83
N PRO D 103 2.48 -0.79 -19.01
CA PRO D 103 0.99 -0.68 -19.02
C PRO D 103 0.32 -1.92 -18.51
N ALA D 104 0.97 -3.06 -18.53
CA ALA D 104 0.42 -4.24 -17.92
C ALA D 104 0.53 -4.23 -16.38
N GLY D 105 1.23 -3.27 -15.79
CA GLY D 105 1.34 -3.18 -14.34
C GLY D 105 2.72 -3.56 -13.80
N GLU D 106 2.70 -4.10 -12.60
CA GLU D 106 3.87 -4.41 -11.84
C GLU D 106 4.67 -5.55 -12.52
N PRO D 107 6.00 -5.44 -12.60
CA PRO D 107 6.82 -6.53 -13.22
C PRO D 107 7.08 -7.63 -12.25
N HIS D 108 7.57 -8.75 -12.73
CA HIS D 108 7.93 -9.85 -11.90
C HIS D 108 9.26 -10.42 -12.46
N TYR D 109 10.25 -10.65 -11.59
CA TYR D 109 11.57 -11.08 -11.98
C TYR D 109 11.52 -12.37 -12.78
N GLY D 110 12.34 -12.37 -13.82
CA GLY D 110 12.69 -13.63 -14.52
C GLY D 110 13.19 -13.47 -15.94
N ALA D 111 12.32 -12.92 -16.75
CA ALA D 111 12.63 -12.62 -18.10
C ALA D 111 13.72 -11.61 -18.28
N ARG D 112 14.47 -11.78 -19.38
CA ARG D 112 15.47 -10.72 -19.74
C ARG D 112 14.76 -9.51 -20.23
N GLN D 113 15.40 -8.36 -20.30
CA GLN D 113 14.88 -7.23 -21.02
C GLN D 113 13.49 -6.76 -20.49
N ILE D 114 13.34 -6.72 -19.18
CA ILE D 114 12.14 -6.10 -18.53
C ILE D 114 12.57 -5.04 -17.53
N MET D 115 13.85 -4.61 -17.62
CA MET D 115 14.39 -3.53 -16.77
C MET D 115 13.93 -2.16 -17.29
N ASN D 116 13.98 -1.19 -16.38
CA ASN D 116 13.84 0.19 -16.64
C ASN D 116 15.24 0.74 -16.99
N ILE D 117 15.48 1.05 -18.26
CA ILE D 117 16.87 1.34 -18.71
C ILE D 117 17.41 2.64 -18.19
N VAL D 118 16.55 3.53 -17.67
CA VAL D 118 17.03 4.70 -16.97
C VAL D 118 17.12 4.61 -15.47
N ASN D 119 16.79 3.50 -14.88
CA ASN D 119 16.85 3.38 -13.46
C ASN D 119 18.29 3.56 -12.92
N PRO D 120 18.44 4.37 -11.89
CA PRO D 120 19.83 4.55 -11.40
C PRO D 120 20.57 3.35 -10.89
N ALA D 121 19.91 2.44 -10.17
CA ALA D 121 20.55 1.20 -9.81
C ALA D 121 20.99 0.36 -11.06
N TYR D 122 20.14 0.32 -12.07
CA TYR D 122 20.48 -0.45 -13.27
C TYR D 122 21.74 0.15 -13.96
N ARG D 123 21.70 1.47 -14.05
CA ARG D 123 22.79 2.19 -14.63
C ARG D 123 24.07 2.22 -13.79
N LEU D 124 24.04 2.35 -12.47
CA LEU D 124 25.19 2.27 -11.57
C LEU D 124 25.83 0.91 -11.54
N TYR D 125 25.02 -0.15 -11.34
CA TYR D 125 25.56 -1.48 -11.25
C TYR D 125 26.00 -1.96 -12.66
N GLY D 126 25.24 -1.54 -13.66
CA GLY D 126 25.55 -1.75 -15.06
C GLY D 126 26.93 -1.18 -15.47
N GLU D 127 27.17 0.08 -15.11
CA GLU D 127 28.48 0.71 -15.33
C GLU D 127 29.59 -0.11 -14.70
N ARG D 128 29.38 -0.50 -13.49
CA ARG D 128 30.33 -1.30 -12.81
C ARG D 128 30.65 -2.65 -13.41
N VAL D 129 29.61 -3.39 -13.79
CA VAL D 129 29.90 -4.65 -14.45
C VAL D 129 30.56 -4.48 -15.85
N ILE D 130 30.12 -3.46 -16.56
CA ILE D 130 30.68 -3.13 -17.83
C ILE D 130 32.18 -2.79 -17.70
N ARG D 131 32.49 -1.86 -16.80
CA ARG D 131 33.91 -1.52 -16.63
C ARG D 131 34.68 -2.74 -16.21
N SER D 132 34.13 -3.56 -15.34
CA SER D 132 34.93 -4.64 -14.78
C SER D 132 35.25 -5.73 -15.84
N LEU D 133 34.22 -6.07 -16.61
CA LEU D 133 34.40 -7.01 -17.71
C LEU D 133 35.36 -6.48 -18.80
N ILE D 134 35.14 -5.27 -19.26
CA ILE D 134 35.88 -4.76 -20.36
C ILE D 134 37.34 -4.57 -19.94
N SER D 135 37.54 -4.06 -18.72
CA SER D 135 38.88 -3.94 -18.18
C SER D 135 39.56 -5.29 -18.14
N HIS D 136 38.80 -6.34 -17.88
CA HIS D 136 39.38 -7.64 -17.70
C HIS D 136 39.88 -8.27 -18.99
N VAL D 137 39.21 -7.94 -20.07
CA VAL D 137 39.35 -8.60 -21.34
C VAL D 137 39.95 -7.78 -22.45
N ALA D 138 39.91 -6.47 -22.35
CA ALA D 138 40.23 -5.64 -23.51
C ALA D 138 41.63 -5.89 -24.14
N GLN D 139 42.62 -6.27 -23.35
CA GLN D 139 43.98 -6.38 -23.87
C GLN D 139 44.26 -7.78 -24.35
N GLN D 140 43.29 -8.70 -24.25
CA GLN D 140 43.51 -10.00 -24.83
C GLN D 140 43.71 -9.87 -26.32
N PRO D 141 44.83 -10.40 -26.81
CA PRO D 141 44.99 -10.33 -28.27
C PRO D 141 43.77 -10.95 -29.03
N CYS D 142 43.19 -12.04 -28.55
CA CYS D 142 42.07 -12.64 -29.31
C CYS D 142 40.83 -11.78 -29.42
N VAL D 143 40.69 -10.75 -28.57
CA VAL D 143 39.47 -9.96 -28.58
C VAL D 143 39.54 -8.95 -29.68
N ILE D 144 38.58 -9.02 -30.63
CA ILE D 144 38.57 -8.10 -31.73
C ILE D 144 37.58 -7.01 -31.64
N GLY D 145 36.64 -7.18 -30.73
CA GLY D 145 35.61 -6.16 -30.63
C GLY D 145 34.57 -6.51 -29.57
N TYR D 146 33.50 -5.71 -29.56
CA TYR D 146 32.55 -5.68 -28.39
C TYR D 146 31.13 -5.47 -28.91
N GLN D 147 30.16 -6.17 -28.33
CA GLN D 147 28.74 -5.85 -28.55
C GLN D 147 28.17 -5.15 -27.29
N VAL D 148 27.62 -3.98 -27.48
CA VAL D 148 27.05 -3.23 -26.38
C VAL D 148 25.64 -3.81 -26.13
N ASP D 149 25.45 -4.40 -24.96
CA ASP D 149 24.14 -4.87 -24.49
C ASP D 149 23.65 -5.88 -25.56
N ASN D 150 22.38 -5.96 -25.85
CA ASN D 150 21.94 -6.99 -26.80
C ASN D 150 20.51 -6.66 -27.23
N GLU D 151 20.34 -6.30 -28.48
CA GLU D 151 18.98 -6.07 -29.09
C GLU D 151 18.16 -5.09 -28.17
N THR D 152 18.78 -4.01 -27.82
CA THR D 152 18.32 -3.18 -26.73
C THR D 152 17.07 -2.43 -27.19
N LYS D 153 16.11 -2.32 -26.28
CA LYS D 153 14.92 -1.50 -26.47
C LYS D 153 14.51 -0.81 -25.14
N TYR D 154 13.33 -0.24 -25.07
CA TYR D 154 12.88 0.46 -23.81
C TYR D 154 11.82 -0.33 -23.04
N TYR D 155 11.43 -1.48 -23.61
CA TYR D 155 10.71 -2.57 -22.85
C TYR D 155 9.37 -2.00 -22.26
N ASP D 156 8.77 -1.09 -23.00
CA ASP D 156 7.44 -0.54 -22.65
C ASP D 156 7.43 0.13 -21.26
N SER D 157 8.56 0.75 -20.89
CA SER D 157 8.65 1.34 -19.60
C SER D 157 7.81 2.55 -19.46
N VAL D 158 6.93 2.56 -18.44
CA VAL D 158 6.22 3.79 -18.06
C VAL D 158 6.54 4.12 -16.60
N SER D 159 7.72 3.70 -16.14
CA SER D 159 8.20 4.00 -14.78
C SER D 159 8.20 5.51 -14.55
N HIS D 160 7.97 5.87 -13.30
CA HIS D 160 7.79 7.27 -12.92
C HIS D 160 8.93 8.16 -13.41
N ASP D 161 10.18 7.71 -13.19
CA ASP D 161 11.34 8.51 -13.59
C ASP D 161 11.36 8.77 -15.11
N MET D 162 11.03 7.76 -15.89
CA MET D 162 10.96 7.95 -17.37
C MET D 162 9.97 8.99 -17.74
N GLN D 163 8.84 9.02 -17.02
CA GLN D 163 7.81 10.00 -17.30
C GLN D 163 8.18 11.42 -16.90
N VAL D 164 8.80 11.59 -15.74
CA VAL D 164 9.25 12.90 -15.29
C VAL D 164 10.28 13.44 -16.27
N MET D 165 11.20 12.58 -16.67
CA MET D 165 12.24 12.98 -17.65
C MET D 165 11.61 13.46 -18.94
N PHE D 166 10.56 12.76 -19.37
CA PHE D 166 9.84 13.15 -20.51
C PHE D 166 9.16 14.49 -20.37
N ILE D 167 8.51 14.70 -19.23
CA ILE D 167 7.92 16.02 -18.95
C ILE D 167 8.95 17.16 -19.03
N LYS D 168 10.13 16.99 -18.45
CA LYS D 168 11.18 17.98 -18.52
C LYS D 168 11.62 18.23 -20.00
N GLN D 169 11.64 17.19 -20.80
CA GLN D 169 11.99 17.35 -22.16
C GLN D 169 10.93 18.16 -22.88
N LEU D 170 9.67 17.87 -22.57
CA LEU D 170 8.61 18.63 -23.18
C LEU D 170 8.69 20.11 -22.81
N ARG D 171 8.99 20.41 -21.56
CA ARG D 171 9.17 21.79 -21.18
C ARG D 171 10.24 22.43 -22.12
N HIS D 172 11.33 21.74 -22.36
CA HIS D 172 12.41 22.29 -23.15
C HIS D 172 11.92 22.50 -24.61
N GLU D 173 11.35 21.49 -25.22
CA GLU D 173 10.87 21.69 -26.59
C GLU D 173 9.84 22.74 -26.80
N PHE D 174 8.88 22.86 -25.87
CA PHE D 174 7.83 23.83 -26.02
C PHE D 174 8.19 25.16 -25.33
N LYS D 175 9.39 25.24 -24.80
CA LYS D 175 9.80 26.43 -24.04
C LYS D 175 8.79 26.88 -23.03
N ASN D 176 8.43 25.93 -22.18
CA ASN D 176 7.43 26.06 -21.09
C ASN D 176 6.03 26.48 -21.46
N ASP D 177 5.69 26.44 -22.73
CA ASP D 177 4.46 26.98 -23.22
C ASP D 177 3.39 25.96 -23.47
N LEU D 178 2.49 25.87 -22.51
CA LEU D 178 1.48 24.83 -22.47
C LEU D 178 0.39 25.14 -23.46
N GLU D 179 0.19 26.41 -23.80
CA GLU D 179 -0.72 26.74 -24.87
C GLU D 179 -0.29 26.15 -26.19
N ALA D 180 0.98 26.27 -26.54
CA ALA D 180 1.56 25.62 -27.71
C ALA D 180 1.42 24.12 -27.66
N LEU D 181 1.73 23.51 -26.50
CA LEU D 181 1.68 22.05 -26.41
C LEU D 181 0.25 21.55 -26.62
N ASN D 182 -0.67 22.19 -25.95
CA ASN D 182 -2.09 21.82 -26.06
C ASN D 182 -2.60 21.95 -27.50
N GLU D 183 -2.15 22.98 -28.19
CA GLU D 183 -2.59 23.21 -29.53
C GLU D 183 -1.91 22.21 -30.44
N ALA D 184 -0.62 21.97 -30.29
CA ALA D 184 0.05 21.05 -31.21
C ALA D 184 -0.58 19.66 -31.15
N TYR D 185 -1.00 19.29 -29.94
CA TYR D 185 -1.45 17.91 -29.74
C TYR D 185 -3.00 17.88 -29.72
N GLY D 186 -3.62 19.06 -29.84
CA GLY D 186 -5.08 19.09 -29.88
C GLY D 186 -5.74 18.55 -28.61
N LEU D 187 -5.15 18.84 -27.47
CA LEU D 187 -5.60 18.21 -26.22
C LEU D 187 -6.93 18.77 -25.67
N ASP D 188 -7.50 19.80 -26.29
CA ASP D 188 -8.88 20.15 -25.96
C ASP D 188 -9.88 18.99 -26.11
N TYR D 189 -9.61 18.08 -27.05
CA TYR D 189 -10.42 16.94 -27.22
C TYR D 189 -10.52 16.03 -25.99
N TRP D 190 -11.77 15.75 -25.62
CA TRP D 190 -12.12 14.93 -24.48
C TRP D 190 -11.49 15.51 -23.20
N SER D 191 -11.51 16.86 -23.13
CA SER D 191 -11.17 17.60 -21.94
C SER D 191 -9.80 17.21 -21.41
N ASN D 192 -8.85 17.01 -22.30
CA ASN D 192 -7.52 16.51 -21.95
C ASN D 192 -6.45 17.62 -21.85
N ARG D 193 -6.78 18.91 -21.82
CA ARG D 193 -5.76 19.97 -21.74
C ARG D 193 -4.91 19.86 -20.50
N ILE D 194 -3.60 20.10 -20.65
CA ILE D 194 -2.66 20.18 -19.50
C ILE D 194 -2.41 21.67 -19.37
N ASN D 195 -3.09 22.32 -18.40
CA ASN D 195 -2.99 23.71 -18.30
C ASN D 195 -1.97 24.23 -17.31
N ALA D 196 -1.38 23.36 -16.50
CA ALA D 196 -0.24 23.70 -15.62
C ALA D 196 0.55 22.44 -15.53
N TRP D 197 1.86 22.62 -15.40
CA TRP D 197 2.77 21.49 -15.43
C TRP D 197 2.53 20.49 -14.31
N GLU D 198 2.14 20.94 -13.15
CA GLU D 198 1.84 20.06 -12.05
C GLU D 198 0.57 19.22 -12.27
N ASP D 199 -0.20 19.51 -13.31
CA ASP D 199 -1.40 18.74 -13.64
C ASP D 199 -1.11 17.62 -14.60
N PHE D 200 0.16 17.47 -15.02
CA PHE D 200 0.48 16.52 -16.09
C PHE D 200 0.10 15.10 -15.70
N PRO D 201 -0.75 14.40 -16.48
CA PRO D 201 -1.17 13.05 -16.03
C PRO D 201 -0.16 11.95 -16.39
N ASP D 202 -0.28 10.80 -15.72
CA ASP D 202 0.34 9.53 -16.16
C ASP D 202 0.05 9.37 -17.67
N LEU D 203 1.07 9.03 -18.44
CA LEU D 203 0.87 8.74 -19.89
C LEU D 203 0.20 7.40 -20.20
N THR D 204 0.21 6.49 -19.27
CA THR D 204 -0.22 5.13 -19.51
C THR D 204 -1.61 5.03 -20.12
N GLY D 205 -2.57 5.77 -19.60
CA GLY D 205 -3.95 5.77 -20.14
C GLY D 205 -4.29 6.77 -21.22
N SER D 206 -3.32 7.59 -21.73
CA SER D 206 -3.68 8.57 -22.69
C SER D 206 -4.32 7.95 -23.94
N ILE D 207 -5.28 8.66 -24.49
CA ILE D 207 -5.93 8.26 -25.72
C ILE D 207 -5.54 9.20 -26.82
N ASN D 208 -4.57 10.11 -26.56
CA ASN D 208 -4.18 11.09 -27.51
C ASN D 208 -2.84 10.67 -28.13
N GLU D 209 -2.90 10.22 -29.38
CA GLU D 209 -1.72 9.66 -30.00
C GLU D 209 -0.61 10.66 -30.31
N SER D 210 -0.95 11.93 -30.45
CA SER D 210 0.07 12.98 -30.63
C SER D 210 1.04 12.97 -29.41
N LEU D 211 0.45 12.91 -28.22
CA LEU D 211 1.21 12.81 -26.98
C LEU D 211 1.87 11.46 -26.82
N ARG D 212 1.11 10.37 -27.12
CA ARG D 212 1.70 9.04 -26.98
C ARG D 212 2.90 8.83 -27.94
N ALA D 213 2.74 9.25 -29.18
CA ALA D 213 3.83 9.12 -30.22
C ALA D 213 5.11 9.84 -29.79
N ARG D 214 4.96 10.96 -29.14
CA ARG D 214 6.08 11.74 -28.70
C ARG D 214 6.78 11.07 -27.52
N PHE D 215 6.04 10.37 -26.66
CA PHE D 215 6.65 9.59 -25.59
C PHE D 215 7.39 8.35 -26.14
N ASP D 216 6.83 7.70 -27.18
CA ASP D 216 7.51 6.58 -27.80
C ASP D 216 8.85 7.05 -28.42
N ARG D 217 8.82 8.18 -29.07
CA ARG D 217 10.05 8.79 -29.67
C ARG D 217 11.08 9.11 -28.59
N PHE D 218 10.62 9.74 -27.48
CA PHE D 218 11.44 9.95 -26.34
C PHE D 218 12.12 8.71 -25.89
N ARG D 219 11.35 7.63 -25.76
CA ARG D 219 11.90 6.37 -25.27
C ARG D 219 12.83 5.68 -26.29
N ARG D 220 12.50 5.73 -27.59
CA ARG D 220 13.47 5.32 -28.60
C ARG D 220 14.84 6.06 -28.46
N ASP D 221 14.78 7.34 -28.21
CA ASP D 221 16.02 8.17 -28.12
C ASP D 221 16.77 7.79 -26.88
N GLN D 222 16.06 7.40 -25.82
CA GLN D 222 16.75 6.86 -24.62
C GLN D 222 17.56 5.60 -24.91
N VAL D 223 17.04 4.77 -25.81
CA VAL D 223 17.75 3.55 -26.19
C VAL D 223 19.06 3.93 -26.92
N ALA D 224 18.97 4.78 -27.97
CA ALA D 224 20.16 5.29 -28.67
C ALA D 224 21.18 5.91 -27.72
N GLU D 225 20.70 6.72 -26.77
CA GLU D 225 21.59 7.27 -25.73
C GLU D 225 22.27 6.22 -24.89
N TYR D 226 21.54 5.16 -24.49
CA TYR D 226 22.09 4.17 -23.64
C TYR D 226 23.21 3.39 -24.37
N LEU D 227 23.00 3.15 -25.63
CA LEU D 227 24.06 2.48 -26.44
C LEU D 227 25.28 3.41 -26.61
N ALA D 228 25.05 4.70 -26.80
CA ALA D 228 26.23 5.62 -26.91
C ALA D 228 26.96 5.74 -25.63
N TRP D 229 26.22 5.66 -24.53
CA TRP D 229 26.80 5.68 -23.16
C TRP D 229 27.72 4.49 -22.93
N GLN D 230 27.24 3.28 -23.22
CA GLN D 230 28.08 2.12 -23.09
C GLN D 230 29.34 2.21 -24.04
N ALA D 231 29.12 2.66 -25.26
CA ALA D 231 30.24 2.75 -26.25
C ALA D 231 31.33 3.64 -25.73
N SER D 232 30.93 4.69 -25.00
CA SER D 232 31.88 5.65 -24.44
C SER D 232 32.70 5.07 -23.32
N ILE D 233 32.10 4.26 -22.47
CA ILE D 233 32.85 3.52 -21.49
C ILE D 233 33.86 2.56 -22.12
N ILE D 234 33.39 1.76 -23.10
CA ILE D 234 34.26 0.80 -23.73
C ILE D 234 35.48 1.52 -24.39
N ARG D 235 35.26 2.70 -24.90
CA ARG D 235 36.34 3.44 -25.49
C ARG D 235 37.46 3.82 -24.54
N GLU D 236 37.22 3.86 -23.25
CA GLU D 236 38.28 4.12 -22.29
C GLU D 236 39.26 2.95 -22.16
N TYR D 237 38.87 1.75 -22.62
CA TYR D 237 39.73 0.60 -22.40
C TYR D 237 40.23 -0.01 -23.68
N MET D 238 39.49 0.18 -24.75
CA MET D 238 39.71 -0.67 -25.91
C MET D 238 41.03 -0.33 -26.66
N ARG D 239 41.58 -1.27 -27.41
CA ARG D 239 42.64 -0.95 -28.41
C ARG D 239 42.10 -0.31 -29.65
N ASP D 240 42.91 0.51 -30.34
CA ASP D 240 42.47 1.19 -31.58
C ASP D 240 42.08 0.21 -32.70
N ASP D 241 42.63 -0.98 -32.67
CA ASP D 241 42.34 -1.92 -33.72
C ASP D 241 41.00 -2.63 -33.45
N GLN D 242 40.38 -2.42 -32.28
CA GLN D 242 39.09 -3.11 -31.95
C GLN D 242 37.90 -2.32 -32.46
N PHE D 243 36.73 -2.98 -32.55
CA PHE D 243 35.52 -2.29 -33.00
C PHE D 243 34.38 -2.45 -31.97
N ILE D 244 33.52 -1.44 -31.93
CA ILE D 244 32.26 -1.46 -31.14
C ILE D 244 31.12 -1.69 -32.16
N THR D 245 30.38 -2.75 -31.89
CA THR D 245 29.16 -3.02 -32.64
C THR D 245 27.93 -3.26 -31.70
N HIS D 246 26.77 -3.52 -32.30
CA HIS D 246 25.54 -3.82 -31.58
C HIS D 246 24.70 -4.69 -32.52
N ASN D 247 23.96 -5.64 -31.92
CA ASN D 247 23.07 -6.53 -32.62
C ASN D 247 21.64 -6.02 -32.71
N PHE D 248 21.38 -5.22 -33.73
CA PHE D 248 20.07 -4.70 -34.01
C PHE D 248 19.12 -5.78 -34.48
N ASP D 249 17.85 -5.63 -34.12
CA ASP D 249 16.82 -6.60 -34.51
C ASP D 249 15.57 -5.94 -35.05
N TYR D 250 14.75 -6.74 -35.69
CA TYR D 250 13.65 -6.22 -36.48
C TYR D 250 12.29 -6.56 -35.80
N GLU D 251 11.24 -5.90 -36.24
CA GLU D 251 9.90 -6.32 -35.82
C GLU D 251 9.69 -7.84 -35.92
N TRP D 252 9.34 -8.45 -34.80
CA TRP D 252 9.20 -9.87 -34.67
C TRP D 252 7.77 -10.34 -34.91
N ARG D 253 7.63 -11.14 -36.02
CA ARG D 253 6.39 -11.79 -36.23
C ARG D 253 6.64 -13.28 -36.42
N GLY D 254 6.98 -13.91 -35.34
CA GLY D 254 7.52 -15.25 -35.48
C GLY D 254 8.95 -15.30 -36.12
N HIS D 255 9.45 -14.18 -36.66
CA HIS D 255 10.80 -14.09 -37.31
C HIS D 255 10.94 -12.68 -37.65
N SER D 256 12.09 -12.26 -38.18
CA SER D 256 12.36 -10.92 -38.56
C SER D 256 11.43 -10.47 -39.69
N TYR D 257 10.64 -9.41 -39.47
CA TYR D 257 9.63 -9.01 -40.37
C TYR D 257 9.80 -7.64 -41.00
N GLY D 258 9.98 -6.61 -40.20
CA GLY D 258 10.10 -5.25 -40.69
C GLY D 258 10.85 -4.31 -39.77
N LEU D 259 10.64 -3.03 -40.05
CA LEU D 259 11.28 -1.97 -39.36
C LEU D 259 11.01 -2.16 -37.83
N GLN D 260 12.04 -2.02 -37.04
CA GLN D 260 11.98 -2.22 -35.61
C GLN D 260 11.13 -1.13 -34.93
N PRO D 261 10.04 -1.51 -34.25
CA PRO D 261 9.16 -0.46 -33.64
C PRO D 261 9.80 0.33 -32.46
N ALA D 262 10.70 -0.31 -31.69
CA ALA D 262 11.20 0.31 -30.44
C ALA D 262 12.58 1.02 -30.47
N VAL D 263 13.24 1.04 -31.64
CA VAL D 263 14.62 1.66 -31.85
C VAL D 263 14.67 2.19 -33.28
N ASP D 264 15.18 3.40 -33.42
CA ASP D 264 15.48 4.02 -34.71
C ASP D 264 16.92 3.56 -35.11
N HIS D 265 17.04 2.53 -35.93
CA HIS D 265 18.35 1.98 -36.26
C HIS D 265 19.32 3.00 -36.89
N PHE D 266 18.79 3.91 -37.71
CA PHE D 266 19.55 4.96 -38.37
C PHE D 266 20.24 5.86 -37.36
N ARG D 267 19.49 6.26 -36.34
CA ARG D 267 20.02 7.12 -35.33
C ARG D 267 20.91 6.42 -34.39
N ALA D 268 20.45 5.26 -33.96
CA ALA D 268 21.14 4.53 -32.90
C ALA D 268 22.48 3.98 -33.39
N ALA D 269 22.59 3.79 -34.71
CA ALA D 269 23.82 3.23 -35.29
C ALA D 269 24.99 4.21 -35.19
N ARG D 270 24.70 5.49 -34.99
CA ARG D 270 25.77 6.49 -34.88
C ARG D 270 26.86 6.26 -33.82
N ALA D 271 26.58 5.52 -32.77
CA ALA D 271 27.58 5.29 -31.73
C ALA D 271 28.52 4.15 -32.06
N LEU D 272 28.29 3.44 -33.17
CA LEU D 272 28.96 2.18 -33.40
C LEU D 272 30.10 2.36 -34.46
N ASP D 273 31.12 1.52 -34.42
CA ASP D 273 32.10 1.45 -35.51
C ASP D 273 31.52 0.67 -36.64
N ILE D 274 30.68 -0.32 -36.35
CA ILE D 274 30.06 -1.10 -37.49
C ILE D 274 28.73 -1.63 -37.02
N CYS D 275 27.74 -1.59 -37.93
CA CYS D 275 26.43 -2.09 -37.60
C CYS D 275 26.40 -3.55 -37.54
N GLY D 276 25.71 -4.06 -36.54
CA GLY D 276 25.49 -5.50 -36.48
C GLY D 276 23.98 -5.75 -36.48
N VAL D 277 23.61 -6.98 -36.77
CA VAL D 277 22.20 -7.29 -37.07
C VAL D 277 21.90 -8.75 -36.83
N ASP D 278 20.65 -9.02 -36.40
CA ASP D 278 20.19 -10.35 -36.11
C ASP D 278 19.06 -10.63 -37.07
N ILE D 279 19.10 -11.76 -37.77
CA ILE D 279 18.13 -12.01 -38.87
C ILE D 279 17.69 -13.43 -38.82
N TYR D 280 16.38 -13.57 -38.69
CA TYR D 280 15.79 -14.92 -38.57
C TYR D 280 14.56 -14.98 -39.51
N HIS D 281 14.26 -16.18 -40.02
CA HIS D 281 13.38 -16.22 -41.18
C HIS D 281 12.83 -17.61 -41.43
N PRO D 282 11.70 -17.66 -42.17
CA PRO D 282 11.23 -19.02 -42.51
C PRO D 282 12.26 -19.73 -43.40
N SER D 283 12.31 -21.03 -43.30
CA SER D 283 13.16 -21.82 -44.17
C SER D 283 12.33 -22.99 -44.75
N GLU D 284 12.98 -24.09 -45.14
CA GLU D 284 12.27 -25.27 -45.67
C GLU D 284 11.46 -24.79 -46.90
N ASP D 285 10.19 -25.20 -47.03
CA ASP D 285 9.49 -24.85 -48.24
C ASP D 285 9.27 -23.40 -48.27
N ALA D 286 9.41 -22.70 -47.12
CA ALA D 286 9.08 -21.25 -47.13
C ALA D 286 10.30 -20.32 -47.21
N LEU D 287 11.48 -20.87 -47.54
CA LEU D 287 12.65 -20.03 -47.74
C LEU D 287 12.49 -19.29 -49.01
N THR D 288 12.40 -17.99 -48.90
CA THR D 288 12.31 -17.15 -50.02
C THR D 288 13.54 -16.23 -50.20
N GLY D 289 14.40 -16.11 -49.15
CA GLY D 289 15.47 -15.07 -49.09
C GLY D 289 15.11 -13.61 -48.86
N LYS D 290 13.80 -13.32 -48.77
CA LYS D 290 13.38 -11.94 -48.64
C LYS D 290 13.80 -11.29 -47.30
N GLU D 291 13.74 -12.04 -46.24
CA GLU D 291 14.11 -11.51 -44.88
C GLU D 291 15.63 -11.30 -44.77
N ILE D 292 16.39 -12.15 -45.43
CA ILE D 292 17.86 -12.01 -45.46
C ILE D 292 18.22 -10.74 -46.12
N ALA D 293 17.52 -10.47 -47.25
CA ALA D 293 17.74 -9.25 -48.02
C ALA D 293 17.21 -7.99 -47.37
N PHE D 294 15.97 -8.09 -46.88
CA PHE D 294 15.38 -6.95 -46.19
C PHE D 294 16.29 -6.56 -44.97
N GLY D 295 16.68 -7.54 -44.18
CA GLY D 295 17.50 -7.29 -43.05
C GLY D 295 18.90 -6.78 -43.41
N GLY D 296 19.51 -7.32 -44.49
CA GLY D 296 20.84 -6.85 -44.88
C GLY D 296 20.71 -5.51 -45.43
N ASP D 297 19.68 -5.30 -46.25
CA ASP D 297 19.54 -3.98 -46.84
C ASP D 297 19.41 -2.92 -45.75
N MET D 298 18.64 -3.23 -44.69
CA MET D 298 18.43 -2.20 -43.70
C MET D 298 19.71 -1.93 -42.90
N ALA D 299 20.40 -2.97 -42.52
CA ALA D 299 21.61 -2.88 -41.72
C ALA D 299 22.69 -2.18 -42.53
N ARG D 300 22.81 -2.56 -43.80
CA ARG D 300 23.74 -1.88 -44.74
C ARG D 300 23.43 -0.42 -44.90
N SER D 301 22.12 -0.08 -44.99
CA SER D 301 21.72 1.31 -45.13
C SER D 301 21.93 2.05 -43.83
N ALA D 302 21.68 1.42 -42.69
CA ALA D 302 21.84 2.13 -41.40
C ALA D 302 23.31 2.46 -41.17
N GLY D 303 24.20 1.57 -41.49
CA GLY D 303 25.62 1.84 -41.27
C GLY D 303 26.39 2.41 -42.44
N GLY D 304 25.70 2.67 -43.55
CA GLY D 304 26.31 3.19 -44.77
C GLY D 304 27.45 2.31 -45.28
N GLY D 305 27.32 1.00 -45.20
CA GLY D 305 28.40 0.10 -45.66
C GLY D 305 28.28 -1.28 -45.05
N ASN D 306 29.34 -2.06 -45.11
CA ASN D 306 29.29 -3.44 -44.67
C ASN D 306 28.94 -3.60 -43.17
N TYR D 307 28.19 -4.65 -42.84
CA TYR D 307 27.55 -4.86 -41.57
C TYR D 307 27.90 -6.25 -41.24
N LEU D 308 27.76 -6.62 -39.98
CA LEU D 308 27.97 -7.90 -39.50
C LEU D 308 26.59 -8.51 -39.17
N VAL D 309 26.39 -9.76 -39.57
CA VAL D 309 25.28 -10.57 -39.09
C VAL D 309 25.77 -11.24 -37.84
N LEU D 310 25.43 -10.67 -36.66
CA LEU D 310 25.88 -11.19 -35.40
C LEU D 310 25.10 -12.37 -34.95
N GLU D 311 23.86 -12.50 -35.45
CA GLU D 311 23.13 -13.73 -35.21
C GLU D 311 22.25 -14.09 -36.43
N THR D 312 22.21 -15.38 -36.73
CA THR D 312 21.22 -15.94 -37.65
C THR D 312 21.10 -17.39 -37.26
N GLN D 313 20.07 -18.03 -37.82
CA GLN D 313 19.74 -19.36 -37.42
C GLN D 313 20.63 -20.48 -37.96
N ALA D 314 20.80 -21.47 -37.15
CA ALA D 314 21.48 -22.70 -37.47
C ALA D 314 20.42 -23.81 -37.62
N GLN D 315 20.27 -24.72 -36.68
CA GLN D 315 19.12 -25.60 -36.75
C GLN D 315 17.83 -24.79 -36.52
N GLY D 316 17.89 -23.80 -35.64
CA GLY D 316 16.77 -22.92 -35.43
C GLY D 316 15.68 -23.47 -34.49
N GLN D 317 14.61 -22.69 -34.46
CA GLN D 317 13.38 -23.09 -33.75
C GLN D 317 12.73 -24.26 -34.46
N HIS D 318 11.79 -24.93 -33.79
CA HIS D 318 10.99 -25.98 -34.48
C HIS D 318 10.36 -25.48 -35.75
N GLY D 319 10.64 -26.15 -36.87
CA GLY D 319 10.16 -25.72 -38.14
C GLY D 319 11.15 -25.04 -39.05
N TRP D 320 12.28 -24.62 -38.47
CA TRP D 320 13.30 -23.89 -39.22
C TRP D 320 14.48 -24.77 -39.71
N LEU D 321 14.53 -25.98 -39.30
CA LEU D 321 15.58 -26.92 -39.65
C LEU D 321 15.80 -26.97 -41.17
N PRO D 322 17.00 -26.58 -41.60
CA PRO D 322 17.03 -26.31 -43.03
C PRO D 322 17.13 -27.62 -43.83
N TYR D 323 16.51 -27.62 -45.01
CA TYR D 323 16.72 -28.72 -45.94
C TYR D 323 18.18 -28.74 -46.40
N PRO D 324 18.71 -29.94 -46.73
CA PRO D 324 20.04 -30.09 -47.27
C PRO D 324 20.26 -29.08 -48.30
N GLY D 325 21.34 -28.32 -48.13
CA GLY D 325 21.64 -27.22 -49.02
C GLY D 325 21.18 -25.84 -48.60
N GLN D 326 20.14 -25.76 -47.78
CA GLN D 326 19.60 -24.39 -47.51
C GLN D 326 20.49 -23.54 -46.56
N LEU D 327 21.15 -24.18 -45.61
CA LEU D 327 22.13 -23.45 -44.70
C LEU D 327 23.15 -22.75 -45.50
N ARG D 328 23.69 -23.48 -46.51
CA ARG D 328 24.69 -22.89 -47.44
C ARG D 328 24.10 -21.79 -48.25
N LEU D 329 22.87 -21.99 -48.76
CA LEU D 329 22.26 -20.96 -49.57
C LEU D 329 21.94 -19.68 -48.76
N GLN D 330 21.50 -19.91 -47.53
CA GLN D 330 21.13 -18.80 -46.59
C GLN D 330 22.46 -18.01 -46.29
N ALA D 331 23.56 -18.71 -46.07
CA ALA D 331 24.86 -18.00 -45.83
C ALA D 331 25.31 -17.14 -46.95
N TYR D 332 25.38 -17.70 -48.17
CA TYR D 332 25.71 -16.86 -49.30
C TYR D 332 24.77 -15.73 -49.47
N SER D 333 23.50 -15.96 -49.08
CA SER D 333 22.56 -14.88 -49.23
C SER D 333 22.92 -13.65 -48.42
N HIS D 334 23.46 -13.88 -47.24
CA HIS D 334 23.90 -12.71 -46.42
C HIS D 334 25.04 -11.92 -47.11
N LEU D 335 26.07 -12.67 -47.56
CA LEU D 335 27.20 -12.01 -48.30
C LEU D 335 26.70 -11.28 -49.48
N ALA D 336 25.67 -11.83 -50.16
CA ALA D 336 25.06 -11.07 -51.29
C ALA D 336 24.40 -9.76 -50.98
N SER D 337 23.98 -9.58 -49.72
CA SER D 337 23.45 -8.25 -49.29
C SER D 337 24.56 -7.35 -48.70
N GLY D 338 25.79 -7.87 -48.64
CA GLY D 338 26.89 -7.02 -48.22
C GLY D 338 27.38 -7.25 -46.81
N ALA D 339 27.05 -8.42 -46.24
CA ALA D 339 27.55 -8.75 -44.93
C ALA D 339 29.05 -9.02 -45.00
N ASP D 340 29.77 -8.66 -43.95
CA ASP D 340 31.19 -9.01 -43.77
C ASP D 340 31.44 -10.00 -42.72
N GLY D 341 30.36 -10.53 -42.20
CA GLY D 341 30.47 -11.55 -41.21
C GLY D 341 29.15 -12.22 -41.04
N ILE D 342 29.21 -13.51 -40.74
CA ILE D 342 28.06 -14.29 -40.38
C ILE D 342 28.34 -15.09 -39.14
N MET D 343 27.46 -14.94 -38.14
CA MET D 343 27.56 -15.72 -36.91
C MET D 343 26.23 -16.37 -36.60
N TYR D 344 26.29 -17.61 -36.15
CA TYR D 344 25.12 -18.34 -35.78
C TYR D 344 24.82 -18.14 -34.28
N TRP D 345 23.51 -18.01 -33.98
CA TRP D 345 23.09 -18.17 -32.62
C TRP D 345 22.50 -19.54 -32.40
N HIS D 346 23.15 -20.45 -31.67
CA HIS D 346 24.50 -20.29 -31.15
C HIS D 346 25.23 -21.55 -31.48
N TRP D 347 26.31 -21.84 -30.79
CA TRP D 347 27.03 -23.05 -31.04
C TRP D 347 26.24 -24.29 -30.74
N HIS D 348 25.62 -24.35 -29.57
CA HIS D 348 24.97 -25.58 -29.15
C HIS D 348 23.39 -25.41 -29.02
N SER D 349 22.79 -26.29 -28.26
CA SER D 349 21.38 -26.28 -27.93
C SER D 349 21.29 -26.36 -26.40
N ILE D 350 20.65 -25.35 -25.77
CA ILE D 350 20.70 -25.25 -24.30
C ILE D 350 19.84 -26.31 -23.59
N HIS D 351 20.23 -26.79 -22.43
CA HIS D 351 19.54 -27.93 -21.89
C HIS D 351 18.36 -27.61 -20.94
N ASN D 352 18.31 -26.36 -20.55
CA ASN D 352 17.26 -25.80 -19.65
C ASN D 352 16.70 -24.54 -20.17
N SER D 353 15.47 -24.24 -19.72
CA SER D 353 15.00 -22.90 -19.81
C SER D 353 14.47 -22.51 -21.13
N PHE D 354 14.23 -21.23 -21.30
CA PHE D 354 13.21 -20.73 -22.26
C PHE D 354 13.55 -21.09 -23.71
N GLU D 355 14.85 -21.15 -24.00
CA GLU D 355 15.32 -21.35 -25.39
C GLU D 355 15.99 -22.70 -25.58
N THR D 356 15.58 -23.69 -24.80
CA THR D 356 15.87 -25.02 -25.01
C THR D 356 15.76 -25.42 -26.49
N TYR D 357 14.77 -24.90 -27.22
CA TYR D 357 14.49 -25.33 -28.53
C TYR D 357 14.73 -24.29 -29.55
N TRP D 358 15.53 -23.26 -29.21
CA TRP D 358 15.99 -22.40 -30.25
C TRP D 358 17.47 -22.93 -30.55
N ARG D 359 17.61 -23.91 -31.49
CA ARG D 359 18.82 -24.78 -31.55
C ARG D 359 19.91 -24.22 -32.38
N GLY D 360 21.13 -24.48 -31.94
CA GLY D 360 22.29 -23.88 -32.61
C GLY D 360 22.85 -24.86 -33.60
N LEU D 361 24.17 -24.81 -33.83
CA LEU D 361 24.76 -25.76 -34.81
C LEU D 361 24.75 -27.18 -34.33
N LEU D 362 25.21 -27.42 -33.13
CA LEU D 362 25.04 -28.66 -32.51
C LEU D 362 23.69 -28.85 -31.74
N SER D 363 23.26 -30.14 -31.65
CA SER D 363 22.07 -30.56 -30.95
C SER D 363 22.41 -30.76 -29.51
N HIS D 364 21.41 -31.22 -28.75
CA HIS D 364 21.57 -31.39 -27.33
C HIS D 364 22.59 -32.41 -26.96
N ASP D 365 22.98 -33.23 -27.95
CA ASP D 365 23.95 -34.32 -27.68
C ASP D 365 25.44 -33.92 -27.92
N PHE D 366 25.64 -32.76 -28.51
CA PHE D 366 27.01 -32.17 -28.77
C PHE D 366 27.73 -32.96 -29.92
N GLU D 367 26.99 -33.77 -30.69
CA GLU D 367 27.58 -34.65 -31.76
C GLU D 367 27.58 -33.87 -33.04
N SER D 368 28.32 -34.34 -34.03
CA SER D 368 28.12 -33.80 -35.38
C SER D 368 26.68 -34.01 -35.89
N ASN D 369 26.25 -33.26 -36.85
CA ASN D 369 24.98 -33.51 -37.42
C ASN D 369 25.08 -32.87 -38.73
N PRO D 370 24.08 -33.02 -39.59
CA PRO D 370 24.27 -32.53 -40.97
C PRO D 370 24.26 -31.05 -41.12
N THR D 371 23.58 -30.36 -40.20
CA THR D 371 23.56 -28.94 -40.29
C THR D 371 24.93 -28.42 -39.96
N TYR D 372 25.52 -28.92 -38.87
CA TYR D 372 26.88 -28.49 -38.52
C TYR D 372 27.87 -28.76 -39.73
N GLU D 373 27.73 -29.97 -40.28
CA GLU D 373 28.60 -30.42 -41.41
C GLU D 373 28.43 -29.53 -42.61
N GLU D 374 27.18 -29.13 -42.91
CA GLU D 374 26.94 -28.18 -43.98
C GLU D 374 27.60 -26.80 -43.69
N ALA D 375 27.52 -26.37 -42.43
CA ALA D 375 28.11 -25.09 -42.04
C ALA D 375 29.66 -25.11 -42.25
N GLY D 376 30.29 -26.20 -41.90
CA GLY D 376 31.73 -26.43 -42.10
C GLY D 376 32.20 -26.39 -43.54
N ARG D 377 31.44 -27.07 -44.40
CA ARG D 377 31.67 -26.99 -45.84
C ARG D 377 31.62 -25.62 -46.29
N PHE D 378 30.62 -24.84 -45.84
CA PHE D 378 30.54 -23.47 -46.25
C PHE D 378 31.73 -22.61 -45.72
N GLY D 379 32.05 -22.76 -44.45
CA GLY D 379 33.12 -22.05 -43.83
C GLY D 379 34.47 -22.38 -44.47
N ARG D 380 34.66 -23.64 -44.87
CA ARG D 380 35.92 -23.98 -45.60
C ARG D 380 35.91 -23.39 -47.00
N GLU D 381 34.75 -23.21 -47.59
CA GLU D 381 34.71 -22.56 -48.82
C GLU D 381 35.19 -21.14 -48.67
N ILE D 382 34.58 -20.34 -47.78
CA ILE D 382 34.88 -18.90 -47.75
C ILE D 382 36.25 -18.63 -47.11
N GLY D 383 36.73 -19.60 -46.36
CA GLY D 383 38.00 -19.52 -45.74
C GLY D 383 39.09 -19.77 -46.81
N ASP D 384 38.72 -20.28 -47.99
CA ASP D 384 39.69 -20.32 -49.13
C ASP D 384 39.80 -18.92 -49.73
N PRO D 385 40.99 -18.30 -49.69
CA PRO D 385 41.07 -16.90 -50.15
C PRO D 385 40.63 -16.67 -51.57
N ARG D 386 40.71 -17.68 -52.42
CA ARG D 386 40.21 -17.46 -53.80
C ARG D 386 38.71 -17.05 -53.74
N ILE D 387 37.98 -17.65 -52.80
CA ILE D 387 36.54 -17.26 -52.61
C ILE D 387 36.42 -16.06 -51.66
N GLY D 388 37.01 -16.21 -50.46
CA GLY D 388 36.98 -15.17 -49.40
C GLY D 388 37.24 -13.76 -49.90
N ASP D 389 38.35 -13.57 -50.64
CA ASP D 389 38.77 -12.24 -51.03
C ASP D 389 37.93 -11.71 -52.12
N THR D 390 37.24 -12.59 -52.86
CA THR D 390 36.37 -12.11 -53.94
C THR D 390 35.00 -11.56 -53.42
N LEU D 391 34.57 -12.08 -52.28
CA LEU D 391 33.21 -11.82 -51.76
C LEU D 391 33.15 -10.76 -50.60
N SER D 392 34.27 -10.60 -49.92
CA SER D 392 34.35 -9.72 -48.75
C SER D 392 34.20 -8.27 -49.14
N HIS D 393 33.64 -7.45 -48.26
CA HIS D 393 33.57 -6.04 -48.45
C HIS D 393 32.83 -5.66 -49.70
N LEU D 394 31.79 -6.40 -50.03
CA LEU D 394 31.02 -6.12 -51.23
C LEU D 394 30.42 -4.77 -51.16
N SER D 395 30.49 -4.05 -52.27
CA SER D 395 30.06 -2.71 -52.38
C SER D 395 28.88 -2.68 -53.36
N LYS D 396 27.78 -2.05 -52.95
CA LYS D 396 26.58 -2.05 -53.76
C LYS D 396 26.19 -0.64 -54.10
N ARG D 397 25.73 -0.41 -55.32
CA ARG D 397 25.29 0.91 -55.74
C ARG D 397 23.91 0.68 -56.33
N ASN D 398 22.87 1.13 -55.61
CA ASN D 398 21.50 0.84 -55.99
C ASN D 398 20.86 2.08 -56.52
N ALA D 399 19.89 1.93 -57.41
CA ALA D 399 19.25 3.11 -58.01
C ALA D 399 17.85 3.42 -57.47
N VAL D 400 17.42 2.55 -56.55
CA VAL D 400 16.14 2.63 -55.89
C VAL D 400 16.26 2.67 -54.33
N ALA D 401 15.54 3.62 -53.75
CA ALA D 401 15.54 3.80 -52.25
C ALA D 401 14.08 3.75 -51.73
N ILE D 402 13.90 3.07 -50.60
CA ILE D 402 12.62 3.09 -49.83
C ILE D 402 12.83 3.92 -48.54
N LEU D 403 11.96 4.91 -48.35
CA LEU D 403 11.97 5.76 -47.17
C LEU D 403 11.34 4.96 -46.03
N ALA D 404 12.13 4.78 -44.97
CA ALA D 404 11.68 4.12 -43.76
C ALA D 404 11.35 5.20 -42.71
N SER D 405 10.29 5.00 -41.91
CA SER D 405 9.90 6.05 -40.93
C SER D 405 9.40 5.41 -39.64
N ASN D 406 10.23 5.42 -38.61
CA ASN D 406 9.75 5.02 -37.28
C ASN D 406 8.57 5.84 -36.76
N GLU D 407 8.55 7.13 -37.06
CA GLU D 407 7.46 7.94 -36.64
C GLU D 407 6.16 7.52 -37.31
N SER D 408 6.21 7.08 -38.55
CA SER D 408 5.00 6.65 -39.21
C SER D 408 4.57 5.28 -38.73
N LEU D 409 5.53 4.38 -38.50
CA LEU D 409 5.23 3.14 -37.94
C LEU D 409 4.46 3.32 -36.56
N THR D 410 5.00 4.18 -35.71
CA THR D 410 4.39 4.49 -34.43
C THR D 410 2.96 5.04 -34.62
N ALA D 411 2.77 6.07 -35.42
CA ALA D 411 1.48 6.68 -35.73
C ALA D 411 0.40 5.69 -36.20
N LEU D 412 0.75 4.77 -37.13
CA LEU D 412 -0.17 3.87 -37.69
C LEU D 412 -0.45 2.69 -36.76
N SER D 413 0.44 2.41 -35.82
CA SER D 413 0.22 1.38 -34.86
C SER D 413 -1.00 1.79 -33.99
N TRP D 414 -1.31 3.05 -33.91
CA TRP D 414 -2.52 3.52 -33.23
C TRP D 414 -3.64 3.78 -34.27
N PHE D 415 -3.38 4.67 -35.19
CA PHE D 415 -4.34 4.94 -36.28
C PHE D 415 -4.25 3.87 -37.39
N HIS D 416 -4.75 2.67 -37.12
CA HIS D 416 -4.65 1.58 -38.07
C HIS D 416 -5.19 2.05 -39.43
N ILE D 417 -4.45 1.69 -40.48
CA ILE D 417 -4.77 2.19 -41.83
C ILE D 417 -6.28 2.01 -42.16
N GLU D 418 -6.77 0.81 -41.92
CA GLU D 418 -8.12 0.44 -42.32
C GLU D 418 -9.24 0.97 -41.44
N THR D 419 -8.95 1.32 -40.19
CA THR D 419 -9.99 1.69 -39.24
C THR D 419 -9.90 3.06 -38.65
N GLY D 420 -8.66 3.56 -38.50
CA GLY D 420 -8.38 4.85 -37.86
C GLY D 420 -8.30 4.77 -36.33
N PHE D 421 -8.34 3.54 -35.82
CA PHE D 421 -8.41 3.28 -34.40
C PHE D 421 -7.42 2.17 -34.06
N PRO D 422 -7.02 2.08 -32.78
CA PRO D 422 -6.07 1.06 -32.41
C PRO D 422 -6.72 -0.31 -32.27
N MET D 423 -7.78 -0.59 -32.99
CA MET D 423 -8.31 -1.92 -32.97
C MET D 423 -8.85 -2.14 -34.36
N GLY D 424 -8.84 -3.39 -34.78
CA GLY D 424 -9.42 -3.73 -36.07
C GLY D 424 -8.42 -3.60 -37.22
N GLY D 425 -8.78 -4.23 -38.34
CA GLY D 425 -7.98 -4.17 -39.57
C GLY D 425 -6.87 -5.20 -39.49
N THR D 426 -6.21 -5.46 -40.59
CA THR D 426 -5.06 -6.33 -40.56
C THR D 426 -3.82 -5.63 -41.14
N LEU D 427 -3.98 -4.63 -41.99
CA LEU D 427 -2.86 -4.05 -42.70
C LEU D 427 -2.04 -3.12 -41.84
N THR D 428 -0.77 -3.49 -41.59
CA THR D 428 0.14 -2.61 -40.80
C THR D 428 1.12 -1.75 -41.68
N TYR D 429 1.82 -0.81 -41.05
CA TYR D 429 2.88 -0.09 -41.69
C TYR D 429 3.89 -1.03 -42.34
N ASN D 430 4.44 -1.95 -41.56
CA ASN D 430 5.41 -2.87 -42.02
C ASN D 430 4.87 -3.82 -43.15
N ASP D 431 3.56 -4.11 -43.13
CA ASP D 431 2.90 -4.83 -44.26
C ASP D 431 2.95 -4.03 -45.52
N VAL D 432 2.70 -2.73 -45.46
CA VAL D 432 2.83 -1.94 -46.66
C VAL D 432 4.30 -1.94 -47.16
N LEU D 433 5.20 -1.64 -46.23
CA LEU D 433 6.61 -1.64 -46.51
C LEU D 433 7.04 -3.00 -47.10
N ARG D 434 6.72 -4.11 -46.45
CA ARG D 434 7.08 -5.41 -47.01
C ARG D 434 6.42 -5.72 -48.40
N SER D 435 5.18 -5.32 -48.60
CA SER D 435 4.57 -5.61 -49.87
C SER D 435 5.38 -4.90 -51.03
N ILE D 436 5.81 -3.67 -50.84
CA ILE D 436 6.62 -2.99 -51.80
C ILE D 436 8.01 -3.65 -51.91
N TYR D 437 8.71 -3.80 -50.78
CA TYR D 437 9.96 -4.48 -50.73
C TYR D 437 9.93 -5.81 -51.46
N ASP D 438 8.95 -6.60 -51.12
CA ASP D 438 8.92 -7.95 -51.62
C ASP D 438 8.67 -7.99 -53.14
N ALA D 439 7.84 -7.08 -53.64
CA ALA D 439 7.56 -7.02 -55.08
C ALA D 439 8.88 -6.68 -55.82
N LEU D 440 9.62 -5.69 -55.31
CA LEU D 440 10.90 -5.33 -55.87
C LEU D 440 11.86 -6.49 -55.85
N PHE D 441 11.92 -7.20 -54.71
CA PHE D 441 12.78 -8.34 -54.63
C PHE D 441 12.34 -9.34 -55.73
N GLU D 442 11.05 -9.50 -55.90
CA GLU D 442 10.58 -10.52 -56.87
C GLU D 442 10.94 -10.14 -58.33
N LEU D 443 11.05 -8.84 -58.56
CA LEU D 443 11.45 -8.24 -59.79
C LEU D 443 12.98 -8.21 -60.03
N ASN D 444 13.72 -8.79 -59.09
CA ASN D 444 15.16 -8.69 -59.00
C ASN D 444 15.61 -7.30 -59.09
N VAL D 445 14.96 -6.41 -58.36
CA VAL D 445 15.43 -5.05 -58.21
C VAL D 445 16.00 -4.79 -56.80
N GLU D 446 17.22 -4.27 -56.66
CA GLU D 446 17.84 -4.04 -55.37
C GLU D 446 17.69 -2.64 -54.87
N VAL D 447 17.51 -2.53 -53.54
CA VAL D 447 17.21 -1.22 -52.97
C VAL D 447 18.10 -0.92 -51.78
N ASP D 448 18.20 0.37 -51.51
CA ASP D 448 18.66 0.86 -50.26
C ASP D 448 17.43 1.40 -49.48
N PHE D 449 17.61 1.60 -48.16
CA PHE D 449 16.65 2.29 -47.33
C PHE D 449 17.25 3.59 -46.95
N LEU D 450 16.46 4.65 -46.97
CA LEU D 450 16.85 5.92 -46.39
C LEU D 450 15.89 6.32 -45.25
N PRO D 451 16.41 7.08 -44.28
CA PRO D 451 15.43 7.61 -43.35
C PRO D 451 14.59 8.65 -44.03
N ALA D 452 13.38 8.85 -43.54
CA ALA D 452 12.46 9.75 -44.28
C ALA D 452 13.00 11.18 -44.36
N ASP D 453 13.79 11.55 -43.37
CA ASP D 453 14.41 12.84 -43.36
C ASP D 453 15.81 12.90 -43.98
N ALA D 454 16.09 11.97 -44.88
CA ALA D 454 17.34 12.00 -45.68
C ALA D 454 17.60 13.32 -46.35
N SER D 455 18.87 13.73 -46.43
CA SER D 455 19.22 15.02 -47.02
C SER D 455 18.95 15.02 -48.51
N ALA D 456 18.86 16.23 -49.04
CA ALA D 456 18.85 16.49 -50.46
C ALA D 456 19.87 15.71 -51.29
N ASP D 457 21.15 15.79 -50.90
CA ASP D 457 22.22 14.99 -51.54
C ASP D 457 21.94 13.52 -51.56
N GLN D 458 21.52 12.97 -50.42
CA GLN D 458 21.29 11.55 -50.37
C GLN D 458 20.15 11.15 -51.28
N LEU D 459 19.10 11.96 -51.36
CA LEU D 459 17.97 11.63 -52.17
C LEU D 459 18.41 11.67 -53.66
N ALA D 460 19.26 12.65 -53.97
CA ALA D 460 19.54 12.98 -55.37
C ALA D 460 20.19 11.77 -56.02
N GLY D 461 20.84 10.91 -55.25
CA GLY D 461 21.49 9.74 -55.83
C GLY D 461 20.61 8.64 -56.41
N TYR D 462 19.30 8.69 -56.22
CA TYR D 462 18.44 7.58 -56.56
C TYR D 462 17.52 7.99 -57.68
N SER D 463 17.27 7.08 -58.59
CA SER D 463 16.35 7.40 -59.73
C SER D 463 14.86 7.29 -59.38
N LEU D 464 14.52 6.35 -58.47
CA LEU D 464 13.17 6.07 -57.96
C LEU D 464 13.26 6.08 -56.39
N VAL D 465 12.51 6.98 -55.75
CA VAL D 465 12.40 7.00 -54.28
C VAL D 465 10.94 6.63 -53.96
N ILE D 466 10.78 5.62 -53.14
CA ILE D 466 9.46 5.16 -52.70
C ILE D 466 9.10 5.52 -51.24
N ALA D 467 7.91 6.07 -51.05
CA ALA D 467 7.41 6.44 -49.73
C ALA D 467 6.22 5.52 -49.32
N PRO D 468 6.50 4.41 -48.64
CA PRO D 468 5.42 3.50 -48.25
C PRO D 468 4.77 3.99 -46.93
N ALA D 469 3.52 4.39 -47.05
CA ALA D 469 2.69 4.83 -45.93
C ALA D 469 3.49 5.75 -45.02
N LEU D 470 3.99 6.85 -45.59
CA LEU D 470 4.81 7.81 -44.89
C LEU D 470 3.94 8.82 -44.19
N TYR D 471 3.18 8.30 -43.24
CA TYR D 471 2.08 8.98 -42.59
C TYR D 471 2.34 10.33 -42.01
N THR D 472 3.49 10.46 -41.29
CA THR D 472 3.87 11.63 -40.58
C THR D 472 5.30 12.04 -40.97
N THR D 473 5.40 13.32 -41.23
CA THR D 473 6.67 13.98 -41.52
C THR D 473 6.61 15.39 -41.07
N ASP D 474 7.77 16.07 -41.04
CA ASP D 474 7.76 17.51 -40.90
C ASP D 474 7.61 18.14 -42.29
N GLN D 475 7.45 19.44 -42.30
CA GLN D 475 7.43 20.27 -43.49
C GLN D 475 8.74 20.19 -44.30
N GLN D 476 9.87 20.12 -43.64
CA GLN D 476 11.17 20.18 -44.34
C GLN D 476 11.31 18.96 -45.19
N THR D 477 10.82 17.81 -44.72
CA THR D 477 10.89 16.58 -45.45
C THR D 477 10.02 16.65 -46.74
N ILE D 478 8.81 17.14 -46.58
CA ILE D 478 7.94 17.39 -47.74
C ILE D 478 8.65 18.28 -48.82
N ASP D 479 9.22 19.41 -48.37
CA ASP D 479 9.95 20.34 -49.22
C ASP D 479 11.13 19.67 -49.91
N ARG D 480 11.86 18.80 -49.29
CA ARG D 480 13.00 18.12 -49.93
C ARG D 480 12.53 17.19 -51.01
N LEU D 481 11.36 16.54 -50.67
CA LEU D 481 10.94 15.55 -51.63
C LEU D 481 10.33 16.27 -52.81
N ALA D 482 9.69 17.40 -52.59
CA ALA D 482 9.19 18.18 -53.71
C ALA D 482 10.39 18.59 -54.65
N ARG D 483 11.50 18.98 -54.03
CA ARG D 483 12.68 19.45 -54.77
C ARG D 483 13.38 18.33 -55.48
N TYR D 484 13.51 17.20 -54.83
CA TYR D 484 13.99 16.00 -55.45
C TYR D 484 13.26 15.68 -56.77
N VAL D 485 11.94 15.70 -56.75
CA VAL D 485 11.15 15.50 -57.93
C VAL D 485 11.46 16.62 -59.00
N LYS D 486 11.41 17.86 -58.54
CA LYS D 486 11.65 19.01 -59.43
C LYS D 486 12.97 18.87 -60.23
N ASN D 487 14.00 18.40 -59.56
CA ASN D 487 15.31 18.28 -60.15
C ASN D 487 15.50 17.03 -60.97
N GLY D 488 14.48 16.20 -61.13
CA GLY D 488 14.56 15.05 -61.97
C GLY D 488 14.26 13.73 -61.35
N GLY D 489 13.90 13.67 -60.08
CA GLY D 489 13.76 12.34 -59.46
C GLY D 489 12.40 11.76 -59.76
N HIS D 490 12.23 10.48 -59.44
CA HIS D 490 10.93 9.79 -59.59
C HIS D 490 10.47 9.39 -58.14
N LEU D 491 9.39 10.03 -57.68
CA LEU D 491 8.88 9.79 -56.31
C LEU D 491 7.59 8.99 -56.50
N LEU D 492 7.53 7.84 -55.87
CA LEU D 492 6.28 7.06 -55.82
C LEU D 492 5.83 6.93 -54.31
N ALA D 493 4.64 7.48 -53.97
CA ALA D 493 4.07 7.40 -52.58
C ALA D 493 2.81 6.55 -52.57
N THR D 494 2.60 5.80 -51.49
CA THR D 494 1.34 5.13 -51.27
C THR D 494 0.34 5.91 -50.44
N MET D 495 -0.91 5.40 -50.48
CA MET D 495 -1.96 5.83 -49.59
C MET D 495 -1.42 6.00 -48.15
N ARG D 496 -2.00 6.98 -47.48
CA ARG D 496 -1.71 7.21 -46.07
C ARG D 496 -0.33 7.81 -45.91
N SER D 497 0.15 8.55 -46.94
CA SER D 497 1.42 9.27 -46.80
C SER D 497 1.15 10.73 -46.71
N PHE D 498 2.05 11.41 -45.99
CA PHE D 498 2.04 12.85 -45.80
C PHE D 498 0.75 13.41 -45.14
N VAL D 499 0.12 12.58 -44.31
CA VAL D 499 -1.23 12.93 -43.73
C VAL D 499 -1.10 13.90 -42.62
N ALA D 500 -0.04 13.72 -41.82
CA ALA D 500 0.15 14.48 -40.59
C ALA D 500 1.54 15.04 -40.41
N ASP D 501 1.60 16.11 -39.63
CA ASP D 501 2.85 16.73 -39.24
C ASP D 501 3.62 15.90 -38.27
N GLU D 502 4.72 16.42 -37.75
CA GLU D 502 5.57 15.60 -36.90
C GLU D 502 4.99 15.41 -35.49
N ASN D 503 3.95 16.14 -35.17
CA ASN D 503 3.24 15.93 -33.89
C ASN D 503 2.07 14.99 -34.12
N VAL D 504 2.04 14.33 -35.29
CA VAL D 504 0.91 13.47 -35.65
C VAL D 504 -0.42 14.24 -35.65
N LYS D 505 -0.34 15.52 -36.00
CA LYS D 505 -1.50 16.34 -36.24
C LYS D 505 -1.82 16.39 -37.74
N VAL D 506 -3.01 15.88 -38.10
CA VAL D 506 -3.44 15.93 -39.47
C VAL D 506 -3.38 17.33 -40.01
N TRP D 507 -2.63 17.54 -41.10
CA TRP D 507 -2.55 18.86 -41.74
C TRP D 507 -4.00 19.32 -42.09
N HIS D 508 -4.29 20.61 -41.94
CA HIS D 508 -5.62 21.17 -42.18
C HIS D 508 -5.79 21.95 -43.49
N ASP D 509 -4.95 21.65 -44.50
CA ASP D 509 -5.12 22.23 -45.84
C ASP D 509 -5.32 21.10 -46.79
N LYS D 510 -5.16 21.32 -48.12
CA LYS D 510 -5.51 20.22 -49.02
C LYS D 510 -4.48 19.16 -49.03
N ALA D 511 -4.93 17.90 -48.98
CA ALA D 511 -4.07 16.76 -49.05
C ALA D 511 -3.79 16.33 -50.52
N PRO D 512 -2.58 15.89 -50.84
CA PRO D 512 -1.48 15.74 -49.85
C PRO D 512 -0.82 17.06 -49.58
N HIS D 513 -0.51 17.28 -48.30
CA HIS D 513 -0.05 18.55 -47.84
C HIS D 513 1.17 19.15 -48.62
N HIS D 514 1.00 20.36 -49.15
CA HIS D 514 2.03 21.05 -50.00
C HIS D 514 2.60 20.23 -51.12
N LEU D 515 1.83 19.25 -51.54
CA LEU D 515 2.22 18.33 -52.57
C LEU D 515 1.11 18.22 -53.62
N VAL D 516 0.10 19.06 -53.56
CA VAL D 516 -1.00 18.85 -54.49
C VAL D 516 -0.52 19.14 -55.96
N ASP D 517 0.34 20.15 -56.08
CA ASP D 517 0.96 20.54 -57.34
C ASP D 517 2.02 19.57 -57.81
N ILE D 518 2.61 18.82 -56.89
CA ILE D 518 3.62 17.85 -57.24
C ILE D 518 2.96 16.60 -57.77
N PHE D 519 2.03 16.02 -56.99
CA PHE D 519 1.36 14.80 -57.46
C PHE D 519 0.28 15.18 -58.47
N GLY D 520 0.00 16.46 -58.59
CA GLY D 520 -1.09 16.90 -59.53
C GLY D 520 -2.45 16.31 -59.18
N MET D 521 -2.76 16.27 -57.89
CA MET D 521 -4.05 15.71 -57.42
C MET D 521 -4.32 16.14 -55.99
N THR D 522 -5.57 16.09 -55.58
CA THR D 522 -5.93 16.22 -54.15
C THR D 522 -6.98 15.14 -53.84
N TYR D 523 -7.08 14.80 -52.56
CA TYR D 523 -8.12 13.90 -52.10
C TYR D 523 -8.56 14.38 -50.71
N ASN D 524 -9.83 14.10 -50.36
CA ASN D 524 -10.33 14.38 -49.02
C ASN D 524 -11.43 13.40 -48.60
N GLN D 525 -11.43 12.22 -49.20
CA GLN D 525 -12.39 11.16 -48.94
C GLN D 525 -11.73 9.81 -49.16
N PHE D 526 -12.17 8.79 -48.41
CA PHE D 526 -11.62 7.48 -48.44
C PHE D 526 -12.60 6.54 -47.85
N THR D 527 -12.43 5.28 -48.17
CA THR D 527 -13.18 4.29 -47.47
C THR D 527 -12.50 2.97 -47.52
N ARG D 528 -13.16 1.97 -46.94
CA ARG D 528 -12.78 0.60 -47.01
C ARG D 528 -13.53 -0.06 -48.19
N PRO D 529 -12.78 -0.48 -49.25
CA PRO D 529 -13.44 -0.87 -50.51
C PRO D 529 -14.24 -2.15 -50.38
N MET D 530 -15.45 -2.16 -50.92
CA MET D 530 -16.20 -3.43 -51.03
C MET D 530 -16.41 -3.73 -52.53
N GLY D 531 -15.77 -4.77 -53.03
CA GLY D 531 -15.88 -5.14 -54.47
C GLY D 531 -15.49 -4.01 -55.41
N VAL D 532 -14.39 -3.33 -55.09
CA VAL D 532 -13.88 -2.32 -55.93
C VAL D 532 -12.69 -2.90 -56.72
N SER D 533 -12.73 -2.66 -58.05
CA SER D 533 -11.68 -3.00 -59.02
C SER D 533 -11.10 -1.77 -59.66
N LEU D 534 -10.04 -2.00 -60.41
CA LEU D 534 -9.41 -0.96 -61.17
C LEU D 534 -9.58 -1.15 -62.71
N LYS D 535 -9.83 -0.06 -63.41
CA LYS D 535 -9.81 0.02 -64.85
C LYS D 535 -8.59 0.87 -65.22
N CYS D 536 -7.86 0.40 -66.22
CA CYS D 536 -6.48 0.82 -66.55
C CYS D 536 -6.39 1.02 -68.08
N PRO D 537 -6.61 2.22 -68.55
CA PRO D 537 -6.87 2.35 -69.99
C PRO D 537 -5.63 2.32 -70.91
N ASP D 538 -4.44 2.51 -70.35
CA ASP D 538 -3.26 2.69 -71.23
C ASP D 538 -1.97 2.04 -70.77
N THR D 539 -1.12 2.85 -70.11
CA THR D 539 0.18 2.49 -69.62
C THR D 539 0.11 1.26 -68.70
N LEU D 540 -0.94 1.12 -67.91
CA LEU D 540 -1.08 -0.05 -67.01
C LEU D 540 -2.13 -1.08 -67.45
N ALA D 541 -2.33 -1.22 -68.74
CA ALA D 541 -3.35 -2.15 -69.20
C ALA D 541 -3.19 -3.56 -68.64
N ASP D 542 -2.00 -3.96 -68.21
CA ASP D 542 -1.89 -5.31 -67.62
C ASP D 542 -2.51 -5.41 -66.23
N LEU D 543 -2.66 -4.27 -65.57
CA LEU D 543 -3.28 -4.21 -64.21
C LEU D 543 -4.83 -4.27 -64.24
N ALA D 544 -5.40 -4.08 -65.41
CA ALA D 544 -6.85 -3.89 -65.53
C ALA D 544 -7.62 -5.03 -64.86
N GLY D 545 -8.63 -4.71 -64.08
CA GLY D 545 -9.37 -5.78 -63.37
C GLY D 545 -8.81 -6.17 -62.01
N ALA D 546 -7.62 -5.71 -61.67
CA ALA D 546 -7.04 -5.92 -60.32
C ALA D 546 -7.95 -5.35 -59.18
N SER D 547 -7.87 -5.95 -58.03
CA SER D 547 -8.61 -5.48 -56.85
C SER D 547 -7.92 -4.29 -56.19
N ALA D 548 -8.77 -3.34 -55.75
CA ALA D 548 -8.40 -2.36 -54.71
C ALA D 548 -8.66 -2.99 -53.37
N ASN D 549 -7.64 -3.07 -52.49
CA ASN D 549 -7.77 -3.74 -51.23
C ASN D 549 -7.58 -2.82 -50.04
N ASP D 550 -8.31 -3.14 -48.94
CA ASP D 550 -8.04 -2.54 -47.58
C ASP D 550 -8.48 -1.12 -47.32
N PHE D 551 -8.14 -0.25 -48.24
CA PHE D 551 -8.40 1.15 -48.13
C PHE D 551 -8.28 1.75 -49.52
N ILE D 552 -9.13 2.73 -49.84
CA ILE D 552 -9.02 3.51 -51.06
C ILE D 552 -9.17 4.96 -50.80
N GLU D 553 -8.25 5.71 -51.39
CA GLU D 553 -8.32 7.17 -51.37
C GLU D 553 -8.95 7.60 -52.70
N MET D 554 -9.84 8.61 -52.62
CA MET D 554 -10.62 9.15 -53.76
C MET D 554 -9.88 10.31 -54.41
N LEU D 555 -8.93 9.94 -55.28
CA LEU D 555 -8.05 10.96 -55.91
C LEU D 555 -8.73 11.74 -57.00
N SER D 556 -8.67 13.09 -56.91
CA SER D 556 -9.15 14.04 -57.92
C SER D 556 -7.96 14.63 -58.72
N PRO D 557 -7.73 14.08 -59.90
CA PRO D 557 -6.51 14.45 -60.65
C PRO D 557 -6.66 15.80 -61.32
N ALA D 558 -5.59 16.56 -61.38
CA ALA D 558 -5.63 17.80 -62.13
C ALA D 558 -5.71 17.47 -63.67
N PRO D 559 -6.14 18.43 -64.51
CA PRO D 559 -6.34 18.11 -65.96
C PRO D 559 -5.09 17.56 -66.69
N GLU D 560 -3.93 18.04 -66.29
CA GLU D 560 -2.70 17.57 -66.87
C GLU D 560 -2.13 16.26 -66.27
N THR D 561 -2.79 15.63 -65.32
CA THR D 561 -2.21 14.46 -64.66
C THR D 561 -2.57 13.20 -65.36
N HIS D 562 -1.63 12.27 -65.41
CA HIS D 562 -1.87 11.03 -65.99
C HIS D 562 -2.56 10.08 -65.04
N VAL D 563 -3.72 9.58 -65.44
CA VAL D 563 -4.44 8.61 -64.59
C VAL D 563 -4.18 7.20 -65.04
N LEU D 564 -3.39 6.50 -64.28
CA LEU D 564 -3.02 5.16 -64.66
C LEU D 564 -4.03 4.13 -64.32
N ALA D 565 -4.87 4.42 -63.31
CA ALA D 565 -5.96 3.55 -62.95
C ALA D 565 -7.08 4.35 -62.22
N TRP D 566 -8.32 4.01 -62.58
CA TRP D 566 -9.55 4.59 -62.05
C TRP D 566 -10.21 3.49 -61.28
N TYR D 567 -11.03 3.89 -60.31
CA TYR D 567 -11.84 2.91 -59.61
C TYR D 567 -12.97 2.40 -60.51
N ASP D 568 -13.19 1.11 -60.46
CA ASP D 568 -14.27 0.51 -61.22
C ASP D 568 -15.28 0.13 -60.20
N HIS D 569 -16.17 1.10 -59.98
CA HIS D 569 -17.29 0.98 -59.03
C HIS D 569 -18.18 2.12 -59.28
N TYR D 570 -19.51 1.85 -59.36
CA TYR D 570 -20.47 2.94 -59.62
C TYR D 570 -20.46 4.15 -58.71
N ALA D 571 -20.10 3.99 -57.46
CA ALA D 571 -20.03 5.13 -56.55
C ALA D 571 -18.78 5.96 -56.65
N TRP D 572 -17.68 5.34 -57.06
CA TRP D 572 -16.35 5.96 -56.95
C TRP D 572 -15.66 6.19 -58.33
N ASP D 573 -16.33 5.85 -59.44
CA ASP D 573 -15.64 5.85 -60.74
C ASP D 573 -15.29 7.24 -61.30
N SER D 574 -15.69 8.30 -60.64
CA SER D 574 -15.17 9.61 -60.91
C SER D 574 -13.75 9.79 -60.40
N TYR D 575 -13.26 8.84 -59.64
CA TYR D 575 -11.98 9.05 -58.96
C TYR D 575 -10.91 8.13 -59.50
N ALA D 576 -9.69 8.67 -59.45
CA ALA D 576 -8.49 7.90 -59.79
C ALA D 576 -8.01 7.08 -58.58
N ALA D 577 -7.38 5.95 -58.90
CA ALA D 577 -6.71 5.12 -57.95
C ALA D 577 -5.18 5.24 -57.96
N ILE D 578 -4.60 5.46 -59.17
CA ILE D 578 -3.19 5.64 -59.39
C ILE D 578 -2.93 6.78 -60.36
N THR D 579 -2.09 7.72 -59.97
CA THR D 579 -1.88 8.94 -60.75
C THR D 579 -0.40 9.12 -60.90
N ARG D 580 0.04 9.84 -61.95
CA ARG D 580 1.45 10.28 -62.09
C ARG D 580 1.47 11.60 -62.76
N HIS D 581 2.28 12.49 -62.22
CA HIS D 581 2.31 13.81 -62.70
C HIS D 581 3.73 14.30 -62.84
N ALA D 582 3.98 15.04 -63.91
CA ALA D 582 5.30 15.61 -64.23
C ALA D 582 5.47 16.85 -63.40
N PHE D 583 6.59 17.01 -62.69
CA PHE D 583 6.81 18.23 -62.01
C PHE D 583 8.27 18.65 -62.19
N GLY D 584 8.54 19.86 -62.71
CA GLY D 584 9.96 20.26 -63.01
C GLY D 584 10.52 19.19 -63.94
N SER D 585 11.67 18.58 -63.63
CA SER D 585 12.27 17.52 -64.54
C SER D 585 11.83 16.13 -64.26
N GLY D 586 11.10 15.96 -63.13
CA GLY D 586 10.83 14.64 -62.63
C GLY D 586 9.36 14.39 -62.59
N ASP D 587 8.97 13.33 -61.89
CA ASP D 587 7.52 13.09 -61.71
C ASP D 587 7.21 12.37 -60.34
N ALA D 588 5.91 12.39 -60.01
CA ALA D 588 5.41 12.00 -58.69
C ALA D 588 4.18 11.15 -58.90
N GLN D 589 4.29 9.91 -58.47
CA GLN D 589 3.23 8.94 -58.61
C GLN D 589 2.61 8.52 -57.24
N TRP D 590 1.28 8.42 -57.19
CA TRP D 590 0.52 8.05 -55.98
C TRP D 590 -0.30 6.82 -56.23
N VAL D 591 -0.19 5.84 -55.36
CA VAL D 591 -0.99 4.60 -55.40
C VAL D 591 -1.98 4.62 -54.20
N GLY D 592 -3.22 4.98 -54.48
CA GLY D 592 -4.20 5.28 -53.48
C GLY D 592 -4.95 4.10 -52.85
N THR D 593 -4.41 2.89 -52.95
CA THR D 593 -4.99 1.71 -52.34
C THR D 593 -3.90 0.69 -52.10
N GLN D 594 -4.24 -0.45 -51.51
CA GLN D 594 -3.31 -1.54 -51.42
C GLN D 594 -3.59 -2.62 -52.48
N LEU D 595 -2.52 -3.20 -52.97
CA LEU D 595 -2.57 -4.08 -54.13
C LEU D 595 -2.13 -5.43 -53.68
N GLN D 596 -2.63 -6.46 -54.34
CA GLN D 596 -2.10 -7.79 -54.17
C GLN D 596 -0.67 -7.84 -54.82
N ALA D 597 0.03 -8.95 -54.61
CA ALA D 597 1.44 -9.08 -54.92
C ALA D 597 1.61 -8.97 -56.42
N ASP D 598 0.73 -9.62 -57.16
CA ASP D 598 0.94 -9.59 -58.65
C ASP D 598 0.73 -8.19 -59.16
N ALA D 599 -0.31 -7.51 -58.72
CA ALA D 599 -0.51 -6.11 -59.07
C ALA D 599 0.65 -5.18 -58.69
N TRP D 600 1.22 -5.40 -57.51
CA TRP D 600 2.30 -4.49 -57.12
C TRP D 600 3.48 -4.68 -58.14
N ARG D 601 3.72 -5.91 -58.52
CA ARG D 601 4.82 -6.16 -59.50
C ARG D 601 4.56 -5.41 -60.78
N THR D 602 3.29 -5.45 -61.23
CA THR D 602 2.92 -4.78 -62.45
C THR D 602 3.16 -3.33 -62.27
N VAL D 603 2.70 -2.78 -61.14
CA VAL D 603 2.83 -1.39 -60.95
C VAL D 603 4.29 -0.97 -60.84
N LEU D 604 5.10 -1.74 -60.15
CA LEU D 604 6.47 -1.30 -59.87
C LEU D 604 7.31 -1.48 -61.17
N ALA D 605 7.12 -2.59 -61.87
CA ALA D 605 7.83 -2.80 -63.14
C ALA D 605 7.67 -1.57 -64.01
N GLU D 606 6.42 -1.11 -64.14
CA GLU D 606 6.19 0.06 -64.96
C GLU D 606 6.82 1.34 -64.41
N ALA D 607 6.83 1.53 -63.10
CA ALA D 607 7.39 2.75 -62.53
C ALA D 607 8.96 2.79 -62.70
N LEU D 608 9.56 1.63 -62.55
CA LEU D 608 11.00 1.44 -62.80
C LEU D 608 11.39 1.73 -64.26
N SER D 609 10.55 1.29 -65.19
CA SER D 609 10.73 1.63 -66.59
C SER D 609 10.59 3.10 -66.84
N ASN D 610 9.55 3.74 -66.32
CA ASN D 610 9.43 5.18 -66.35
C ASN D 610 10.63 5.93 -65.77
N ALA D 611 11.21 5.36 -64.72
CA ALA D 611 12.40 5.95 -64.06
C ALA D 611 13.75 5.52 -64.70
N GLY D 612 13.70 4.84 -65.83
CA GLY D 612 14.88 4.40 -66.54
C GLY D 612 15.68 3.35 -65.83
N VAL D 613 15.06 2.54 -64.99
CA VAL D 613 15.83 1.55 -64.22
C VAL D 613 15.68 0.18 -64.84
N HIS D 614 16.77 -0.38 -65.31
CA HIS D 614 16.73 -1.71 -65.87
C HIS D 614 18.10 -2.37 -65.70
N THR D 615 18.12 -3.67 -65.45
CA THR D 615 19.39 -4.37 -65.46
C THR D 615 19.16 -5.71 -66.05
N PRO D 616 20.26 -6.40 -66.41
CA PRO D 616 20.10 -7.78 -66.87
C PRO D 616 19.34 -8.68 -65.88
N GLY D 617 19.67 -8.58 -64.58
CA GLY D 617 19.01 -9.40 -63.59
C GLY D 617 17.50 -9.26 -63.65
N MET D 618 17.02 -8.07 -63.94
CA MET D 618 15.57 -7.87 -64.06
C MET D 618 14.85 -8.76 -65.08
N GLU D 619 15.59 -9.25 -66.08
CA GLU D 619 15.02 -10.10 -67.11
C GLU D 619 14.84 -11.53 -66.61
N LEU D 620 15.45 -11.86 -65.47
CA LEU D 620 15.25 -13.18 -64.91
C LEU D 620 14.24 -13.21 -63.73
N ALA D 621 13.51 -12.11 -63.56
CA ALA D 621 12.52 -11.99 -62.48
C ALA D 621 11.64 -13.19 -62.47
N GLY D 622 11.55 -13.88 -61.35
CA GLY D 622 10.61 -14.98 -61.27
C GLY D 622 11.27 -16.31 -61.55
N THR D 623 12.49 -16.33 -62.09
CA THR D 623 13.13 -17.63 -62.32
C THR D 623 14.28 -17.88 -61.39
N VAL D 624 15.03 -16.82 -61.13
CA VAL D 624 16.14 -16.91 -60.19
C VAL D 624 16.45 -15.57 -59.54
N CYS D 625 16.94 -15.64 -58.31
CA CYS D 625 17.36 -14.42 -57.59
C CYS D 625 18.77 -14.05 -57.99
N VAL D 626 18.90 -12.80 -58.38
CA VAL D 626 20.16 -12.22 -58.85
C VAL D 626 20.46 -10.99 -57.99
N ARG D 627 21.53 -11.03 -57.22
CA ARG D 627 21.95 -9.86 -56.43
C ARG D 627 23.45 -9.67 -56.67
N SER D 628 23.91 -8.43 -56.69
CA SER D 628 25.28 -8.17 -57.14
C SER D 628 25.89 -6.95 -56.46
N GLY D 629 27.20 -6.76 -56.73
CA GLY D 629 27.90 -5.55 -56.35
C GLY D 629 29.29 -5.60 -56.92
N THR D 630 30.23 -4.85 -56.34
CA THR D 630 31.60 -4.83 -56.82
C THR D 630 32.55 -5.05 -55.66
N ASN D 631 33.58 -5.85 -55.89
CA ASN D 631 34.42 -6.27 -54.81
C ASN D 631 35.66 -5.35 -54.67
N THR D 632 36.61 -5.71 -53.86
CA THR D 632 37.68 -4.75 -53.51
C THR D 632 38.70 -4.63 -54.68
N ALA D 633 38.87 -5.69 -55.45
CA ALA D 633 39.60 -5.63 -56.73
C ALA D 633 38.84 -4.93 -57.83
N GLY D 634 37.63 -4.44 -57.58
CA GLY D 634 36.94 -3.69 -58.61
C GLY D 634 36.10 -4.54 -59.54
N ASP D 635 36.08 -5.84 -59.37
CA ASP D 635 35.30 -6.75 -60.21
C ASP D 635 33.82 -6.85 -59.76
N THR D 636 32.95 -7.06 -60.73
CA THR D 636 31.53 -7.25 -60.50
C THR D 636 31.34 -8.65 -59.99
N VAL D 637 30.51 -8.79 -58.96
CA VAL D 637 30.21 -10.10 -58.37
C VAL D 637 28.69 -10.28 -58.48
N THR D 638 28.25 -11.32 -59.17
CA THR D 638 26.85 -11.53 -59.45
C THR D 638 26.38 -12.87 -58.89
N TYR D 639 25.54 -12.83 -57.83
CA TYR D 639 25.05 -14.07 -57.20
C TYR D 639 23.80 -14.57 -57.94
N LEU D 640 23.73 -15.87 -58.02
CA LEU D 640 22.64 -16.57 -58.64
C LEU D 640 22.14 -17.55 -57.55
N LEU D 641 20.93 -17.25 -57.06
CA LEU D 641 20.39 -17.93 -55.88
C LEU D 641 19.01 -18.48 -56.26
N ASN D 642 18.87 -19.75 -56.10
CA ASN D 642 17.64 -20.46 -56.43
C ASN D 642 16.84 -20.84 -55.15
N TYR D 643 15.92 -19.97 -54.81
CA TYR D 643 15.06 -20.16 -53.61
C TYR D 643 13.86 -20.99 -54.08
N SER D 644 14.12 -22.24 -54.48
CA SER D 644 13.06 -23.15 -54.84
C SER D 644 13.56 -24.53 -54.68
N GLY D 645 12.61 -25.45 -54.57
CA GLY D 645 12.89 -26.86 -54.30
C GLY D 645 12.92 -27.72 -55.61
N SER D 646 13.02 -27.04 -56.74
CA SER D 646 13.34 -27.63 -58.07
C SER D 646 14.55 -27.03 -58.75
N PRO D 647 15.25 -27.81 -59.60
CA PRO D 647 16.26 -27.23 -60.46
C PRO D 647 15.68 -26.21 -61.37
N ILE D 648 16.50 -25.27 -61.79
CA ILE D 648 16.01 -24.25 -62.67
C ILE D 648 17.00 -24.13 -63.82
N THR D 649 16.54 -23.53 -64.91
CA THR D 649 17.39 -23.21 -66.05
C THR D 649 17.17 -21.83 -66.58
N PHE D 650 18.23 -21.15 -66.99
CA PHE D 650 18.07 -19.74 -67.37
C PHE D 650 19.35 -19.19 -68.06
N ARG D 651 19.24 -18.00 -68.63
CA ARG D 651 20.36 -17.35 -69.29
C ARG D 651 21.19 -16.51 -68.34
N ALA D 652 22.50 -16.74 -68.36
CA ALA D 652 23.45 -15.92 -67.61
C ALA D 652 23.27 -14.43 -67.79
N PRO D 653 23.10 -13.71 -66.69
CA PRO D 653 22.92 -12.28 -66.74
C PRO D 653 24.22 -11.52 -66.68
N ALA D 654 25.36 -12.19 -66.65
CA ALA D 654 26.66 -11.49 -66.74
C ALA D 654 27.73 -12.41 -67.26
N SER D 655 28.86 -11.81 -67.66
CA SER D 655 30.02 -12.55 -68.17
C SER D 655 31.12 -12.53 -67.17
N GLY D 656 31.78 -13.68 -67.05
CA GLY D 656 33.04 -13.80 -66.41
C GLY D 656 33.33 -15.24 -66.07
N THR D 657 33.61 -15.52 -64.78
CA THR D 657 33.91 -16.86 -64.33
C THR D 657 32.97 -17.27 -63.20
N PHE D 658 32.61 -18.55 -63.18
CA PHE D 658 31.86 -19.13 -62.09
C PHE D 658 32.87 -19.33 -61.02
N LEU D 659 32.64 -18.65 -59.89
CA LEU D 659 33.51 -18.78 -58.72
C LEU D 659 33.39 -20.08 -57.97
N LEU D 660 32.20 -20.65 -57.87
CA LEU D 660 32.04 -21.80 -56.98
C LEU D 660 32.00 -23.15 -57.69
N GLY D 661 31.37 -23.11 -58.85
CA GLY D 661 30.96 -24.32 -59.52
C GLY D 661 29.67 -24.78 -58.91
N HIS D 662 28.98 -25.67 -59.61
CA HIS D 662 27.71 -26.24 -59.08
C HIS D 662 27.30 -27.49 -59.80
N PRO D 663 26.45 -28.32 -59.15
CA PRO D 663 25.94 -29.55 -59.81
C PRO D 663 25.04 -29.27 -61.02
N THR D 664 25.08 -30.16 -62.02
CA THR D 664 24.20 -30.08 -63.25
C THR D 664 23.64 -31.47 -63.67
N VAL D 671 29.82 -28.12 -63.92
CA VAL D 671 30.49 -26.83 -63.99
C VAL D 671 31.35 -26.67 -62.77
N THR D 672 32.66 -26.71 -62.95
CA THR D 672 33.54 -26.67 -61.81
C THR D 672 33.89 -25.24 -61.57
N ALA D 673 34.57 -25.03 -60.45
CA ALA D 673 35.04 -23.72 -60.13
C ALA D 673 35.96 -23.17 -61.24
N GLU D 674 35.89 -21.86 -61.48
CA GLU D 674 36.70 -21.17 -62.45
C GLU D 674 36.29 -21.47 -63.95
N THR D 675 35.11 -22.04 -64.16
CA THR D 675 34.53 -22.17 -65.50
C THR D 675 34.10 -20.81 -66.07
N PRO D 676 34.63 -20.49 -67.26
CA PRO D 676 34.18 -19.23 -67.80
C PRO D 676 32.76 -19.35 -68.24
N VAL D 677 32.12 -18.20 -68.42
CA VAL D 677 30.74 -18.08 -68.82
C VAL D 677 30.55 -16.73 -69.44
N THR D 678 29.59 -16.64 -70.36
CA THR D 678 29.23 -15.44 -71.05
C THR D 678 27.75 -15.13 -70.94
N VAL D 679 27.46 -13.84 -70.79
CA VAL D 679 26.11 -13.36 -70.70
C VAL D 679 25.28 -14.07 -71.77
N GLY D 680 24.15 -14.63 -71.40
CA GLY D 680 23.28 -15.34 -72.34
C GLY D 680 23.53 -16.82 -72.38
N ASP D 681 24.65 -17.33 -71.90
CA ASP D 681 24.79 -18.82 -71.82
C ASP D 681 23.71 -19.51 -71.00
N ALA D 682 23.57 -20.79 -71.26
CA ALA D 682 22.61 -21.59 -70.56
C ALA D 682 23.18 -21.91 -69.19
N VAL D 683 22.42 -21.64 -68.12
CA VAL D 683 22.84 -22.07 -66.78
C VAL D 683 21.69 -22.90 -66.17
N THR D 684 22.09 -23.92 -65.44
CA THR D 684 21.24 -24.71 -64.62
C THR D 684 21.78 -24.74 -63.18
N LEU D 685 20.87 -24.52 -62.21
CA LEU D 685 21.15 -24.71 -60.75
C LEU D 685 20.21 -25.78 -60.21
N PRO D 686 20.71 -26.68 -59.37
CA PRO D 686 19.83 -27.59 -58.66
C PRO D 686 18.94 -26.84 -57.65
N ARG D 687 18.12 -27.62 -56.98
CA ARG D 687 17.17 -27.09 -56.00
C ARG D 687 18.01 -26.45 -54.88
N TRP D 688 17.59 -25.28 -54.41
CA TRP D 688 18.29 -24.56 -53.31
C TRP D 688 19.71 -24.18 -53.72
N GLY D 689 19.96 -24.16 -55.04
CA GLY D 689 21.33 -24.02 -55.51
C GLY D 689 21.86 -22.62 -55.59
N VAL D 690 23.19 -22.51 -55.64
CA VAL D 690 23.86 -21.19 -55.82
C VAL D 690 25.14 -21.25 -56.72
N ASP D 691 25.44 -20.14 -57.39
CA ASP D 691 26.78 -19.90 -57.88
C ASP D 691 26.87 -18.46 -58.06
N ILE D 692 28.09 -18.04 -58.36
CA ILE D 692 28.44 -16.64 -58.43
C ILE D 692 29.33 -16.44 -59.65
N ILE D 693 28.97 -15.47 -60.49
CA ILE D 693 29.80 -15.05 -61.64
C ILE D 693 30.54 -13.81 -61.21
N VAL D 694 31.86 -13.93 -61.25
CA VAL D 694 32.78 -12.82 -61.03
C VAL D 694 33.28 -12.29 -62.39
N GLY D 695 33.16 -10.99 -62.59
CA GLY D 695 33.55 -10.29 -63.82
C GLY D 695 35.08 -10.19 -63.96
N ARG D 696 35.69 -11.35 -64.14
CA ARG D 696 37.09 -11.56 -64.56
C ARG D 696 37.18 -12.87 -65.39
N GLN D 697 38.37 -13.12 -65.94
CA GLN D 697 38.72 -14.44 -66.54
C GLN D 697 39.24 -15.32 -65.40
N PRO D 698 39.38 -16.65 -65.61
CA PRO D 698 39.91 -17.61 -64.59
C PRO D 698 41.35 -17.42 -64.06
N PRO E 8 50.84 31.06 6.13
CA PRO E 8 50.24 31.69 7.27
C PRO E 8 49.04 30.89 7.81
N ILE E 9 48.68 31.10 9.07
CA ILE E 9 47.44 30.57 9.69
C ILE E 9 46.20 30.93 8.87
N LEU E 10 45.38 29.94 8.55
CA LEU E 10 44.17 30.25 7.81
C LEU E 10 43.21 30.95 8.70
N PHE E 11 42.58 31.96 8.19
CA PHE E 11 41.62 32.73 8.99
C PHE E 11 40.55 33.21 8.07
N GLY E 12 39.32 32.86 8.38
CA GLY E 12 38.28 33.23 7.45
C GLY E 12 36.87 32.87 7.86
N ALA E 13 36.08 32.56 6.83
CA ALA E 13 34.65 32.28 7.02
C ALA E 13 33.96 31.58 5.88
N ALA E 14 32.92 30.83 6.24
CA ALA E 14 31.99 30.37 5.23
C ALA E 14 31.29 31.57 4.57
N TYR E 15 31.12 31.54 3.26
CA TYR E 15 30.46 32.60 2.54
C TYR E 15 29.39 32.04 1.57
N TYR E 16 28.20 32.59 1.66
CA TYR E 16 27.06 32.20 0.84
C TYR E 16 26.53 33.28 -0.08
N ASP E 17 27.20 33.49 -1.22
CA ASP E 17 26.67 34.42 -2.20
C ASP E 17 25.23 34.01 -2.60
N GLU E 18 24.98 32.70 -2.50
CA GLU E 18 23.70 32.13 -2.87
C GLU E 18 22.54 32.61 -1.95
N TYR E 19 22.87 32.96 -0.71
CA TYR E 19 21.87 33.36 0.30
C TYR E 19 21.64 34.90 0.37
N ILE E 20 22.55 35.68 -0.17
CA ILE E 20 22.53 37.14 0.04
C ILE E 20 21.38 37.74 -0.73
N PRO E 21 20.61 38.62 -0.11
CA PRO E 21 19.47 39.08 -0.91
C PRO E 21 19.89 39.62 -2.30
N ARG E 22 19.06 39.30 -3.28
CA ARG E 22 19.39 39.53 -4.69
C ARG E 22 19.27 40.95 -5.14
N ASP E 23 18.61 41.77 -4.38
CA ASP E 23 18.59 43.17 -4.71
C ASP E 23 19.90 43.86 -4.36
N LEU E 24 20.79 43.23 -3.59
CA LEU E 24 22.03 43.85 -3.21
C LEU E 24 23.11 43.48 -4.25
N ASP E 25 24.19 44.26 -4.29
CA ASP E 25 25.38 43.86 -5.00
C ASP E 25 26.52 44.22 -4.12
N ARG E 26 26.89 43.37 -3.19
CA ARG E 26 27.84 43.77 -2.21
C ARG E 26 28.98 42.81 -2.09
N ILE E 27 29.10 41.87 -3.05
CA ILE E 27 30.16 40.86 -2.83
C ILE E 27 31.61 41.47 -2.67
N ASP E 28 31.93 42.50 -3.46
CA ASP E 28 33.25 43.15 -3.35
C ASP E 28 33.38 43.94 -2.08
N THR E 29 32.25 44.41 -1.53
CA THR E 29 32.28 45.01 -0.23
C THR E 29 32.50 43.99 0.89
N ASP E 30 31.85 42.83 0.74
CA ASP E 30 32.13 41.76 1.67
C ASP E 30 33.64 41.39 1.66
N MET E 31 34.19 41.20 0.47
CA MET E 31 35.59 40.79 0.39
C MET E 31 36.52 41.85 1.04
N GLU E 32 36.28 43.15 0.79
CA GLU E 32 37.10 44.23 1.42
C GLU E 32 36.99 44.19 2.94
N MET E 33 35.76 44.02 3.46
CA MET E 33 35.61 43.87 4.92
C MET E 33 36.37 42.70 5.42
N MET E 34 36.39 41.65 4.59
CA MET E 34 37.15 40.46 4.97
C MET E 34 38.66 40.76 5.03
N THR E 35 39.17 41.35 3.97
CA THR E 35 40.67 41.58 3.96
C THR E 35 41.08 42.58 5.03
N ARG E 36 40.24 43.56 5.33
CA ARG E 36 40.50 44.49 6.40
C ARG E 36 40.62 43.76 7.69
N ALA E 37 39.79 42.73 7.85
CA ALA E 37 39.87 41.92 9.06
C ALA E 37 40.91 40.81 9.07
N GLY E 38 41.79 40.77 8.08
CA GLY E 38 42.86 39.75 8.15
C GLY E 38 42.40 38.37 7.65
N ILE E 39 41.21 38.33 7.05
CA ILE E 39 40.67 37.08 6.52
C ILE E 39 41.34 36.68 5.19
N ASN E 40 41.86 35.46 5.10
CA ASN E 40 42.58 34.98 3.91
C ASN E 40 41.93 33.79 3.23
N VAL E 41 40.81 33.32 3.76
CA VAL E 41 40.13 32.14 3.13
C VAL E 41 38.59 32.20 3.32
N ILE E 42 37.85 31.85 2.29
CA ILE E 42 36.44 31.53 2.43
C ILE E 42 36.09 30.09 1.99
N ARG E 43 35.00 29.56 2.53
CA ARG E 43 34.44 28.23 2.10
C ARG E 43 33.12 28.43 1.41
N ILE E 44 32.96 27.80 0.26
CA ILE E 44 31.78 27.99 -0.48
C ILE E 44 31.25 26.64 -1.02
N GLY E 45 29.95 26.64 -1.41
CA GLY E 45 29.37 25.67 -2.28
C GLY E 45 28.63 24.50 -1.72
N GLU E 46 28.84 24.17 -0.48
CA GLU E 46 28.39 22.89 0.02
C GLU E 46 26.84 22.81 0.34
N SER E 47 26.12 23.93 0.38
CA SER E 47 24.74 23.91 0.89
C SER E 47 23.68 24.19 -0.17
N THR E 48 24.14 24.27 -1.45
CA THR E 48 23.36 24.88 -2.50
C THR E 48 23.28 24.07 -3.78
N TRP E 49 23.09 22.77 -3.64
CA TRP E 49 23.01 21.90 -4.81
C TRP E 49 21.92 22.41 -5.78
N SER E 50 20.75 22.81 -5.24
CA SER E 50 19.67 23.24 -6.06
C SER E 50 19.90 24.57 -6.76
N THR E 51 20.86 25.33 -6.28
CA THR E 51 21.28 26.56 -6.94
C THR E 51 22.18 26.25 -8.12
N CYS E 52 23.14 25.39 -7.92
CA CYS E 52 24.13 25.12 -8.98
C CYS E 52 23.70 24.02 -9.97
N GLU E 53 22.76 23.14 -9.60
CA GLU E 53 22.10 22.23 -10.54
C GLU E 53 20.57 22.41 -10.42
N PRO E 54 20.04 23.46 -11.00
CA PRO E 54 18.64 23.85 -10.73
C PRO E 54 17.60 22.88 -11.32
N GLN E 55 17.99 22.19 -12.41
CA GLN E 55 17.19 21.16 -13.02
C GLN E 55 18.17 20.05 -13.38
N PRO E 56 17.66 18.81 -13.51
CA PRO E 56 18.56 17.73 -13.64
C PRO E 56 19.44 17.89 -14.86
N GLY E 57 20.76 17.80 -14.70
CA GLY E 57 21.70 17.92 -15.81
C GLY E 57 21.88 19.33 -16.33
N HIS E 58 21.30 20.34 -15.70
CA HIS E 58 21.52 21.72 -16.09
C HIS E 58 22.31 22.40 -14.97
N PHE E 59 23.60 22.69 -15.23
CA PHE E 59 24.50 23.23 -14.21
C PHE E 59 24.60 24.71 -14.37
N ASP E 60 24.58 25.47 -13.27
CA ASP E 60 24.67 26.94 -13.34
C ASP E 60 25.68 27.42 -12.30
N TRP E 61 26.89 27.76 -12.76
CA TRP E 61 28.00 28.10 -11.85
C TRP E 61 28.07 29.59 -11.53
N THR E 62 26.98 30.28 -11.81
CA THR E 62 26.95 31.72 -11.58
C THR E 62 27.43 32.09 -10.21
N HIS E 63 26.88 31.47 -9.16
CA HIS E 63 27.32 31.84 -7.81
C HIS E 63 28.72 31.38 -7.38
N ILE E 64 29.12 30.20 -7.82
CA ILE E 64 30.45 29.72 -7.50
C ILE E 64 31.46 30.69 -8.20
N ASP E 65 31.18 31.00 -9.47
CA ASP E 65 32.02 31.92 -10.26
C ASP E 65 32.13 33.29 -9.69
N ARG E 66 30.99 33.83 -9.25
CA ARG E 66 31.00 35.08 -8.58
C ARG E 66 31.92 35.07 -7.36
N ALA E 67 31.81 34.06 -6.51
CA ALA E 67 32.63 34.00 -5.39
C ALA E 67 34.12 33.82 -5.69
N LEU E 68 34.44 32.88 -6.58
CA LEU E 68 35.85 32.70 -7.04
C LEU E 68 36.47 34.01 -7.61
N ASP E 69 35.69 34.70 -8.41
CA ASP E 69 36.17 35.93 -9.02
C ASP E 69 36.42 37.01 -7.96
N ALA E 70 35.45 37.19 -7.05
CA ALA E 70 35.57 38.18 -6.02
C ALA E 70 36.70 37.84 -5.11
N ALA E 71 36.84 36.57 -4.79
CA ALA E 71 37.91 36.23 -3.87
C ALA E 71 39.32 36.47 -4.49
N THR E 72 39.45 36.08 -5.76
CA THR E 72 40.66 36.22 -6.56
C THR E 72 41.01 37.71 -6.65
N ASN E 73 40.02 38.50 -7.01
CA ASN E 73 40.20 39.93 -7.00
C ASN E 73 40.69 40.50 -5.67
N ALA E 74 40.31 39.90 -4.55
CA ALA E 74 40.76 40.38 -3.27
C ALA E 74 41.93 39.68 -2.66
N GLY E 75 42.48 38.69 -3.35
CA GLY E 75 43.65 38.02 -2.82
C GLY E 75 43.25 37.05 -1.71
N ILE E 76 42.00 36.55 -1.76
CA ILE E 76 41.45 35.57 -0.79
C ILE E 76 41.43 34.17 -1.45
N ASN E 77 41.83 33.19 -0.67
CA ASN E 77 41.81 31.82 -1.04
C ASN E 77 40.43 31.20 -0.80
N VAL E 78 40.18 30.07 -1.44
CA VAL E 78 38.84 29.41 -1.34
C VAL E 78 38.96 27.91 -1.13
N ILE E 79 38.14 27.41 -0.20
CA ILE E 79 37.90 26.00 -0.02
C ILE E 79 36.50 25.72 -0.57
N VAL E 80 36.43 24.81 -1.54
CA VAL E 80 35.18 24.40 -2.17
C VAL E 80 34.59 23.14 -1.53
N GLY E 81 33.33 23.25 -1.10
CA GLY E 81 32.68 22.05 -0.48
C GLY E 81 31.76 21.35 -1.47
N THR E 82 31.79 20.04 -1.48
CA THR E 82 30.84 19.35 -2.35
C THR E 82 29.43 19.46 -1.75
N PRO E 83 28.43 19.59 -2.60
CA PRO E 83 27.09 19.96 -2.13
C PRO E 83 26.09 18.79 -1.90
N THR E 84 26.63 17.70 -1.50
CA THR E 84 25.91 16.42 -1.45
C THR E 84 25.11 16.21 -0.15
N TYR E 85 25.25 17.07 0.89
CA TYR E 85 24.55 16.79 2.16
C TYR E 85 23.12 17.30 2.19
N ALA E 86 22.67 17.92 1.09
CA ALA E 86 21.30 18.43 0.99
C ALA E 86 20.90 18.31 -0.46
N VAL E 87 19.75 17.66 -0.71
CA VAL E 87 19.35 17.35 -2.07
C VAL E 87 18.27 18.21 -2.69
N PRO E 88 18.30 18.35 -4.02
CA PRO E 88 17.28 19.14 -4.65
C PRO E 88 15.87 18.51 -4.72
N THR E 89 14.86 19.37 -4.68
CA THR E 89 13.50 18.94 -4.88
C THR E 89 13.27 18.09 -6.14
N TRP E 90 13.98 18.42 -7.19
CA TRP E 90 13.82 17.64 -8.39
C TRP E 90 14.32 16.23 -8.30
N LEU E 91 15.30 15.99 -7.47
CA LEU E 91 15.85 14.70 -7.36
C LEU E 91 14.89 13.78 -6.56
N VAL E 92 14.35 14.25 -5.43
CA VAL E 92 13.48 13.41 -4.66
C VAL E 92 12.14 13.22 -5.39
N ALA E 93 11.79 14.16 -6.23
CA ALA E 93 10.57 14.04 -7.05
C ALA E 93 10.67 12.83 -8.00
N MET E 94 11.84 12.60 -8.56
CA MET E 94 12.05 11.38 -9.33
C MET E 94 12.27 10.18 -8.49
N TYR E 95 13.02 10.35 -7.40
CA TYR E 95 13.49 9.20 -6.67
C TYR E 95 13.30 9.43 -5.17
N PRO E 96 12.10 9.15 -4.66
CA PRO E 96 11.87 9.32 -3.21
C PRO E 96 12.76 8.51 -2.30
N ASP E 97 13.28 7.37 -2.77
CA ASP E 97 14.19 6.56 -1.95
C ASP E 97 15.52 7.23 -1.68
N VAL E 98 15.77 8.34 -2.35
CA VAL E 98 16.97 9.13 -1.96
C VAL E 98 16.88 9.51 -0.46
N LEU E 99 15.64 9.75 0.04
CA LEU E 99 15.46 9.97 1.47
C LEU E 99 15.37 8.68 2.24
N ALA E 100 16.12 8.53 3.34
CA ALA E 100 16.14 7.26 4.07
C ALA E 100 14.88 6.97 4.84
N THR E 101 14.53 5.69 4.92
CA THR E 101 13.60 5.22 5.95
C THR E 101 14.36 5.22 7.26
N THR E 102 13.75 5.66 8.36
CA THR E 102 14.41 5.60 9.68
C THR E 102 13.48 4.89 10.62
N PRO E 103 13.92 4.62 11.84
CA PRO E 103 12.99 4.01 12.75
C PRO E 103 11.78 4.87 13.03
N ALA E 104 11.78 6.16 12.70
CA ALA E 104 10.58 7.02 12.90
C ALA E 104 9.64 6.78 11.72
N GLY E 105 10.03 6.05 10.70
CA GLY E 105 9.14 5.82 9.60
C GLY E 105 9.55 6.55 8.33
N GLU E 106 8.55 6.88 7.55
CA GLU E 106 8.72 7.41 6.23
C GLU E 106 9.21 8.88 6.29
N PRO E 107 10.22 9.23 5.46
CA PRO E 107 10.80 10.61 5.45
C PRO E 107 9.93 11.64 4.74
N HIS E 108 10.17 12.90 5.00
CA HIS E 108 9.48 13.98 4.35
C HIS E 108 10.57 14.99 3.96
N TYR E 109 10.57 15.37 2.69
CA TYR E 109 11.51 16.32 2.12
C TYR E 109 11.50 17.66 2.87
N GLY E 110 12.73 18.16 3.11
CA GLY E 110 12.94 19.54 3.51
C GLY E 110 14.29 19.69 4.20
N ALA E 111 14.49 18.92 5.25
CA ALA E 111 15.68 18.99 6.05
C ALA E 111 16.90 18.47 5.30
N ARG E 112 18.09 19.08 5.59
CA ARG E 112 19.33 18.47 5.15
C ARG E 112 19.55 17.16 5.83
N GLN E 113 20.43 16.33 5.27
CA GLN E 113 20.98 15.23 6.02
C GLN E 113 19.90 14.27 6.48
N ILE E 114 18.98 13.98 5.57
CA ILE E 114 18.04 12.88 5.78
C ILE E 114 18.02 11.90 4.59
N MET E 115 19.05 11.95 3.76
CA MET E 115 19.22 10.99 2.67
C MET E 115 19.73 9.62 3.19
N ASN E 116 19.46 8.62 2.36
CA ASN E 116 20.07 7.34 2.43
C ASN E 116 21.38 7.37 1.64
N ILE E 117 22.51 7.30 2.39
CA ILE E 117 23.82 7.57 1.79
C ILE E 117 24.27 6.50 0.80
N VAL E 118 23.68 5.33 0.86
CA VAL E 118 23.96 4.29 -0.07
C VAL E 118 22.97 4.20 -1.24
N ASN E 119 21.97 5.08 -1.28
CA ASN E 119 20.99 5.00 -2.34
C ASN E 119 21.60 5.31 -3.75
N PRO E 120 21.20 4.52 -4.75
CA PRO E 120 21.91 4.71 -6.04
C PRO E 120 21.66 5.97 -6.78
N ALA E 121 20.46 6.49 -6.72
CA ALA E 121 20.21 7.81 -7.27
C ALA E 121 21.06 8.87 -6.56
N TYR E 122 21.07 8.81 -5.22
CA TYR E 122 21.93 9.75 -4.44
C TYR E 122 23.39 9.67 -4.91
N ARG E 123 23.92 8.48 -4.95
CA ARG E 123 25.34 8.29 -5.36
C ARG E 123 25.62 8.62 -6.80
N LEU E 124 24.71 8.29 -7.74
CA LEU E 124 24.79 8.65 -9.14
C LEU E 124 24.69 10.11 -9.45
N TYR E 125 23.65 10.76 -8.94
CA TYR E 125 23.54 12.16 -9.12
C TYR E 125 24.65 12.97 -8.32
N GLY E 126 24.97 12.48 -7.12
CA GLY E 126 26.02 13.04 -6.36
C GLY E 126 27.37 13.02 -7.11
N GLU E 127 27.75 11.85 -7.63
CA GLU E 127 28.97 11.74 -8.39
C GLU E 127 29.02 12.74 -9.51
N ARG E 128 27.88 12.93 -10.19
CA ARG E 128 27.79 13.87 -11.26
C ARG E 128 28.00 15.33 -10.86
N VAL E 129 27.32 15.79 -9.80
CA VAL E 129 27.52 17.15 -9.40
C VAL E 129 28.92 17.32 -8.84
N ILE E 130 29.45 16.29 -8.13
CA ILE E 130 30.82 16.38 -7.60
C ILE E 130 31.84 16.59 -8.79
N ARG E 131 31.76 15.68 -9.76
CA ARG E 131 32.63 15.77 -10.96
C ARG E 131 32.47 17.09 -11.69
N SER E 132 31.24 17.54 -11.91
CA SER E 132 31.05 18.83 -12.55
C SER E 132 31.59 19.98 -11.83
N LEU E 133 31.30 20.04 -10.54
CA LEU E 133 31.79 21.16 -9.74
C LEU E 133 33.34 21.16 -9.63
N ILE E 134 33.90 20.02 -9.25
CA ILE E 134 35.34 19.92 -9.00
C ILE E 134 36.09 20.19 -10.30
N SER E 135 35.61 19.59 -11.37
CA SER E 135 36.22 19.83 -12.66
C SER E 135 36.21 21.27 -13.03
N HIS E 136 35.09 21.91 -12.78
CA HIS E 136 34.91 23.34 -13.04
C HIS E 136 35.86 24.23 -12.26
N VAL E 137 36.21 23.88 -11.04
CA VAL E 137 36.95 24.84 -10.24
C VAL E 137 38.44 24.48 -10.03
N ALA E 138 38.84 23.23 -10.30
CA ALA E 138 40.09 22.69 -9.71
C ALA E 138 41.33 23.52 -10.18
N GLN E 139 41.25 24.01 -11.41
CA GLN E 139 42.39 24.81 -11.93
C GLN E 139 42.39 26.27 -11.54
N GLN E 140 41.38 26.77 -10.83
CA GLN E 140 41.36 28.15 -10.40
C GLN E 140 42.41 28.41 -9.32
N PRO E 141 43.33 29.38 -9.59
CA PRO E 141 44.41 29.56 -8.60
C PRO E 141 43.92 29.82 -7.17
N CYS E 142 42.80 30.54 -6.98
CA CYS E 142 42.37 30.83 -5.60
C CYS E 142 41.93 29.61 -4.83
N VAL E 143 41.59 28.52 -5.52
CA VAL E 143 41.16 27.32 -4.81
C VAL E 143 42.34 26.56 -4.23
N ILE E 144 42.36 26.48 -2.91
CA ILE E 144 43.42 25.81 -2.18
C ILE E 144 43.06 24.46 -1.66
N GLY E 145 41.77 24.16 -1.57
CA GLY E 145 41.36 22.87 -1.09
C GLY E 145 39.83 22.63 -1.13
N TYR E 146 39.44 21.49 -0.60
CA TYR E 146 38.09 20.98 -0.84
C TYR E 146 37.58 20.40 0.50
N GLN E 147 36.30 20.62 0.78
CA GLN E 147 35.64 19.94 1.86
C GLN E 147 34.75 18.84 1.29
N VAL E 148 34.94 17.62 1.74
CA VAL E 148 34.11 16.51 1.27
C VAL E 148 32.73 16.48 2.00
N ASP E 149 31.66 16.78 1.33
CA ASP E 149 30.32 16.73 1.92
C ASP E 149 30.32 17.70 3.15
N ASN E 150 29.64 17.37 4.25
CA ASN E 150 29.52 18.29 5.42
C ASN E 150 29.03 17.58 6.68
N GLU E 151 29.90 17.40 7.67
CA GLU E 151 29.50 16.78 8.92
C GLU E 151 28.71 15.48 8.64
N THR E 152 29.26 14.60 7.80
CA THR E 152 28.54 13.47 7.26
C THR E 152 28.30 12.40 8.29
N LYS E 153 27.08 11.82 8.24
CA LYS E 153 26.73 10.73 9.16
C LYS E 153 25.81 9.79 8.33
N TYR E 154 25.19 8.78 8.97
CA TYR E 154 24.37 7.83 8.28
C TYR E 154 22.87 8.09 8.49
N TYR E 155 22.58 9.06 9.34
CA TYR E 155 21.25 9.68 9.47
C TYR E 155 20.18 8.61 9.81
N ASP E 156 20.51 7.68 10.68
CA ASP E 156 19.61 6.65 11.15
C ASP E 156 18.90 5.82 10.04
N SER E 157 19.60 5.62 8.92
CA SER E 157 19.01 4.94 7.80
C SER E 157 18.80 3.46 8.13
N VAL E 158 17.58 2.98 7.98
CA VAL E 158 17.29 1.54 8.02
C VAL E 158 16.66 1.13 6.67
N SER E 159 16.95 1.90 5.63
CA SER E 159 16.46 1.54 4.29
C SER E 159 16.84 0.11 3.89
N HIS E 160 15.97 -0.51 3.12
CA HIS E 160 16.10 -1.87 2.67
C HIS E 160 17.50 -2.21 2.13
N ASP E 161 18.01 -1.37 1.27
CA ASP E 161 19.31 -1.64 0.67
C ASP E 161 20.41 -1.70 1.68
N MET E 162 20.41 -0.72 2.56
CA MET E 162 21.42 -0.73 3.63
C MET E 162 21.39 -2.04 4.44
N GLN E 163 20.20 -2.50 4.78
CA GLN E 163 20.02 -3.72 5.53
C GLN E 163 20.52 -4.94 4.73
N VAL E 164 20.14 -5.06 3.45
CA VAL E 164 20.57 -6.18 2.66
C VAL E 164 22.11 -6.21 2.58
N MET E 165 22.74 -5.06 2.32
CA MET E 165 24.24 -4.93 2.32
C MET E 165 24.82 -5.36 3.64
N PHE E 166 24.19 -4.97 4.75
CA PHE E 166 24.64 -5.45 6.05
C PHE E 166 24.60 -6.95 6.17
N ILE E 167 23.50 -7.54 5.73
CA ILE E 167 23.37 -8.99 5.80
C ILE E 167 24.42 -9.72 4.93
N LYS E 168 24.70 -9.17 3.75
CA LYS E 168 25.83 -9.73 2.96
C LYS E 168 27.21 -9.61 3.69
N GLN E 169 27.42 -8.48 4.34
CA GLN E 169 28.62 -8.31 5.17
C GLN E 169 28.68 -9.34 6.29
N LEU E 170 27.55 -9.61 6.94
CA LEU E 170 27.53 -10.62 7.97
C LEU E 170 27.87 -12.01 7.44
N ARG E 171 27.39 -12.30 6.23
CA ARG E 171 27.73 -13.57 5.66
C ARG E 171 29.24 -13.72 5.47
N HIS E 172 29.85 -12.66 4.96
CA HIS E 172 31.30 -12.65 4.76
C HIS E 172 31.99 -12.83 6.14
N GLU E 173 31.62 -12.00 7.10
CA GLU E 173 32.29 -11.99 8.41
C GLU E 173 32.22 -13.32 9.12
N PHE E 174 31.06 -13.98 9.10
CA PHE E 174 30.87 -15.27 9.75
C PHE E 174 31.07 -16.49 8.83
N LYS E 175 31.53 -16.27 7.60
CA LYS E 175 31.70 -17.36 6.59
C LYS E 175 30.44 -18.14 6.41
N ASN E 176 29.32 -17.43 6.28
CA ASN E 176 28.03 -18.05 6.20
C ASN E 176 27.56 -18.88 7.36
N ASP E 177 28.23 -18.87 8.48
CA ASP E 177 27.87 -19.77 9.55
C ASP E 177 26.92 -19.09 10.51
N LEU E 178 25.62 -19.41 10.41
CA LEU E 178 24.66 -18.83 11.38
C LEU E 178 24.74 -19.38 12.76
N GLU E 179 25.20 -20.62 12.92
CA GLU E 179 25.42 -21.11 14.25
C GLU E 179 26.40 -20.21 15.00
N ALA E 180 27.52 -19.84 14.38
CA ALA E 180 28.46 -18.91 15.02
C ALA E 180 27.82 -17.54 15.26
N LEU E 181 27.05 -17.03 14.30
CA LEU E 181 26.45 -15.69 14.45
C LEU E 181 25.50 -15.75 15.62
N ASN E 182 24.67 -16.80 15.68
CA ASN E 182 23.67 -16.93 16.77
C ASN E 182 24.33 -17.01 18.14
N GLU E 183 25.45 -17.73 18.17
CA GLU E 183 26.16 -17.84 19.45
C GLU E 183 26.83 -16.53 19.81
N ALA E 184 27.52 -15.88 18.86
CA ALA E 184 28.28 -14.69 19.17
C ALA E 184 27.34 -13.59 19.77
N TYR E 185 26.13 -13.49 19.21
CA TYR E 185 25.14 -12.48 19.61
C TYR E 185 24.10 -13.03 20.56
N GLY E 186 24.19 -14.28 20.98
CA GLY E 186 23.28 -14.75 21.97
C GLY E 186 21.78 -14.73 21.55
N LEU E 187 21.54 -15.01 20.30
CA LEU E 187 20.22 -14.84 19.70
C LEU E 187 19.21 -15.91 20.12
N ASP E 188 19.62 -16.95 20.84
CA ASP E 188 18.64 -17.82 21.47
C ASP E 188 17.64 -17.08 22.35
N TYR E 189 18.13 -16.00 22.99
CA TYR E 189 17.30 -15.22 23.89
C TYR E 189 16.06 -14.64 23.20
N TRP E 190 14.91 -14.85 23.81
CA TRP E 190 13.61 -14.36 23.31
C TRP E 190 13.31 -14.91 21.88
N SER E 191 13.77 -16.12 21.64
CA SER E 191 13.45 -16.85 20.43
C SER E 191 13.89 -16.09 19.16
N ASN E 192 15.06 -15.48 19.18
CA ASN E 192 15.51 -14.52 18.14
C ASN E 192 16.54 -15.17 17.19
N ARG E 193 16.70 -16.50 17.20
CA ARG E 193 17.71 -17.11 16.35
C ARG E 193 17.41 -16.80 14.89
N ILE E 194 18.48 -16.56 14.12
CA ILE E 194 18.35 -16.48 12.71
C ILE E 194 18.97 -17.78 12.15
N ASN E 195 18.14 -18.75 11.77
CA ASN E 195 18.66 -20.11 11.48
C ASN E 195 18.77 -20.37 9.98
N ALA E 196 18.28 -19.46 9.15
CA ALA E 196 18.48 -19.51 7.68
C ALA E 196 18.56 -18.05 7.23
N TRP E 197 19.38 -17.76 6.23
CA TRP E 197 19.64 -16.37 5.85
C TRP E 197 18.38 -15.65 5.33
N GLU E 198 17.53 -16.36 4.63
CA GLU E 198 16.29 -15.79 4.22
C GLU E 198 15.27 -15.46 5.35
N ASP E 199 15.50 -15.89 6.57
CA ASP E 199 14.67 -15.56 7.68
C ASP E 199 15.08 -14.27 8.41
N PHE E 200 16.18 -13.66 7.95
CA PHE E 200 16.76 -12.49 8.61
C PHE E 200 15.72 -11.41 8.76
N PRO E 201 15.43 -10.95 9.99
CA PRO E 201 14.39 -9.95 10.08
C PRO E 201 14.90 -8.49 9.87
N ASP E 202 13.96 -7.56 9.69
CA ASP E 202 14.19 -6.13 9.81
C ASP E 202 14.95 -5.84 11.12
N LEU E 203 16.02 -5.05 11.05
CA LEU E 203 16.82 -4.66 12.20
C LEU E 203 16.10 -3.64 13.10
N THR E 204 15.13 -2.94 12.55
CA THR E 204 14.55 -1.81 13.24
C THR E 204 14.08 -2.13 14.64
N GLY E 205 13.36 -3.23 14.81
CA GLY E 205 12.82 -3.55 16.08
C GLY E 205 13.67 -4.49 16.88
N SER E 206 14.89 -4.82 16.46
CA SER E 206 15.70 -5.72 17.25
C SER E 206 15.86 -5.19 18.70
N ILE E 207 15.79 -6.10 19.67
CA ILE E 207 16.09 -5.84 21.02
C ILE E 207 17.43 -6.38 21.49
N ASN E 208 18.21 -6.90 20.52
CA ASN E 208 19.49 -7.58 20.84
C ASN E 208 20.64 -6.61 20.46
N GLU E 209 21.27 -6.04 21.45
CA GLU E 209 22.27 -4.99 21.24
C GLU E 209 23.53 -5.50 20.55
N SER E 210 23.83 -6.80 20.66
CA SER E 210 24.95 -7.31 19.94
C SER E 210 24.78 -7.10 18.39
N LEU E 211 23.58 -7.41 17.93
CA LEU E 211 23.22 -7.24 16.55
C LEU E 211 23.09 -5.76 16.19
N ARG E 212 22.42 -5.01 17.06
CA ARG E 212 22.20 -3.62 16.78
C ARG E 212 23.56 -2.87 16.73
N ALA E 213 24.42 -3.11 17.69
CA ALA E 213 25.72 -2.43 17.71
C ALA E 213 26.55 -2.74 16.44
N ARG E 214 26.48 -3.97 15.96
CA ARG E 214 27.17 -4.33 14.75
C ARG E 214 26.64 -3.58 13.52
N PHE E 215 25.31 -3.41 13.48
CA PHE E 215 24.65 -2.61 12.46
C PHE E 215 25.07 -1.13 12.52
N ASP E 216 25.20 -0.57 13.73
CA ASP E 216 25.66 0.77 13.89
C ASP E 216 27.11 0.85 13.39
N ARG E 217 27.94 -0.10 13.75
CA ARG E 217 29.33 -0.06 13.25
C ARG E 217 29.40 -0.14 11.75
N PHE E 218 28.63 -1.06 11.17
CA PHE E 218 28.40 -1.08 9.70
C PHE E 218 28.08 0.23 9.07
N ARG E 219 27.14 0.96 9.67
CA ARG E 219 26.78 2.21 9.14
C ARG E 219 27.82 3.29 9.36
N ARG E 220 28.46 3.32 10.52
CA ARG E 220 29.62 4.20 10.68
C ARG E 220 30.66 3.94 9.58
N ASP E 221 30.92 2.65 9.34
CA ASP E 221 31.88 2.28 8.28
C ASP E 221 31.43 2.78 6.94
N GLN E 222 30.09 2.76 6.66
CA GLN E 222 29.62 3.35 5.41
C GLN E 222 29.87 4.85 5.25
N VAL E 223 29.82 5.57 6.35
CA VAL E 223 30.15 6.97 6.33
C VAL E 223 31.63 7.17 5.92
N ALA E 224 32.49 6.45 6.56
CA ALA E 224 33.96 6.56 6.25
C ALA E 224 34.21 6.22 4.76
N GLU E 225 33.48 5.20 4.24
CA GLU E 225 33.67 4.76 2.87
C GLU E 225 33.13 5.81 1.92
N TYR E 226 32.05 6.45 2.31
CA TYR E 226 31.51 7.50 1.47
C TYR E 226 32.45 8.72 1.36
N LEU E 227 33.03 9.07 2.49
CA LEU E 227 34.01 10.14 2.47
C LEU E 227 35.24 9.79 1.61
N ALA E 228 35.72 8.54 1.72
CA ALA E 228 36.89 8.07 0.98
C ALA E 228 36.52 8.05 -0.50
N TRP E 229 35.29 7.66 -0.79
CA TRP E 229 34.80 7.62 -2.18
C TRP E 229 34.82 9.01 -2.78
N GLN E 230 34.30 10.01 -2.07
CA GLN E 230 34.34 11.38 -2.61
C GLN E 230 35.78 11.92 -2.74
N ALA E 231 36.61 11.68 -1.73
CA ALA E 231 38.02 12.12 -1.75
C ALA E 231 38.72 11.54 -2.99
N SER E 232 38.43 10.28 -3.27
CA SER E 232 39.01 9.63 -4.39
C SER E 232 38.67 10.33 -5.69
N ILE E 233 37.42 10.76 -5.82
CA ILE E 233 36.94 11.46 -6.96
C ILE E 233 37.67 12.80 -7.08
N ILE E 234 37.81 13.50 -5.96
CA ILE E 234 38.43 14.78 -6.01
C ILE E 234 39.89 14.60 -6.44
N ARG E 235 40.48 13.52 -5.96
CA ARG E 235 41.93 13.31 -6.25
C ARG E 235 42.17 13.14 -7.71
N GLU E 236 41.16 12.75 -8.50
CA GLU E 236 41.26 12.68 -9.93
C GLU E 236 41.45 14.03 -10.63
N TYR E 237 41.01 15.08 -10.00
CA TYR E 237 41.09 16.39 -10.61
C TYR E 237 42.04 17.37 -9.97
N MET E 238 42.33 17.20 -8.69
CA MET E 238 42.89 18.31 -7.93
C MET E 238 44.36 18.55 -8.38
N ARG E 239 44.93 19.64 -7.93
CA ARG E 239 46.33 20.00 -8.15
C ARG E 239 47.09 19.49 -6.98
N ASP E 240 48.40 19.31 -7.20
CA ASP E 240 49.33 18.83 -6.20
C ASP E 240 49.44 19.79 -5.08
N ASP E 241 49.15 21.07 -5.30
CA ASP E 241 49.22 22.03 -4.23
C ASP E 241 47.93 22.16 -3.38
N GLN E 242 46.89 21.37 -3.70
CA GLN E 242 45.57 21.53 -3.02
C GLN E 242 45.42 20.49 -1.97
N PHE E 243 44.45 20.60 -1.04
CA PHE E 243 44.28 19.63 0.04
C PHE E 243 42.80 19.20 0.11
N ILE E 244 42.60 18.00 0.66
CA ILE E 244 41.25 17.50 0.93
C ILE E 244 41.07 17.40 2.46
N THR E 245 39.95 17.95 2.91
CA THR E 245 39.62 17.96 4.34
C THR E 245 38.09 17.62 4.43
N HIS E 246 37.58 17.65 5.65
CA HIS E 246 36.19 17.39 5.97
C HIS E 246 35.96 18.00 7.34
N ASN E 247 34.76 18.55 7.55
CA ASN E 247 34.38 19.12 8.85
C ASN E 247 33.71 18.13 9.81
N PHE E 248 34.48 17.40 10.59
CA PHE E 248 33.91 16.52 11.61
C PHE E 248 33.19 17.33 12.66
N ASP E 249 32.25 16.68 13.34
CA ASP E 249 31.53 17.28 14.41
C ASP E 249 31.29 16.28 15.54
N TYR E 250 30.88 16.82 16.70
CA TYR E 250 30.90 16.12 17.97
C TYR E 250 29.47 15.87 18.42
N GLU E 251 29.28 15.00 19.40
CA GLU E 251 27.94 14.79 19.97
C GLU E 251 27.33 16.13 20.35
N TRP E 252 26.08 16.37 19.95
CA TRP E 252 25.50 17.69 20.09
C TRP E 252 24.56 17.75 21.28
N ARG E 253 24.95 18.45 22.25
CA ARG E 253 24.04 18.64 23.31
C ARG E 253 23.80 20.13 23.48
N GLY E 254 23.20 20.84 22.53
CA GLY E 254 23.12 22.28 22.48
C GLY E 254 24.36 22.95 21.99
N HIS E 255 25.47 22.20 21.97
CA HIS E 255 26.73 22.61 21.43
C HIS E 255 27.60 21.35 21.40
N SER E 256 28.90 21.50 21.11
CA SER E 256 29.83 20.37 20.95
C SER E 256 30.18 19.76 22.29
N TYR E 257 29.83 18.49 22.53
CA TYR E 257 29.92 17.93 23.87
C TYR E 257 30.90 16.78 24.01
N GLY E 258 30.89 15.84 23.05
CA GLY E 258 31.66 14.63 23.22
C GLY E 258 31.89 13.89 21.95
N LEU E 259 32.34 12.66 22.13
CA LEU E 259 32.64 11.78 21.02
C LEU E 259 31.42 11.63 20.06
N GLN E 260 31.66 11.74 18.75
CA GLN E 260 30.58 11.71 17.80
C GLN E 260 29.99 10.28 17.72
N PRO E 261 28.71 10.11 18.02
CA PRO E 261 28.10 8.78 18.03
C PRO E 261 28.02 8.11 16.62
N ALA E 262 27.93 8.87 15.57
CA ALA E 262 27.56 8.34 14.23
C ALA E 262 28.75 8.16 13.28
N VAL E 263 29.98 8.51 13.73
CA VAL E 263 31.15 8.49 12.92
C VAL E 263 32.36 8.18 13.84
N ASP E 264 33.25 7.31 13.39
CA ASP E 264 34.51 7.04 14.08
C ASP E 264 35.52 7.99 13.37
N HIS E 265 35.78 9.12 13.98
CA HIS E 265 36.71 10.12 13.48
C HIS E 265 38.15 9.60 13.17
N PHE E 266 38.66 8.67 13.98
CA PHE E 266 40.01 8.12 13.80
C PHE E 266 40.07 7.35 12.50
N ARG E 267 39.02 6.62 12.17
CA ARG E 267 39.03 5.82 10.96
C ARG E 267 38.68 6.63 9.76
N ALA E 268 37.66 7.48 9.91
CA ALA E 268 37.20 8.26 8.77
C ALA E 268 38.22 9.30 8.30
N ALA E 269 39.01 9.80 9.22
CA ALA E 269 40.05 10.82 8.87
C ALA E 269 41.09 10.32 7.84
N ARG E 270 41.19 9.01 7.71
CA ARG E 270 42.26 8.43 6.95
C ARG E 270 42.19 8.76 5.53
N ALA E 271 41.02 9.13 5.02
CA ALA E 271 40.98 9.55 3.65
C ALA E 271 41.40 11.00 3.33
N LEU E 272 41.58 11.83 4.34
CA LEU E 272 41.82 13.28 4.16
C LEU E 272 43.34 13.67 4.18
N ASP E 273 43.65 14.82 3.61
CA ASP E 273 45.02 15.41 3.75
C ASP E 273 45.18 16.06 5.08
N ILE E 274 44.11 16.63 5.62
CA ILE E 274 44.18 17.28 6.93
C ILE E 274 42.78 17.24 7.55
N CYS E 275 42.70 16.98 8.85
CA CYS E 275 41.41 16.92 9.53
C CYS E 275 40.87 18.27 9.73
N GLY E 276 39.55 18.37 9.55
CA GLY E 276 38.81 19.58 9.84
C GLY E 276 37.80 19.32 10.89
N VAL E 277 37.33 20.39 11.52
CA VAL E 277 36.49 20.23 12.72
C VAL E 277 35.59 21.43 12.92
N ASP E 278 34.39 21.16 13.48
CA ASP E 278 33.44 22.20 13.85
C ASP E 278 33.21 22.20 15.33
N ILE E 279 33.41 23.34 15.96
CA ILE E 279 33.39 23.43 17.43
C ILE E 279 32.52 24.60 17.81
N TYR E 280 31.51 24.31 18.60
CA TYR E 280 30.63 25.31 19.16
C TYR E 280 30.41 25.07 20.66
N HIS E 281 30.25 26.16 21.44
CA HIS E 281 30.37 26.05 22.85
C HIS E 281 29.66 27.14 23.62
N PRO E 282 29.44 26.95 24.94
CA PRO E 282 28.82 28.01 25.73
C PRO E 282 29.83 29.18 25.84
N SER E 283 29.32 30.38 25.84
CA SER E 283 30.17 31.57 25.94
C SER E 283 29.62 32.52 27.00
N GLU E 284 29.91 33.82 26.96
CA GLU E 284 29.41 34.71 28.01
C GLU E 284 29.87 34.18 29.39
N ASP E 285 29.00 34.21 30.42
CA ASP E 285 29.45 33.73 31.74
C ASP E 285 29.85 32.27 31.73
N ALA E 286 29.39 31.50 30.76
CA ALA E 286 29.71 30.07 30.74
C ALA E 286 30.90 29.67 29.88
N LEU E 287 31.71 30.64 29.44
CA LEU E 287 32.91 30.34 28.67
C LEU E 287 33.95 29.71 29.60
N THR E 288 34.29 28.44 29.36
CA THR E 288 35.29 27.73 30.18
C THR E 288 36.50 27.38 29.35
N GLY E 289 36.34 27.31 28.02
CA GLY E 289 37.37 26.78 27.12
C GLY E 289 37.48 25.29 26.98
N LYS E 290 36.69 24.54 27.78
CA LYS E 290 36.77 23.08 27.85
C LYS E 290 36.40 22.46 26.50
N GLU E 291 35.36 22.97 25.85
CA GLU E 291 34.93 22.43 24.54
C GLU E 291 35.92 22.76 23.44
N ILE E 292 36.49 23.97 23.48
CA ILE E 292 37.51 24.29 22.51
C ILE E 292 38.66 23.31 22.64
N ALA E 293 39.05 23.00 23.86
CA ALA E 293 40.17 22.14 24.04
C ALA E 293 39.81 20.69 23.72
N PHE E 294 38.64 20.26 24.16
CA PHE E 294 38.26 18.86 23.88
C PHE E 294 38.14 18.62 22.35
N GLY E 295 37.45 19.55 21.69
CA GLY E 295 37.37 19.51 20.23
C GLY E 295 38.72 19.59 19.50
N GLY E 296 39.66 20.44 19.98
CA GLY E 296 40.96 20.47 19.34
C GLY E 296 41.75 19.19 19.60
N ASP E 297 41.80 18.78 20.85
CA ASP E 297 42.50 17.60 21.25
C ASP E 297 42.06 16.35 20.45
N MET E 298 40.75 16.20 20.27
CA MET E 298 40.30 15.09 19.43
C MET E 298 40.66 15.21 18.00
N ALA E 299 40.52 16.41 17.40
CA ALA E 299 40.84 16.62 16.02
C ALA E 299 42.35 16.45 15.82
N ARG E 300 43.12 17.01 16.75
CA ARG E 300 44.58 16.88 16.65
C ARG E 300 44.99 15.44 16.71
N SER E 301 44.34 14.67 17.60
CA SER E 301 44.62 13.26 17.78
C SER E 301 44.15 12.41 16.58
N ALA E 302 42.96 12.65 16.08
CA ALA E 302 42.42 11.89 14.93
C ALA E 302 43.32 12.09 13.73
N GLY E 303 43.81 13.28 13.55
CA GLY E 303 44.68 13.52 12.42
C GLY E 303 46.18 13.43 12.67
N GLY E 304 46.60 12.99 13.84
CA GLY E 304 48.03 12.95 14.18
C GLY E 304 48.81 14.23 13.88
N GLY E 305 48.23 15.39 14.18
CA GLY E 305 48.94 16.67 13.92
C GLY E 305 47.98 17.81 13.78
N ASN E 306 48.45 18.89 13.22
CA ASN E 306 47.65 20.08 13.10
C ASN E 306 46.37 19.89 12.28
N TYR E 307 45.30 20.64 12.64
CA TYR E 307 43.94 20.44 12.08
C TYR E 307 43.43 21.82 11.78
N LEU E 308 42.31 21.86 11.08
CA LEU E 308 41.69 23.11 10.73
C LEU E 308 40.37 23.22 11.47
N VAL E 309 40.10 24.34 12.12
CA VAL E 309 38.79 24.60 12.64
C VAL E 309 38.00 25.17 11.49
N LEU E 310 37.24 24.28 10.84
CA LEU E 310 36.53 24.74 9.67
C LEU E 310 35.27 25.52 10.01
N GLU E 311 34.75 25.36 11.22
CA GLU E 311 33.64 26.19 11.69
C GLU E 311 33.73 26.43 13.15
N THR E 312 33.51 27.68 13.49
CA THR E 312 33.18 28.01 14.83
C THR E 312 32.29 29.26 14.91
N GLN E 313 31.85 29.56 16.13
CA GLN E 313 30.90 30.64 16.34
C GLN E 313 31.51 32.06 16.29
N ALA E 314 30.76 32.90 15.64
CA ALA E 314 30.99 34.33 15.54
C ALA E 314 29.97 35.03 16.50
N GLN E 315 28.92 35.68 16.03
CA GLN E 315 27.83 36.13 16.98
C GLN E 315 27.07 34.94 17.58
N GLY E 316 26.94 33.90 16.75
CA GLY E 316 26.47 32.62 17.25
C GLY E 316 24.95 32.54 17.43
N GLN E 317 24.48 31.50 18.11
CA GLN E 317 23.04 31.35 18.40
C GLN E 317 22.65 32.34 19.47
N HIS E 318 21.34 32.49 19.71
CA HIS E 318 20.92 33.39 20.80
C HIS E 318 21.56 32.90 22.14
N GLY E 319 22.19 33.81 22.87
CA GLY E 319 22.86 33.40 24.11
C GLY E 319 24.35 33.22 23.99
N TRP E 320 24.83 33.11 22.75
CA TRP E 320 26.25 32.94 22.55
C TRP E 320 27.00 34.23 22.25
N LEU E 321 26.28 35.34 22.06
CA LEU E 321 26.93 36.61 21.62
C LEU E 321 28.11 36.91 22.61
N PRO E 322 29.36 36.93 22.11
CA PRO E 322 30.50 36.99 23.11
C PRO E 322 30.64 38.36 23.78
N TYR E 323 30.95 38.36 25.05
CA TYR E 323 31.33 39.61 25.79
C TYR E 323 32.54 40.19 25.13
N PRO E 324 32.69 41.54 25.20
CA PRO E 324 34.01 42.07 24.68
C PRO E 324 35.22 41.30 25.18
N GLY E 325 36.09 40.95 24.25
CA GLY E 325 37.29 40.16 24.53
C GLY E 325 37.16 38.62 24.34
N GLN E 326 35.92 38.12 24.38
CA GLN E 326 35.76 36.67 24.36
C GLN E 326 35.98 36.11 22.96
N LEU E 327 35.65 36.87 21.94
CA LEU E 327 35.86 36.34 20.62
C LEU E 327 37.37 36.11 20.38
N ARG E 328 38.16 37.11 20.77
CA ARG E 328 39.63 36.98 20.72
C ARG E 328 40.15 35.87 21.59
N LEU E 329 39.72 35.81 22.84
CA LEU E 329 40.19 34.75 23.69
C LEU E 329 39.86 33.37 23.07
N GLN E 330 38.64 33.28 22.51
CA GLN E 330 38.20 32.00 21.85
C GLN E 330 39.08 31.62 20.70
N ALA E 331 39.44 32.59 19.90
CA ALA E 331 40.27 32.36 18.77
C ALA E 331 41.64 31.89 19.18
N TYR E 332 42.30 32.59 20.14
CA TYR E 332 43.58 32.12 20.56
C TYR E 332 43.44 30.76 21.13
N SER E 333 42.32 30.46 21.80
CA SER E 333 42.19 29.11 22.46
C SER E 333 42.31 27.98 21.44
N HIS E 334 41.78 28.23 20.25
CA HIS E 334 41.90 27.23 19.18
C HIS E 334 43.35 26.97 18.74
N LEU E 335 44.08 28.07 18.54
CA LEU E 335 45.54 27.96 18.21
C LEU E 335 46.33 27.25 19.32
N ALA E 336 45.94 27.49 20.56
CA ALA E 336 46.57 26.85 21.71
C ALA E 336 46.36 25.33 21.76
N SER E 337 45.34 24.83 21.03
CA SER E 337 45.16 23.37 20.93
C SER E 337 45.83 22.74 19.73
N GLY E 338 46.42 23.59 18.91
CA GLY E 338 47.13 23.14 17.74
C GLY E 338 46.44 23.39 16.41
N ALA E 339 45.38 24.20 16.40
CA ALA E 339 44.74 24.53 15.15
C ALA E 339 45.66 25.31 14.22
N ASP E 340 45.57 25.03 12.93
CA ASP E 340 46.25 25.78 11.88
C ASP E 340 45.37 26.62 11.00
N GLY E 341 44.10 26.71 11.40
CA GLY E 341 43.19 27.55 10.73
C GLY E 341 41.97 27.72 11.59
N ILE E 342 41.36 28.85 11.46
CA ILE E 342 40.09 29.17 12.15
C ILE E 342 39.20 29.87 11.16
N MET E 343 38.03 29.21 10.90
CA MET E 343 36.99 29.77 10.15
C MET E 343 35.63 29.85 10.90
N TYR E 344 34.97 30.98 10.72
CA TYR E 344 33.69 31.25 11.34
C TYR E 344 32.56 30.68 10.42
N TRP E 345 31.62 29.98 11.03
CA TRP E 345 30.34 29.79 10.36
C TRP E 345 29.34 30.85 10.84
N HIS E 346 29.00 31.88 10.07
CA HIS E 346 29.54 32.17 8.76
C HIS E 346 29.72 33.67 8.62
N TRP E 347 29.87 34.14 7.40
CA TRP E 347 30.15 35.57 7.24
C TRP E 347 29.00 36.46 7.68
N HIS E 348 27.79 36.08 7.26
CA HIS E 348 26.63 36.91 7.57
C HIS E 348 25.53 36.26 8.42
N SER E 349 24.33 36.85 8.38
CA SER E 349 23.16 36.30 9.09
C SER E 349 22.03 36.12 8.06
N ILE E 350 21.54 34.87 7.92
CA ILE E 350 20.70 34.48 6.79
C ILE E 350 19.31 35.07 7.12
N HIS E 351 18.61 35.48 6.09
CA HIS E 351 17.34 36.21 6.28
C HIS E 351 16.05 35.34 6.29
N ASN E 352 16.18 34.13 5.79
CA ASN E 352 15.10 33.13 5.77
C ASN E 352 15.59 31.82 6.33
N SER E 353 14.63 31.05 6.79
CA SER E 353 14.78 29.64 7.08
C SER E 353 15.47 29.28 8.39
N PHE E 354 15.85 28.02 8.49
CA PHE E 354 16.08 27.34 9.78
C PHE E 354 17.15 27.99 10.65
N GLU E 355 18.16 28.51 9.98
CA GLU E 355 19.29 29.11 10.72
C GLU E 355 19.41 30.65 10.57
N THR E 356 18.24 31.28 10.41
CA THR E 356 18.12 32.71 10.48
C THR E 356 18.89 33.26 11.67
N TYR E 357 18.89 32.53 12.76
CA TYR E 357 19.46 33.03 14.03
C TYR E 357 20.62 32.33 14.53
N TRP E 358 21.27 31.58 13.64
CA TRP E 358 22.70 31.12 13.94
C TRP E 358 23.57 32.18 13.20
N ARG E 359 23.94 33.21 13.93
CA ARG E 359 24.41 34.43 13.27
C ARG E 359 25.92 34.44 13.13
N GLY E 360 26.33 35.08 12.03
CA GLY E 360 27.75 35.08 11.60
C GLY E 360 28.48 36.35 12.09
N LEU E 361 29.52 36.76 11.38
CA LEU E 361 30.30 37.97 11.81
C LEU E 361 29.41 39.15 11.66
N LEU E 362 28.73 39.26 10.51
CA LEU E 362 27.80 40.32 10.27
C LEU E 362 26.36 39.95 10.66
N SER E 363 25.64 40.94 11.16
CA SER E 363 24.21 40.82 11.46
C SER E 363 23.32 40.94 10.23
N HIS E 364 22.03 40.92 10.43
CA HIS E 364 21.16 40.98 9.29
C HIS E 364 21.24 42.23 8.47
N ASP E 365 21.83 43.29 9.03
CA ASP E 365 21.90 44.52 8.30
C ASP E 365 23.14 44.67 7.44
N PHE E 366 24.06 43.72 7.52
CA PHE E 366 25.33 43.74 6.81
C PHE E 366 26.27 44.90 7.23
N GLU E 367 26.01 45.51 8.37
CA GLU E 367 26.85 46.62 8.90
C GLU E 367 28.03 46.09 9.70
N SER E 368 28.97 46.99 10.04
CA SER E 368 29.90 46.68 11.08
C SER E 368 29.15 46.44 12.38
N ASN E 369 29.72 45.65 13.27
CA ASN E 369 29.29 45.55 14.61
C ASN E 369 30.51 45.18 15.47
N PRO E 370 30.34 45.17 16.76
CA PRO E 370 31.57 45.01 17.54
C PRO E 370 32.22 43.64 17.45
N THR E 371 31.42 42.62 17.10
CA THR E 371 31.95 41.28 17.09
C THR E 371 32.86 41.16 15.88
N TYR E 372 32.35 41.61 14.74
CA TYR E 372 33.12 41.62 13.53
C TYR E 372 34.41 42.46 13.83
N GLU E 373 34.27 43.58 14.54
CA GLU E 373 35.47 44.45 14.75
C GLU E 373 36.52 43.71 15.57
N GLU E 374 36.10 42.99 16.62
CA GLU E 374 36.98 42.17 17.43
C GLU E 374 37.59 41.08 16.60
N ALA E 375 36.81 40.46 15.71
CA ALA E 375 37.43 39.49 14.83
C ALA E 375 38.58 40.09 14.01
N GLY E 376 38.33 41.28 13.43
CA GLY E 376 39.30 42.00 12.56
C GLY E 376 40.59 42.34 13.31
N ARG E 377 40.49 42.70 14.59
CA ARG E 377 41.67 42.97 15.38
C ARG E 377 42.43 41.71 15.57
N PHE E 378 41.74 40.60 15.78
CA PHE E 378 42.46 39.36 15.94
C PHE E 378 43.12 38.89 14.62
N GLY E 379 42.40 39.00 13.54
CA GLY E 379 42.92 38.63 12.22
C GLY E 379 44.18 39.50 11.87
N ARG E 380 44.16 40.79 12.17
CA ARG E 380 45.35 41.64 11.97
C ARG E 380 46.49 41.30 12.89
N GLU E 381 46.22 40.91 14.13
CA GLU E 381 47.29 40.38 14.95
C GLU E 381 48.02 39.18 14.40
N ILE E 382 47.29 38.12 14.03
CA ILE E 382 47.94 36.88 13.63
C ILE E 382 48.47 37.01 12.27
N GLY E 383 47.86 37.88 11.50
CA GLY E 383 48.34 38.15 10.17
C GLY E 383 49.68 38.92 10.24
N ASP E 384 50.08 39.46 11.40
CA ASP E 384 51.46 39.97 11.52
C ASP E 384 52.45 38.81 11.66
N PRO E 385 53.37 38.63 10.68
CA PRO E 385 54.35 37.49 10.83
C PRO E 385 55.03 37.30 12.19
N ARG E 386 55.34 38.36 12.92
CA ARG E 386 55.90 38.20 14.25
C ARG E 386 55.03 37.25 15.11
N ILE E 387 53.70 37.34 14.91
CA ILE E 387 52.75 36.53 15.71
C ILE E 387 52.54 35.22 15.02
N GLY E 388 52.07 35.35 13.78
CA GLY E 388 51.65 34.23 12.99
C GLY E 388 52.74 33.17 12.93
N ASP E 389 54.00 33.61 12.68
CA ASP E 389 55.08 32.66 12.53
C ASP E 389 55.37 31.97 13.87
N THR E 390 55.08 32.61 14.97
CA THR E 390 55.36 32.04 16.24
C THR E 390 54.32 30.99 16.68
N LEU E 391 53.08 31.14 16.22
CA LEU E 391 51.94 30.28 16.67
C LEU E 391 51.49 29.15 15.72
N SER E 392 51.91 29.20 14.46
CA SER E 392 51.48 28.18 13.49
C SER E 392 52.18 26.87 13.70
N HIS E 393 51.52 25.78 13.32
CA HIS E 393 52.12 24.46 13.32
C HIS E 393 52.60 24.06 14.69
N LEU E 394 51.84 24.41 15.70
CA LEU E 394 52.23 24.15 17.05
C LEU E 394 52.32 22.67 17.20
N SER E 395 53.38 22.18 17.83
CA SER E 395 53.52 20.77 18.05
C SER E 395 53.40 20.55 19.54
N LYS E 396 52.58 19.61 19.96
CA LYS E 396 52.40 19.29 21.36
C LYS E 396 52.80 17.91 21.71
N ARG E 397 53.44 17.73 22.85
CA ARG E 397 53.91 16.43 23.24
C ARG E 397 53.32 16.24 24.58
N ASN E 398 52.29 15.38 24.65
CA ASN E 398 51.58 15.23 25.96
C ASN E 398 51.93 13.92 26.60
N ALA E 399 51.83 13.82 27.91
CA ALA E 399 52.26 12.59 28.61
C ALA E 399 51.08 11.70 29.08
N VAL E 400 49.87 12.22 28.88
CA VAL E 400 48.61 11.54 29.28
C VAL E 400 47.73 11.28 28.05
N ALA E 401 47.16 10.09 27.97
CA ALA E 401 46.23 9.79 26.92
C ALA E 401 44.95 9.27 27.49
N ILE E 402 43.86 9.66 26.81
CA ILE E 402 42.53 9.10 27.09
C ILE E 402 42.09 8.22 25.89
N LEU E 403 41.67 6.99 26.18
CA LEU E 403 41.22 6.05 25.18
C LEU E 403 39.74 6.35 24.87
N ALA E 404 39.49 6.62 23.59
CA ALA E 404 38.15 6.88 23.05
C ALA E 404 37.64 5.63 22.31
N SER E 405 36.34 5.28 22.43
CA SER E 405 35.80 4.05 21.83
C SER E 405 34.39 4.28 21.41
N ASN E 406 34.19 4.43 20.13
CA ASN E 406 32.83 4.49 19.58
C ASN E 406 31.99 3.23 19.89
N GLU E 407 32.65 2.07 19.89
CA GLU E 407 31.94 0.81 20.16
C GLU E 407 31.42 0.89 21.59
N SER E 408 32.18 1.48 22.53
CA SER E 408 31.70 1.55 23.90
C SER E 408 30.58 2.55 24.00
N LEU E 409 30.69 3.68 23.36
CA LEU E 409 29.67 4.68 23.33
C LEU E 409 28.36 4.06 22.83
N THR E 410 28.46 3.33 21.73
CA THR E 410 27.34 2.57 21.19
C THR E 410 26.72 1.55 22.17
N ALA E 411 27.53 0.70 22.74
CA ALA E 411 27.04 -0.27 23.69
C ALA E 411 26.35 0.37 24.92
N LEU E 412 26.91 1.47 25.48
CA LEU E 412 26.35 2.05 26.68
C LEU E 412 25.10 2.93 26.32
N SER E 413 24.90 3.30 25.05
CA SER E 413 23.71 4.01 24.68
C SER E 413 22.46 3.11 24.82
N TRP E 414 22.69 1.81 24.73
CA TRP E 414 21.65 0.81 25.00
C TRP E 414 21.72 0.28 26.44
N PHE E 415 22.88 -0.18 26.88
CA PHE E 415 23.04 -0.70 28.23
C PHE E 415 23.46 0.46 29.15
N HIS E 416 22.51 1.32 29.49
CA HIS E 416 22.85 2.54 30.31
C HIS E 416 23.58 2.11 31.55
N ILE E 417 24.66 2.87 31.87
CA ILE E 417 25.51 2.52 33.00
C ILE E 417 24.69 2.16 34.22
N GLU E 418 23.78 3.05 34.54
CA GLU E 418 23.02 2.96 35.82
C GLU E 418 21.91 1.94 35.88
N THR E 419 21.35 1.57 34.72
CA THR E 419 20.15 0.74 34.66
C THR E 419 20.33 -0.56 33.87
N GLY E 420 21.24 -0.61 32.89
CA GLY E 420 21.42 -1.77 32.05
C GLY E 420 20.37 -1.90 30.95
N PHE E 421 19.55 -0.86 30.79
CA PHE E 421 18.52 -0.88 29.82
C PHE E 421 18.58 0.42 29.06
N PRO E 422 17.93 0.46 27.90
CA PRO E 422 17.99 1.73 27.19
C PRO E 422 16.92 2.69 27.69
N MET E 423 16.56 2.63 28.95
CA MET E 423 15.73 3.61 29.55
C MET E 423 16.27 3.87 30.92
N GLY E 424 16.04 5.09 31.37
CA GLY E 424 16.43 5.49 32.70
C GLY E 424 17.88 5.90 32.86
N GLY E 425 18.17 6.47 34.02
CA GLY E 425 19.51 6.88 34.39
C GLY E 425 19.81 8.25 33.78
N THR E 426 20.95 8.82 34.10
CA THR E 426 21.40 10.05 33.45
C THR E 426 22.89 9.98 32.97
N LEU E 427 23.72 9.11 33.54
CA LEU E 427 25.13 9.07 33.23
C LEU E 427 25.44 8.38 31.89
N THR E 428 25.94 9.11 30.91
CA THR E 428 26.31 8.51 29.62
C THR E 428 27.82 8.28 29.53
N TYR E 429 28.20 7.58 28.46
CA TYR E 429 29.55 7.39 28.10
C TYR E 429 30.25 8.73 27.95
N ASN E 430 29.68 9.65 27.19
CA ASN E 430 30.40 10.86 27.00
C ASN E 430 30.48 11.76 28.27
N ASP E 431 29.56 11.54 29.22
CA ASP E 431 29.60 12.21 30.49
C ASP E 431 30.79 11.70 31.28
N VAL E 432 31.02 10.40 31.27
CA VAL E 432 32.16 9.86 32.02
C VAL E 432 33.45 10.36 31.41
N LEU E 433 33.50 10.32 30.07
CA LEU E 433 34.67 10.81 29.32
C LEU E 433 34.93 12.29 29.62
N ARG E 434 33.88 13.08 29.59
CA ARG E 434 33.99 14.49 29.90
C ARG E 434 34.29 14.78 31.40
N SER E 435 33.74 14.00 32.33
CA SER E 435 34.07 14.11 33.75
C SER E 435 35.61 14.08 33.97
N ILE E 436 36.26 13.14 33.30
CA ILE E 436 37.69 12.96 33.38
C ILE E 436 38.42 14.02 32.61
N TYR E 437 37.95 14.30 31.38
CA TYR E 437 38.60 15.30 30.54
C TYR E 437 38.63 16.66 31.24
N ASP E 438 37.49 17.01 31.78
CA ASP E 438 37.32 18.31 32.35
C ASP E 438 38.13 18.45 33.67
N ALA E 439 38.18 17.37 34.45
CA ALA E 439 39.04 17.35 35.68
C ALA E 439 40.49 17.62 35.29
N LEU E 440 40.94 16.95 34.24
CA LEU E 440 42.27 17.21 33.75
C LEU E 440 42.54 18.64 33.28
N PHE E 441 41.62 19.16 32.54
CA PHE E 441 41.71 20.51 32.09
C PHE E 441 41.72 21.48 33.30
N GLU E 442 40.89 21.21 34.31
CA GLU E 442 40.89 21.99 35.54
C GLU E 442 42.27 21.92 36.30
N LEU E 443 42.97 20.83 36.12
CA LEU E 443 44.29 20.59 36.71
C LEU E 443 45.49 21.11 35.89
N ASN E 444 45.20 21.78 34.78
CA ASN E 444 46.16 22.16 33.77
C ASN E 444 46.98 21.00 33.25
N VAL E 445 46.35 19.85 33.02
CA VAL E 445 47.00 18.73 32.42
C VAL E 445 46.46 18.52 31.02
N GLU E 446 47.37 18.52 30.06
CA GLU E 446 47.02 18.35 28.65
C GLU E 446 47.04 16.88 28.25
N VAL E 447 46.09 16.51 27.37
CA VAL E 447 45.94 15.15 26.89
C VAL E 447 45.90 14.99 25.37
N ASP E 448 46.26 13.80 24.93
CA ASP E 448 45.92 13.34 23.61
C ASP E 448 44.76 12.32 23.81
N PHE E 449 44.05 12.09 22.71
CA PHE E 449 43.16 10.95 22.66
C PHE E 449 43.79 9.90 21.83
N LEU E 450 43.56 8.66 22.22
CA LEU E 450 43.97 7.52 21.38
C LEU E 450 42.71 6.70 21.11
N PRO E 451 42.60 6.05 19.92
CA PRO E 451 41.58 4.99 19.89
C PRO E 451 41.90 3.80 20.76
N ALA E 452 40.86 3.08 21.19
CA ALA E 452 40.97 2.00 22.17
C ALA E 452 41.89 0.91 21.65
N ASP E 453 41.88 0.74 20.35
CA ASP E 453 42.77 -0.22 19.75
C ASP E 453 44.14 0.35 19.31
N ALA E 454 44.62 1.41 19.94
CA ALA E 454 45.95 1.92 19.66
C ALA E 454 47.08 0.83 19.79
N SER E 455 48.10 0.94 18.98
CA SER E 455 49.23 -0.05 19.01
C SER E 455 50.08 0.06 20.29
N ALA E 456 50.87 -0.97 20.50
CA ALA E 456 51.79 -1.05 21.63
C ALA E 456 52.71 0.19 21.64
N ASP E 457 53.22 0.56 20.49
CA ASP E 457 54.10 1.72 20.37
C ASP E 457 53.43 3.03 20.68
N GLN E 458 52.19 3.21 20.23
CA GLN E 458 51.46 4.42 20.56
C GLN E 458 51.16 4.50 22.03
N LEU E 459 50.75 3.40 22.66
CA LEU E 459 50.50 3.42 24.10
C LEU E 459 51.79 3.77 24.88
N ALA E 460 52.90 3.23 24.43
CA ALA E 460 54.17 3.30 25.19
C ALA E 460 54.69 4.72 25.33
N GLY E 461 54.23 5.63 24.49
CA GLY E 461 54.63 6.99 24.64
C GLY E 461 54.03 7.69 25.82
N TYR E 462 53.06 7.09 26.53
CA TYR E 462 52.36 7.87 27.52
C TYR E 462 52.68 7.42 28.89
N SER E 463 52.79 8.35 29.83
CA SER E 463 53.05 7.96 31.18
C SER E 463 51.79 7.51 31.91
N LEU E 464 50.63 8.06 31.49
CA LEU E 464 49.36 7.73 32.08
C LEU E 464 48.33 7.55 30.93
N VAL E 465 47.71 6.37 30.89
CA VAL E 465 46.65 6.05 29.93
C VAL E 465 45.38 5.81 30.73
N ILE E 466 44.33 6.52 30.33
CA ILE E 466 43.06 6.47 31.02
C ILE E 466 41.97 5.82 30.12
N ALA E 467 41.24 4.87 30.72
CA ALA E 467 40.22 4.15 30.04
C ALA E 467 38.87 4.45 30.69
N PRO E 468 38.16 5.43 30.14
CA PRO E 468 36.88 5.79 30.70
C PRO E 468 35.75 4.95 30.09
N ALA E 469 35.10 4.19 30.95
CA ALA E 469 33.92 3.38 30.61
C ALA E 469 34.13 2.63 29.29
N LEU E 470 35.25 1.93 29.23
CA LEU E 470 35.74 1.28 28.04
C LEU E 470 35.10 -0.11 27.98
N TYR E 471 33.79 -0.04 27.82
CA TYR E 471 32.92 -1.18 28.06
C TYR E 471 33.17 -2.40 27.17
N THR E 472 33.44 -2.18 25.87
CA THR E 472 33.65 -3.24 24.92
C THR E 472 34.94 -3.07 24.20
N THR E 473 35.66 -4.20 24.14
CA THR E 473 36.89 -4.29 23.38
C THR E 473 37.04 -5.69 22.92
N ASP E 474 37.99 -5.90 22.01
CA ASP E 474 38.53 -7.25 21.77
C ASP E 474 39.63 -7.65 22.75
N GLN E 475 39.98 -8.90 22.66
CA GLN E 475 40.97 -9.51 23.50
C GLN E 475 42.34 -8.87 23.31
N GLN E 476 42.62 -8.54 22.06
CA GLN E 476 43.94 -8.03 21.69
C GLN E 476 44.21 -6.70 22.37
N THR E 477 43.14 -5.88 22.53
CA THR E 477 43.29 -4.60 23.15
C THR E 477 43.64 -4.78 24.65
N ILE E 478 42.90 -5.69 25.30
CA ILE E 478 43.19 -6.07 26.69
C ILE E 478 44.62 -6.57 26.84
N ASP E 479 45.05 -7.40 25.94
CA ASP E 479 46.46 -7.84 25.96
C ASP E 479 47.48 -6.70 25.82
N ARG E 480 47.20 -5.81 24.97
CA ARG E 480 48.12 -4.69 24.77
C ARG E 480 48.21 -3.83 26.01
N LEU E 481 47.02 -3.62 26.56
CA LEU E 481 46.98 -2.77 27.73
C LEU E 481 47.70 -3.40 28.94
N ALA E 482 47.57 -4.69 29.08
CA ALA E 482 48.30 -5.39 30.17
C ALA E 482 49.85 -5.30 29.98
N ARG E 483 50.32 -5.43 28.73
CA ARG E 483 51.73 -5.28 28.41
C ARG E 483 52.20 -3.84 28.55
N TYR E 484 51.36 -2.86 28.22
CA TYR E 484 51.62 -1.49 28.57
C TYR E 484 51.92 -1.32 30.07
N VAL E 485 51.09 -1.89 30.95
CA VAL E 485 51.34 -1.76 32.40
C VAL E 485 52.62 -2.49 32.80
N LYS E 486 52.76 -3.73 32.35
CA LYS E 486 53.96 -4.55 32.67
C LYS E 486 55.28 -3.89 32.32
N ASN E 487 55.29 -3.26 31.16
CA ASN E 487 56.45 -2.51 30.69
C ASN E 487 56.73 -1.18 31.37
N GLY E 488 55.86 -0.74 32.26
CA GLY E 488 56.15 0.44 33.10
C GLY E 488 55.09 1.50 33.03
N GLY E 489 53.99 1.23 32.33
CA GLY E 489 53.00 2.27 32.20
C GLY E 489 52.09 2.33 33.38
N HIS E 490 51.31 3.40 33.40
CA HIS E 490 50.32 3.58 34.41
C HIS E 490 48.94 3.62 33.74
N LEU E 491 48.12 2.63 34.04
CA LEU E 491 46.78 2.51 33.49
C LEU E 491 45.76 2.81 34.55
N LEU E 492 44.82 3.70 34.22
CA LEU E 492 43.72 4.01 35.10
C LEU E 492 42.42 3.75 34.30
N ALA E 493 41.59 2.85 34.81
CA ALA E 493 40.31 2.50 34.18
C ALA E 493 39.15 2.82 35.11
N THR E 494 38.01 3.23 34.53
CA THR E 494 36.87 3.45 35.39
C THR E 494 35.93 2.23 35.37
N MET E 495 34.94 2.29 36.22
CA MET E 495 33.89 1.27 36.23
C MET E 495 33.28 1.07 34.82
N ARG E 496 32.78 -0.11 34.59
CA ARG E 496 32.12 -0.44 33.32
C ARG E 496 33.12 -0.50 32.16
N SER E 497 34.36 -0.90 32.46
CA SER E 497 35.40 -1.07 31.49
C SER E 497 35.72 -2.59 31.35
N PHE E 498 35.99 -3.04 30.10
CA PHE E 498 36.44 -4.40 29.77
C PHE E 498 35.36 -5.44 30.06
N VAL E 499 34.10 -5.02 30.02
CA VAL E 499 32.98 -5.85 30.44
C VAL E 499 32.65 -6.87 29.38
N ALA E 500 32.74 -6.45 28.14
CA ALA E 500 32.21 -7.23 27.01
C ALA E 500 33.18 -7.30 25.85
N ASP E 501 33.07 -8.35 25.07
CA ASP E 501 33.94 -8.53 23.88
C ASP E 501 33.47 -7.64 22.75
N GLU E 502 34.03 -7.83 21.59
CA GLU E 502 33.80 -6.89 20.49
C GLU E 502 32.40 -7.10 19.85
N ASN E 503 31.72 -8.16 20.22
CA ASN E 503 30.32 -8.41 19.80
C ASN E 503 29.33 -7.94 20.88
N VAL E 504 29.83 -7.21 21.89
CA VAL E 504 29.04 -6.77 23.05
C VAL E 504 28.42 -8.00 23.75
N LYS E 505 29.17 -9.07 23.76
CA LYS E 505 28.88 -10.20 24.61
C LYS E 505 29.68 -10.08 25.90
N VAL E 506 28.99 -10.08 27.06
CA VAL E 506 29.73 -9.99 28.38
C VAL E 506 30.65 -11.20 28.52
N TRP E 507 31.90 -10.98 28.92
CA TRP E 507 32.84 -12.10 29.05
C TRP E 507 32.32 -12.98 30.18
N HIS E 508 32.60 -14.27 30.09
CA HIS E 508 32.01 -15.19 31.02
C HIS E 508 33.03 -15.82 32.00
N ASP E 509 34.18 -15.21 32.14
CA ASP E 509 35.16 -15.58 33.18
C ASP E 509 35.25 -14.40 34.20
N LYS E 510 36.25 -14.42 35.09
CA LYS E 510 36.29 -13.37 36.11
C LYS E 510 36.60 -11.98 35.55
N ALA E 511 35.88 -10.99 36.06
CA ALA E 511 36.06 -9.64 35.65
C ALA E 511 37.01 -8.97 36.63
N PRO E 512 37.81 -8.04 36.14
CA PRO E 512 37.86 -7.67 34.70
C PRO E 512 38.64 -8.69 33.86
N HIS E 513 38.02 -9.03 32.73
CA HIS E 513 38.44 -10.12 31.87
C HIS E 513 39.98 -10.09 31.52
N HIS E 514 40.67 -11.12 31.91
CA HIS E 514 42.10 -11.24 31.71
C HIS E 514 42.94 -10.12 32.31
N LEU E 515 42.40 -9.41 33.29
CA LEU E 515 43.10 -8.32 33.90
C LEU E 515 43.05 -8.39 35.43
N VAL E 516 42.56 -9.52 35.97
CA VAL E 516 42.39 -9.68 37.38
C VAL E 516 43.76 -9.62 38.04
N ASP E 517 44.77 -10.20 37.38
CA ASP E 517 46.16 -10.16 37.95
C ASP E 517 46.75 -8.79 37.74
N ILE E 518 46.29 -8.08 36.70
CA ILE E 518 46.81 -6.73 36.41
C ILE E 518 46.33 -5.69 37.42
N PHE E 519 45.03 -5.60 37.58
CA PHE E 519 44.46 -4.68 38.57
C PHE E 519 44.51 -5.22 40.00
N GLY E 520 44.83 -6.49 40.20
CA GLY E 520 44.91 -7.10 41.53
C GLY E 520 43.59 -7.10 42.23
N MET E 521 42.53 -7.32 41.44
CA MET E 521 41.20 -7.36 41.97
C MET E 521 40.24 -8.03 41.00
N THR E 522 39.10 -8.41 41.54
CA THR E 522 37.99 -8.95 40.77
C THR E 522 36.69 -8.47 41.42
N TYR E 523 35.65 -8.37 40.58
CA TYR E 523 34.30 -7.99 41.05
C TYR E 523 33.28 -8.84 40.24
N ASN E 524 32.17 -9.19 40.89
CA ASN E 524 31.01 -9.75 40.19
C ASN E 524 29.66 -9.28 40.72
N GLN E 525 29.69 -8.19 41.46
CA GLN E 525 28.48 -7.54 41.99
C GLN E 525 28.59 -6.04 41.86
N PHE E 526 27.43 -5.38 41.78
CA PHE E 526 27.36 -3.96 41.68
C PHE E 526 25.94 -3.55 41.98
N THR E 527 25.77 -2.27 42.26
CA THR E 527 24.44 -1.66 42.47
C THR E 527 24.46 -0.17 42.23
N ARG E 528 23.30 0.47 42.44
CA ARG E 528 23.07 1.92 42.37
C ARG E 528 23.14 2.40 43.84
N PRO E 529 24.14 3.20 44.15
CA PRO E 529 24.43 3.47 45.56
C PRO E 529 23.39 4.41 46.15
N MET E 530 22.92 4.09 47.34
CA MET E 530 22.00 5.04 48.08
C MET E 530 22.80 5.38 49.35
N GLY E 531 23.26 6.63 49.50
CA GLY E 531 23.97 7.03 50.75
C GLY E 531 25.29 6.31 50.98
N VAL E 532 26.09 6.22 49.92
CA VAL E 532 27.36 5.59 50.01
C VAL E 532 28.46 6.67 49.85
N SER E 533 29.42 6.62 50.77
CA SER E 533 30.60 7.50 50.82
C SER E 533 31.86 6.67 50.80
N LEU E 534 32.94 7.35 50.56
CA LEU E 534 34.21 6.72 50.55
C LEU E 534 35.05 6.92 51.90
N LYS E 535 35.72 5.85 52.36
CA LYS E 535 36.73 5.90 53.43
C LYS E 535 38.07 5.70 52.80
N CYS E 536 39.01 6.63 53.07
CA CYS E 536 40.31 6.70 52.42
C CYS E 536 41.49 6.85 53.39
N PRO E 537 42.30 5.82 53.51
CA PRO E 537 43.10 5.84 54.72
C PRO E 537 44.45 6.53 54.61
N ASP E 538 44.81 7.10 53.48
CA ASP E 538 46.23 7.48 53.39
C ASP E 538 46.53 8.45 52.29
N THR E 539 46.96 7.85 51.19
CA THR E 539 47.27 8.45 49.95
C THR E 539 46.14 9.34 49.48
N LEU E 540 44.88 8.97 49.75
CA LEU E 540 43.78 9.83 49.31
C LEU E 540 43.00 10.46 50.44
N ALA E 541 43.70 10.90 51.48
CA ALA E 541 42.96 11.43 52.61
C ALA E 541 42.05 12.61 52.28
N ASP E 542 42.41 13.45 51.34
CA ASP E 542 41.54 14.55 50.97
C ASP E 542 40.21 14.07 50.36
N LEU E 543 40.17 12.84 49.88
CA LEU E 543 38.98 12.27 49.29
C LEU E 543 38.05 11.70 50.37
N ALA E 544 38.54 11.51 51.59
CA ALA E 544 37.71 10.88 52.62
C ALA E 544 36.33 11.58 52.77
N GLY E 545 35.25 10.81 52.79
CA GLY E 545 33.89 11.33 52.87
C GLY E 545 33.28 11.67 51.50
N ALA E 546 34.04 11.62 50.41
CA ALA E 546 33.41 11.89 49.09
C ALA E 546 32.25 10.91 48.80
N SER E 547 31.29 11.36 48.01
CA SER E 547 30.18 10.49 47.65
C SER E 547 30.64 9.50 46.53
N ALA E 548 30.16 8.27 46.61
CA ALA E 548 30.10 7.35 45.46
C ALA E 548 28.75 7.59 44.76
N ASN E 549 28.77 7.72 43.44
CA ASN E 549 27.61 8.18 42.68
C ASN E 549 27.31 7.25 41.49
N ASP E 550 26.01 7.15 41.22
CA ASP E 550 25.50 6.48 40.00
C ASP E 550 25.58 4.96 39.95
N PHE E 551 26.72 4.38 40.26
CA PHE E 551 26.92 2.98 40.16
C PHE E 551 28.14 2.68 41.02
N ILE E 552 28.10 1.54 41.68
CA ILE E 552 29.26 1.04 42.42
C ILE E 552 29.53 -0.40 42.11
N GLU E 553 30.79 -0.70 41.83
CA GLU E 553 31.24 -2.04 41.65
C GLU E 553 31.94 -2.51 42.94
N MET E 554 31.65 -3.75 43.32
CA MET E 554 32.11 -4.34 44.57
C MET E 554 33.45 -5.01 44.38
N LEU E 555 34.50 -4.20 44.42
CA LEU E 555 35.84 -4.70 44.14
C LEU E 555 36.42 -5.52 45.34
N SER E 556 36.93 -6.71 45.03
CA SER E 556 37.59 -7.62 45.97
C SER E 556 39.11 -7.57 45.71
N PRO E 557 39.82 -6.86 46.56
CA PRO E 557 41.25 -6.65 46.25
C PRO E 557 42.06 -7.85 46.65
N ALA E 558 43.06 -8.19 45.86
CA ALA E 558 44.07 -9.13 46.28
C ALA E 558 44.94 -8.52 47.47
N PRO E 559 45.64 -9.38 48.22
CA PRO E 559 46.36 -8.88 49.45
C PRO E 559 47.50 -7.90 49.13
N GLU E 560 48.11 -7.99 47.99
CA GLU E 560 49.15 -7.02 47.70
C GLU E 560 48.64 -5.76 47.00
N THR E 561 47.31 -5.65 46.81
CA THR E 561 46.78 -4.49 46.15
C THR E 561 46.57 -3.34 47.12
N HIS E 562 46.93 -2.12 46.70
CA HIS E 562 46.71 -0.91 47.48
C HIS E 562 45.25 -0.43 47.38
N VAL E 563 44.52 -0.43 48.47
CA VAL E 563 43.17 0.11 48.43
C VAL E 563 43.15 1.62 48.78
N LEU E 564 42.82 2.46 47.79
CA LEU E 564 42.79 3.89 47.94
C LEU E 564 41.52 4.44 48.55
N ALA E 565 40.47 3.65 48.43
CA ALA E 565 39.18 4.02 48.99
C ALA E 565 38.36 2.78 49.11
N TRP E 566 37.69 2.69 50.27
CA TRP E 566 36.71 1.65 50.58
C TRP E 566 35.35 2.32 50.62
N TYR E 567 34.28 1.56 50.38
CA TYR E 567 32.92 2.04 50.59
C TYR E 567 32.61 2.16 52.07
N ASP E 568 31.93 3.24 52.46
CA ASP E 568 31.59 3.50 53.83
C ASP E 568 30.13 3.25 53.91
N HIS E 569 29.76 2.03 54.25
CA HIS E 569 28.34 1.57 54.22
C HIS E 569 28.30 0.17 54.82
N TYR E 570 27.45 -0.10 55.81
CA TYR E 570 27.48 -1.41 56.49
C TYR E 570 27.33 -2.63 55.57
N ALA E 571 26.60 -2.52 54.46
CA ALA E 571 26.43 -3.72 53.58
C ALA E 571 27.65 -3.93 52.66
N TRP E 572 28.36 -2.84 52.29
CA TRP E 572 29.37 -2.85 51.24
C TRP E 572 30.77 -2.56 51.74
N ASP E 573 30.98 -2.42 53.07
CA ASP E 573 32.32 -2.00 53.55
C ASP E 573 33.39 -3.09 53.47
N SER E 574 33.00 -4.29 53.08
CA SER E 574 33.99 -5.32 52.70
C SER E 574 34.65 -5.02 51.38
N TYR E 575 34.09 -4.12 50.58
CA TYR E 575 34.61 -3.92 49.24
C TYR E 575 35.35 -2.59 49.01
N ALA E 576 36.31 -2.66 48.09
CA ALA E 576 37.03 -1.50 47.70
C ALA E 576 36.27 -0.75 46.62
N ALA E 577 36.51 0.56 46.61
CA ALA E 577 36.02 1.46 45.59
C ALA E 577 37.08 1.92 44.63
N ILE E 578 38.32 2.11 45.10
CA ILE E 578 39.43 2.44 44.24
C ILE E 578 40.64 1.61 44.66
N THR E 579 41.28 0.99 43.68
CA THR E 579 42.38 0.08 43.89
C THR E 579 43.53 0.51 42.97
N ARG E 580 44.75 0.17 43.39
CA ARG E 580 45.94 0.27 42.50
C ARG E 580 46.91 -0.86 42.81
N HIS E 581 47.44 -1.49 41.77
CA HIS E 581 48.17 -2.73 41.93
C HIS E 581 49.37 -2.64 41.04
N ALA E 582 50.56 -2.94 41.58
CA ALA E 582 51.82 -3.05 40.77
C ALA E 582 51.78 -4.28 39.97
N PHE E 583 52.15 -4.18 38.70
CA PHE E 583 52.25 -5.35 37.84
C PHE E 583 53.43 -5.08 36.90
N GLY E 584 54.40 -5.99 36.91
CA GLY E 584 55.67 -5.77 36.17
C GLY E 584 56.29 -4.51 36.74
N SER E 585 56.71 -3.60 35.87
CA SER E 585 57.25 -2.34 36.32
C SER E 585 56.28 -1.22 36.37
N GLY E 586 55.03 -1.43 35.93
CA GLY E 586 54.04 -0.39 36.02
C GLY E 586 52.98 -0.63 37.08
N ASP E 587 51.88 0.15 37.01
CA ASP E 587 50.73 -0.15 37.84
C ASP E 587 49.36 0.11 37.16
N ALA E 588 48.32 -0.35 37.84
CA ALA E 588 46.95 -0.32 37.26
C ALA E 588 45.95 -0.01 38.32
N GLN E 589 45.19 1.03 38.05
CA GLN E 589 44.27 1.60 39.01
C GLN E 589 42.82 1.53 38.49
N TRP E 590 41.90 1.17 39.37
CA TRP E 590 40.50 1.06 39.04
C TRP E 590 39.67 1.92 39.97
N VAL E 591 38.84 2.73 39.34
CA VAL E 591 37.86 3.57 40.04
C VAL E 591 36.45 3.01 39.83
N GLY E 592 35.90 2.37 40.85
CA GLY E 592 34.72 1.58 40.72
C GLY E 592 33.37 2.25 40.86
N THR E 593 33.35 3.58 40.67
CA THR E 593 32.16 4.39 40.88
C THR E 593 32.34 5.67 40.10
N GLN E 594 31.36 6.54 40.16
CA GLN E 594 31.54 7.84 39.54
C GLN E 594 31.69 8.88 40.63
N LEU E 595 32.48 9.89 40.35
CA LEU E 595 32.89 10.85 41.37
C LEU E 595 32.39 12.20 40.96
N GLN E 596 32.19 13.08 41.94
CA GLN E 596 31.90 14.50 41.66
C GLN E 596 33.14 15.18 41.20
N ALA E 597 33.00 16.33 40.58
CA ALA E 597 34.15 17.00 39.96
C ALA E 597 35.37 17.16 40.93
N ASP E 598 35.12 17.58 42.16
CA ASP E 598 36.28 17.91 43.08
C ASP E 598 37.02 16.62 43.41
N ALA E 599 36.25 15.57 43.63
CA ALA E 599 36.80 14.28 43.91
C ALA E 599 37.57 13.72 42.75
N TRP E 600 37.02 13.87 41.53
CA TRP E 600 37.85 13.50 40.36
C TRP E 600 39.19 14.27 40.32
N ARG E 601 39.14 15.56 40.59
CA ARG E 601 40.41 16.35 40.60
C ARG E 601 41.44 15.72 41.60
N THR E 602 40.95 15.33 42.78
CA THR E 602 41.77 14.78 43.82
C THR E 602 42.31 13.47 43.40
N VAL E 603 41.45 12.59 42.84
CA VAL E 603 41.91 11.31 42.39
C VAL E 603 42.92 11.39 41.29
N LEU E 604 42.62 12.22 40.29
CA LEU E 604 43.55 12.36 39.17
C LEU E 604 44.87 13.05 39.56
N ALA E 605 44.84 14.01 40.47
CA ALA E 605 46.12 14.69 40.88
C ALA E 605 47.05 13.65 41.45
N GLU E 606 46.50 12.76 42.25
CA GLU E 606 47.33 11.74 42.90
C GLU E 606 47.83 10.70 41.96
N ALA E 607 46.98 10.34 40.99
CA ALA E 607 47.41 9.42 39.98
C ALA E 607 48.51 10.03 39.13
N LEU E 608 48.39 11.31 38.88
CA LEU E 608 49.39 11.97 38.03
C LEU E 608 50.77 12.04 38.71
N SER E 609 50.77 12.32 40.02
CA SER E 609 51.97 12.35 40.87
C SER E 609 52.56 10.97 40.87
N ASN E 610 51.74 9.96 41.16
CA ASN E 610 52.23 8.58 41.05
C ASN E 610 52.87 8.18 39.71
N ALA E 611 52.33 8.71 38.63
CA ALA E 611 52.85 8.47 37.26
C ALA E 611 53.96 9.41 36.85
N GLY E 612 54.31 10.36 37.73
CA GLY E 612 55.51 11.20 37.53
C GLY E 612 55.23 12.32 36.57
N VAL E 613 53.97 12.73 36.46
CA VAL E 613 53.59 13.80 35.59
C VAL E 613 53.46 15.06 36.36
N HIS E 614 54.30 16.01 36.02
CA HIS E 614 54.27 17.27 36.69
C HIS E 614 54.85 18.37 35.81
N THR E 615 54.24 19.54 35.81
CA THR E 615 54.69 20.64 34.97
C THR E 615 54.46 21.93 35.70
N PRO E 616 55.04 23.01 35.21
CA PRO E 616 54.76 24.24 35.97
C PRO E 616 53.31 24.69 35.90
N GLY E 617 52.68 24.53 34.72
CA GLY E 617 51.27 24.90 34.57
C GLY E 617 50.41 24.26 35.60
N MET E 618 50.76 23.05 36.00
CA MET E 618 49.96 22.38 37.00
C MET E 618 49.85 23.14 38.34
N GLU E 619 50.88 23.93 38.65
CA GLU E 619 50.89 24.69 39.91
C GLU E 619 49.85 25.79 39.85
N LEU E 620 49.45 26.20 38.64
CA LEU E 620 48.47 27.28 38.45
C LEU E 620 47.03 26.82 38.30
N ALA E 621 46.76 25.56 38.58
CA ALA E 621 45.44 24.94 38.42
C ALA E 621 44.37 25.71 39.15
N GLY E 622 43.30 26.10 38.47
CA GLY E 622 42.24 26.83 39.13
C GLY E 622 42.47 28.33 39.09
N THR E 623 43.65 28.80 38.70
CA THR E 623 43.85 30.24 38.56
C THR E 623 43.82 30.73 37.17
N VAL E 624 44.52 30.01 36.31
CA VAL E 624 44.60 30.41 34.95
C VAL E 624 44.84 29.16 34.15
N CYS E 625 44.37 29.21 32.88
CA CYS E 625 44.50 28.03 31.99
C CYS E 625 45.81 28.21 31.26
N VAL E 626 46.65 27.21 31.36
CA VAL E 626 47.91 27.19 30.72
C VAL E 626 47.99 26.00 29.72
N ARG E 627 48.22 26.30 28.47
CA ARG E 627 48.38 25.25 27.47
C ARG E 627 49.57 25.59 26.54
N SER E 628 50.32 24.61 26.09
CA SER E 628 51.60 24.92 25.43
C SER E 628 51.96 23.96 24.32
N GLY E 629 52.97 24.33 23.55
CA GLY E 629 53.63 23.46 22.57
C GLY E 629 54.98 24.05 22.19
N THR E 630 55.52 23.57 21.10
CA THR E 630 56.74 24.12 20.58
C THR E 630 56.47 24.48 19.14
N ASN E 631 56.98 25.63 18.67
CA ASN E 631 56.69 26.15 17.32
C ASN E 631 57.72 25.69 16.34
N THR E 632 57.68 26.17 15.11
CA THR E 632 58.55 25.57 14.12
C THR E 632 60.06 26.09 14.23
N ALA E 633 60.29 27.21 14.87
CA ALA E 633 61.64 27.56 15.27
C ALA E 633 62.18 26.69 16.40
N GLY E 634 61.37 25.85 17.05
CA GLY E 634 61.81 25.10 18.22
C GLY E 634 61.65 25.80 19.56
N ASP E 635 61.01 26.98 19.56
CA ASP E 635 60.73 27.71 20.82
C ASP E 635 59.47 27.25 21.52
N THR E 636 59.50 27.19 22.86
CA THR E 636 58.35 26.85 23.65
C THR E 636 57.37 27.99 23.62
N VAL E 637 56.08 27.66 23.47
CA VAL E 637 54.98 28.68 23.39
C VAL E 637 53.99 28.34 24.46
N THR E 638 53.75 29.28 25.38
CA THR E 638 52.98 29.02 26.53
C THR E 638 51.81 30.00 26.57
N TYR E 639 50.59 29.49 26.33
CA TYR E 639 49.40 30.34 26.41
C TYR E 639 48.96 30.46 27.82
N LEU E 640 48.51 31.66 28.15
CA LEU E 640 47.96 32.01 29.44
C LEU E 640 46.57 32.51 29.13
N LEU E 641 45.54 31.83 29.62
CA LEU E 641 44.21 32.14 29.11
C LEU E 641 43.26 32.31 30.29
N ASN E 642 42.62 33.47 30.45
CA ASN E 642 41.84 33.71 31.68
C ASN E 642 40.31 33.57 31.44
N TYR E 643 39.78 32.39 31.75
CA TYR E 643 38.40 32.07 31.43
C TYR E 643 37.54 32.48 32.63
N SER E 644 37.53 33.79 32.93
CA SER E 644 36.70 34.30 34.06
C SER E 644 36.44 35.76 33.80
N GLY E 645 35.34 36.23 34.38
CA GLY E 645 34.96 37.58 34.20
C GLY E 645 35.64 38.61 35.13
N SER E 646 36.80 38.25 35.70
CA SER E 646 37.53 39.06 36.70
C SER E 646 38.97 39.09 36.38
N PRO E 647 39.66 40.21 36.71
CA PRO E 647 41.15 40.17 36.47
C PRO E 647 41.75 39.13 37.36
N ILE E 648 42.93 38.61 37.02
CA ILE E 648 43.59 37.63 37.87
C ILE E 648 45.10 37.85 37.93
N THR E 649 45.68 37.36 39.03
CA THR E 649 47.11 37.54 39.31
C THR E 649 47.74 36.27 39.70
N PHE E 650 48.90 36.00 39.13
CA PHE E 650 49.57 34.73 39.28
C PHE E 650 51.06 34.81 38.87
N ARG E 651 51.85 33.83 39.29
CA ARG E 651 53.25 33.75 38.90
C ARG E 651 53.40 33.16 37.53
N ALA E 652 54.26 33.78 36.72
CA ALA E 652 54.64 33.29 35.41
C ALA E 652 55.18 31.87 35.40
N PRO E 653 54.61 31.00 34.52
CA PRO E 653 55.04 29.62 34.60
C PRO E 653 56.11 29.28 33.60
N ALA E 654 56.54 30.23 32.78
CA ALA E 654 57.62 29.97 31.86
C ALA E 654 58.41 31.26 31.75
N SER E 655 59.65 31.18 31.22
CA SER E 655 60.50 32.35 31.02
C SER E 655 60.57 32.62 29.55
N GLY E 656 60.65 33.89 29.19
CA GLY E 656 60.93 34.27 27.82
C GLY E 656 60.40 35.64 27.56
N THR E 657 59.52 35.75 26.57
CA THR E 657 58.98 37.04 26.18
C THR E 657 57.43 36.98 26.05
N PHE E 658 56.71 37.98 26.54
CA PHE E 658 55.28 38.13 26.20
C PHE E 658 55.13 38.52 24.73
N LEU E 659 54.42 37.69 23.94
CA LEU E 659 54.30 37.96 22.53
C LEU E 659 53.28 39.00 22.18
N LEU E 660 52.19 39.04 22.94
CA LEU E 660 51.08 39.94 22.61
C LEU E 660 51.13 41.23 23.37
N GLY E 661 51.46 41.16 24.65
CA GLY E 661 51.20 42.24 25.54
C GLY E 661 49.79 42.24 26.00
N HIS E 662 49.53 42.92 27.11
CA HIS E 662 48.21 42.92 27.73
C HIS E 662 48.00 44.08 28.72
N PRO E 663 46.75 44.47 29.01
CA PRO E 663 46.38 45.50 30.01
C PRO E 663 46.67 45.17 31.47
N VAL E 671 51.37 46.11 30.05
CA VAL E 671 52.52 45.29 29.53
C VAL E 671 52.55 45.18 28.01
N THR E 672 53.64 45.57 27.41
CA THR E 672 53.68 45.70 25.97
C THR E 672 54.30 44.45 25.35
N ALA E 673 54.07 44.30 24.07
CA ALA E 673 54.57 43.16 23.37
C ALA E 673 56.10 43.18 23.36
N GLU E 674 56.72 42.02 23.53
CA GLU E 674 58.17 41.82 23.54
C GLU E 674 58.83 42.13 24.90
N THR E 675 58.01 42.27 25.92
CA THR E 675 58.48 42.42 27.26
C THR E 675 58.97 41.10 27.77
N PRO E 676 60.14 41.08 28.41
CA PRO E 676 60.69 39.85 28.95
C PRO E 676 60.02 39.40 30.20
N VAL E 677 60.15 38.14 30.55
CA VAL E 677 59.51 37.65 31.74
C VAL E 677 60.25 36.41 32.16
N THR E 678 60.29 36.18 33.47
CA THR E 678 60.94 35.05 34.05
C THR E 678 59.99 34.29 34.91
N VAL E 679 60.06 32.98 34.80
CA VAL E 679 59.27 32.10 35.62
C VAL E 679 59.22 32.66 37.06
N GLY E 680 58.04 32.75 37.70
CA GLY E 680 57.91 33.34 39.03
C GLY E 680 57.49 34.80 39.03
N ASP E 681 57.83 35.58 37.98
CA ASP E 681 57.39 37.01 37.98
C ASP E 681 55.85 37.10 38.12
N ALA E 682 55.41 38.15 38.78
CA ALA E 682 54.03 38.49 38.91
C ALA E 682 53.44 38.78 37.55
N VAL E 683 52.25 38.22 37.28
CA VAL E 683 51.52 38.49 36.04
C VAL E 683 50.09 38.74 36.37
N THR E 684 49.57 39.76 35.71
CA THR E 684 48.21 40.13 35.85
C THR E 684 47.54 40.11 34.48
N LEU E 685 46.37 39.43 34.40
CA LEU E 685 45.51 39.47 33.21
C LEU E 685 44.15 40.10 33.51
N PRO E 686 43.63 40.93 32.58
CA PRO E 686 42.26 41.39 32.71
C PRO E 686 41.27 40.23 32.52
N ARG E 687 40.01 40.51 32.78
CA ARG E 687 39.01 39.50 32.54
C ARG E 687 38.96 39.11 31.05
N TRP E 688 38.71 37.81 30.84
CA TRP E 688 38.75 37.19 29.51
C TRP E 688 40.05 37.48 28.78
N GLY E 689 41.09 37.75 29.55
CA GLY E 689 42.38 38.09 28.97
C GLY E 689 43.22 36.96 28.51
N VAL E 690 44.22 37.31 27.72
CA VAL E 690 45.17 36.34 27.20
C VAL E 690 46.59 36.95 27.04
N ASP E 691 47.65 36.20 27.31
CA ASP E 691 48.93 36.51 26.61
C ASP E 691 49.66 35.22 26.45
N ILE E 692 50.81 35.31 25.82
CA ILE E 692 51.57 34.10 25.44
C ILE E 692 53.04 34.34 25.70
N ILE E 693 53.66 33.47 26.49
CA ILE E 693 55.11 33.51 26.70
C ILE E 693 55.76 32.61 25.68
N VAL E 694 56.65 33.18 24.87
CA VAL E 694 57.47 32.45 23.92
C VAL E 694 58.88 32.30 24.53
N GLY E 695 59.48 31.15 24.43
CA GLY E 695 60.74 30.79 25.14
C GLY E 695 61.91 31.27 24.32
N ARG E 696 62.00 32.58 24.18
CA ARG E 696 63.11 33.29 23.53
C ARG E 696 63.27 34.70 24.15
N GLN E 697 64.45 35.28 23.89
CA GLN E 697 64.82 36.65 24.15
C GLN E 697 64.00 37.54 23.20
N PRO E 698 63.73 38.80 23.59
CA PRO E 698 63.08 39.73 22.67
C PRO E 698 63.84 40.19 21.42
N PRO F 8 6.74 -31.06 50.18
CA PRO F 8 7.85 -30.22 50.52
C PRO F 8 7.47 -28.73 50.15
N ILE F 9 8.45 -27.86 49.99
CA ILE F 9 8.23 -26.54 49.43
C ILE F 9 9.12 -26.56 48.20
N LEU F 10 8.58 -26.14 47.08
CA LEU F 10 9.40 -25.99 45.90
C LEU F 10 10.36 -24.87 46.04
N PHE F 11 11.59 -25.06 45.62
CA PHE F 11 12.61 -24.04 45.75
C PHE F 11 13.53 -24.20 44.56
N GLY F 12 13.63 -23.16 43.75
CA GLY F 12 14.43 -23.27 42.57
C GLY F 12 14.63 -22.07 41.69
N ALA F 13 14.76 -22.33 40.39
CA ALA F 13 15.16 -21.25 39.50
C ALA F 13 14.83 -21.64 38.08
N ALA F 14 14.57 -20.62 37.24
CA ALA F 14 14.53 -20.80 35.81
C ALA F 14 15.99 -21.12 35.36
N TYR F 15 16.14 -22.07 34.44
CA TYR F 15 17.44 -22.46 33.90
C TYR F 15 17.32 -22.43 32.36
N TYR F 16 18.26 -21.74 31.74
CA TYR F 16 18.40 -21.59 30.31
C TYR F 16 19.71 -22.19 29.77
N ASP F 17 19.72 -23.51 29.64
CA ASP F 17 20.84 -24.19 28.98
C ASP F 17 21.05 -23.63 27.56
N GLU F 18 19.96 -23.15 26.99
CA GLU F 18 19.99 -22.49 25.66
C GLU F 18 20.75 -21.21 25.60
N TYR F 19 20.90 -20.54 26.73
CA TYR F 19 21.62 -19.26 26.75
C TYR F 19 23.07 -19.39 27.23
N ILE F 20 23.46 -20.52 27.83
CA ILE F 20 24.80 -20.63 28.39
C ILE F 20 25.85 -20.68 27.27
N PRO F 21 26.95 -19.92 27.35
CA PRO F 21 27.95 -19.93 26.27
C PRO F 21 28.33 -21.35 25.83
N ARG F 22 28.25 -21.60 24.53
CA ARG F 22 28.44 -22.95 24.03
C ARG F 22 29.88 -23.51 24.16
N ASP F 23 30.86 -22.70 24.41
CA ASP F 23 32.20 -23.20 24.69
C ASP F 23 32.25 -23.85 26.09
N LEU F 24 31.22 -23.66 26.92
CA LEU F 24 31.25 -24.22 28.24
C LEU F 24 30.66 -25.58 28.23
N ASP F 25 31.00 -26.38 29.20
CA ASP F 25 30.22 -27.62 29.40
C ASP F 25 30.00 -27.73 30.89
N ARG F 26 29.06 -26.93 31.41
CA ARG F 26 28.92 -26.82 32.85
C ARG F 26 27.56 -27.21 33.44
N ILE F 27 26.73 -27.86 32.64
CA ILE F 27 25.38 -28.12 33.08
C ILE F 27 25.35 -28.99 34.36
N ASP F 28 26.26 -29.93 34.47
CA ASP F 28 26.27 -30.74 35.65
C ASP F 28 26.81 -30.02 36.87
N THR F 29 27.72 -29.07 36.68
CA THR F 29 28.16 -28.20 37.76
C THR F 29 27.03 -27.30 38.22
N ASP F 30 26.26 -26.78 37.27
CA ASP F 30 25.13 -25.98 37.70
C ASP F 30 24.18 -26.81 38.49
N MET F 31 23.90 -28.02 38.04
CA MET F 31 23.00 -28.85 38.85
C MET F 31 23.54 -29.15 40.27
N GLU F 32 24.81 -29.42 40.41
CA GLU F 32 25.44 -29.60 41.73
C GLU F 32 25.36 -28.35 42.58
N MET F 33 25.63 -27.19 42.02
CA MET F 33 25.48 -25.93 42.76
C MET F 33 24.02 -25.77 43.27
N MET F 34 23.09 -26.20 42.44
CA MET F 34 21.70 -26.10 42.77
C MET F 34 21.35 -27.02 43.91
N THR F 35 21.76 -28.29 43.81
CA THR F 35 21.40 -29.21 44.91
C THR F 35 22.07 -28.89 46.23
N ARG F 36 23.28 -28.39 46.17
CA ARG F 36 24.00 -27.93 47.35
C ARG F 36 23.17 -26.84 48.02
N ALA F 37 22.50 -26.02 47.20
CA ALA F 37 21.68 -24.90 47.67
C ALA F 37 20.26 -25.28 48.01
N GLY F 38 19.98 -26.58 48.00
CA GLY F 38 18.68 -27.12 48.38
C GLY F 38 17.62 -26.86 47.29
N ILE F 39 18.08 -26.59 46.07
CA ILE F 39 17.15 -26.36 44.97
C ILE F 39 16.61 -27.67 44.57
N ASN F 40 15.27 -27.77 44.42
CA ASN F 40 14.60 -29.02 44.05
C ASN F 40 13.81 -28.92 42.75
N VAL F 41 13.81 -27.74 42.08
CA VAL F 41 13.05 -27.58 40.83
C VAL F 41 13.67 -26.53 39.92
N ILE F 42 13.64 -26.80 38.60
CA ILE F 42 13.99 -25.81 37.60
C ILE F 42 12.82 -25.59 36.65
N ARG F 43 12.76 -24.41 36.01
CA ARG F 43 11.75 -24.13 35.04
C ARG F 43 12.46 -23.91 33.69
N ILE F 44 12.02 -24.66 32.67
CA ILE F 44 12.69 -24.60 31.36
C ILE F 44 11.72 -24.43 30.21
N GLY F 45 12.23 -23.86 29.14
CA GLY F 45 11.67 -24.03 27.80
C GLY F 45 10.90 -22.88 27.18
N GLU F 46 10.37 -21.98 28.01
CA GLU F 46 9.39 -21.04 27.54
C GLU F 46 9.94 -19.88 26.68
N SER F 47 11.22 -19.64 26.73
CA SER F 47 11.73 -18.49 26.01
C SER F 47 12.50 -18.80 24.69
N THR F 48 12.43 -20.06 24.23
CA THR F 48 13.34 -20.50 23.17
C THR F 48 12.68 -21.32 22.04
N TRP F 49 11.53 -20.81 21.55
CA TRP F 49 10.85 -21.45 20.49
C TRP F 49 11.84 -21.67 19.33
N SER F 50 12.61 -20.63 18.96
CA SER F 50 13.53 -20.72 17.82
C SER F 50 14.68 -21.68 18.02
N THR F 51 14.90 -22.14 19.24
CA THR F 51 15.93 -23.15 19.55
C THR F 51 15.37 -24.55 19.37
N CYS F 52 14.13 -24.77 19.86
CA CYS F 52 13.52 -26.10 19.76
C CYS F 52 12.72 -26.38 18.45
N GLU F 53 12.45 -25.34 17.68
CA GLU F 53 11.87 -25.51 16.33
C GLU F 53 12.63 -24.53 15.40
N PRO F 54 13.89 -24.86 15.02
CA PRO F 54 14.75 -23.88 14.38
C PRO F 54 14.32 -23.59 12.97
N GLN F 55 13.60 -24.53 12.37
CA GLN F 55 12.96 -24.28 11.10
C GLN F 55 11.58 -24.87 11.17
N PRO F 56 10.66 -24.47 10.28
CA PRO F 56 9.27 -24.86 10.40
C PRO F 56 9.10 -26.36 10.27
N GLY F 57 8.51 -26.96 11.27
CA GLY F 57 8.25 -28.35 11.26
C GLY F 57 9.44 -29.18 11.70
N HIS F 58 10.57 -28.59 11.99
CA HIS F 58 11.74 -29.37 12.37
C HIS F 58 12.05 -29.13 13.86
N PHE F 59 11.82 -30.11 14.69
CA PHE F 59 12.02 -29.97 16.12
C PHE F 59 13.32 -30.48 16.55
N ASP F 60 14.00 -29.74 17.42
CA ASP F 60 15.29 -30.13 17.95
C ASP F 60 15.22 -30.05 19.48
N TRP F 61 15.12 -31.19 20.17
CA TRP F 61 15.00 -31.20 21.60
C TRP F 61 16.30 -31.34 22.32
N THR F 62 17.42 -31.08 21.65
CA THR F 62 18.73 -31.16 22.30
C THR F 62 18.75 -30.46 23.69
N HIS F 63 18.32 -29.21 23.76
CA HIS F 63 18.51 -28.41 24.99
C HIS F 63 17.47 -28.78 26.04
N ILE F 64 16.24 -29.03 25.60
CA ILE F 64 15.25 -29.54 26.52
C ILE F 64 15.77 -30.85 27.13
N ASP F 65 16.21 -31.79 26.29
CA ASP F 65 16.67 -33.07 26.79
C ASP F 65 17.90 -32.96 27.65
N ARG F 66 18.86 -32.10 27.33
CA ARG F 66 20.00 -31.95 28.20
C ARG F 66 19.55 -31.54 29.58
N ALA F 67 18.57 -30.64 29.64
CA ALA F 67 18.15 -30.15 30.93
C ALA F 67 17.32 -31.17 31.66
N LEU F 68 16.48 -31.93 30.95
CA LEU F 68 15.76 -33.06 31.60
C LEU F 68 16.70 -34.17 32.18
N ASP F 69 17.68 -34.54 31.40
CA ASP F 69 18.70 -35.51 31.82
C ASP F 69 19.55 -35.02 32.98
N ALA F 70 20.04 -33.78 32.91
CA ALA F 70 20.85 -33.20 33.95
C ALA F 70 20.08 -33.11 35.29
N ALA F 71 18.83 -32.70 35.20
CA ALA F 71 17.99 -32.59 36.34
C ALA F 71 17.67 -33.96 36.91
N THR F 72 17.32 -34.91 36.04
CA THR F 72 17.04 -36.25 36.47
C THR F 72 18.22 -36.83 37.21
N ASN F 73 19.41 -36.59 36.67
CA ASN F 73 20.63 -37.13 37.26
C ASN F 73 20.96 -36.46 38.57
N ALA F 74 20.57 -35.21 38.77
CA ALA F 74 20.84 -34.52 40.03
C ALA F 74 19.68 -34.65 41.07
N GLY F 75 18.61 -35.32 40.72
CA GLY F 75 17.47 -35.43 41.61
C GLY F 75 16.58 -34.18 41.60
N ILE F 76 16.59 -33.37 40.55
CA ILE F 76 15.84 -32.05 40.51
C ILE F 76 14.61 -32.25 39.63
N ASN F 77 13.51 -31.71 40.06
CA ASN F 77 12.27 -31.75 39.29
C ASN F 77 12.23 -30.58 38.27
N VAL F 78 11.32 -30.66 37.32
CA VAL F 78 11.25 -29.71 36.21
C VAL F 78 9.82 -29.29 35.94
N ILE F 79 9.67 -28.00 35.79
CA ILE F 79 8.49 -27.40 35.24
C ILE F 79 8.81 -26.93 33.83
N VAL F 80 8.02 -27.40 32.88
CA VAL F 80 8.22 -27.07 31.45
C VAL F 80 7.27 -25.97 31.03
N GLY F 81 7.79 -24.88 30.43
CA GLY F 81 6.90 -23.81 29.96
C GLY F 81 6.68 -23.92 28.47
N THR F 82 5.44 -23.68 28.01
CA THR F 82 5.26 -23.64 26.57
C THR F 82 5.91 -22.33 25.99
N PRO F 83 6.49 -22.42 24.78
CA PRO F 83 7.40 -21.35 24.35
C PRO F 83 6.71 -20.34 23.51
N THR F 84 5.42 -20.19 23.67
CA THR F 84 4.64 -19.37 22.75
C THR F 84 4.72 -17.83 22.92
N TYR F 85 5.37 -17.29 23.95
CA TYR F 85 5.33 -15.84 24.18
C TYR F 85 6.29 -15.00 23.32
N ALA F 86 7.08 -15.72 22.58
CA ALA F 86 8.12 -15.15 21.70
C ALA F 86 8.24 -16.09 20.53
N VAL F 87 8.16 -15.48 19.34
CA VAL F 87 8.07 -16.26 18.08
C VAL F 87 9.31 -16.23 17.19
N PRO F 88 9.52 -17.30 16.41
CA PRO F 88 10.69 -17.32 15.55
C PRO F 88 10.62 -16.44 14.33
N THR F 89 11.79 -16.02 13.90
CA THR F 89 11.99 -15.28 12.66
C THR F 89 11.36 -15.97 11.44
N TRP F 90 11.39 -17.31 11.37
CA TRP F 90 10.83 -18.04 10.22
C TRP F 90 9.32 -17.96 10.20
N LEU F 91 8.74 -17.70 11.35
CA LEU F 91 7.28 -17.70 11.42
C LEU F 91 6.78 -16.38 10.90
N VAL F 92 7.38 -15.29 11.38
CA VAL F 92 7.00 -14.00 10.92
C VAL F 92 7.36 -13.76 9.48
N ALA F 93 8.44 -14.37 8.99
CA ALA F 93 8.84 -14.26 7.59
C ALA F 93 7.70 -14.70 6.65
N MET F 94 7.04 -15.78 6.98
CA MET F 94 5.87 -16.29 6.28
C MET F 94 4.64 -15.49 6.55
N TYR F 95 4.42 -15.18 7.83
CA TYR F 95 3.16 -14.58 8.33
C TYR F 95 3.37 -13.32 9.20
N PRO F 96 3.55 -12.16 8.59
CA PRO F 96 3.81 -10.89 9.33
C PRO F 96 2.68 -10.52 10.32
N ASP F 97 1.45 -10.97 10.01
CA ASP F 97 0.30 -10.66 10.89
C ASP F 97 0.33 -11.45 12.17
N VAL F 98 1.28 -12.36 12.34
CA VAL F 98 1.53 -12.91 13.63
C VAL F 98 1.79 -11.77 14.67
N LEU F 99 2.42 -10.69 14.21
CA LEU F 99 2.74 -9.52 15.08
C LEU F 99 1.54 -8.58 15.00
N ALA F 100 1.08 -8.07 16.14
CA ALA F 100 -0.14 -7.27 16.18
C ALA F 100 0.06 -5.89 15.70
N THR F 101 -0.95 -5.35 15.03
CA THR F 101 -1.07 -3.89 14.90
C THR F 101 -1.49 -3.30 16.29
N THR F 102 -0.86 -2.21 16.70
CA THR F 102 -1.19 -1.53 17.94
C THR F 102 -1.58 -0.10 17.62
N PRO F 103 -2.04 0.68 18.60
CA PRO F 103 -2.31 2.09 18.27
C PRO F 103 -1.02 2.86 17.84
N ALA F 104 0.15 2.34 18.15
CA ALA F 104 1.45 2.95 17.66
C ALA F 104 1.72 2.61 16.24
N GLY F 105 0.95 1.73 15.64
CA GLY F 105 1.01 1.42 14.19
C GLY F 105 1.60 -0.01 13.92
N GLU F 106 2.39 -0.12 12.88
CA GLU F 106 2.88 -1.41 12.36
C GLU F 106 3.97 -1.93 13.31
N PRO F 107 4.02 -3.24 13.59
CA PRO F 107 4.99 -3.79 14.50
C PRO F 107 6.33 -4.10 13.73
N HIS F 108 7.41 -4.30 14.46
CA HIS F 108 8.70 -4.70 13.92
C HIS F 108 9.18 -5.83 14.76
N TYR F 109 9.63 -6.95 14.10
CA TYR F 109 10.09 -8.10 14.79
C TYR F 109 11.26 -7.78 15.76
N GLY F 110 11.24 -8.46 16.90
CA GLY F 110 12.36 -8.52 17.84
C GLY F 110 11.93 -8.84 19.24
N ALA F 111 11.10 -7.95 19.80
CA ALA F 111 10.68 -8.08 21.19
C ALA F 111 9.74 -9.22 21.40
N ARG F 112 9.79 -9.82 22.57
CA ARG F 112 8.85 -10.82 22.89
C ARG F 112 7.46 -10.15 23.08
N GLN F 113 6.38 -10.92 23.02
CA GLN F 113 5.08 -10.39 23.49
C GLN F 113 4.62 -9.19 22.72
N ILE F 114 4.77 -9.29 21.40
CA ILE F 114 4.14 -8.30 20.50
C ILE F 114 3.27 -9.00 19.41
N MET F 115 2.93 -10.25 19.69
CA MET F 115 2.09 -11.00 18.83
C MET F 115 0.60 -10.63 18.97
N ASN F 116 -0.14 -10.93 17.92
CA ASN F 116 -1.62 -10.89 17.98
C ASN F 116 -2.09 -12.26 18.44
N ILE F 117 -2.63 -12.34 19.67
CA ILE F 117 -2.84 -13.63 20.27
C ILE F 117 -3.98 -14.41 19.66
N VAL F 118 -4.80 -13.75 18.89
CA VAL F 118 -5.80 -14.47 18.11
C VAL F 118 -5.46 -14.75 16.65
N ASN F 119 -4.29 -14.36 16.18
CA ASN F 119 -3.89 -14.64 14.84
C ASN F 119 -3.82 -16.19 14.59
N PRO F 120 -4.38 -16.65 13.47
CA PRO F 120 -4.41 -18.07 13.13
C PRO F 120 -3.05 -18.72 12.88
N ALA F 121 -2.09 -17.99 12.34
CA ALA F 121 -0.77 -18.59 12.20
C ALA F 121 -0.17 -18.74 13.57
N TYR F 122 -0.32 -17.71 14.43
CA TYR F 122 0.17 -17.83 15.79
C TYR F 122 -0.41 -19.01 16.55
N ARG F 123 -1.70 -19.16 16.41
CA ARG F 123 -2.39 -20.23 17.08
C ARG F 123 -2.11 -21.59 16.47
N LEU F 124 -1.99 -21.68 15.16
CA LEU F 124 -1.76 -23.00 14.56
C LEU F 124 -0.38 -23.49 14.80
N TYR F 125 0.60 -22.66 14.52
CA TYR F 125 1.98 -23.03 14.88
C TYR F 125 2.22 -23.17 16.38
N GLY F 126 1.57 -22.33 17.18
CA GLY F 126 1.59 -22.43 18.62
C GLY F 126 1.01 -23.77 19.05
N GLU F 127 -0.12 -24.20 18.50
CA GLU F 127 -0.62 -25.52 18.85
C GLU F 127 0.35 -26.65 18.54
N ARG F 128 0.97 -26.58 17.37
CA ARG F 128 1.94 -27.58 16.97
C ARG F 128 3.15 -27.66 17.92
N VAL F 129 3.76 -26.52 18.26
CA VAL F 129 4.91 -26.59 19.14
C VAL F 129 4.48 -27.05 20.55
N ILE F 130 3.31 -26.62 21.01
CA ILE F 130 2.86 -27.11 22.28
C ILE F 130 2.68 -28.63 22.31
N ARG F 131 1.88 -29.12 21.35
CA ARG F 131 1.69 -30.58 21.22
C ARG F 131 3.01 -31.33 21.09
N SER F 132 3.95 -30.80 20.32
CA SER F 132 5.23 -31.53 20.16
C SER F 132 6.05 -31.54 21.40
N LEU F 133 6.16 -30.39 22.05
CA LEU F 133 6.98 -30.31 23.24
C LEU F 133 6.36 -31.14 24.35
N ILE F 134 5.05 -30.96 24.58
CA ILE F 134 4.41 -31.62 25.73
C ILE F 134 4.39 -33.15 25.54
N SER F 135 4.05 -33.60 24.33
CA SER F 135 4.14 -34.99 23.98
C SER F 135 5.55 -35.51 24.26
N HIS F 136 6.54 -34.72 23.92
CA HIS F 136 7.90 -35.16 24.11
C HIS F 136 8.27 -35.34 25.60
N VAL F 137 7.74 -34.51 26.50
CA VAL F 137 8.29 -34.46 27.86
C VAL F 137 7.36 -35.10 28.89
N ALA F 138 6.11 -35.31 28.54
CA ALA F 138 5.12 -35.56 29.54
C ALA F 138 5.39 -36.81 30.38
N GLN F 139 5.97 -37.87 29.80
CA GLN F 139 6.21 -39.12 30.53
C GLN F 139 7.55 -39.11 31.22
N GLN F 140 8.34 -38.04 31.14
CA GLN F 140 9.61 -37.99 31.84
C GLN F 140 9.38 -37.80 33.33
N PRO F 141 9.86 -38.73 34.15
CA PRO F 141 9.56 -38.64 35.58
C PRO F 141 9.94 -37.30 36.22
N CYS F 142 11.07 -36.66 35.89
CA CYS F 142 11.46 -35.41 36.58
C CYS F 142 10.43 -34.30 36.31
N VAL F 143 9.61 -34.45 35.28
CA VAL F 143 8.70 -33.38 34.92
C VAL F 143 7.49 -33.41 35.83
N ILE F 144 7.32 -32.37 36.66
CA ILE F 144 6.23 -32.30 37.59
C ILE F 144 5.07 -31.47 37.18
N GLY F 145 5.27 -30.60 36.18
CA GLY F 145 4.20 -29.72 35.74
C GLY F 145 4.66 -28.76 34.63
N TYR F 146 3.76 -27.83 34.31
CA TYR F 146 3.80 -27.02 33.16
C TYR F 146 3.41 -25.58 33.42
N GLN F 147 4.09 -24.64 32.75
CA GLN F 147 3.68 -23.25 32.77
C GLN F 147 3.10 -23.01 31.37
N VAL F 148 1.86 -22.50 31.32
CA VAL F 148 1.25 -22.10 30.07
C VAL F 148 1.70 -20.71 29.61
N ASP F 149 2.43 -20.68 28.49
CA ASP F 149 2.95 -19.41 27.96
C ASP F 149 3.67 -18.68 29.12
N ASN F 150 3.57 -17.35 29.19
CA ASN F 150 4.40 -16.59 30.13
C ASN F 150 3.88 -15.16 30.34
N GLU F 151 3.35 -14.85 31.54
CA GLU F 151 2.87 -13.47 31.84
C GLU F 151 2.01 -12.95 30.71
N THR F 152 1.09 -13.76 30.25
CA THR F 152 0.39 -13.51 28.99
C THR F 152 -0.55 -12.32 29.09
N LYS F 153 -0.57 -11.50 28.04
CA LYS F 153 -1.46 -10.33 27.93
C LYS F 153 -1.96 -10.21 26.49
N TYR F 154 -2.68 -9.12 26.16
CA TYR F 154 -3.13 -8.93 24.84
C TYR F 154 -2.33 -7.89 24.00
N TYR F 155 -1.27 -7.34 24.60
CA TYR F 155 -0.25 -6.61 23.95
C TYR F 155 -0.82 -5.51 23.09
N ASP F 156 -1.88 -4.85 23.55
CA ASP F 156 -2.44 -3.67 22.83
C ASP F 156 -2.86 -3.88 21.36
N SER F 157 -3.28 -5.08 21.09
CA SER F 157 -3.59 -5.50 19.75
C SER F 157 -4.90 -4.85 19.30
N VAL F 158 -4.81 -4.10 18.21
CA VAL F 158 -5.94 -3.61 17.52
C VAL F 158 -6.06 -4.19 16.13
N SER F 159 -5.48 -5.35 15.95
CA SER F 159 -5.52 -6.01 14.66
C SER F 159 -6.99 -6.24 14.20
N HIS F 160 -7.18 -6.26 12.87
CA HIS F 160 -8.46 -6.28 12.28
C HIS F 160 -9.26 -7.47 12.76
N ASP F 161 -8.67 -8.65 12.85
CA ASP F 161 -9.46 -9.78 13.29
C ASP F 161 -9.99 -9.65 14.73
N MET F 162 -9.15 -9.16 15.60
CA MET F 162 -9.58 -8.92 16.97
C MET F 162 -10.76 -7.97 17.03
N GLN F 163 -10.79 -6.99 16.16
CA GLN F 163 -11.83 -6.02 16.14
C GLN F 163 -13.11 -6.61 15.58
N VAL F 164 -13.01 -7.43 14.53
CA VAL F 164 -14.20 -8.06 13.97
C VAL F 164 -14.82 -9.03 15.02
N MET F 165 -13.96 -9.80 15.70
CA MET F 165 -14.46 -10.68 16.74
C MET F 165 -15.16 -9.93 17.85
N PHE F 166 -14.64 -8.75 18.15
CA PHE F 166 -15.29 -7.85 19.10
C PHE F 166 -16.65 -7.38 18.66
N ILE F 167 -16.76 -6.93 17.42
CA ILE F 167 -18.04 -6.58 16.89
C ILE F 167 -19.06 -7.71 16.95
N LYS F 168 -18.68 -8.93 16.57
CA LYS F 168 -19.58 -10.02 16.74
C LYS F 168 -20.01 -10.27 18.18
N GLN F 169 -19.11 -10.12 19.13
CA GLN F 169 -19.47 -10.28 20.51
C GLN F 169 -20.49 -9.20 20.90
N LEU F 170 -20.30 -7.97 20.42
CA LEU F 170 -21.20 -6.93 20.73
C LEU F 170 -22.60 -7.24 20.17
N ARG F 171 -22.67 -7.74 18.94
CA ARG F 171 -23.93 -8.23 18.42
C ARG F 171 -24.58 -9.19 19.33
N HIS F 172 -23.83 -10.16 19.81
CA HIS F 172 -24.42 -11.14 20.75
C HIS F 172 -24.96 -10.46 22.03
N GLU F 173 -24.19 -9.60 22.67
CA GLU F 173 -24.61 -9.01 23.92
C GLU F 173 -25.76 -8.08 23.85
N PHE F 174 -25.87 -7.30 22.78
CA PHE F 174 -26.91 -6.34 22.60
C PHE F 174 -28.09 -6.94 21.75
N LYS F 175 -28.07 -8.24 21.47
CA LYS F 175 -29.01 -8.92 20.63
C LYS F 175 -29.27 -8.20 19.38
N ASN F 176 -28.21 -7.82 18.69
CA ASN F 176 -28.29 -7.08 17.47
C ASN F 176 -28.97 -5.73 17.50
N ASP F 177 -29.17 -5.17 18.69
CA ASP F 177 -29.91 -3.90 18.78
C ASP F 177 -28.97 -2.70 18.93
N LEU F 178 -28.73 -2.04 17.83
CA LEU F 178 -27.84 -0.88 17.86
C LEU F 178 -28.44 0.35 18.59
N GLU F 179 -29.78 0.45 18.63
CA GLU F 179 -30.37 1.50 19.44
C GLU F 179 -29.96 1.30 20.89
N ALA F 180 -30.02 0.08 21.37
CA ALA F 180 -29.60 -0.20 22.76
C ALA F 180 -28.09 0.08 22.96
N LEU F 181 -27.24 -0.34 22.00
CA LEU F 181 -25.82 -0.15 22.12
C LEU F 181 -25.51 1.32 22.15
N ASN F 182 -26.09 2.11 21.24
CA ASN F 182 -25.83 3.49 21.17
C ASN F 182 -26.26 4.25 22.42
N GLU F 183 -27.35 3.77 22.99
CA GLU F 183 -27.84 4.36 24.23
C GLU F 183 -26.99 3.99 25.40
N ALA F 184 -26.61 2.72 25.52
CA ALA F 184 -25.84 2.33 26.64
C ALA F 184 -24.49 3.06 26.71
N TYR F 185 -23.91 3.37 25.56
CA TYR F 185 -22.54 3.97 25.49
C TYR F 185 -22.60 5.42 25.17
N GLY F 186 -23.82 5.94 25.08
CA GLY F 186 -24.05 7.33 24.78
C GLY F 186 -23.40 7.90 23.53
N LEU F 187 -23.46 7.10 22.44
CA LEU F 187 -22.69 7.39 21.24
C LEU F 187 -23.26 8.53 20.43
N ASP F 188 -24.41 9.10 20.82
CA ASP F 188 -24.86 10.34 20.18
C ASP F 188 -23.79 11.48 20.28
N TYR F 189 -23.03 11.44 21.36
CA TYR F 189 -22.02 12.45 21.63
C TYR F 189 -20.93 12.48 20.58
N TRP F 190 -20.66 13.68 20.10
CA TRP F 190 -19.70 13.97 19.00
C TRP F 190 -20.04 13.11 17.74
N SER F 191 -21.33 12.93 17.50
CA SER F 191 -21.84 12.28 16.30
C SER F 191 -21.18 10.93 16.08
N ASN F 192 -21.06 10.16 17.15
CA ASN F 192 -20.41 8.86 17.15
C ASN F 192 -21.37 7.66 17.04
N ARG F 193 -22.65 7.87 16.68
CA ARG F 193 -23.57 6.72 16.65
C ARG F 193 -23.13 5.68 15.56
N ILE F 194 -23.38 4.43 15.88
CA ILE F 194 -23.15 3.35 14.98
C ILE F 194 -24.55 2.84 14.64
N ASN F 195 -25.08 3.30 13.51
CA ASN F 195 -26.51 3.05 13.23
C ASN F 195 -26.73 1.86 12.32
N ALA F 196 -25.67 1.30 11.80
CA ALA F 196 -25.74 0.04 11.02
C ALA F 196 -24.41 -0.69 11.22
N TRP F 197 -24.47 -2.01 11.30
CA TRP F 197 -23.27 -2.76 11.63
C TRP F 197 -22.10 -2.59 10.70
N GLU F 198 -22.40 -2.43 9.43
CA GLU F 198 -21.38 -2.20 8.45
C GLU F 198 -20.71 -0.81 8.55
N ASP F 199 -21.21 0.11 9.39
CA ASP F 199 -20.61 1.40 9.65
C ASP F 199 -19.60 1.38 10.81
N PHE F 200 -19.43 0.23 11.47
CA PHE F 200 -18.70 0.16 12.72
C PHE F 200 -17.29 0.62 12.47
N PRO F 201 -16.81 1.60 13.21
CA PRO F 201 -15.48 2.14 12.88
C PRO F 201 -14.35 1.37 13.53
N ASP F 202 -13.13 1.64 13.08
CA ASP F 202 -11.94 1.24 13.85
C ASP F 202 -12.06 1.74 15.29
N LEU F 203 -11.72 0.93 16.22
CA LEU F 203 -11.72 1.36 17.60
C LEU F 203 -10.55 2.17 18.02
N THR F 204 -9.46 2.14 17.26
CA THR F 204 -8.24 2.80 17.66
C THR F 204 -8.37 4.26 18.09
N GLY F 205 -9.04 5.04 17.26
CA GLY F 205 -9.21 6.44 17.54
C GLY F 205 -10.47 6.84 18.35
N SER F 206 -11.23 5.87 18.87
CA SER F 206 -12.39 6.14 19.67
C SER F 206 -12.05 7.01 20.90
N ILE F 207 -12.92 7.97 21.14
CA ILE F 207 -12.84 8.87 22.29
C ILE F 207 -13.90 8.55 23.32
N ASN F 208 -14.61 7.49 23.06
CA ASN F 208 -15.73 7.06 23.92
C ASN F 208 -15.35 5.93 24.79
N GLU F 209 -15.12 6.23 26.05
CA GLU F 209 -14.60 5.22 26.97
C GLU F 209 -15.53 4.07 27.31
N SER F 210 -16.85 4.23 27.12
CA SER F 210 -17.73 3.13 27.29
C SER F 210 -17.45 1.97 26.28
N LEU F 211 -17.23 2.38 25.06
CA LEU F 211 -16.82 1.47 23.97
C LEU F 211 -15.41 0.98 24.17
N ARG F 212 -14.48 1.88 24.53
CA ARG F 212 -13.11 1.45 24.74
C ARG F 212 -12.93 0.45 25.84
N ALA F 213 -13.59 0.71 26.97
CA ALA F 213 -13.50 -0.17 28.12
C ALA F 213 -14.03 -1.58 27.83
N ARG F 214 -15.13 -1.60 27.13
CA ARG F 214 -15.66 -2.90 26.74
C ARG F 214 -14.74 -3.73 25.77
N PHE F 215 -14.08 -3.02 24.87
CA PHE F 215 -13.00 -3.64 24.05
C PHE F 215 -11.81 -4.14 24.89
N ASP F 216 -11.44 -3.36 25.94
CA ASP F 216 -10.39 -3.83 26.82
C ASP F 216 -10.83 -5.08 27.55
N ARG F 217 -12.07 -5.08 27.98
CA ARG F 217 -12.56 -6.24 28.73
C ARG F 217 -12.59 -7.45 27.77
N PHE F 218 -13.06 -7.23 26.55
CA PHE F 218 -13.01 -8.33 25.52
C PHE F 218 -11.63 -8.89 25.38
N ARG F 219 -10.64 -8.00 25.29
CA ARG F 219 -9.28 -8.47 25.09
C ARG F 219 -8.68 -9.19 26.31
N ARG F 220 -8.97 -8.70 27.52
CA ARG F 220 -8.64 -9.47 28.72
C ARG F 220 -9.22 -10.88 28.71
N ASP F 221 -10.49 -10.96 28.33
CA ASP F 221 -11.19 -12.28 28.22
C ASP F 221 -10.59 -13.15 27.16
N GLN F 222 -10.06 -12.54 26.10
CA GLN F 222 -9.22 -13.36 25.14
C GLN F 222 -7.94 -13.92 25.76
N VAL F 223 -7.32 -13.21 26.71
CA VAL F 223 -6.16 -13.79 27.39
C VAL F 223 -6.56 -15.00 28.18
N ALA F 224 -7.62 -14.82 28.98
CA ALA F 224 -8.08 -15.91 29.78
C ALA F 224 -8.46 -17.14 28.90
N GLU F 225 -9.10 -16.90 27.76
CA GLU F 225 -9.47 -18.03 26.84
C GLU F 225 -8.24 -18.72 26.30
N TYR F 226 -7.21 -17.93 25.99
CA TYR F 226 -5.98 -18.41 25.45
C TYR F 226 -5.29 -19.33 26.45
N LEU F 227 -5.17 -18.90 27.69
CA LEU F 227 -4.61 -19.75 28.69
C LEU F 227 -5.44 -21.04 28.85
N ALA F 228 -6.78 -20.93 28.85
CA ALA F 228 -7.64 -22.13 29.03
C ALA F 228 -7.48 -23.06 27.84
N TRP F 229 -7.29 -22.48 26.67
CA TRP F 229 -6.97 -23.25 25.44
C TRP F 229 -5.67 -24.04 25.54
N GLN F 230 -4.58 -23.40 25.95
CA GLN F 230 -3.35 -24.13 26.22
C GLN F 230 -3.48 -25.22 27.26
N ALA F 231 -4.13 -24.92 28.38
CA ALA F 231 -4.36 -25.91 29.48
C ALA F 231 -5.13 -27.12 28.92
N SER F 232 -6.07 -26.90 28.04
CA SER F 232 -6.86 -28.00 27.53
C SER F 232 -6.00 -28.92 26.68
N ILE F 233 -5.12 -28.35 25.87
CA ILE F 233 -4.16 -29.13 25.15
C ILE F 233 -3.28 -29.97 26.07
N ILE F 234 -2.69 -29.33 27.09
CA ILE F 234 -1.79 -30.01 28.01
C ILE F 234 -2.46 -31.19 28.69
N ARG F 235 -3.73 -30.99 29.04
CA ARG F 235 -4.53 -32.02 29.69
C ARG F 235 -4.69 -33.30 28.80
N GLU F 236 -4.51 -33.20 27.50
CA GLU F 236 -4.57 -34.35 26.63
C GLU F 236 -3.39 -35.29 26.84
N TYR F 237 -2.28 -34.80 27.40
CA TYR F 237 -1.03 -35.54 27.47
C TYR F 237 -0.50 -35.77 28.85
N MET F 238 -0.83 -34.91 29.83
CA MET F 238 -0.14 -34.89 31.04
C MET F 238 -0.54 -36.12 31.87
N ARG F 239 0.29 -36.41 32.84
CA ARG F 239 -0.03 -37.40 33.84
C ARG F 239 -0.90 -36.83 34.91
N ASP F 240 -1.66 -37.70 35.53
CA ASP F 240 -2.44 -37.38 36.68
C ASP F 240 -1.66 -36.81 37.84
N ASP F 241 -0.38 -37.10 37.98
CA ASP F 241 0.37 -36.57 39.09
C ASP F 241 1.01 -35.18 38.75
N GLN F 242 0.69 -34.61 37.58
CA GLN F 242 1.33 -33.37 37.16
C GLN F 242 0.36 -32.21 37.31
N PHE F 243 0.86 -30.96 37.25
CA PHE F 243 0.00 -29.77 37.43
C PHE F 243 0.24 -28.76 36.32
N ILE F 244 -0.83 -28.02 36.02
CA ILE F 244 -0.74 -26.87 35.15
C ILE F 244 -0.78 -25.56 35.95
N THR F 245 0.18 -24.67 35.70
CA THR F 245 0.22 -23.37 36.33
C THR F 245 0.51 -22.28 35.24
N HIS F 246 0.61 -21.05 35.71
CA HIS F 246 0.84 -19.86 34.93
C HIS F 246 1.44 -18.79 35.84
N ASN F 247 2.38 -18.02 35.28
CA ASN F 247 3.04 -16.95 35.99
C ASN F 247 2.33 -15.64 35.73
N PHE F 248 1.35 -15.35 36.57
CA PHE F 248 0.72 -14.02 36.52
C PHE F 248 1.71 -12.92 36.97
N ASP F 249 1.47 -11.69 36.50
CA ASP F 249 2.30 -10.57 36.90
C ASP F 249 1.45 -9.31 37.15
N TYR F 250 2.07 -8.30 37.75
CA TYR F 250 1.35 -7.13 38.19
C TYR F 250 1.62 -5.89 37.38
N GLU F 251 0.89 -4.80 37.65
CA GLU F 251 1.21 -3.53 37.03
C GLU F 251 2.65 -3.19 37.28
N TRP F 252 3.37 -2.80 36.23
CA TRP F 252 4.83 -2.60 36.31
C TRP F 252 5.16 -1.12 36.44
N ARG F 253 5.65 -0.83 37.59
CA ARG F 253 6.15 0.49 37.70
C ARG F 253 7.59 0.44 38.15
N GLY F 254 8.48 0.02 37.34
CA GLY F 254 9.80 -0.32 37.81
C GLY F 254 9.90 -1.62 38.57
N HIS F 255 8.80 -2.16 39.07
CA HIS F 255 8.70 -3.40 39.87
C HIS F 255 7.21 -3.69 39.98
N SER F 256 6.81 -4.76 40.66
CA SER F 256 5.40 -5.17 40.78
C SER F 256 4.62 -4.21 41.68
N TYR F 257 3.57 -3.52 41.16
CA TYR F 257 2.99 -2.41 41.86
C TYR F 257 1.55 -2.64 42.28
N GLY F 258 0.70 -3.11 41.36
CA GLY F 258 -0.69 -3.11 41.54
C GLY F 258 -1.40 -4.13 40.69
N LEU F 259 -2.74 -4.06 40.72
CA LEU F 259 -3.54 -4.97 39.93
C LEU F 259 -3.11 -4.89 38.45
N GLN F 260 -3.02 -6.03 37.80
CA GLN F 260 -2.67 -6.14 36.36
C GLN F 260 -3.71 -5.51 35.47
N PRO F 261 -3.33 -4.49 34.70
CA PRO F 261 -4.30 -3.79 33.85
C PRO F 261 -4.87 -4.67 32.66
N ALA F 262 -4.06 -5.60 32.21
CA ALA F 262 -4.34 -6.31 30.93
C ALA F 262 -4.93 -7.72 31.11
N VAL F 263 -5.15 -8.19 32.34
CA VAL F 263 -5.58 -9.53 32.59
C VAL F 263 -6.40 -9.49 33.87
N ASP F 264 -7.54 -10.19 33.89
CA ASP F 264 -8.32 -10.37 35.14
C ASP F 264 -7.86 -11.68 35.79
N HIS F 265 -7.01 -11.56 36.78
CA HIS F 265 -6.44 -12.73 37.39
C HIS F 265 -7.47 -13.69 38.02
N PHE F 266 -8.52 -13.14 38.59
CA PHE F 266 -9.53 -13.98 39.27
C PHE F 266 -10.20 -14.88 38.21
N ARG F 267 -10.49 -14.34 37.02
CA ARG F 267 -11.10 -15.14 35.95
C ARG F 267 -10.12 -16.09 35.23
N ALA F 268 -8.93 -15.57 34.98
CA ALA F 268 -7.97 -16.29 34.14
C ALA F 268 -7.44 -17.48 34.91
N ALA F 269 -7.36 -17.37 36.25
CA ALA F 269 -6.86 -18.46 37.09
C ALA F 269 -7.70 -19.76 37.01
N ARG F 270 -8.94 -19.67 36.55
CA ARG F 270 -9.87 -20.80 36.57
C ARG F 270 -9.40 -22.01 35.76
N ALA F 271 -8.58 -21.79 34.74
CA ALA F 271 -8.06 -22.90 33.92
C ALA F 271 -6.93 -23.70 34.55
N LEU F 272 -6.39 -23.22 35.66
CA LEU F 272 -5.14 -23.74 36.20
C LEU F 272 -5.37 -24.70 37.36
N ASP F 273 -4.42 -25.57 37.61
CA ASP F 273 -4.42 -26.38 38.86
C ASP F 273 -3.95 -25.55 40.06
N ILE F 274 -2.94 -24.67 39.89
CA ILE F 274 -2.46 -23.85 40.94
C ILE F 274 -2.01 -22.53 40.27
N CYS F 275 -2.32 -21.39 40.89
CA CYS F 275 -1.81 -20.09 40.50
C CYS F 275 -0.33 -19.92 40.72
N GLY F 276 0.29 -19.25 39.74
CA GLY F 276 1.70 -18.88 39.88
C GLY F 276 1.77 -17.36 39.76
N VAL F 277 2.88 -16.80 40.21
CA VAL F 277 3.03 -15.39 40.22
C VAL F 277 4.50 -15.02 40.17
N ASP F 278 4.72 -13.86 39.58
CA ASP F 278 6.02 -13.22 39.54
C ASP F 278 5.99 -11.92 40.33
N ILE F 279 6.93 -11.75 41.25
CA ILE F 279 6.94 -10.60 42.13
C ILE F 279 8.34 -10.05 42.21
N TYR F 280 8.45 -8.76 41.91
CA TYR F 280 9.68 -8.05 41.99
C TYR F 280 9.50 -6.74 42.70
N HIS F 281 10.53 -6.25 43.36
CA HIS F 281 10.29 -5.18 44.29
C HIS F 281 11.59 -4.44 44.71
N PRO F 282 11.43 -3.24 45.29
CA PRO F 282 12.61 -2.58 45.80
C PRO F 282 13.20 -3.35 46.95
N SER F 283 14.52 -3.23 47.12
CA SER F 283 15.20 -3.95 48.16
C SER F 283 16.18 -2.91 48.78
N GLU F 284 17.28 -3.37 49.35
CA GLU F 284 18.26 -2.50 50.04
C GLU F 284 17.50 -1.63 51.03
N ASP F 285 17.74 -0.33 51.07
CA ASP F 285 17.09 0.52 52.10
C ASP F 285 15.59 0.65 51.86
N ALA F 286 15.15 0.32 50.63
CA ALA F 286 13.76 0.42 50.29
C ALA F 286 12.98 -0.91 50.46
N LEU F 287 13.56 -1.90 51.10
CA LEU F 287 12.88 -3.13 51.36
C LEU F 287 11.82 -2.90 52.45
N THR F 288 10.54 -3.07 52.08
CA THR F 288 9.43 -2.86 52.97
C THR F 288 8.62 -4.16 53.16
N GLY F 289 8.75 -5.16 52.27
CA GLY F 289 7.84 -6.30 52.30
C GLY F 289 6.44 -6.09 51.72
N LYS F 290 6.10 -4.86 51.36
CA LYS F 290 4.72 -4.56 50.92
C LYS F 290 4.30 -5.25 49.62
N GLU F 291 5.24 -5.28 48.65
CA GLU F 291 5.02 -5.88 47.34
C GLU F 291 4.97 -7.38 47.41
N ILE F 292 5.79 -7.97 48.25
CA ILE F 292 5.73 -9.40 48.49
C ILE F 292 4.34 -9.78 48.99
N ALA F 293 3.86 -9.03 49.97
CA ALA F 293 2.59 -9.33 50.58
C ALA F 293 1.47 -9.03 49.66
N PHE F 294 1.57 -7.91 48.98
CA PHE F 294 0.51 -7.57 47.98
C PHE F 294 0.40 -8.65 46.93
N GLY F 295 1.53 -8.99 46.35
CA GLY F 295 1.59 -10.00 45.30
C GLY F 295 1.14 -11.35 45.78
N GLY F 296 1.50 -11.70 47.01
CA GLY F 296 1.08 -12.99 47.58
C GLY F 296 -0.43 -12.98 47.90
N ASP F 297 -0.91 -11.94 48.58
CA ASP F 297 -2.29 -11.84 48.86
C ASP F 297 -3.15 -11.92 47.57
N MET F 298 -2.78 -11.18 46.54
CA MET F 298 -3.55 -11.31 45.31
C MET F 298 -3.50 -12.72 44.67
N ALA F 299 -2.32 -13.35 44.59
CA ALA F 299 -2.24 -14.66 44.03
C ALA F 299 -2.98 -15.72 44.89
N ARG F 300 -2.90 -15.58 46.21
CA ARG F 300 -3.61 -16.48 47.10
C ARG F 300 -5.10 -16.34 46.86
N SER F 301 -5.55 -15.12 46.71
CA SER F 301 -6.98 -14.85 46.60
C SER F 301 -7.47 -15.27 45.21
N ALA F 302 -6.65 -15.05 44.19
CA ALA F 302 -7.11 -15.39 42.86
C ALA F 302 -7.25 -16.89 42.77
N GLY F 303 -6.34 -17.61 43.40
CA GLY F 303 -6.32 -19.02 43.31
C GLY F 303 -7.20 -19.68 44.38
N GLY F 304 -7.66 -18.93 45.37
CA GLY F 304 -8.34 -19.51 46.48
C GLY F 304 -7.46 -20.47 47.28
N GLY F 305 -6.18 -20.21 47.43
CA GLY F 305 -5.36 -21.17 48.22
C GLY F 305 -3.92 -20.94 47.92
N ASN F 306 -3.07 -21.89 48.25
CA ASN F 306 -1.65 -21.73 48.15
C ASN F 306 -1.29 -21.58 46.66
N TYR F 307 -0.20 -20.85 46.42
CA TYR F 307 0.21 -20.44 45.07
C TYR F 307 1.69 -20.66 45.01
N LEU F 308 2.22 -20.61 43.80
CA LEU F 308 3.67 -20.70 43.56
C LEU F 308 4.25 -19.33 43.18
N VAL F 309 5.39 -18.99 43.73
CA VAL F 309 6.16 -17.82 43.23
C VAL F 309 7.11 -18.39 42.18
N LEU F 310 6.66 -18.29 40.92
CA LEU F 310 7.38 -18.86 39.82
C LEU F 310 8.63 -18.01 39.48
N GLU F 311 8.56 -16.71 39.78
CA GLU F 311 9.72 -15.82 39.63
C GLU F 311 9.79 -14.78 40.73
N THR F 312 10.97 -14.65 41.30
CA THR F 312 11.33 -13.48 42.03
C THR F 312 12.83 -13.21 41.90
N GLN F 313 13.24 -12.09 42.42
CA GLN F 313 14.59 -11.57 42.21
C GLN F 313 15.66 -12.29 43.00
N ALA F 314 16.81 -12.51 42.36
CA ALA F 314 18.03 -12.95 43.02
C ALA F 314 18.94 -11.74 43.15
N GLN F 315 19.97 -11.61 42.35
CA GLN F 315 20.74 -10.37 42.44
C GLN F 315 19.96 -9.20 41.87
N GLY F 316 19.19 -9.49 40.85
CA GLY F 316 18.19 -8.58 40.35
C GLY F 316 18.69 -7.58 39.32
N GLN F 317 17.85 -6.56 39.06
CA GLN F 317 18.24 -5.37 38.32
C GLN F 317 19.25 -4.52 39.07
N HIS F 318 19.92 -3.61 38.35
CA HIS F 318 20.81 -2.68 39.00
C HIS F 318 20.04 -1.97 40.08
N GLY F 319 20.56 -1.97 41.30
CA GLY F 319 19.83 -1.37 42.40
C GLY F 319 19.14 -2.31 43.34
N TRP F 320 18.87 -3.55 42.87
CA TRP F 320 18.15 -4.53 43.65
C TRP F 320 19.06 -5.48 44.44
N LEU F 321 20.37 -5.45 44.22
CA LEU F 321 21.30 -6.33 44.91
C LEU F 321 21.01 -6.26 46.43
N PRO F 322 20.60 -7.39 47.04
CA PRO F 322 20.14 -7.36 48.42
C PRO F 322 21.32 -7.25 49.36
N TYR F 323 21.09 -6.50 50.43
CA TYR F 323 22.04 -6.41 51.49
C TYR F 323 22.10 -7.76 52.13
N PRO F 324 23.20 -8.06 52.85
CA PRO F 324 23.26 -9.34 53.55
C PRO F 324 22.03 -9.55 54.47
N GLY F 325 21.41 -10.74 54.35
CA GLY F 325 20.24 -11.06 55.08
C GLY F 325 18.94 -10.81 54.34
N GLN F 326 18.97 -9.88 53.39
CA GLN F 326 17.73 -9.49 52.76
C GLN F 326 17.16 -10.57 51.86
N LEU F 327 18.00 -11.38 51.22
CA LEU F 327 17.50 -12.40 50.34
C LEU F 327 16.71 -13.42 51.16
N ARG F 328 17.32 -13.88 52.24
CA ARG F 328 16.65 -14.77 53.16
C ARG F 328 15.31 -14.22 53.70
N LEU F 329 15.33 -12.96 54.11
CA LEU F 329 14.16 -12.30 54.63
C LEU F 329 13.04 -12.23 53.52
N GLN F 330 13.44 -11.86 52.32
CA GLN F 330 12.52 -11.84 51.18
C GLN F 330 11.91 -13.22 50.93
N ALA F 331 12.73 -14.29 50.96
CA ALA F 331 12.23 -15.61 50.79
C ALA F 331 11.20 -16.03 51.84
N TYR F 332 11.53 -15.89 53.14
CA TYR F 332 10.51 -16.20 54.18
C TYR F 332 9.25 -15.34 54.03
N SER F 333 9.38 -14.12 53.51
CA SER F 333 8.21 -13.29 53.32
C SER F 333 7.19 -13.89 52.39
N HIS F 334 7.67 -14.55 51.35
CA HIS F 334 6.76 -15.19 50.42
C HIS F 334 6.03 -16.38 51.08
N LEU F 335 6.78 -17.14 51.90
CA LEU F 335 6.15 -18.25 52.65
C LEU F 335 5.10 -17.71 53.63
N ALA F 336 5.37 -16.55 54.19
CA ALA F 336 4.45 -15.93 55.11
C ALA F 336 3.12 -15.52 54.48
N SER F 337 3.09 -15.31 53.16
CA SER F 337 1.84 -14.96 52.47
C SER F 337 1.10 -16.15 51.89
N GLY F 338 1.68 -17.32 52.06
CA GLY F 338 1.08 -18.59 51.66
C GLY F 338 1.67 -19.25 50.42
N ALA F 339 2.82 -18.78 50.00
CA ALA F 339 3.53 -19.40 48.87
C ALA F 339 3.88 -20.87 49.18
N ASP F 340 3.65 -21.75 48.22
CA ASP F 340 4.20 -23.13 48.36
C ASP F 340 5.38 -23.42 47.53
N GLY F 341 5.89 -22.38 46.91
CA GLY F 341 7.15 -22.51 46.20
C GLY F 341 7.74 -21.14 45.89
N ILE F 342 9.07 -21.10 45.78
CA ILE F 342 9.81 -19.88 45.41
C ILE F 342 10.81 -20.31 44.39
N MET F 343 10.76 -19.64 43.25
CA MET F 343 11.77 -19.76 42.21
C MET F 343 12.30 -18.42 41.79
N TYR F 344 13.62 -18.35 41.66
CA TYR F 344 14.30 -17.17 41.21
C TYR F 344 14.29 -17.08 39.66
N TRP F 345 14.08 -15.90 39.14
CA TRP F 345 14.45 -15.62 37.74
C TRP F 345 15.78 -14.89 37.70
N HIS F 346 16.86 -15.53 37.32
CA HIS F 346 16.96 -16.96 37.02
C HIS F 346 18.26 -17.52 37.61
N TRP F 347 18.74 -18.61 37.10
CA TRP F 347 19.96 -19.21 37.65
C TRP F 347 21.21 -18.41 37.46
N HIS F 348 21.36 -17.82 36.28
CA HIS F 348 22.59 -17.12 35.93
C HIS F 348 22.33 -15.68 35.43
N SER F 349 23.31 -15.07 34.77
CA SER F 349 23.22 -13.71 34.23
C SER F 349 23.61 -13.87 32.77
N ILE F 350 22.67 -13.51 31.89
CA ILE F 350 22.79 -13.67 30.47
C ILE F 350 23.82 -12.74 29.82
N HIS F 351 24.56 -13.25 28.83
CA HIS F 351 25.73 -12.54 28.34
C HIS F 351 25.43 -11.61 27.19
N ASN F 352 24.28 -11.82 26.53
CA ASN F 352 23.81 -10.97 25.47
C ASN F 352 22.37 -10.52 25.69
N SER F 353 22.01 -9.44 25.02
CA SER F 353 20.68 -9.02 24.74
C SER F 353 19.98 -8.30 25.91
N PHE F 354 18.67 -8.20 25.84
CA PHE F 354 17.92 -7.18 26.61
C PHE F 354 18.07 -7.29 28.14
N GLU F 355 18.12 -8.53 28.65
CA GLU F 355 18.19 -8.79 30.07
C GLU F 355 19.57 -9.25 30.57
N THR F 356 20.61 -8.82 29.86
CA THR F 356 22.00 -8.98 30.29
C THR F 356 22.14 -8.65 31.80
N TYR F 357 21.49 -7.55 32.21
CA TYR F 357 21.55 -6.99 33.60
C TYR F 357 20.35 -7.17 34.48
N TRP F 358 19.50 -8.11 34.12
CA TRP F 358 18.56 -8.59 35.10
C TRP F 358 19.17 -9.91 35.62
N ARG F 359 19.95 -9.86 36.72
CA ARG F 359 20.87 -10.94 37.08
C ARG F 359 20.25 -11.94 38.01
N GLY F 360 20.68 -13.18 37.83
CA GLY F 360 20.14 -14.29 38.60
C GLY F 360 21.02 -14.53 39.83
N LEU F 361 21.03 -15.78 40.23
CA LEU F 361 21.76 -16.15 41.44
C LEU F 361 23.26 -16.04 41.21
N LEU F 362 23.71 -16.52 40.04
CA LEU F 362 25.11 -16.40 39.65
C LEU F 362 25.29 -15.20 38.79
N SER F 363 26.48 -14.62 38.88
CA SER F 363 26.87 -13.51 38.06
C SER F 363 27.41 -14.00 36.67
N HIS F 364 27.89 -13.08 35.85
CA HIS F 364 28.32 -13.40 34.48
C HIS F 364 29.55 -14.35 34.42
N ASP F 365 30.23 -14.48 35.56
CA ASP F 365 31.39 -15.37 35.69
C ASP F 365 31.03 -16.78 36.14
N PHE F 366 29.75 -17.06 36.44
CA PHE F 366 29.33 -18.36 36.92
C PHE F 366 30.04 -18.80 38.19
N GLU F 367 30.59 -17.88 38.96
CA GLU F 367 31.23 -18.28 40.22
C GLU F 367 30.21 -18.24 41.35
N SER F 368 30.61 -18.76 42.50
CA SER F 368 29.90 -18.46 43.72
C SER F 368 29.95 -17.01 43.99
N ASN F 369 28.92 -16.49 44.68
CA ASN F 369 28.92 -15.15 45.17
C ASN F 369 28.09 -15.12 46.43
N PRO F 370 28.12 -14.01 47.15
CA PRO F 370 27.34 -14.04 48.45
C PRO F 370 25.82 -14.14 48.32
N THR F 371 25.27 -13.77 47.17
CA THR F 371 23.85 -13.85 47.03
C THR F 371 23.45 -15.30 46.87
N TYR F 372 24.12 -15.96 45.94
CA TYR F 372 24.01 -17.37 45.74
C TYR F 372 24.19 -18.06 47.10
N GLU F 373 25.20 -17.67 47.87
CA GLU F 373 25.47 -18.45 49.14
C GLU F 373 24.32 -18.27 50.11
N GLU F 374 23.76 -17.07 50.20
CA GLU F 374 22.65 -16.83 51.10
C GLU F 374 21.44 -17.62 50.64
N ALA F 375 21.19 -17.69 49.34
CA ALA F 375 20.09 -18.49 48.89
C ALA F 375 20.22 -19.98 49.25
N GLY F 376 21.44 -20.52 49.17
CA GLY F 376 21.68 -21.91 49.55
C GLY F 376 21.53 -22.13 51.04
N ARG F 377 21.89 -21.14 51.85
CA ARG F 377 21.64 -21.25 53.32
C ARG F 377 20.17 -21.35 53.56
N PHE F 378 19.37 -20.50 52.89
CA PHE F 378 17.94 -20.60 52.97
C PHE F 378 17.35 -21.92 52.45
N GLY F 379 17.74 -22.32 51.25
CA GLY F 379 17.39 -23.64 50.72
C GLY F 379 17.57 -24.85 51.62
N ARG F 380 18.74 -24.97 52.21
CA ARG F 380 19.06 -26.01 53.17
C ARG F 380 18.21 -25.92 54.45
N GLU F 381 17.84 -24.68 54.86
CA GLU F 381 16.93 -24.50 55.99
C GLU F 381 15.58 -25.07 55.74
N ILE F 382 14.90 -24.61 54.68
CA ILE F 382 13.57 -25.12 54.42
C ILE F 382 13.59 -26.54 53.92
N GLY F 383 14.74 -26.99 53.40
CA GLY F 383 14.90 -28.38 53.04
C GLY F 383 14.93 -29.31 54.26
N ASP F 384 15.21 -28.80 55.45
CA ASP F 384 15.09 -29.61 56.67
C ASP F 384 13.61 -29.77 56.98
N PRO F 385 13.10 -31.02 56.93
CA PRO F 385 11.63 -31.19 57.17
C PRO F 385 11.12 -30.63 58.47
N ARG F 386 11.97 -30.48 59.50
CA ARG F 386 11.54 -29.83 60.74
C ARG F 386 11.03 -28.42 60.39
N ILE F 387 11.62 -27.76 59.40
CA ILE F 387 11.21 -26.44 59.05
C ILE F 387 10.14 -26.50 57.90
N GLY F 388 10.46 -27.18 56.80
CA GLY F 388 9.59 -27.29 55.62
C GLY F 388 8.20 -27.81 55.88
N ASP F 389 8.09 -28.87 56.69
CA ASP F 389 6.79 -29.41 57.01
C ASP F 389 6.00 -28.46 57.90
N THR F 390 6.68 -27.57 58.59
CA THR F 390 5.96 -26.62 59.44
C THR F 390 5.39 -25.46 58.62
N LEU F 391 6.09 -25.10 57.55
CA LEU F 391 5.74 -23.90 56.81
C LEU F 391 4.95 -24.18 55.53
N SER F 392 4.93 -25.43 55.05
CA SER F 392 4.21 -25.66 53.81
C SER F 392 2.70 -25.54 53.96
N HIS F 393 2.06 -25.19 52.85
CA HIS F 393 0.63 -25.15 52.73
C HIS F 393 -0.05 -24.34 53.84
N LEU F 394 0.46 -23.14 54.11
CA LEU F 394 -0.05 -22.30 55.15
C LEU F 394 -1.46 -21.89 54.74
N SER F 395 -2.36 -21.98 55.68
CA SER F 395 -3.72 -21.60 55.53
C SER F 395 -4.00 -20.32 56.31
N LYS F 396 -4.64 -19.34 55.69
CA LYS F 396 -4.78 -17.99 56.23
C LYS F 396 -6.21 -17.66 56.33
N ARG F 397 -6.64 -17.17 57.48
CA ARG F 397 -8.01 -16.73 57.63
C ARG F 397 -8.08 -15.29 58.06
N ASN F 398 -8.49 -14.44 57.13
CA ASN F 398 -8.42 -13.00 57.33
C ASN F 398 -9.79 -12.41 57.54
N ALA F 399 -9.89 -11.31 58.28
CA ALA F 399 -11.16 -10.73 58.60
C ALA F 399 -11.48 -9.53 57.73
N VAL F 400 -10.50 -9.10 56.93
CA VAL F 400 -10.62 -7.91 56.06
C VAL F 400 -10.41 -8.31 54.59
N ALA F 401 -11.27 -7.81 53.71
CA ALA F 401 -11.18 -7.98 52.25
C ALA F 401 -11.14 -6.63 51.58
N ILE F 402 -10.35 -6.52 50.51
CA ILE F 402 -10.36 -5.32 49.66
C ILE F 402 -10.95 -5.76 48.31
N LEU F 403 -11.88 -5.01 47.80
CA LEU F 403 -12.52 -5.34 46.48
C LEU F 403 -11.65 -4.80 45.34
N ALA F 404 -11.23 -5.70 44.47
CA ALA F 404 -10.43 -5.38 43.25
C ALA F 404 -11.30 -5.36 42.01
N SER F 405 -11.05 -4.38 41.13
CA SER F 405 -11.89 -4.22 39.95
C SER F 405 -11.06 -3.78 38.77
N ASN F 406 -10.79 -4.72 37.87
CA ASN F 406 -10.18 -4.47 36.56
C ASN F 406 -11.02 -3.50 35.73
N GLU F 407 -12.33 -3.60 35.81
CA GLU F 407 -13.20 -2.66 35.12
C GLU F 407 -13.01 -1.22 35.65
N SER F 408 -12.84 -1.07 36.97
CA SER F 408 -12.51 0.24 37.53
C SER F 408 -11.13 0.77 37.17
N LEU F 409 -10.10 -0.07 37.23
CA LEU F 409 -8.81 0.32 36.77
C LEU F 409 -8.92 0.87 35.35
N THR F 410 -9.56 0.11 34.49
CA THR F 410 -9.73 0.55 33.09
C THR F 410 -10.44 1.86 32.97
N ALA F 411 -11.56 1.97 33.63
CA ALA F 411 -12.30 3.23 33.55
C ALA F 411 -11.50 4.48 33.98
N LEU F 412 -10.82 4.38 35.10
CA LEU F 412 -10.06 5.46 35.62
C LEU F 412 -8.73 5.68 34.87
N SER F 413 -8.24 4.70 34.07
CA SER F 413 -7.05 4.98 33.24
C SER F 413 -7.41 6.03 32.22
N TRP F 414 -8.68 6.18 31.91
CA TRP F 414 -9.17 7.17 31.00
C TRP F 414 -9.72 8.42 31.70
N PHE F 415 -10.69 8.18 32.58
CA PHE F 415 -11.30 9.26 33.37
C PHE F 415 -10.45 9.46 34.64
N HIS F 416 -9.31 10.11 34.48
CA HIS F 416 -8.35 10.18 35.60
C HIS F 416 -9.09 10.78 36.79
N ILE F 417 -8.82 10.26 37.97
CA ILE F 417 -9.54 10.75 39.18
C ILE F 417 -9.54 12.25 39.26
N GLU F 418 -8.36 12.87 39.10
CA GLU F 418 -8.22 14.27 39.35
C GLU F 418 -8.75 15.17 38.27
N THR F 419 -8.78 14.67 37.01
CA THR F 419 -9.04 15.55 35.92
C THR F 419 -10.31 15.21 35.15
N GLY F 420 -10.72 13.96 35.22
CA GLY F 420 -11.80 13.46 34.39
C GLY F 420 -11.44 13.20 32.92
N PHE F 421 -10.13 13.23 32.61
CA PHE F 421 -9.67 13.14 31.21
C PHE F 421 -8.45 12.22 31.21
N PRO F 422 -8.08 11.66 30.02
CA PRO F 422 -6.96 10.79 29.99
C PRO F 422 -5.64 11.55 29.88
N MET F 423 -5.57 12.76 30.39
CA MET F 423 -4.31 13.51 30.53
C MET F 423 -4.42 14.17 31.92
N GLY F 424 -3.27 14.38 32.55
CA GLY F 424 -3.19 15.18 33.75
C GLY F 424 -3.39 14.39 35.04
N GLY F 425 -3.05 14.98 36.18
CA GLY F 425 -3.21 14.30 37.44
C GLY F 425 -2.04 13.36 37.68
N THR F 426 -1.98 12.80 38.86
CA THR F 426 -1.02 11.76 39.10
C THR F 426 -1.68 10.57 39.84
N LEU F 427 -2.81 10.76 40.50
CA LEU F 427 -3.37 9.65 41.31
C LEU F 427 -4.10 8.60 40.46
N THR F 428 -3.62 7.37 40.48
CA THR F 428 -4.25 6.30 39.72
C THR F 428 -5.12 5.41 40.59
N TYR F 429 -5.86 4.54 39.94
CA TYR F 429 -6.55 3.43 40.60
C TYR F 429 -5.70 2.62 41.51
N ASN F 430 -4.58 2.12 40.98
CA ASN F 430 -3.69 1.33 41.76
C ASN F 430 -3.04 2.13 42.94
N ASP F 431 -2.87 3.43 42.76
CA ASP F 431 -2.34 4.31 43.85
C ASP F 431 -3.31 4.29 45.00
N VAL F 432 -4.58 4.38 44.67
CA VAL F 432 -5.62 4.31 45.71
C VAL F 432 -5.63 2.99 46.43
N LEU F 433 -5.69 1.90 45.66
CA LEU F 433 -5.61 0.54 46.18
C LEU F 433 -4.41 0.32 47.05
N ARG F 434 -3.25 0.75 46.59
CA ARG F 434 -2.01 0.60 47.35
C ARG F 434 -1.96 1.53 48.62
N SER F 435 -2.52 2.71 48.55
CA SER F 435 -2.50 3.61 49.75
C SER F 435 -3.23 2.88 50.94
N ILE F 436 -4.35 2.24 50.59
CA ILE F 436 -5.08 1.47 51.56
C ILE F 436 -4.42 0.14 51.98
N TYR F 437 -3.95 -0.64 51.00
CA TYR F 437 -3.25 -1.85 51.27
C TYR F 437 -2.04 -1.58 52.18
N ASP F 438 -1.27 -0.56 51.81
CA ASP F 438 -0.04 -0.29 52.51
C ASP F 438 -0.33 0.15 53.96
N ALA F 439 -1.44 0.88 54.16
CA ALA F 439 -1.78 1.34 55.46
C ALA F 439 -2.19 0.18 56.34
N LEU F 440 -2.96 -0.75 55.75
CA LEU F 440 -3.27 -2.00 56.46
C LEU F 440 -2.07 -2.78 56.82
N PHE F 441 -1.11 -2.85 55.88
CA PHE F 441 0.09 -3.58 56.10
C PHE F 441 0.89 -2.91 57.25
N GLU F 442 0.99 -1.62 57.22
CA GLU F 442 1.70 -0.91 58.29
C GLU F 442 1.04 -1.17 59.69
N LEU F 443 -0.26 -1.39 59.68
CA LEU F 443 -1.03 -1.70 60.91
C LEU F 443 -1.01 -3.15 61.32
N ASN F 444 -0.22 -3.97 60.64
CA ASN F 444 -0.21 -5.42 60.85
C ASN F 444 -1.57 -6.06 60.71
N VAL F 445 -2.35 -5.58 59.74
CA VAL F 445 -3.63 -6.13 59.39
C VAL F 445 -3.55 -6.92 58.08
N GLU F 446 -3.81 -8.21 58.12
CA GLU F 446 -3.74 -9.02 56.90
C GLU F 446 -5.06 -9.01 56.18
N VAL F 447 -5.00 -9.04 54.86
CA VAL F 447 -6.20 -8.95 54.04
C VAL F 447 -6.28 -10.01 52.98
N ASP F 448 -7.49 -10.25 52.52
CA ASP F 448 -7.67 -10.93 51.29
C ASP F 448 -8.16 -9.95 50.21
N PHE F 449 -8.03 -10.34 48.95
CA PHE F 449 -8.70 -9.65 47.92
C PHE F 449 -9.92 -10.43 47.51
N LEU F 450 -10.94 -9.69 47.10
CA LEU F 450 -12.10 -10.28 46.46
C LEU F 450 -12.39 -9.59 45.14
N PRO F 451 -12.86 -10.34 44.11
CA PRO F 451 -13.40 -9.58 42.98
C PRO F 451 -14.62 -8.76 43.41
N ALA F 452 -14.84 -7.67 42.73
CA ALA F 452 -15.92 -6.76 43.05
C ALA F 452 -17.28 -7.41 42.97
N ASP F 453 -17.41 -8.38 42.08
CA ASP F 453 -18.63 -9.15 41.96
C ASP F 453 -18.63 -10.43 42.85
N ALA F 454 -17.87 -10.47 43.95
CA ALA F 454 -17.95 -11.52 44.92
C ALA F 454 -19.40 -11.80 45.36
N SER F 455 -19.64 -13.06 45.64
CA SER F 455 -20.99 -13.52 46.08
C SER F 455 -21.29 -13.01 47.48
N ALA F 456 -22.57 -13.09 47.81
CA ALA F 456 -23.03 -12.75 49.16
C ALA F 456 -22.33 -13.55 50.23
N ASP F 457 -22.23 -14.85 50.02
CA ASP F 457 -21.48 -15.67 50.98
C ASP F 457 -19.99 -15.36 51.08
N GLN F 458 -19.36 -14.96 50.00
CA GLN F 458 -17.95 -14.60 50.12
C GLN F 458 -17.85 -13.35 50.96
N LEU F 459 -18.67 -12.34 50.65
CA LEU F 459 -18.59 -11.07 51.39
C LEU F 459 -18.85 -11.26 52.91
N ALA F 460 -19.79 -12.14 53.20
CA ALA F 460 -20.29 -12.32 54.55
C ALA F 460 -19.28 -12.85 55.49
N GLY F 461 -18.26 -13.55 55.02
CA GLY F 461 -17.18 -13.97 55.91
C GLY F 461 -16.27 -12.89 56.40
N TYR F 462 -16.37 -11.66 55.92
CA TYR F 462 -15.45 -10.61 56.37
C TYR F 462 -16.08 -9.62 57.31
N SER F 463 -15.33 -9.15 58.28
CA SER F 463 -15.79 -8.10 59.16
C SER F 463 -15.69 -6.71 58.63
N LEU F 464 -14.72 -6.46 57.73
CA LEU F 464 -14.60 -5.17 57.07
C LEU F 464 -14.30 -5.46 55.60
N VAL F 465 -15.11 -4.86 54.73
CA VAL F 465 -14.89 -4.91 53.28
C VAL F 465 -14.63 -3.47 52.81
N ILE F 466 -13.55 -3.29 52.05
CA ILE F 466 -13.12 -2.00 51.59
C ILE F 466 -13.24 -1.95 50.06
N ALA F 467 -13.82 -0.88 49.59
CA ALA F 467 -14.03 -0.59 48.19
C ALA F 467 -13.22 0.62 47.80
N PRO F 468 -11.99 0.40 47.33
CA PRO F 468 -11.13 1.52 46.89
C PRO F 468 -11.43 1.89 45.41
N ALA F 469 -11.84 3.12 45.23
CA ALA F 469 -12.18 3.70 43.99
C ALA F 469 -12.88 2.70 43.03
N LEU F 470 -13.98 2.11 43.51
CA LEU F 470 -14.72 1.11 42.85
C LEU F 470 -15.72 1.78 41.88
N TYR F 471 -15.13 2.43 40.88
CA TYR F 471 -15.76 3.43 40.04
C TYR F 471 -16.94 2.88 39.20
N THR F 472 -16.79 1.68 38.63
CA THR F 472 -17.80 1.02 37.81
C THR F 472 -18.13 -0.35 38.35
N THR F 473 -19.44 -0.55 38.51
CA THR F 473 -20.00 -1.87 38.88
C THR F 473 -21.35 -2.00 38.23
N ASP F 474 -21.87 -3.20 38.29
CA ASP F 474 -23.22 -3.41 37.91
C ASP F 474 -24.12 -3.13 39.13
N GLN F 475 -25.40 -3.10 38.86
CA GLN F 475 -26.38 -2.90 39.91
C GLN F 475 -26.41 -4.06 40.93
N GLN F 476 -26.20 -5.29 40.47
CA GLN F 476 -26.30 -6.43 41.36
C GLN F 476 -25.17 -6.37 42.43
N THR F 477 -23.99 -5.89 42.05
CA THR F 477 -22.91 -5.71 42.98
C THR F 477 -23.32 -4.71 44.07
N ILE F 478 -23.85 -3.59 43.65
CA ILE F 478 -24.35 -2.63 44.62
C ILE F 478 -25.38 -3.23 45.61
N ASP F 479 -26.32 -4.00 45.10
CA ASP F 479 -27.34 -4.61 45.96
C ASP F 479 -26.72 -5.62 46.92
N ARG F 480 -25.67 -6.47 46.42
CA ARG F 480 -25.01 -7.41 47.33
C ARG F 480 -24.33 -6.70 48.47
N LEU F 481 -23.74 -5.43 48.12
CA LEU F 481 -22.99 -4.76 49.13
C LEU F 481 -23.94 -4.12 50.13
N ALA F 482 -25.10 -3.65 49.67
CA ALA F 482 -26.05 -3.08 50.57
C ALA F 482 -26.53 -4.16 51.58
N ARG F 483 -26.77 -5.34 51.07
CA ARG F 483 -27.21 -6.50 51.83
C ARG F 483 -26.11 -6.98 52.79
N TYR F 484 -24.85 -6.98 52.37
CA TYR F 484 -23.76 -7.27 53.28
C TYR F 484 -23.77 -6.34 54.50
N VAL F 485 -23.95 -5.04 54.26
CA VAL F 485 -24.04 -4.07 55.36
C VAL F 485 -25.30 -4.32 56.22
N LYS F 486 -26.43 -4.47 55.55
CA LYS F 486 -27.69 -4.72 56.31
C LYS F 486 -27.55 -5.88 57.32
N ASN F 487 -26.89 -6.95 56.89
CA ASN F 487 -26.69 -8.14 57.70
C ASN F 487 -25.59 -8.07 58.73
N GLY F 488 -24.92 -6.93 58.92
CA GLY F 488 -23.94 -6.80 60.03
C GLY F 488 -22.52 -6.46 59.55
N GLY F 489 -22.31 -6.39 58.24
CA GLY F 489 -21.01 -6.00 57.71
C GLY F 489 -20.66 -4.53 57.86
N HIS F 490 -19.38 -4.29 57.78
CA HIS F 490 -18.83 -2.94 57.79
C HIS F 490 -18.18 -2.74 56.40
N LEU F 491 -18.79 -1.85 55.65
CA LEU F 491 -18.29 -1.41 54.35
C LEU F 491 -17.65 -0.03 54.45
N LEU F 492 -16.44 0.10 53.92
CA LEU F 492 -15.81 1.40 53.76
C LEU F 492 -15.48 1.62 52.28
N ALA F 493 -15.91 2.73 51.72
CA ALA F 493 -15.71 3.03 50.28
C ALA F 493 -14.95 4.32 50.22
N THR F 494 -14.05 4.48 49.23
CA THR F 494 -13.46 5.75 48.94
C THR F 494 -14.22 6.58 47.90
N MET F 495 -13.77 7.79 47.75
CA MET F 495 -14.24 8.62 46.64
C MET F 495 -14.13 7.91 45.27
N ARG F 496 -15.00 8.30 44.35
CA ARG F 496 -15.02 7.81 42.97
C ARG F 496 -15.40 6.34 42.96
N SER F 497 -16.24 5.97 43.92
CA SER F 497 -16.81 4.64 43.97
C SER F 497 -18.26 4.72 43.55
N PHE F 498 -18.71 3.67 42.85
CA PHE F 498 -20.08 3.43 42.42
C PHE F 498 -20.63 4.53 41.52
N VAL F 499 -19.77 5.10 40.72
CA VAL F 499 -20.13 6.28 39.95
C VAL F 499 -20.87 5.86 38.68
N ALA F 500 -20.40 4.74 38.10
CA ALA F 500 -20.92 4.33 36.82
C ALA F 500 -21.34 2.92 36.78
N ASP F 501 -22.27 2.65 35.83
CA ASP F 501 -22.73 1.32 35.58
C ASP F 501 -21.64 0.53 34.83
N GLU F 502 -21.97 -0.71 34.49
CA GLU F 502 -20.96 -1.62 33.94
C GLU F 502 -20.55 -1.28 32.45
N ASN F 503 -21.23 -0.34 31.87
CA ASN F 503 -20.88 0.18 30.57
C ASN F 503 -20.17 1.51 30.69
N VAL F 504 -19.72 1.82 31.92
CA VAL F 504 -19.03 3.08 32.25
C VAL F 504 -19.93 4.23 31.88
N LYS F 505 -21.22 4.05 32.14
CA LYS F 505 -22.16 5.13 31.97
C LYS F 505 -22.48 5.69 33.39
N VAL F 506 -22.18 6.98 33.61
CA VAL F 506 -22.44 7.58 34.96
C VAL F 506 -23.94 7.42 35.27
N TRP F 507 -24.27 6.84 36.39
CA TRP F 507 -25.63 6.74 36.80
C TRP F 507 -26.29 8.14 36.85
N HIS F 508 -27.60 8.20 36.61
CA HIS F 508 -28.30 9.50 36.47
C HIS F 508 -29.34 9.82 37.55
N ASP F 509 -29.29 9.11 38.65
CA ASP F 509 -30.02 9.46 39.89
C ASP F 509 -28.99 9.88 40.97
N LYS F 510 -29.40 9.96 42.23
CA LYS F 510 -28.58 10.59 43.22
C LYS F 510 -27.43 9.64 43.62
N ALA F 511 -26.21 10.18 43.68
CA ALA F 511 -24.98 9.49 44.10
C ALA F 511 -24.85 9.52 45.60
N PRO F 512 -24.39 8.40 46.21
CA PRO F 512 -24.04 7.18 45.43
C PRO F 512 -25.24 6.33 45.08
N HIS F 513 -25.25 5.90 43.82
CA HIS F 513 -26.35 5.13 43.18
C HIS F 513 -26.89 3.99 44.05
N HIS F 514 -28.15 4.16 44.42
CA HIS F 514 -28.85 3.22 45.24
C HIS F 514 -28.18 2.95 46.56
N LEU F 515 -27.27 3.82 46.99
CA LEU F 515 -26.59 3.65 48.27
C LEU F 515 -26.68 4.88 49.18
N VAL F 516 -27.55 5.79 48.79
CA VAL F 516 -27.78 7.05 49.56
C VAL F 516 -28.27 6.76 50.98
N ASP F 517 -29.16 5.78 51.10
CA ASP F 517 -29.68 5.35 52.42
C ASP F 517 -28.75 4.47 53.12
N ILE F 518 -27.81 3.82 52.40
CA ILE F 518 -26.79 3.00 53.08
C ILE F 518 -25.73 3.88 53.73
N PHE F 519 -25.08 4.72 52.92
CA PHE F 519 -24.07 5.60 53.41
C PHE F 519 -24.65 6.84 54.13
N GLY F 520 -25.96 7.06 53.99
CA GLY F 520 -26.55 8.18 54.73
C GLY F 520 -26.04 9.52 54.28
N MET F 521 -25.83 9.64 52.96
CA MET F 521 -25.32 10.88 52.38
C MET F 521 -25.59 10.85 50.89
N THR F 522 -25.52 12.01 50.25
CA THR F 522 -25.49 12.09 48.81
C THR F 522 -24.50 13.22 48.46
N TYR F 523 -23.95 13.22 47.25
CA TYR F 523 -23.11 14.33 46.79
C TYR F 523 -23.36 14.50 45.28
N ASN F 524 -23.15 15.70 44.77
CA ASN F 524 -23.20 16.01 43.33
C ASN F 524 -22.27 17.10 42.84
N GLN F 525 -21.23 17.32 43.62
CA GLN F 525 -20.25 18.34 43.33
C GLN F 525 -18.92 17.88 43.93
N PHE F 526 -17.86 18.37 43.33
CA PHE F 526 -16.51 17.96 43.69
C PHE F 526 -15.55 18.94 43.09
N THR F 527 -14.31 18.85 43.56
CA THR F 527 -13.26 19.70 43.02
C THR F 527 -11.89 19.19 43.39
N ARG F 528 -10.89 19.85 42.87
CA ARG F 528 -9.52 19.56 43.20
C ARG F 528 -9.14 20.54 44.33
N PRO F 529 -8.85 20.02 45.54
CA PRO F 529 -8.71 20.87 46.70
C PRO F 529 -7.43 21.71 46.61
N MET F 530 -7.55 22.98 47.03
CA MET F 530 -6.44 23.99 47.11
C MET F 530 -6.50 24.37 48.62
N GLY F 531 -5.50 24.00 49.38
CA GLY F 531 -5.49 24.31 50.84
C GLY F 531 -6.72 23.89 51.63
N VAL F 532 -7.09 22.64 51.55
CA VAL F 532 -8.20 22.13 52.33
C VAL F 532 -7.68 21.11 53.35
N SER F 533 -8.07 21.35 54.59
CA SER F 533 -7.88 20.47 55.71
C SER F 533 -9.12 19.83 56.22
N LEU F 534 -8.95 18.88 57.14
CA LEU F 534 -10.10 18.26 57.80
C LEU F 534 -10.26 18.74 59.29
N LYS F 535 -11.49 19.01 59.70
CA LYS F 535 -11.90 19.17 61.11
C LYS F 535 -12.62 17.90 61.54
N CYS F 536 -12.22 17.37 62.69
CA CYS F 536 -12.71 16.11 63.20
C CYS F 536 -13.14 16.30 64.65
N PRO F 537 -14.41 16.14 64.89
CA PRO F 537 -14.77 16.60 66.22
C PRO F 537 -14.68 15.52 67.30
N ASP F 538 -14.42 14.25 66.98
CA ASP F 538 -14.65 13.21 68.01
C ASP F 538 -13.83 11.92 67.84
N THR F 539 -14.41 10.92 67.19
CA THR F 539 -13.78 9.61 67.07
C THR F 539 -12.46 9.63 66.29
N LEU F 540 -12.18 10.74 65.58
CA LEU F 540 -10.96 10.90 64.79
C LEU F 540 -10.18 12.18 65.15
N ALA F 541 -10.17 12.55 66.42
CA ALA F 541 -9.58 13.81 66.76
C ALA F 541 -8.07 13.80 66.40
N ASP F 542 -7.43 12.63 66.38
CA ASP F 542 -6.07 12.51 65.86
C ASP F 542 -5.85 12.90 64.38
N LEU F 543 -6.92 12.95 63.63
CA LEU F 543 -6.86 13.23 62.21
C LEU F 543 -7.00 14.72 62.00
N ALA F 544 -7.43 15.44 63.04
CA ALA F 544 -7.70 16.87 62.93
C ALA F 544 -6.55 17.60 62.26
N GLY F 545 -6.87 18.47 61.28
CA GLY F 545 -5.89 19.29 60.57
C GLY F 545 -5.23 18.55 59.42
N ALA F 546 -5.57 17.29 59.20
CA ALA F 546 -4.93 16.51 58.13
C ALA F 546 -5.40 17.08 56.79
N SER F 547 -4.57 16.90 55.79
CA SER F 547 -4.90 17.44 54.46
C SER F 547 -5.93 16.57 53.69
N ALA F 548 -6.78 17.27 52.94
CA ALA F 548 -7.60 16.63 51.88
C ALA F 548 -6.83 16.77 50.59
N ASN F 549 -6.59 15.65 49.91
CA ASN F 549 -5.69 15.67 48.76
C ASN F 549 -6.36 15.19 47.47
N ASP F 550 -5.89 15.75 46.37
CA ASP F 550 -6.14 15.29 45.02
C ASP F 550 -7.55 15.56 44.54
N PHE F 551 -8.51 15.17 45.34
CA PHE F 551 -9.89 15.32 44.92
C PHE F 551 -10.74 15.35 46.17
N ILE F 552 -11.78 16.18 46.18
CA ILE F 552 -12.81 16.15 47.16
C ILE F 552 -14.25 16.11 46.65
N GLU F 553 -15.02 15.19 47.23
CA GLU F 553 -16.44 15.08 47.05
C GLU F 553 -17.22 15.81 48.20
N MET F 554 -18.22 16.61 47.83
CA MET F 554 -18.91 17.51 48.76
C MET F 554 -20.07 16.71 49.33
N LEU F 555 -19.80 15.94 50.35
CA LEU F 555 -20.80 15.01 50.88
C LEU F 555 -21.86 15.73 51.73
N SER F 556 -23.16 15.51 51.45
CA SER F 556 -24.24 16.12 52.25
C SER F 556 -24.79 15.03 53.17
N PRO F 557 -24.42 15.06 54.46
CA PRO F 557 -24.89 13.95 55.34
C PRO F 557 -26.36 14.03 55.78
N ALA F 558 -26.97 12.89 55.97
CA ALA F 558 -28.33 12.76 56.52
C ALA F 558 -28.25 13.03 58.00
N PRO F 559 -29.38 13.44 58.58
CA PRO F 559 -29.39 13.79 60.00
C PRO F 559 -28.78 12.74 60.96
N GLU F 560 -29.07 11.49 60.70
CA GLU F 560 -28.60 10.37 61.53
C GLU F 560 -27.16 9.99 61.26
N THR F 561 -26.51 10.61 60.29
CA THR F 561 -25.15 10.21 59.90
C THR F 561 -24.05 10.77 60.81
N HIS F 562 -23.14 9.93 61.19
CA HIS F 562 -21.97 10.34 61.96
C HIS F 562 -20.97 10.93 61.00
N VAL F 563 -20.67 12.23 61.18
CA VAL F 563 -19.65 12.91 60.38
C VAL F 563 -18.31 12.82 61.12
N LEU F 564 -17.37 12.04 60.60
CA LEU F 564 -16.13 11.86 61.25
C LEU F 564 -15.15 12.96 60.86
N ALA F 565 -15.41 13.63 59.75
CA ALA F 565 -14.61 14.74 59.34
C ALA F 565 -15.36 15.63 58.42
N TRP F 566 -15.12 16.95 58.56
CA TRP F 566 -15.75 18.03 57.77
C TRP F 566 -14.56 18.66 57.05
N TYR F 567 -14.80 19.24 55.89
CA TYR F 567 -13.85 20.18 55.32
C TYR F 567 -13.71 21.50 56.08
N ASP F 568 -12.46 21.96 56.15
CA ASP F 568 -12.02 23.20 56.73
C ASP F 568 -11.55 24.03 55.62
N HIS F 569 -12.47 24.85 55.13
CA HIS F 569 -12.31 25.72 53.97
C HIS F 569 -13.54 26.55 53.93
N TYR F 570 -13.45 27.86 53.75
CA TYR F 570 -14.67 28.67 53.75
C TYR F 570 -15.72 28.29 52.72
N ALA F 571 -15.35 27.79 51.56
CA ALA F 571 -16.35 27.49 50.52
C ALA F 571 -17.01 26.17 50.77
N TRP F 572 -16.32 25.29 51.44
CA TRP F 572 -16.74 23.88 51.40
C TRP F 572 -17.07 23.36 52.79
N ASP F 573 -17.08 24.23 53.84
CA ASP F 573 -17.21 23.71 55.21
C ASP F 573 -18.62 23.30 55.55
N SER F 574 -19.58 23.50 54.67
CA SER F 574 -20.90 22.89 54.87
C SER F 574 -20.89 21.40 54.55
N TYR F 575 -19.79 20.89 53.97
CA TYR F 575 -19.76 19.51 53.54
C TYR F 575 -18.88 18.64 54.36
N ALA F 576 -19.32 17.38 54.50
CA ALA F 576 -18.53 16.33 55.15
C ALA F 576 -17.50 15.70 54.18
N ALA F 577 -16.39 15.25 54.75
CA ALA F 577 -15.32 14.58 54.07
C ALA F 577 -15.37 13.09 54.35
N ILE F 578 -15.63 12.71 55.62
CA ILE F 578 -15.72 11.32 55.98
C ILE F 578 -17.01 11.10 56.78
N THR F 579 -17.82 10.14 56.38
CA THR F 579 -19.12 9.86 57.01
C THR F 579 -19.20 8.41 57.41
N ARG F 580 -20.06 8.03 58.39
CA ARG F 580 -20.39 6.62 58.65
C ARG F 580 -21.81 6.55 59.11
N HIS F 581 -22.55 5.61 58.54
CA HIS F 581 -23.99 5.52 58.74
C HIS F 581 -24.41 4.07 59.05
N ALA F 582 -25.19 3.89 60.12
CA ALA F 582 -25.73 2.55 60.53
C ALA F 582 -26.84 2.17 59.58
N PHE F 583 -26.86 0.93 59.10
CA PHE F 583 -27.88 0.50 58.20
C PHE F 583 -28.10 -0.98 58.52
N GLY F 584 -29.34 -1.33 58.92
CA GLY F 584 -29.59 -2.68 59.43
C GLY F 584 -28.67 -2.89 60.58
N SER F 585 -28.00 -4.00 60.65
CA SER F 585 -27.12 -4.19 61.81
C SER F 585 -25.67 -3.89 61.52
N GLY F 586 -25.36 -3.33 60.33
CA GLY F 586 -23.96 -3.00 60.01
C GLY F 586 -23.77 -1.54 59.84
N ASP F 587 -22.68 -1.15 59.17
CA ASP F 587 -22.52 0.25 58.87
C ASP F 587 -21.69 0.46 57.58
N ALA F 588 -21.74 1.69 57.06
CA ALA F 588 -21.18 2.07 55.80
C ALA F 588 -20.51 3.43 55.86
N GLN F 589 -19.22 3.44 55.58
CA GLN F 589 -18.36 4.61 55.77
C GLN F 589 -17.83 5.08 54.43
N TRP F 590 -17.86 6.38 54.18
CA TRP F 590 -17.30 6.97 52.94
C TRP F 590 -16.18 7.95 53.22
N VAL F 591 -15.06 7.80 52.51
CA VAL F 591 -13.97 8.73 52.55
C VAL F 591 -13.91 9.49 51.22
N GLY F 592 -14.29 10.77 51.25
CA GLY F 592 -14.49 11.60 50.09
C GLY F 592 -13.31 12.32 49.54
N THR F 593 -12.11 11.90 49.94
CA THR F 593 -10.91 12.49 49.47
C THR F 593 -9.79 11.44 49.53
N GLN F 594 -8.61 11.83 49.07
CA GLN F 594 -7.45 11.06 49.32
C GLN F 594 -6.64 11.57 50.50
N LEU F 595 -6.13 10.62 51.30
CA LEU F 595 -5.37 10.93 52.53
C LEU F 595 -3.92 10.60 52.39
N GLN F 596 -3.06 11.27 53.17
CA GLN F 596 -1.67 10.92 53.32
C GLN F 596 -1.61 9.66 54.16
N ALA F 597 -0.46 9.00 54.10
CA ALA F 597 -0.27 7.70 54.70
C ALA F 597 -0.65 7.68 56.18
N ASP F 598 -0.26 8.70 56.94
CA ASP F 598 -0.49 8.70 58.39
C ASP F 598 -1.93 8.86 58.66
N ALA F 599 -2.61 9.64 57.85
CA ALA F 599 -4.00 9.86 57.96
C ALA F 599 -4.79 8.64 57.56
N TRP F 600 -4.36 7.91 56.51
CA TRP F 600 -5.02 6.62 56.29
C TRP F 600 -4.86 5.66 57.47
N ARG F 601 -3.67 5.57 58.06
CA ARG F 601 -3.51 4.66 59.22
C ARG F 601 -4.52 5.02 60.36
N THR F 602 -4.68 6.30 60.64
CA THR F 602 -5.66 6.77 61.67
C THR F 602 -7.06 6.43 61.29
N VAL F 603 -7.44 6.72 60.03
CA VAL F 603 -8.78 6.36 59.62
C VAL F 603 -9.03 4.87 59.65
N LEU F 604 -8.08 4.08 59.14
CA LEU F 604 -8.33 2.65 59.08
C LEU F 604 -8.24 2.05 60.48
N ALA F 605 -7.31 2.51 61.32
CA ALA F 605 -7.29 1.99 62.72
C ALA F 605 -8.64 2.17 63.41
N GLU F 606 -9.28 3.31 63.21
CA GLU F 606 -10.61 3.54 63.82
C GLU F 606 -11.70 2.69 63.21
N ALA F 607 -11.62 2.48 61.89
CA ALA F 607 -12.59 1.60 61.22
C ALA F 607 -12.51 0.14 61.64
N LEU F 608 -11.28 -0.33 61.85
CA LEU F 608 -11.00 -1.66 62.28
C LEU F 608 -11.59 -1.85 63.71
N SER F 609 -11.31 -0.88 64.55
CA SER F 609 -11.79 -0.89 65.92
C SER F 609 -13.31 -0.94 65.87
N ASN F 610 -13.93 -0.03 65.13
CA ASN F 610 -15.39 -0.09 64.91
C ASN F 610 -15.84 -1.44 64.43
N ALA F 611 -15.07 -2.13 63.60
CA ALA F 611 -15.56 -3.38 63.03
C ALA F 611 -15.19 -4.55 63.90
N GLY F 612 -14.57 -4.32 65.04
CA GLY F 612 -14.26 -5.38 65.95
C GLY F 612 -13.06 -6.19 65.52
N VAL F 613 -12.16 -5.62 64.73
CA VAL F 613 -10.99 -6.38 64.30
C VAL F 613 -9.76 -6.02 65.14
N HIS F 614 -9.21 -6.99 65.87
CA HIS F 614 -8.03 -6.76 66.62
C HIS F 614 -7.29 -8.09 66.84
N THR F 615 -5.99 -8.04 66.79
CA THR F 615 -5.15 -9.23 66.97
C THR F 615 -3.91 -8.73 67.71
N PRO F 616 -3.20 -9.66 68.37
CA PRO F 616 -1.99 -9.23 69.07
C PRO F 616 -0.99 -8.63 68.08
N GLY F 617 -0.94 -9.08 66.81
CA GLY F 617 0.12 -8.47 65.92
C GLY F 617 -0.17 -7.05 65.63
N MET F 618 -1.46 -6.70 65.71
CA MET F 618 -1.81 -5.29 65.60
C MET F 618 -1.19 -4.36 66.64
N GLU F 619 -0.84 -4.87 67.83
CA GLU F 619 -0.19 -4.10 68.83
C GLU F 619 1.27 -3.86 68.53
N LEU F 620 1.83 -4.57 67.54
CA LEU F 620 3.18 -4.37 67.17
C LEU F 620 3.33 -3.50 65.89
N ALA F 621 2.25 -2.89 65.42
CA ALA F 621 2.23 -2.00 64.24
C ALA F 621 3.34 -0.98 64.32
N GLY F 622 4.19 -0.90 63.32
CA GLY F 622 5.29 0.06 63.34
C GLY F 622 6.60 -0.51 63.91
N THR F 623 6.55 -1.56 64.70
CA THR F 623 7.80 -2.14 65.16
C THR F 623 8.36 -3.34 64.37
N VAL F 624 7.46 -4.25 63.97
CA VAL F 624 7.84 -5.49 63.29
C VAL F 624 6.63 -5.96 62.50
N CYS F 625 6.87 -6.61 61.37
CA CYS F 625 5.83 -7.17 60.58
C CYS F 625 5.50 -8.55 61.08
N VAL F 626 4.22 -8.76 61.34
CA VAL F 626 3.76 -10.00 61.90
C VAL F 626 2.69 -10.58 60.92
N ARG F 627 2.98 -11.72 60.32
CA ARG F 627 2.00 -12.34 59.40
C ARG F 627 1.88 -13.82 59.81
N SER F 628 0.68 -14.40 59.67
CA SER F 628 0.49 -15.72 60.27
C SER F 628 -0.50 -16.59 59.53
N GLY F 629 -0.53 -17.83 59.97
CA GLY F 629 -1.52 -18.75 59.49
C GLY F 629 -1.51 -20.02 60.30
N THR F 630 -2.19 -21.05 59.77
CA THR F 630 -2.23 -22.42 60.29
C THR F 630 -1.66 -23.40 59.31
N ASN F 631 -0.80 -24.28 59.80
CA ASN F 631 -0.16 -25.28 58.98
C ASN F 631 -0.96 -26.59 58.93
N THR F 632 -0.43 -27.58 58.24
CA THR F 632 -1.22 -28.76 58.00
C THR F 632 -1.37 -29.64 59.30
N ALA F 633 -0.61 -29.43 60.34
CA ALA F 633 -0.88 -30.08 61.60
C ALA F 633 -1.89 -29.31 62.40
N GLY F 634 -2.37 -28.18 61.91
CA GLY F 634 -3.28 -27.42 62.69
C GLY F 634 -2.63 -26.44 63.64
N ASP F 635 -1.32 -26.35 63.63
CA ASP F 635 -0.64 -25.41 64.53
C ASP F 635 -0.56 -24.03 63.89
N THR F 636 -0.67 -23.02 64.73
CA THR F 636 -0.43 -21.63 64.35
C THR F 636 1.03 -21.42 64.02
N VAL F 637 1.24 -20.63 62.96
CA VAL F 637 2.59 -20.28 62.52
C VAL F 637 2.60 -18.74 62.40
N THR F 638 3.52 -18.13 63.11
CA THR F 638 3.61 -16.71 63.23
C THR F 638 4.96 -16.17 62.85
N TYR F 639 4.98 -15.45 61.72
CA TYR F 639 6.25 -14.87 61.22
C TYR F 639 6.50 -13.47 61.81
N LEU F 640 7.73 -13.26 62.21
CA LEU F 640 8.24 -12.02 62.76
C LEU F 640 9.33 -11.53 61.75
N LEU F 641 9.04 -10.41 61.09
CA LEU F 641 9.82 -9.98 59.91
C LEU F 641 10.24 -8.54 60.14
N ASN F 642 11.55 -8.27 60.25
CA ASN F 642 12.05 -6.97 60.58
C ASN F 642 12.55 -6.30 59.31
N TYR F 643 11.67 -5.48 58.74
CA TYR F 643 11.99 -4.79 57.46
C TYR F 643 12.68 -3.47 57.82
N SER F 644 13.83 -3.57 58.47
CA SER F 644 14.61 -2.34 58.77
C SER F 644 16.05 -2.67 58.97
N GLY F 645 16.89 -1.63 58.84
CA GLY F 645 18.31 -1.79 58.90
C GLY F 645 18.80 -1.61 60.34
N SER F 646 17.91 -1.68 61.33
CA SER F 646 18.32 -1.70 62.75
C SER F 646 17.73 -2.88 63.55
N PRO F 647 18.41 -3.30 64.64
CA PRO F 647 17.81 -4.30 65.48
C PRO F 647 16.60 -3.71 66.20
N ILE F 648 15.68 -4.59 66.59
CA ILE F 648 14.47 -4.18 67.20
C ILE F 648 14.21 -5.04 68.46
N THR F 649 13.46 -4.52 69.41
CA THR F 649 13.07 -5.35 70.59
C THR F 649 11.59 -5.16 70.76
N PHE F 650 10.84 -6.23 71.04
CA PHE F 650 9.41 -6.17 71.17
C PHE F 650 8.83 -7.40 71.94
N ARG F 651 7.55 -7.31 72.30
CA ARG F 651 6.82 -8.37 72.97
C ARG F 651 6.32 -9.48 72.02
N ALA F 652 6.55 -10.72 72.36
CA ALA F 652 6.15 -11.83 71.52
C ALA F 652 4.64 -11.78 71.33
N PRO F 653 4.14 -11.90 70.09
CA PRO F 653 2.68 -11.84 69.85
C PRO F 653 2.03 -13.20 69.88
N ALA F 654 2.80 -14.24 70.12
CA ALA F 654 2.26 -15.60 70.14
C ALA F 654 3.07 -16.44 71.08
N SER F 655 2.47 -17.55 71.55
CA SER F 655 3.25 -18.55 72.36
C SER F 655 3.53 -19.81 71.55
N GLY F 656 4.64 -20.46 71.84
CA GLY F 656 4.95 -21.71 71.27
C GLY F 656 6.42 -21.91 71.26
N THR F 657 7.00 -22.18 70.07
CA THR F 657 8.44 -22.46 69.96
C THR F 657 9.03 -21.59 68.81
N PHE F 658 10.24 -21.11 68.99
CA PHE F 658 10.91 -20.46 67.89
C PHE F 658 11.45 -21.57 66.99
N LEU F 659 11.05 -21.50 65.72
CA LEU F 659 11.40 -22.54 64.74
C LEU F 659 12.78 -22.41 64.15
N LEU F 660 13.21 -21.18 63.91
CA LEU F 660 14.49 -20.94 63.24
C LEU F 660 15.55 -20.62 64.21
N GLY F 661 15.23 -19.85 65.24
CA GLY F 661 16.30 -19.21 66.02
C GLY F 661 16.92 -18.05 65.26
N HIS F 662 17.54 -17.13 65.99
CA HIS F 662 18.13 -15.90 65.46
C HIS F 662 19.27 -15.36 66.30
N PRO F 663 20.13 -14.54 65.70
CA PRO F 663 21.31 -14.03 66.39
C PRO F 663 21.05 -12.65 66.90
N THR F 664 22.04 -12.11 67.62
CA THR F 664 22.13 -10.73 67.94
C THR F 664 22.54 -9.96 66.67
N ASP F 665 22.41 -8.66 66.73
CA ASP F 665 22.77 -7.80 65.56
C ASP F 665 24.26 -7.90 65.21
N ASP F 666 25.09 -8.42 66.12
CA ASP F 666 26.50 -8.74 65.84
C ASP F 666 26.78 -10.17 65.45
N GLY F 667 25.77 -10.97 65.16
CA GLY F 667 25.98 -12.28 64.67
C GLY F 667 26.30 -13.32 65.72
N GLU F 668 26.15 -12.97 66.98
CA GLU F 668 26.32 -13.90 68.09
C GLU F 668 25.03 -14.69 68.39
N GLN F 669 25.16 -15.82 69.05
CA GLN F 669 23.95 -16.56 69.43
C GLN F 669 23.02 -15.70 70.27
N ALA F 670 21.74 -15.81 69.96
CA ALA F 670 20.75 -15.21 70.80
C ALA F 670 19.66 -16.21 71.16
N VAL F 671 18.93 -16.70 70.16
CA VAL F 671 17.96 -17.71 70.37
C VAL F 671 18.28 -18.88 69.52
N THR F 672 18.37 -20.08 70.12
CA THR F 672 18.62 -21.30 69.36
C THR F 672 17.24 -21.83 68.89
N ALA F 673 17.19 -22.49 67.75
CA ALA F 673 15.99 -23.09 67.25
C ALA F 673 15.39 -24.06 68.31
N GLU F 674 14.07 -24.20 68.34
CA GLU F 674 13.36 -25.06 69.30
C GLU F 674 13.46 -24.59 70.76
N THR F 675 13.51 -23.28 70.93
CA THR F 675 13.38 -22.60 72.22
C THR F 675 11.95 -22.17 72.43
N PRO F 676 11.38 -22.48 73.62
CA PRO F 676 10.06 -21.98 73.95
C PRO F 676 9.92 -20.48 74.07
N VAL F 677 8.71 -19.99 73.76
CA VAL F 677 8.41 -18.61 74.01
C VAL F 677 6.97 -18.46 74.37
N THR F 678 6.69 -17.42 75.14
CA THR F 678 5.35 -17.09 75.60
C THR F 678 5.01 -15.68 75.18
N VAL F 679 3.77 -15.52 74.78
CA VAL F 679 3.18 -14.25 74.47
C VAL F 679 3.57 -13.23 75.49
N GLY F 680 4.01 -12.03 75.06
CA GLY F 680 4.61 -11.04 75.99
C GLY F 680 6.07 -11.07 76.29
N ASP F 681 6.73 -12.21 76.08
CA ASP F 681 8.14 -12.29 76.31
C ASP F 681 8.93 -11.34 75.44
N ALA F 682 10.06 -10.83 75.95
CA ALA F 682 10.92 -9.95 75.15
C ALA F 682 11.46 -10.77 73.95
N VAL F 683 11.45 -10.15 72.76
CA VAL F 683 12.12 -10.74 71.60
C VAL F 683 12.98 -9.64 70.97
N THR F 684 14.13 -10.02 70.48
CA THR F 684 15.00 -9.11 69.70
C THR F 684 15.27 -9.75 68.34
N LEU F 685 15.21 -8.94 67.29
CA LEU F 685 15.66 -9.41 65.92
C LEU F 685 16.78 -8.51 65.45
N PRO F 686 17.80 -9.06 64.77
CA PRO F 686 18.83 -8.24 64.22
C PRO F 686 18.25 -7.47 62.98
N ARG F 687 19.05 -6.60 62.38
CA ARG F 687 18.59 -5.87 61.23
C ARG F 687 18.21 -6.92 60.16
N TRP F 688 17.10 -6.70 59.46
CA TRP F 688 16.66 -7.56 58.32
C TRP F 688 16.41 -8.97 58.83
N GLY F 689 16.12 -9.06 60.13
CA GLY F 689 16.00 -10.37 60.77
C GLY F 689 14.63 -11.04 60.65
N VAL F 690 14.59 -12.33 60.95
CA VAL F 690 13.35 -13.08 60.93
C VAL F 690 13.42 -14.25 61.90
N ASP F 691 12.31 -14.52 62.56
CA ASP F 691 12.08 -15.82 63.19
C ASP F 691 10.62 -16.14 63.08
N ILE F 692 10.21 -17.32 63.55
CA ILE F 692 8.89 -17.79 63.29
C ILE F 692 8.46 -18.52 64.57
N ILE F 693 7.31 -18.19 65.10
CA ILE F 693 6.77 -18.88 66.35
C ILE F 693 5.74 -19.89 65.83
N VAL F 694 6.01 -21.13 66.07
CA VAL F 694 5.04 -22.23 65.90
C VAL F 694 4.38 -22.61 67.23
N GLY F 695 3.06 -22.78 67.16
CA GLY F 695 2.21 -22.91 68.37
C GLY F 695 2.19 -24.35 68.80
N ARG F 696 3.33 -24.80 69.33
CA ARG F 696 3.52 -26.17 69.90
C ARG F 696 4.70 -26.06 70.84
N GLN F 697 4.93 -27.13 71.59
CA GLN F 697 6.09 -27.20 72.50
C GLN F 697 7.35 -27.58 71.68
N PRO F 698 8.51 -27.28 72.19
CA PRO F 698 9.72 -27.66 71.51
C PRO F 698 9.78 -29.13 71.27
N THR F 699 10.40 -29.56 70.16
CA THR F 699 10.67 -30.99 69.96
C THR F 699 11.98 -31.39 70.67
N MET F 700 11.97 -32.58 71.24
CA MET F 700 13.12 -33.27 71.83
C MET F 700 13.53 -34.41 70.90
N ASN F 701 12.84 -34.54 69.77
CA ASN F 701 12.92 -35.72 68.93
C ASN F 701 14.30 -35.75 68.28
N ALA F 702 15.09 -36.77 68.64
CA ALA F 702 16.56 -36.81 68.36
C ALA F 702 16.82 -36.74 66.84
N ALA F 703 15.94 -37.38 66.10
CA ALA F 703 15.96 -37.37 64.62
C ALA F 703 15.59 -36.00 64.04
N ALA F 704 14.45 -35.45 64.46
CA ALA F 704 14.00 -34.12 64.04
C ALA F 704 15.08 -33.07 64.32
N LEU F 705 15.83 -33.26 65.42
CA LEU F 705 16.99 -32.49 65.69
C LEU F 705 18.09 -33.26 64.93
#